data_1K3J
#
_entry.id   1K3J
#
_entity_poly.entity_id   1
_entity_poly.type   'polypeptide(L)'
_entity_poly.pdbx_seq_one_letter_code
;ATQRFLIEKFSQEQIGENIVCRVICTTGQIPIRDLSADISQVLKEKRSIKKVWTFGRNPACDYHLGNISRLSNKHFQILL
GEDGNLLLNDISTNGTWLNGQKVEKNSNQLLSQGDEITVGVGVESDILSLVIFINDKFKQCLEQNKVDRIR
;
_entity_poly.pdbx_strand_id   A
#
# COMPACT_ATOMS: atom_id res chain seq x y z
N ALA A 1 35.58 4.73 15.01
CA ALA A 1 34.31 4.06 15.29
C ALA A 1 33.97 3.05 14.21
N THR A 2 33.87 1.78 14.61
CA THR A 2 33.54 0.71 13.67
C THR A 2 32.33 -0.08 14.14
N GLN A 3 32.45 -0.69 15.32
CA GLN A 3 31.37 -1.48 15.89
C GLN A 3 30.19 -0.59 16.28
N ARG A 4 30.49 0.51 16.95
CA ARG A 4 29.46 1.44 17.39
C ARG A 4 28.70 2.01 16.19
N PHE A 5 29.44 2.40 15.15
CA PHE A 5 28.83 2.96 13.95
C PHE A 5 27.84 1.97 13.34
N LEU A 6 28.18 0.69 13.39
CA LEU A 6 27.33 -0.35 12.84
C LEU A 6 25.98 -0.37 13.56
N ILE A 7 25.99 -0.01 14.84
CA ILE A 7 24.77 0.01 15.64
C ILE A 7 23.88 1.18 15.23
N GLU A 8 24.50 2.30 14.87
CA GLU A 8 23.76 3.48 14.46
C GLU A 8 22.85 3.16 13.28
N LYS A 9 23.40 2.44 12.31
CA LYS A 9 22.63 2.04 11.13
C LYS A 9 21.52 1.06 11.51
N PHE A 10 21.72 0.36 12.63
CA PHE A 10 20.74 -0.61 13.12
C PHE A 10 19.38 0.04 13.30
N SER A 11 19.35 1.19 13.95
CA SER A 11 18.11 1.90 14.20
C SER A 11 17.63 2.62 12.94
N GLN A 12 18.57 3.19 12.21
CA GLN A 12 18.24 3.91 10.97
C GLN A 12 18.38 3.00 9.76
N GLU A 13 17.31 2.30 9.43
CA GLU A 13 17.31 1.38 8.28
C GLU A 13 16.93 2.13 7.01
N GLN A 14 17.78 2.00 5.99
CA GLN A 14 17.53 2.66 4.70
C GLN A 14 16.29 2.09 4.03
N ILE A 15 15.26 2.92 3.89
CA ILE A 15 14.01 2.49 3.27
C ILE A 15 14.10 2.56 1.75
N GLY A 16 13.55 1.54 1.13
CA GLY A 16 13.54 1.45 -0.31
C GLY A 16 14.33 0.25 -0.82
N GLU A 17 14.25 -0.85 -0.09
CA GLU A 17 14.95 -2.07 -0.47
C GLU A 17 14.22 -2.80 -1.58
N ASN A 18 12.89 -2.80 -1.51
CA ASN A 18 12.07 -3.46 -2.51
C ASN A 18 10.63 -3.10 -2.22
N ILE A 19 10.47 -1.87 -1.77
CA ILE A 19 9.19 -1.35 -1.39
C ILE A 19 8.34 -0.97 -2.58
N VAL A 20 7.08 -1.39 -2.51
CA VAL A 20 6.12 -1.16 -3.55
C VAL A 20 5.37 0.14 -3.25
N CYS A 21 4.68 0.15 -2.12
CA CYS A 21 3.91 1.31 -1.68
C CYS A 21 3.96 1.43 -0.16
N ARG A 22 3.68 2.62 0.35
CA ARG A 22 3.70 2.87 1.79
C ARG A 22 2.35 3.34 2.31
N VAL A 23 1.93 2.81 3.45
CA VAL A 23 0.66 3.19 4.05
C VAL A 23 0.88 4.03 5.31
N ILE A 24 0.31 5.23 5.32
CA ILE A 24 0.45 6.14 6.45
C ILE A 24 -0.91 6.58 6.98
N CYS A 25 -1.18 6.30 8.24
CA CYS A 25 -2.44 6.69 8.86
C CYS A 25 -2.39 8.15 9.29
N THR A 26 -3.19 8.99 8.62
CA THR A 26 -3.22 10.41 8.93
C THR A 26 -4.14 10.70 10.11
N THR A 27 -5.08 9.80 10.39
CA THR A 27 -6.01 9.97 11.49
C THR A 27 -5.38 9.59 12.83
N GLY A 28 -4.14 9.13 12.77
CA GLY A 28 -3.43 8.75 14.00
C GLY A 28 -4.11 7.61 14.73
N GLN A 29 -3.97 6.40 14.19
CA GLN A 29 -4.57 5.22 14.80
C GLN A 29 -3.70 3.98 14.59
N ILE A 30 -3.18 3.84 13.37
CA ILE A 30 -2.32 2.71 13.03
C ILE A 30 -0.92 3.17 12.68
N PRO A 31 0.12 2.41 13.08
CA PRO A 31 1.51 2.77 12.79
C PRO A 31 1.85 2.61 11.31
N ILE A 32 2.66 3.53 10.80
CA ILE A 32 3.06 3.51 9.39
C ILE A 32 3.73 2.20 9.02
N ARG A 33 3.34 1.65 7.87
CA ARG A 33 3.91 0.40 7.38
C ARG A 33 4.32 0.56 5.92
N ASP A 34 5.20 -0.32 5.45
CA ASP A 34 5.67 -0.24 4.06
C ASP A 34 5.41 -1.55 3.30
N LEU A 35 4.64 -1.45 2.23
CA LEU A 35 4.34 -2.61 1.40
C LEU A 35 5.48 -2.84 0.41
N SER A 36 5.95 -4.08 0.29
CA SER A 36 7.03 -4.36 -0.63
C SER A 36 6.87 -5.64 -1.41
N ALA A 37 7.53 -5.66 -2.55
CA ALA A 37 7.52 -6.81 -3.44
C ALA A 37 8.89 -6.99 -4.09
N ASP A 38 9.32 -8.24 -4.24
CA ASP A 38 10.61 -8.53 -4.85
C ASP A 38 10.56 -8.38 -6.37
N ILE A 39 11.63 -7.82 -6.93
CA ILE A 39 11.74 -7.60 -8.37
C ILE A 39 11.75 -8.90 -9.15
N SER A 40 12.53 -9.86 -8.68
CA SER A 40 12.66 -11.15 -9.36
C SER A 40 11.30 -11.81 -9.52
N GLN A 41 10.50 -11.72 -8.47
CA GLN A 41 9.16 -12.30 -8.47
C GLN A 41 8.25 -11.56 -9.44
N VAL A 42 8.43 -10.25 -9.52
CA VAL A 42 7.62 -9.42 -10.41
C VAL A 42 7.96 -9.72 -11.88
N LEU A 43 9.26 -9.83 -12.17
CA LEU A 43 9.71 -10.11 -13.53
C LEU A 43 9.38 -11.55 -13.92
N LYS A 44 9.53 -12.46 -12.98
CA LYS A 44 9.25 -13.87 -13.23
C LYS A 44 7.75 -14.12 -13.39
N GLU A 45 6.96 -13.48 -12.53
CA GLU A 45 5.51 -13.61 -12.58
C GLU A 45 4.94 -12.92 -13.81
N LYS A 46 4.50 -13.71 -14.78
CA LYS A 46 3.93 -13.17 -16.01
C LYS A 46 2.41 -13.19 -15.96
N ARG A 47 1.86 -13.05 -14.75
CA ARG A 47 0.41 -13.06 -14.57
C ARG A 47 -0.11 -11.64 -14.34
N SER A 48 -1.42 -11.53 -14.11
CA SER A 48 -2.05 -10.23 -13.88
C SER A 48 -1.54 -9.62 -12.57
N ILE A 49 -1.57 -10.40 -11.50
CA ILE A 49 -1.11 -9.92 -10.19
C ILE A 49 0.08 -10.72 -9.71
N LYS A 50 0.84 -10.14 -8.79
CA LYS A 50 2.01 -10.80 -8.23
C LYS A 50 1.91 -10.91 -6.71
N LYS A 51 1.93 -9.77 -6.03
CA LYS A 51 1.83 -9.74 -4.58
C LYS A 51 0.73 -8.79 -4.14
N VAL A 52 -0.14 -9.26 -3.25
CA VAL A 52 -1.24 -8.45 -2.77
C VAL A 52 -1.28 -8.38 -1.25
N TRP A 53 -1.57 -7.19 -0.73
CA TRP A 53 -1.65 -6.97 0.71
C TRP A 53 -3.10 -6.87 1.19
N THR A 54 -3.38 -7.47 2.33
CA THR A 54 -4.72 -7.41 2.90
C THR A 54 -4.69 -6.61 4.20
N PHE A 55 -5.60 -5.66 4.32
CA PHE A 55 -5.68 -4.78 5.48
C PHE A 55 -7.02 -4.95 6.21
N GLY A 56 -6.98 -4.82 7.53
CA GLY A 56 -8.20 -4.96 8.31
C GLY A 56 -7.95 -5.25 9.77
N ARG A 57 -9.01 -5.63 10.49
CA ARG A 57 -8.92 -5.95 11.91
C ARG A 57 -8.35 -7.36 12.14
N ASN A 58 -8.01 -8.06 11.06
CA ASN A 58 -7.47 -9.41 11.17
C ASN A 58 -5.96 -9.38 11.41
N PRO A 59 -5.48 -10.08 12.45
CA PRO A 59 -4.05 -10.13 12.77
C PRO A 59 -3.26 -10.85 11.68
N ALA A 60 -3.99 -11.51 10.78
CA ALA A 60 -3.37 -12.22 9.67
C ALA A 60 -3.11 -11.25 8.56
N CYS A 61 -4.10 -10.40 8.34
CA CYS A 61 -4.04 -9.39 7.34
C CYS A 61 -2.66 -8.77 7.29
N ASP A 62 -2.20 -8.52 6.08
CA ASP A 62 -0.89 -7.90 5.90
C ASP A 62 -0.82 -6.58 6.66
N TYR A 63 -1.98 -6.02 7.00
CA TYR A 63 -2.04 -4.77 7.73
C TYR A 63 -2.96 -4.89 8.95
N HIS A 64 -2.41 -4.62 10.13
CA HIS A 64 -3.19 -4.69 11.35
C HIS A 64 -3.73 -3.31 11.74
N LEU A 65 -5.02 -3.12 11.58
CA LEU A 65 -5.66 -1.86 11.90
C LEU A 65 -5.73 -1.64 13.41
N GLY A 66 -6.67 -2.31 14.05
CA GLY A 66 -6.83 -2.18 15.49
C GLY A 66 -8.06 -2.87 16.02
N ASN A 67 -9.11 -2.10 16.31
CA ASN A 67 -10.35 -2.66 16.82
C ASN A 67 -11.53 -1.73 16.53
N ILE A 68 -11.83 -1.55 15.26
CA ILE A 68 -12.93 -0.69 14.84
C ILE A 68 -14.06 -1.50 14.23
N SER A 69 -15.24 -1.45 14.84
CA SER A 69 -16.40 -2.19 14.36
C SER A 69 -16.75 -1.78 12.93
N ARG A 70 -16.59 -0.50 12.62
CA ARG A 70 -16.87 0.01 11.28
C ARG A 70 -15.98 -0.65 10.23
N LEU A 71 -14.89 -1.27 10.67
CA LEU A 71 -13.98 -1.93 9.75
C LEU A 71 -14.09 -3.45 9.84
N SER A 72 -13.87 -4.11 8.70
CA SER A 72 -13.95 -5.58 8.66
C SER A 72 -12.59 -6.22 8.89
N ASN A 73 -12.60 -7.53 9.18
CA ASN A 73 -11.35 -8.28 9.39
C ASN A 73 -10.31 -7.89 8.35
N LYS A 74 -10.73 -7.97 7.10
CA LYS A 74 -9.92 -7.59 5.96
C LYS A 74 -10.67 -6.51 5.21
N HIS A 75 -10.55 -5.29 5.71
CA HIS A 75 -11.26 -4.16 5.16
C HIS A 75 -10.89 -3.87 3.72
N PHE A 76 -9.60 -3.87 3.44
CA PHE A 76 -9.16 -3.59 2.07
C PHE A 76 -7.91 -4.37 1.71
N GLN A 77 -7.69 -4.55 0.40
CA GLN A 77 -6.52 -5.29 -0.09
C GLN A 77 -5.85 -4.58 -1.25
N ILE A 78 -4.52 -4.58 -1.30
CA ILE A 78 -3.79 -3.93 -2.39
C ILE A 78 -2.99 -4.94 -3.20
N LEU A 79 -3.12 -4.89 -4.53
CA LEU A 79 -2.40 -5.82 -5.40
C LEU A 79 -1.41 -5.10 -6.31
N LEU A 80 -0.29 -5.76 -6.60
CA LEU A 80 0.74 -5.23 -7.47
C LEU A 80 1.02 -6.19 -8.61
N GLY A 81 0.97 -5.69 -9.84
CA GLY A 81 1.24 -6.53 -10.99
C GLY A 81 1.37 -5.75 -12.29
N GLU A 82 0.59 -4.67 -12.41
CA GLU A 82 0.62 -3.84 -13.61
C GLU A 82 2.05 -3.48 -14.00
N ASP A 83 2.20 -2.87 -15.17
CA ASP A 83 3.52 -2.48 -15.66
C ASP A 83 4.11 -1.35 -14.83
N GLY A 84 4.46 -1.66 -13.58
CA GLY A 84 5.04 -0.67 -12.70
C GLY A 84 4.01 0.03 -11.84
N ASN A 85 2.76 0.03 -12.28
CA ASN A 85 1.69 0.67 -11.54
C ASN A 85 1.18 -0.25 -10.43
N LEU A 86 0.31 0.29 -9.58
CA LEU A 86 -0.25 -0.47 -8.46
C LEU A 86 -1.77 -0.52 -8.54
N LEU A 87 -2.36 -1.49 -7.86
CA LEU A 87 -3.81 -1.64 -7.85
C LEU A 87 -4.32 -1.75 -6.41
N LEU A 88 -5.42 -1.04 -6.14
CA LEU A 88 -6.02 -1.06 -4.81
C LEU A 88 -7.37 -1.74 -4.85
N ASN A 89 -7.54 -2.80 -4.07
CA ASN A 89 -8.79 -3.54 -4.04
C ASN A 89 -9.49 -3.43 -2.70
N ASP A 90 -10.72 -2.93 -2.73
CA ASP A 90 -11.51 -2.79 -1.52
C ASP A 90 -12.17 -4.13 -1.17
N ILE A 91 -12.10 -4.52 0.10
CA ILE A 91 -12.67 -5.79 0.54
C ILE A 91 -13.35 -5.65 1.91
N SER A 92 -14.02 -4.53 2.14
CA SER A 92 -14.68 -4.30 3.40
C SER A 92 -16.16 -4.66 3.34
N THR A 93 -16.73 -4.94 4.49
CA THR A 93 -18.15 -5.26 4.58
C THR A 93 -18.99 -4.03 4.28
N ASN A 94 -18.51 -2.87 4.72
CA ASN A 94 -19.23 -1.61 4.51
C ASN A 94 -18.70 -0.83 3.31
N GLY A 95 -17.47 -1.12 2.87
CA GLY A 95 -16.91 -0.43 1.74
C GLY A 95 -15.63 0.32 2.04
N THR A 96 -14.90 0.63 0.97
CA THR A 96 -13.63 1.36 1.06
C THR A 96 -13.77 2.68 0.32
N TRP A 97 -13.23 3.75 0.90
CA TRP A 97 -13.35 5.07 0.30
C TRP A 97 -12.04 5.64 -0.21
N LEU A 98 -12.16 6.43 -1.27
CA LEU A 98 -11.03 7.10 -1.86
C LEU A 98 -11.33 8.60 -1.89
N ASN A 99 -10.57 9.36 -1.11
CA ASN A 99 -10.76 10.81 -1.02
C ASN A 99 -12.23 11.21 -0.90
N GLY A 100 -12.99 10.49 -0.07
CA GLY A 100 -14.37 10.81 0.12
C GLY A 100 -15.30 10.14 -0.88
N GLN A 101 -14.73 9.55 -1.91
CA GLN A 101 -15.53 8.87 -2.91
C GLN A 101 -15.44 7.36 -2.75
N LYS A 102 -16.58 6.74 -2.48
CA LYS A 102 -16.66 5.31 -2.29
C LYS A 102 -16.49 4.56 -3.60
N VAL A 103 -15.57 3.59 -3.61
CA VAL A 103 -15.30 2.79 -4.80
C VAL A 103 -16.03 1.45 -4.74
N GLU A 104 -16.11 0.77 -5.88
CA GLU A 104 -16.77 -0.52 -5.95
C GLU A 104 -15.96 -1.58 -5.20
N LYS A 105 -16.60 -2.28 -4.28
CA LYS A 105 -15.92 -3.32 -3.51
C LYS A 105 -15.25 -4.32 -4.45
N ASN A 106 -14.33 -5.09 -3.91
CA ASN A 106 -13.59 -6.09 -4.69
C ASN A 106 -13.30 -5.61 -6.11
N SER A 107 -13.05 -4.32 -6.23
CA SER A 107 -12.75 -3.71 -7.52
C SER A 107 -11.30 -3.24 -7.57
N ASN A 108 -10.68 -3.34 -8.74
CA ASN A 108 -9.30 -2.92 -8.91
C ASN A 108 -9.22 -1.49 -9.44
N GLN A 109 -8.43 -0.66 -8.77
CA GLN A 109 -8.27 0.73 -9.18
C GLN A 109 -6.79 1.08 -9.30
N LEU A 110 -6.48 2.01 -10.19
CA LEU A 110 -5.11 2.44 -10.38
C LEU A 110 -4.64 3.29 -9.20
N LEU A 111 -3.47 2.98 -8.67
CA LEU A 111 -2.93 3.72 -7.53
C LEU A 111 -2.67 5.18 -7.88
N SER A 112 -2.65 6.01 -6.85
CA SER A 112 -2.42 7.44 -6.99
C SER A 112 -1.26 7.89 -6.12
N GLN A 113 -0.60 8.98 -6.51
CA GLN A 113 0.53 9.51 -5.77
C GLN A 113 0.05 10.11 -4.46
N GLY A 114 0.57 9.60 -3.34
CA GLY A 114 0.18 10.08 -2.04
C GLY A 114 -1.33 9.95 -1.82
N ASP A 115 -1.95 9.04 -2.56
CA ASP A 115 -3.38 8.80 -2.45
C ASP A 115 -3.78 8.53 -1.01
N GLU A 116 -5.08 8.47 -0.76
CA GLU A 116 -5.60 8.21 0.56
C GLU A 116 -6.88 7.38 0.50
N ILE A 117 -6.96 6.37 1.37
CA ILE A 117 -8.15 5.52 1.42
C ILE A 117 -8.86 5.68 2.76
N THR A 118 -10.15 5.95 2.70
CA THR A 118 -10.95 6.11 3.89
C THR A 118 -11.80 4.87 4.14
N VAL A 119 -11.87 4.43 5.39
CA VAL A 119 -12.64 3.25 5.72
C VAL A 119 -13.40 3.40 7.04
N GLY A 120 -14.44 2.60 7.21
CA GLY A 120 -15.25 2.65 8.39
C GLY A 120 -16.30 3.73 8.31
N VAL A 121 -16.87 3.87 7.11
CA VAL A 121 -17.88 4.87 6.87
C VAL A 121 -19.26 4.44 7.37
N GLY A 122 -19.96 5.40 7.93
CA GLY A 122 -21.28 5.18 8.47
C GLY A 122 -21.58 6.20 9.53
N VAL A 123 -20.54 6.55 10.28
CA VAL A 123 -20.62 7.55 11.31
C VAL A 123 -19.54 8.60 11.08
N GLU A 124 -19.91 9.87 11.16
CA GLU A 124 -18.96 10.96 10.92
C GLU A 124 -17.67 10.80 11.74
N SER A 125 -17.82 10.47 13.02
CA SER A 125 -16.67 10.33 13.89
C SER A 125 -16.13 8.89 13.96
N ASP A 126 -16.65 7.98 13.14
CA ASP A 126 -16.20 6.60 13.18
C ASP A 126 -15.56 6.15 11.89
N ILE A 127 -14.97 7.09 11.20
CA ILE A 127 -14.28 6.81 9.95
C ILE A 127 -12.77 6.91 10.14
N LEU A 128 -12.06 5.98 9.51
CA LEU A 128 -10.61 5.92 9.59
C LEU A 128 -9.99 6.15 8.20
N SER A 129 -8.97 6.99 8.13
CA SER A 129 -8.31 7.28 6.85
C SER A 129 -6.88 6.80 6.81
N LEU A 130 -6.44 6.46 5.60
CA LEU A 130 -5.09 5.99 5.36
C LEU A 130 -4.50 6.64 4.12
N VAL A 131 -3.20 6.93 4.15
CA VAL A 131 -2.52 7.55 3.02
C VAL A 131 -1.55 6.58 2.37
N ILE A 132 -1.55 6.53 1.04
CA ILE A 132 -0.69 5.65 0.31
C ILE A 132 0.45 6.42 -0.36
N PHE A 133 1.68 6.02 -0.07
CA PHE A 133 2.86 6.65 -0.63
C PHE A 133 3.58 5.69 -1.56
N ILE A 134 3.66 6.06 -2.84
CA ILE A 134 4.31 5.22 -3.83
C ILE A 134 5.82 5.48 -3.87
N ASN A 135 6.60 4.40 -3.90
CA ASN A 135 8.05 4.52 -3.93
C ASN A 135 8.53 4.75 -5.36
N ASP A 136 9.02 5.96 -5.63
CA ASP A 136 9.52 6.31 -6.96
C ASP A 136 10.68 5.42 -7.37
N LYS A 137 11.51 5.04 -6.39
CA LYS A 137 12.65 4.18 -6.65
C LYS A 137 12.21 2.86 -7.27
N PHE A 138 11.16 2.28 -6.70
CA PHE A 138 10.63 1.02 -7.18
C PHE A 138 10.21 1.11 -8.64
N LYS A 139 9.53 2.20 -8.98
CA LYS A 139 9.07 2.42 -10.34
C LYS A 139 10.23 2.43 -11.33
N GLN A 140 11.36 2.96 -10.89
CA GLN A 140 12.55 3.04 -11.74
C GLN A 140 13.00 1.65 -12.17
N CYS A 141 13.06 0.72 -11.21
CA CYS A 141 13.48 -0.65 -11.49
C CYS A 141 12.49 -1.34 -12.41
N LEU A 142 11.20 -1.18 -12.13
CA LEU A 142 10.16 -1.81 -12.93
C LEU A 142 10.13 -1.22 -14.34
N GLU A 143 10.31 0.10 -14.43
CA GLU A 143 10.30 0.77 -15.72
C GLU A 143 11.43 0.27 -16.62
N GLN A 144 12.57 -0.03 -16.01
CA GLN A 144 13.73 -0.51 -16.74
C GLN A 144 13.69 -2.04 -16.88
N ASN A 145 13.23 -2.71 -15.82
CA ASN A 145 13.14 -4.16 -15.80
C ASN A 145 14.38 -4.81 -16.40
N LYS A 146 15.49 -4.75 -15.67
CA LYS A 146 16.75 -5.32 -16.13
C LYS A 146 17.14 -6.52 -15.28
N VAL A 147 17.74 -7.52 -15.91
CA VAL A 147 18.17 -8.73 -15.21
C VAL A 147 19.67 -8.72 -14.97
N ASP A 148 20.07 -9.20 -13.79
CA ASP A 148 21.48 -9.24 -13.42
C ASP A 148 21.82 -10.56 -12.72
N ARG A 149 21.13 -11.63 -13.11
CA ARG A 149 21.36 -12.94 -12.52
C ARG A 149 21.14 -14.05 -13.54
N ILE A 150 21.41 -13.74 -14.81
CA ILE A 150 21.24 -14.70 -15.88
C ILE A 150 22.55 -15.45 -16.16
N ARG A 151 22.47 -16.78 -16.22
CA ARG A 151 23.64 -17.60 -16.49
C ARG A 151 23.22 -19.00 -16.95
N ALA A 1 17.75 18.23 15.84
CA ALA A 1 17.74 17.45 14.60
C ALA A 1 17.49 18.36 13.39
N THR A 2 18.55 18.94 12.86
CA THR A 2 18.44 19.82 11.71
C THR A 2 19.58 19.57 10.72
N GLN A 3 20.81 19.49 11.24
CA GLN A 3 21.98 19.26 10.40
C GLN A 3 21.86 17.92 9.66
N ARG A 4 21.46 16.89 10.40
CA ARG A 4 21.31 15.56 9.81
C ARG A 4 20.30 15.58 8.67
N PHE A 5 19.14 16.18 8.92
CA PHE A 5 18.09 16.27 7.92
C PHE A 5 18.59 17.00 6.67
N LEU A 6 19.45 17.99 6.87
CA LEU A 6 20.00 18.76 5.76
C LEU A 6 20.79 17.87 4.81
N ILE A 7 21.60 16.98 5.37
CA ILE A 7 22.40 16.06 4.57
C ILE A 7 21.52 15.07 3.82
N GLU A 8 20.42 14.66 4.46
CA GLU A 8 19.51 13.71 3.84
C GLU A 8 19.01 14.25 2.50
N LYS A 9 18.75 15.55 2.45
CA LYS A 9 18.29 16.19 1.24
C LYS A 9 19.38 16.19 0.17
N PHE A 10 20.63 16.09 0.62
CA PHE A 10 21.77 16.08 -0.28
C PHE A 10 21.66 14.95 -1.30
N SER A 11 21.34 13.76 -0.80
CA SER A 11 21.20 12.59 -1.66
C SER A 11 19.83 12.58 -2.34
N GLN A 12 18.80 12.97 -1.59
CA GLN A 12 17.44 13.01 -2.10
C GLN A 12 16.99 11.61 -2.54
N GLU A 13 17.52 10.59 -1.88
CA GLU A 13 17.17 9.21 -2.19
C GLU A 13 16.15 8.67 -1.20
N GLN A 14 15.21 7.87 -1.70
CA GLN A 14 14.19 7.28 -0.85
C GLN A 14 14.59 5.89 -0.39
N ILE A 15 14.26 5.56 0.86
CA ILE A 15 14.59 4.26 1.42
C ILE A 15 13.60 3.20 1.01
N GLY A 16 14.13 2.04 0.68
CA GLY A 16 13.31 0.93 0.27
C GLY A 16 14.13 -0.18 -0.36
N GLU A 17 14.13 -1.35 0.28
CA GLU A 17 14.89 -2.49 -0.23
C GLU A 17 14.23 -3.07 -1.48
N ASN A 18 12.90 -2.95 -1.56
CA ASN A 18 12.15 -3.46 -2.70
C ASN A 18 10.68 -3.18 -2.44
N ILE A 19 10.46 -2.02 -1.86
CA ILE A 19 9.15 -1.59 -1.48
C ILE A 19 8.31 -1.16 -2.67
N VAL A 20 7.06 -1.58 -2.64
CA VAL A 20 6.11 -1.28 -3.67
C VAL A 20 5.37 0.00 -3.34
N CYS A 21 4.72 -0.02 -2.18
CA CYS A 21 3.97 1.13 -1.69
C CYS A 21 3.96 1.17 -0.16
N ARG A 22 3.62 2.33 0.40
CA ARG A 22 3.59 2.48 1.86
C ARG A 22 2.24 3.05 2.31
N VAL A 23 1.71 2.50 3.40
CA VAL A 23 0.44 2.97 3.93
C VAL A 23 0.63 3.75 5.23
N ILE A 24 0.17 4.99 5.24
CA ILE A 24 0.31 5.85 6.41
C ILE A 24 -1.05 6.38 6.88
N CYS A 25 -1.38 6.08 8.13
CA CYS A 25 -2.64 6.52 8.70
C CYS A 25 -2.54 7.98 9.16
N THR A 26 -3.05 8.89 8.33
CA THR A 26 -3.01 10.32 8.63
C THR A 26 -3.81 10.67 9.88
N THR A 27 -4.83 9.86 10.18
CA THR A 27 -5.66 10.10 11.36
C THR A 27 -4.99 9.61 12.63
N GLY A 28 -3.81 9.01 12.48
CA GLY A 28 -3.09 8.50 13.64
C GLY A 28 -3.83 7.43 14.39
N GLN A 29 -3.86 6.23 13.83
CA GLN A 29 -4.54 5.11 14.46
C GLN A 29 -3.78 3.80 14.21
N ILE A 30 -3.40 3.58 12.96
CA ILE A 30 -2.67 2.38 12.57
C ILE A 30 -1.19 2.70 12.35
N PRO A 31 -0.28 1.80 12.75
CA PRO A 31 1.17 2.01 12.59
C PRO A 31 1.60 1.89 11.13
N ILE A 32 2.47 2.80 10.70
CA ILE A 32 2.96 2.80 9.33
C ILE A 32 3.57 1.46 8.93
N ARG A 33 3.17 0.95 7.78
CA ARG A 33 3.67 -0.32 7.27
C ARG A 33 4.28 -0.14 5.88
N ASP A 34 5.05 -1.12 5.44
CA ASP A 34 5.70 -1.05 4.13
C ASP A 34 5.36 -2.26 3.26
N LEU A 35 4.75 -1.99 2.12
CA LEU A 35 4.39 -3.05 1.17
C LEU A 35 5.52 -3.21 0.16
N SER A 36 5.98 -4.44 -0.06
CA SER A 36 7.06 -4.65 -1.00
C SER A 36 6.88 -5.88 -1.87
N ALA A 37 7.53 -5.82 -3.00
CA ALA A 37 7.51 -6.91 -3.97
C ALA A 37 8.76 -6.89 -4.84
N ASP A 38 9.28 -8.08 -5.16
CA ASP A 38 10.48 -8.19 -5.99
C ASP A 38 10.14 -8.08 -7.47
N ILE A 39 10.92 -7.25 -8.17
CA ILE A 39 10.74 -7.04 -9.60
C ILE A 39 10.99 -8.29 -10.40
N SER A 40 12.01 -9.04 -10.02
CA SER A 40 12.38 -10.26 -10.73
C SER A 40 11.21 -11.22 -10.78
N GLN A 41 10.46 -11.27 -9.68
CA GLN A 41 9.30 -12.15 -9.59
C GLN A 41 8.20 -11.66 -10.53
N VAL A 42 8.02 -10.35 -10.58
CA VAL A 42 7.00 -9.74 -11.43
C VAL A 42 7.34 -9.93 -12.91
N LEU A 43 8.61 -9.74 -13.25
CA LEU A 43 9.06 -9.90 -14.63
C LEU A 43 9.04 -11.35 -15.07
N LYS A 44 9.13 -12.26 -14.11
CA LYS A 44 9.12 -13.69 -14.40
C LYS A 44 7.71 -14.26 -14.35
N GLU A 45 6.93 -13.84 -13.35
CA GLU A 45 5.56 -14.31 -13.20
C GLU A 45 4.71 -13.91 -14.39
N LYS A 46 4.27 -14.90 -15.16
CA LYS A 46 3.44 -14.65 -16.34
C LYS A 46 2.03 -14.29 -15.93
N ARG A 47 1.60 -14.73 -14.75
CA ARG A 47 0.27 -14.43 -14.25
C ARG A 47 0.01 -12.93 -14.24
N SER A 48 -1.27 -12.56 -14.24
CA SER A 48 -1.66 -11.16 -14.23
C SER A 48 -1.35 -10.51 -12.88
N ILE A 49 -1.56 -11.26 -11.81
CA ILE A 49 -1.29 -10.76 -10.46
C ILE A 49 0.06 -11.24 -9.95
N LYS A 50 0.67 -10.45 -9.07
CA LYS A 50 1.98 -10.80 -8.51
C LYS A 50 1.90 -10.91 -6.98
N LYS A 51 1.64 -9.79 -6.33
CA LYS A 51 1.55 -9.77 -4.87
C LYS A 51 0.47 -8.79 -4.40
N VAL A 52 -0.37 -9.25 -3.46
CA VAL A 52 -1.44 -8.41 -2.95
C VAL A 52 -1.43 -8.36 -1.43
N TRP A 53 -1.65 -7.16 -0.91
CA TRP A 53 -1.69 -6.93 0.54
C TRP A 53 -3.11 -6.81 1.06
N THR A 54 -3.37 -7.40 2.23
CA THR A 54 -4.69 -7.31 2.85
C THR A 54 -4.61 -6.50 4.13
N PHE A 55 -5.53 -5.56 4.30
CA PHE A 55 -5.55 -4.69 5.48
C PHE A 55 -6.88 -4.85 6.22
N GLY A 56 -6.82 -4.76 7.55
CA GLY A 56 -8.04 -4.87 8.34
C GLY A 56 -7.77 -5.22 9.79
N ARG A 57 -8.82 -5.60 10.51
CA ARG A 57 -8.71 -5.95 11.93
C ARG A 57 -8.32 -7.42 12.12
N ASN A 58 -7.47 -7.93 11.23
CA ASN A 58 -7.03 -9.32 11.32
C ASN A 58 -5.52 -9.40 11.51
N PRO A 59 -5.05 -10.22 12.48
CA PRO A 59 -3.61 -10.38 12.74
C PRO A 59 -2.90 -11.01 11.55
N ALA A 60 -3.67 -11.60 10.66
CA ALA A 60 -3.13 -12.21 9.47
C ALA A 60 -2.93 -11.16 8.42
N CYS A 61 -3.92 -10.30 8.33
CA CYS A 61 -3.93 -9.21 7.39
C CYS A 61 -2.57 -8.55 7.33
N ASP A 62 -2.17 -8.21 6.13
CA ASP A 62 -0.91 -7.54 5.92
C ASP A 62 -0.85 -6.25 6.74
N TYR A 63 -2.01 -5.77 7.18
CA TYR A 63 -2.09 -4.55 7.98
C TYR A 63 -2.91 -4.77 9.24
N HIS A 64 -2.27 -4.60 10.40
CA HIS A 64 -2.95 -4.79 11.67
C HIS A 64 -3.42 -3.44 12.22
N LEU A 65 -4.72 -3.22 12.20
CA LEU A 65 -5.30 -1.98 12.69
C LEU A 65 -6.21 -2.23 13.88
N GLY A 66 -6.63 -1.14 14.54
CA GLY A 66 -7.51 -1.27 15.68
C GLY A 66 -8.80 -2.00 15.36
N ASN A 67 -9.28 -2.79 16.30
CA ASN A 67 -10.52 -3.54 16.11
C ASN A 67 -11.73 -2.62 16.11
N ILE A 68 -12.08 -2.10 14.94
CA ILE A 68 -13.23 -1.21 14.81
C ILE A 68 -14.39 -1.91 14.12
N SER A 69 -15.56 -1.90 14.78
CA SER A 69 -16.74 -2.54 14.24
C SER A 69 -17.05 -2.03 12.83
N ARG A 70 -16.79 -0.75 12.60
CA ARG A 70 -17.04 -0.14 11.30
C ARG A 70 -16.15 -0.78 10.24
N LEU A 71 -14.98 -1.24 10.66
CA LEU A 71 -14.02 -1.87 9.76
C LEU A 71 -14.10 -3.39 9.87
N SER A 72 -13.80 -4.08 8.77
CA SER A 72 -13.85 -5.54 8.75
C SER A 72 -12.47 -6.16 8.95
N ASN A 73 -12.43 -7.47 9.23
CA ASN A 73 -11.18 -8.21 9.41
C ASN A 73 -10.17 -7.79 8.36
N LYS A 74 -10.60 -7.87 7.11
CA LYS A 74 -9.81 -7.46 5.97
C LYS A 74 -10.56 -6.34 5.28
N HIS A 75 -10.40 -5.14 5.81
CA HIS A 75 -11.08 -3.98 5.33
C HIS A 75 -10.80 -3.69 3.87
N PHE A 76 -9.54 -3.76 3.49
CA PHE A 76 -9.16 -3.50 2.11
C PHE A 76 -7.93 -4.30 1.70
N GLN A 77 -7.72 -4.42 0.40
CA GLN A 77 -6.59 -5.18 -0.12
C GLN A 77 -5.91 -4.44 -1.28
N ILE A 78 -4.58 -4.48 -1.34
CA ILE A 78 -3.85 -3.82 -2.42
C ILE A 78 -3.13 -4.84 -3.29
N LEU A 79 -3.32 -4.75 -4.60
CA LEU A 79 -2.68 -5.68 -5.53
C LEU A 79 -1.66 -4.98 -6.42
N LEU A 80 -0.60 -5.72 -6.76
CA LEU A 80 0.45 -5.21 -7.63
C LEU A 80 0.65 -6.13 -8.83
N GLY A 81 0.51 -5.59 -10.03
CA GLY A 81 0.68 -6.40 -11.22
C GLY A 81 1.88 -6.00 -12.06
N GLU A 82 1.79 -6.20 -13.37
CA GLU A 82 2.87 -5.86 -14.28
C GLU A 82 3.25 -4.38 -14.17
N ASP A 83 4.48 -4.07 -14.53
CA ASP A 83 4.97 -2.69 -14.48
C ASP A 83 4.80 -2.10 -13.08
N GLY A 84 5.28 -0.87 -12.90
CA GLY A 84 5.16 -0.22 -11.61
C GLY A 84 3.73 0.09 -11.23
N ASN A 85 2.82 0.00 -12.22
CA ASN A 85 1.40 0.27 -11.97
C ASN A 85 0.87 -0.55 -10.81
N LEU A 86 0.17 0.11 -9.90
CA LEU A 86 -0.40 -0.56 -8.73
C LEU A 86 -1.92 -0.50 -8.75
N LEU A 87 -2.55 -1.40 -8.01
CA LEU A 87 -4.00 -1.44 -7.94
C LEU A 87 -4.48 -1.46 -6.49
N LEU A 88 -5.59 -0.78 -6.23
CA LEU A 88 -6.15 -0.71 -4.90
C LEU A 88 -7.49 -1.45 -4.86
N ASN A 89 -7.60 -2.44 -3.98
CA ASN A 89 -8.82 -3.22 -3.89
C ASN A 89 -9.47 -3.08 -2.52
N ASP A 90 -10.78 -2.89 -2.53
CA ASP A 90 -11.54 -2.76 -1.29
C ASP A 90 -12.15 -4.12 -0.92
N ILE A 91 -12.19 -4.42 0.36
CA ILE A 91 -12.75 -5.70 0.82
C ILE A 91 -13.42 -5.56 2.18
N SER A 92 -13.93 -4.37 2.49
CA SER A 92 -14.57 -4.11 3.74
C SER A 92 -16.07 -4.34 3.70
N THR A 93 -16.64 -4.57 4.87
CA THR A 93 -18.06 -4.78 5.03
C THR A 93 -18.84 -3.49 4.77
N ASN A 94 -18.44 -2.43 5.46
CA ASN A 94 -19.10 -1.13 5.34
C ASN A 94 -18.60 -0.34 4.14
N GLY A 95 -17.66 -0.91 3.38
CA GLY A 95 -17.16 -0.24 2.21
C GLY A 95 -15.83 0.47 2.45
N THR A 96 -15.11 0.69 1.37
CA THR A 96 -13.81 1.37 1.40
C THR A 96 -13.90 2.65 0.59
N TRP A 97 -13.31 3.73 1.11
CA TRP A 97 -13.38 5.01 0.41
C TRP A 97 -12.05 5.51 -0.09
N LEU A 98 -12.11 6.23 -1.20
CA LEU A 98 -10.93 6.83 -1.80
C LEU A 98 -11.17 8.33 -1.94
N ASN A 99 -10.40 9.11 -1.20
CA ASN A 99 -10.52 10.56 -1.21
C ASN A 99 -11.97 11.02 -1.10
N GLY A 100 -12.77 10.29 -0.32
CA GLY A 100 -14.14 10.65 -0.13
C GLY A 100 -15.09 10.00 -1.11
N GLN A 101 -14.54 9.29 -2.10
CA GLN A 101 -15.37 8.62 -3.08
C GLN A 101 -15.39 7.11 -2.81
N LYS A 102 -16.58 6.60 -2.54
CA LYS A 102 -16.77 5.19 -2.26
C LYS A 102 -16.62 4.36 -3.53
N VAL A 103 -15.68 3.42 -3.51
CA VAL A 103 -15.43 2.54 -4.65
C VAL A 103 -16.13 1.20 -4.49
N GLU A 104 -16.25 0.48 -5.60
CA GLU A 104 -16.90 -0.83 -5.59
C GLU A 104 -16.03 -1.84 -4.85
N LYS A 105 -16.62 -2.55 -3.89
CA LYS A 105 -15.89 -3.54 -3.12
C LYS A 105 -15.19 -4.53 -4.06
N ASN A 106 -14.21 -5.24 -3.52
CA ASN A 106 -13.45 -6.23 -4.28
C ASN A 106 -13.24 -5.80 -5.73
N SER A 107 -13.08 -4.51 -5.93
CA SER A 107 -12.86 -3.95 -7.26
C SER A 107 -11.44 -3.39 -7.39
N ASN A 108 -10.85 -3.54 -8.56
CA ASN A 108 -9.50 -3.04 -8.81
C ASN A 108 -9.53 -1.58 -9.24
N GLN A 109 -8.68 -0.76 -8.62
CA GLN A 109 -8.61 0.65 -8.94
C GLN A 109 -7.16 1.07 -9.21
N LEU A 110 -6.98 2.04 -10.11
CA LEU A 110 -5.66 2.53 -10.44
C LEU A 110 -5.09 3.36 -9.29
N LEU A 111 -3.88 3.05 -8.86
CA LEU A 111 -3.26 3.76 -7.75
C LEU A 111 -3.05 5.23 -8.09
N SER A 112 -2.99 6.02 -7.03
CA SER A 112 -2.80 7.47 -7.14
C SER A 112 -1.59 7.90 -6.33
N GLN A 113 -0.96 9.00 -6.72
CA GLN A 113 0.21 9.51 -6.00
C GLN A 113 -0.21 10.08 -4.66
N GLY A 114 0.32 9.51 -3.59
CA GLY A 114 -0.04 9.95 -2.26
C GLY A 114 -1.52 9.76 -1.98
N ASP A 115 -2.13 8.82 -2.71
CA ASP A 115 -3.55 8.53 -2.57
C ASP A 115 -3.93 8.34 -1.11
N GLU A 116 -5.23 8.33 -0.84
CA GLU A 116 -5.73 8.16 0.52
C GLU A 116 -7.03 7.36 0.53
N ILE A 117 -7.13 6.40 1.44
CA ILE A 117 -8.33 5.57 1.55
C ILE A 117 -9.03 5.82 2.89
N THR A 118 -10.32 6.11 2.81
CA THR A 118 -11.11 6.36 4.01
C THR A 118 -11.97 5.14 4.32
N VAL A 119 -12.12 4.83 5.60
CA VAL A 119 -12.90 3.67 6.00
C VAL A 119 -13.75 3.94 7.25
N GLY A 120 -14.79 3.13 7.42
CA GLY A 120 -15.67 3.28 8.56
C GLY A 120 -16.67 4.39 8.36
N VAL A 121 -17.25 4.44 7.18
CA VAL A 121 -18.21 5.46 6.84
C VAL A 121 -19.62 5.10 7.28
N GLY A 122 -20.31 6.12 7.77
CA GLY A 122 -21.65 5.98 8.25
C GLY A 122 -21.88 6.94 9.39
N VAL A 123 -20.84 7.08 10.21
CA VAL A 123 -20.84 7.98 11.33
C VAL A 123 -19.61 8.89 11.22
N GLU A 124 -19.83 10.19 11.12
CA GLU A 124 -18.74 11.15 10.98
C GLU A 124 -17.67 10.93 12.06
N SER A 125 -18.08 10.37 13.19
CA SER A 125 -17.17 10.13 14.29
C SER A 125 -16.57 8.72 14.27
N ASP A 126 -16.84 7.95 13.20
CA ASP A 126 -16.32 6.59 13.13
C ASP A 126 -15.64 6.28 11.81
N ILE A 127 -15.08 7.29 11.21
CA ILE A 127 -14.36 7.15 9.96
C ILE A 127 -12.86 7.28 10.20
N LEU A 128 -12.10 6.43 9.51
CA LEU A 128 -10.64 6.43 9.61
C LEU A 128 -10.03 6.59 8.23
N SER A 129 -9.02 7.46 8.13
CA SER A 129 -8.36 7.70 6.85
C SER A 129 -6.97 7.11 6.79
N LEU A 130 -6.57 6.73 5.59
CA LEU A 130 -5.27 6.15 5.33
C LEU A 130 -4.65 6.76 4.08
N VAL A 131 -3.32 6.93 4.08
CA VAL A 131 -2.63 7.50 2.93
C VAL A 131 -1.65 6.49 2.32
N ILE A 132 -1.61 6.46 0.99
CA ILE A 132 -0.74 5.55 0.28
C ILE A 132 0.45 6.30 -0.31
N PHE A 133 1.65 5.85 0.05
CA PHE A 133 2.88 6.46 -0.44
C PHE A 133 3.60 5.53 -1.41
N ILE A 134 3.79 5.98 -2.64
CA ILE A 134 4.46 5.18 -3.65
C ILE A 134 5.97 5.44 -3.64
N ASN A 135 6.74 4.36 -3.65
CA ASN A 135 8.20 4.46 -3.63
C ASN A 135 8.73 4.70 -5.04
N ASP A 136 9.32 5.88 -5.26
CA ASP A 136 9.87 6.23 -6.56
C ASP A 136 10.97 5.25 -6.97
N LYS A 137 11.65 4.68 -5.97
CA LYS A 137 12.72 3.73 -6.23
C LYS A 137 12.20 2.54 -7.02
N PHE A 138 11.03 2.04 -6.63
CA PHE A 138 10.42 0.91 -7.30
C PHE A 138 10.19 1.22 -8.77
N LYS A 139 9.69 2.41 -9.05
CA LYS A 139 9.42 2.84 -10.42
C LYS A 139 10.70 2.85 -11.25
N GLN A 140 11.80 3.24 -10.63
CA GLN A 140 13.09 3.29 -11.31
C GLN A 140 13.51 1.90 -11.78
N CYS A 141 13.29 0.91 -10.94
CA CYS A 141 13.65 -0.47 -11.28
C CYS A 141 12.78 -1.00 -12.41
N LEU A 142 11.48 -0.72 -12.33
CA LEU A 142 10.55 -1.18 -13.36
C LEU A 142 10.79 -0.45 -14.67
N GLU A 143 11.15 0.83 -14.59
CA GLU A 143 11.41 1.63 -15.78
C GLU A 143 12.62 1.09 -16.54
N GLN A 144 13.66 0.71 -15.81
CA GLN A 144 14.87 0.17 -16.42
C GLN A 144 14.72 -1.32 -16.68
N ASN A 145 13.98 -2.00 -15.81
CA ASN A 145 13.75 -3.44 -15.92
C ASN A 145 15.03 -4.19 -16.30
N LYS A 146 15.26 -4.37 -17.60
CA LYS A 146 16.46 -5.07 -18.07
C LYS A 146 17.72 -4.35 -17.62
N VAL A 147 18.51 -5.01 -16.79
CA VAL A 147 19.75 -4.44 -16.27
C VAL A 147 20.76 -4.25 -17.40
N ASP A 148 21.49 -3.13 -17.36
CA ASP A 148 22.49 -2.83 -18.37
C ASP A 148 23.86 -2.60 -17.74
N ARG A 149 24.83 -3.42 -18.12
CA ARG A 149 26.18 -3.30 -17.57
C ARG A 149 26.19 -3.52 -16.07
N ILE A 150 27.32 -3.97 -15.54
CA ILE A 150 27.46 -4.21 -14.12
C ILE A 150 27.94 -2.96 -13.39
N ARG A 151 27.09 -2.42 -12.51
CA ARG A 151 27.43 -1.23 -11.75
C ARG A 151 27.65 -1.55 -10.28
N ALA A 1 35.46 2.17 2.04
CA ALA A 1 35.35 3.63 2.07
C ALA A 1 35.62 4.16 3.47
N THR A 2 35.61 5.49 3.61
CA THR A 2 35.85 6.12 4.90
C THR A 2 34.76 7.15 5.22
N GLN A 3 34.76 8.25 4.47
CA GLN A 3 33.77 9.31 4.67
C GLN A 3 32.38 8.84 4.26
N ARG A 4 32.33 8.03 3.21
CA ARG A 4 31.06 7.51 2.71
C ARG A 4 30.34 6.69 3.79
N PHE A 5 31.13 5.97 4.58
CA PHE A 5 30.57 5.14 5.65
C PHE A 5 29.95 6.00 6.74
N LEU A 6 30.57 7.16 7.00
CA LEU A 6 30.08 8.08 8.01
C LEU A 6 28.70 8.61 7.65
N ILE A 7 28.52 8.97 6.39
CA ILE A 7 27.24 9.49 5.92
C ILE A 7 26.16 8.42 5.98
N GLU A 8 26.55 7.18 5.71
CA GLU A 8 25.60 6.07 5.74
C GLU A 8 24.93 5.98 7.10
N LYS A 9 25.71 6.18 8.16
CA LYS A 9 25.19 6.14 9.51
C LYS A 9 24.24 7.31 9.76
N PHE A 10 24.42 8.38 8.99
CA PHE A 10 23.59 9.58 9.11
C PHE A 10 22.11 9.23 8.97
N SER A 11 21.79 8.46 7.92
CA SER A 11 20.42 8.05 7.67
C SER A 11 20.02 6.87 8.55
N GLN A 12 21.00 6.04 8.89
CA GLN A 12 20.76 4.87 9.73
C GLN A 12 19.91 3.84 8.99
N GLU A 13 18.62 4.15 8.85
CA GLU A 13 17.69 3.25 8.17
C GLU A 13 17.43 3.74 6.74
N GLN A 14 17.74 2.88 5.76
CA GLN A 14 17.53 3.23 4.36
C GLN A 14 16.32 2.50 3.79
N ILE A 15 15.21 3.22 3.67
CA ILE A 15 13.98 2.64 3.15
C ILE A 15 13.88 2.80 1.65
N GLY A 16 13.42 1.75 1.02
CA GLY A 16 13.25 1.74 -0.43
C GLY A 16 14.01 0.61 -1.09
N GLU A 17 14.09 -0.52 -0.42
CA GLU A 17 14.79 -1.69 -0.95
C GLU A 17 14.01 -2.30 -2.11
N ASN A 18 12.69 -2.44 -1.92
CA ASN A 18 11.82 -3.00 -2.92
C ASN A 18 10.40 -2.78 -2.47
N ILE A 19 10.21 -1.62 -1.85
CA ILE A 19 8.95 -1.25 -1.30
C ILE A 19 8.00 -0.67 -2.32
N VAL A 20 7.16 -1.55 -2.85
CA VAL A 20 6.16 -1.19 -3.83
C VAL A 20 5.40 0.06 -3.39
N CYS A 21 4.72 -0.03 -2.25
CA CYS A 21 3.96 1.09 -1.70
C CYS A 21 4.03 1.10 -0.17
N ARG A 22 3.64 2.22 0.42
CA ARG A 22 3.67 2.36 1.88
C ARG A 22 2.34 2.85 2.43
N VAL A 23 1.91 2.26 3.55
CA VAL A 23 0.64 2.64 4.18
C VAL A 23 0.89 3.54 5.38
N ILE A 24 0.30 4.74 5.37
CA ILE A 24 0.49 5.70 6.45
C ILE A 24 -0.84 6.22 6.97
N CYS A 25 -1.13 5.97 8.25
CA CYS A 25 -2.36 6.45 8.87
C CYS A 25 -2.22 7.92 9.24
N THR A 26 -3.12 8.76 8.71
CA THR A 26 -3.08 10.19 8.99
C THR A 26 -4.02 10.58 10.14
N THR A 27 -5.01 9.74 10.40
CA THR A 27 -5.97 10.00 11.48
C THR A 27 -5.39 9.63 12.84
N GLY A 28 -4.17 9.11 12.85
CA GLY A 28 -3.53 8.72 14.09
C GLY A 28 -4.24 7.58 14.79
N GLN A 29 -4.10 6.38 14.26
CA GLN A 29 -4.74 5.20 14.84
C GLN A 29 -3.86 3.96 14.66
N ILE A 30 -3.23 3.84 13.50
CA ILE A 30 -2.37 2.70 13.21
C ILE A 30 -0.97 3.16 12.81
N PRO A 31 0.08 2.42 13.25
CA PRO A 31 1.47 2.77 12.92
C PRO A 31 1.81 2.48 11.46
N ILE A 32 2.66 3.32 10.89
CA ILE A 32 3.06 3.18 9.50
C ILE A 32 3.79 1.86 9.25
N ARG A 33 3.47 1.22 8.13
CA ARG A 33 4.08 -0.04 7.75
C ARG A 33 4.61 0.05 6.33
N ASP A 34 5.50 -0.86 5.95
CA ASP A 34 6.06 -0.85 4.61
C ASP A 34 5.66 -2.10 3.81
N LEU A 35 4.98 -1.86 2.69
CA LEU A 35 4.57 -2.94 1.80
C LEU A 35 5.58 -3.06 0.68
N SER A 36 6.04 -4.28 0.38
CA SER A 36 7.03 -4.44 -0.67
C SER A 36 6.88 -5.69 -1.49
N ALA A 37 7.44 -5.60 -2.68
CA ALA A 37 7.43 -6.71 -3.63
C ALA A 37 8.71 -6.72 -4.46
N ASP A 38 9.23 -7.91 -4.74
CA ASP A 38 10.45 -8.04 -5.53
C ASP A 38 10.14 -7.94 -7.02
N ILE A 39 10.96 -7.16 -7.72
CA ILE A 39 10.80 -6.95 -9.15
C ILE A 39 11.00 -8.24 -9.96
N SER A 40 12.01 -9.01 -9.59
CA SER A 40 12.33 -10.24 -10.30
C SER A 40 11.12 -11.18 -10.30
N GLN A 41 10.46 -11.25 -9.16
CA GLN A 41 9.28 -12.11 -9.01
C GLN A 41 8.12 -11.57 -9.84
N VAL A 42 7.98 -10.25 -9.89
CA VAL A 42 6.91 -9.62 -10.64
C VAL A 42 7.12 -9.81 -12.14
N LEU A 43 8.31 -9.50 -12.62
CA LEU A 43 8.63 -9.64 -14.04
C LEU A 43 8.62 -11.11 -14.45
N LYS A 44 8.96 -11.99 -13.52
CA LYS A 44 8.99 -13.42 -13.79
C LYS A 44 7.58 -13.96 -14.05
N GLU A 45 6.65 -13.59 -13.18
CA GLU A 45 5.27 -14.03 -13.30
C GLU A 45 4.52 -13.18 -14.33
N LYS A 46 3.77 -13.86 -15.20
CA LYS A 46 3.01 -13.17 -16.23
C LYS A 46 1.71 -13.92 -16.53
N ARG A 47 1.18 -14.60 -15.52
CA ARG A 47 -0.07 -15.35 -15.68
C ARG A 47 -1.09 -14.93 -14.64
N SER A 48 -0.71 -15.01 -13.37
CA SER A 48 -1.60 -14.63 -12.27
C SER A 48 -1.03 -13.44 -11.51
N ILE A 49 -1.73 -13.03 -10.46
CA ILE A 49 -1.29 -11.90 -9.64
C ILE A 49 0.08 -12.17 -9.03
N LYS A 50 0.82 -11.10 -8.75
CA LYS A 50 2.15 -11.23 -8.18
C LYS A 50 2.09 -11.22 -6.65
N LYS A 51 1.85 -10.05 -6.08
CA LYS A 51 1.76 -9.92 -4.62
C LYS A 51 0.67 -8.95 -4.21
N VAL A 52 -0.11 -9.33 -3.20
CA VAL A 52 -1.20 -8.50 -2.73
C VAL A 52 -1.22 -8.41 -1.20
N TRP A 53 -1.48 -7.21 -0.70
CA TRP A 53 -1.55 -6.97 0.73
C TRP A 53 -2.98 -6.89 1.24
N THR A 54 -3.23 -7.49 2.40
CA THR A 54 -4.55 -7.44 3.02
C THR A 54 -4.49 -6.60 4.29
N PHE A 55 -5.39 -5.63 4.40
CA PHE A 55 -5.42 -4.74 5.56
C PHE A 55 -6.76 -4.83 6.29
N GLY A 56 -6.71 -4.69 7.61
CA GLY A 56 -7.92 -4.73 8.41
C GLY A 56 -7.65 -5.04 9.87
N ARG A 57 -8.71 -5.39 10.61
CA ARG A 57 -8.59 -5.71 12.03
C ARG A 57 -8.15 -7.16 12.24
N ASN A 58 -7.81 -7.86 11.17
CA ASN A 58 -7.39 -9.25 11.26
C ASN A 58 -5.89 -9.33 11.58
N PRO A 59 -5.49 -10.28 12.45
CA PRO A 59 -4.09 -10.47 12.81
C PRO A 59 -3.31 -11.13 11.68
N ALA A 60 -4.05 -11.67 10.72
CA ALA A 60 -3.46 -12.30 9.56
C ALA A 60 -3.14 -11.24 8.56
N CYS A 61 -4.09 -10.33 8.42
CA CYS A 61 -3.98 -9.22 7.52
C CYS A 61 -2.60 -8.62 7.57
N ASP A 62 -2.07 -8.31 6.42
CA ASP A 62 -0.75 -7.70 6.33
C ASP A 62 -0.70 -6.42 7.16
N TYR A 63 -1.88 -5.85 7.46
CA TYR A 63 -1.96 -4.63 8.26
C TYR A 63 -2.95 -4.78 9.41
N HIS A 64 -2.47 -4.62 10.63
CA HIS A 64 -3.32 -4.73 11.81
C HIS A 64 -3.74 -3.34 12.30
N LEU A 65 -5.05 -3.10 12.30
CA LEU A 65 -5.58 -1.82 12.73
C LEU A 65 -6.61 -2.00 13.85
N GLY A 66 -6.13 -2.32 15.05
CA GLY A 66 -7.01 -2.52 16.18
C GLY A 66 -8.21 -3.39 15.86
N ASN A 67 -9.40 -2.91 16.20
CA ASN A 67 -10.62 -3.66 15.94
C ASN A 67 -11.85 -2.75 16.03
N ILE A 68 -12.16 -2.08 14.92
CA ILE A 68 -13.31 -1.18 14.87
C ILE A 68 -14.52 -1.89 14.26
N SER A 69 -15.70 -1.61 14.81
CA SER A 69 -16.93 -2.20 14.31
C SER A 69 -17.22 -1.77 12.87
N ARG A 70 -16.90 -0.52 12.58
CA ARG A 70 -17.13 0.03 11.24
C ARG A 70 -16.18 -0.60 10.22
N LEU A 71 -15.08 -1.15 10.69
CA LEU A 71 -14.10 -1.77 9.81
C LEU A 71 -14.17 -3.30 9.89
N SER A 72 -13.86 -3.97 8.78
CA SER A 72 -13.90 -5.43 8.75
C SER A 72 -12.51 -6.04 9.00
N ASN A 73 -12.48 -7.35 9.28
CA ASN A 73 -11.22 -8.06 9.53
C ASN A 73 -10.19 -7.65 8.50
N LYS A 74 -10.56 -7.77 7.24
CA LYS A 74 -9.73 -7.38 6.12
C LYS A 74 -10.48 -6.28 5.38
N HIS A 75 -10.39 -5.08 5.91
CA HIS A 75 -11.10 -3.94 5.38
C HIS A 75 -10.70 -3.62 3.95
N PHE A 76 -9.42 -3.61 3.66
CA PHE A 76 -8.96 -3.32 2.31
C PHE A 76 -7.71 -4.11 1.94
N GLN A 77 -7.55 -4.34 0.63
CA GLN A 77 -6.43 -5.12 0.13
C GLN A 77 -5.79 -4.46 -1.09
N ILE A 78 -4.46 -4.50 -1.17
CA ILE A 78 -3.76 -3.90 -2.31
C ILE A 78 -3.06 -4.97 -3.13
N LEU A 79 -3.23 -4.93 -4.45
CA LEU A 79 -2.61 -5.90 -5.33
C LEU A 79 -1.65 -5.24 -6.32
N LEU A 80 -0.55 -5.93 -6.62
CA LEU A 80 0.45 -5.42 -7.55
C LEU A 80 0.70 -6.43 -8.66
N GLY A 81 0.56 -5.98 -9.90
CA GLY A 81 0.78 -6.86 -11.04
C GLY A 81 0.93 -6.10 -12.34
N GLU A 82 0.77 -6.81 -13.45
CA GLU A 82 0.90 -6.19 -14.77
C GLU A 82 2.29 -5.58 -14.95
N ASP A 83 2.46 -4.84 -16.05
CA ASP A 83 3.73 -4.20 -16.34
C ASP A 83 3.91 -2.93 -15.49
N GLY A 84 3.94 -3.11 -14.18
CA GLY A 84 4.10 -1.98 -13.29
C GLY A 84 2.78 -1.46 -12.76
N ASN A 85 2.80 -0.25 -12.19
CA ASN A 85 1.60 0.35 -11.63
C ASN A 85 1.04 -0.49 -10.49
N LEU A 86 0.34 0.16 -9.57
CA LEU A 86 -0.25 -0.53 -8.43
C LEU A 86 -1.78 -0.51 -8.51
N LEU A 87 -2.42 -1.42 -7.79
CA LEU A 87 -3.88 -1.49 -7.78
C LEU A 87 -4.38 -1.57 -6.35
N LEU A 88 -5.53 -0.95 -6.11
CA LEU A 88 -6.14 -0.95 -4.78
C LEU A 88 -7.43 -1.74 -4.79
N ASN A 89 -7.52 -2.75 -3.93
CA ASN A 89 -8.71 -3.58 -3.87
C ASN A 89 -9.45 -3.41 -2.54
N ASP A 90 -10.66 -2.88 -2.61
CA ASP A 90 -11.49 -2.69 -1.43
C ASP A 90 -12.15 -4.00 -1.02
N ILE A 91 -11.86 -4.48 0.17
CA ILE A 91 -12.43 -5.73 0.66
C ILE A 91 -13.13 -5.53 2.00
N SER A 92 -13.73 -4.36 2.19
CA SER A 92 -14.40 -4.05 3.42
C SER A 92 -15.87 -4.46 3.41
N THR A 93 -16.42 -4.61 4.60
CA THR A 93 -17.82 -5.01 4.78
C THR A 93 -18.80 -3.92 4.35
N ASN A 94 -18.62 -2.70 4.88
CA ASN A 94 -19.52 -1.59 4.56
C ASN A 94 -19.04 -0.76 3.38
N GLY A 95 -17.75 -0.85 3.06
CA GLY A 95 -17.22 -0.10 1.95
C GLY A 95 -15.89 0.57 2.24
N THR A 96 -15.13 0.78 1.17
CA THR A 96 -13.82 1.43 1.24
C THR A 96 -13.86 2.72 0.42
N TRP A 97 -13.28 3.78 0.95
CA TRP A 97 -13.32 5.07 0.25
C TRP A 97 -11.96 5.53 -0.23
N LEU A 98 -11.99 6.26 -1.34
CA LEU A 98 -10.80 6.84 -1.91
C LEU A 98 -11.03 8.35 -2.04
N ASN A 99 -10.27 9.12 -1.28
CA ASN A 99 -10.38 10.57 -1.30
C ASN A 99 -11.84 11.04 -1.26
N GLY A 100 -12.66 10.41 -0.42
CA GLY A 100 -14.03 10.80 -0.30
C GLY A 100 -14.94 10.14 -1.32
N GLN A 101 -14.36 9.39 -2.25
CA GLN A 101 -15.14 8.70 -3.27
C GLN A 101 -15.21 7.22 -2.98
N LYS A 102 -16.42 6.72 -2.76
CA LYS A 102 -16.65 5.32 -2.48
C LYS A 102 -16.48 4.48 -3.73
N VAL A 103 -15.47 3.59 -3.71
CA VAL A 103 -15.20 2.72 -4.84
C VAL A 103 -15.92 1.38 -4.70
N GLU A 104 -16.08 0.69 -5.81
CA GLU A 104 -16.75 -0.62 -5.81
C GLU A 104 -15.88 -1.66 -5.13
N LYS A 105 -16.46 -2.38 -4.17
CA LYS A 105 -15.71 -3.41 -3.45
C LYS A 105 -15.01 -4.35 -4.42
N ASN A 106 -14.01 -5.06 -3.92
CA ASN A 106 -13.23 -6.01 -4.70
C ASN A 106 -13.05 -5.54 -6.14
N SER A 107 -12.90 -4.24 -6.30
CA SER A 107 -12.71 -3.64 -7.63
C SER A 107 -11.31 -3.05 -7.76
N ASN A 108 -10.57 -3.52 -8.76
CA ASN A 108 -9.21 -3.05 -9.00
C ASN A 108 -9.22 -1.61 -9.48
N GLN A 109 -8.46 -0.75 -8.78
CA GLN A 109 -8.37 0.65 -9.15
C GLN A 109 -6.92 1.09 -9.25
N LEU A 110 -6.65 2.02 -10.15
CA LEU A 110 -5.29 2.53 -10.33
C LEU A 110 -4.91 3.42 -9.16
N LEU A 111 -3.82 3.07 -8.49
CA LEU A 111 -3.37 3.84 -7.33
C LEU A 111 -3.07 5.28 -7.70
N SER A 112 -2.94 6.09 -6.66
CA SER A 112 -2.64 7.50 -6.81
C SER A 112 -1.39 7.86 -5.99
N GLN A 113 -0.68 8.90 -6.41
CA GLN A 113 0.51 9.33 -5.69
C GLN A 113 0.12 9.97 -4.37
N GLY A 114 0.53 9.35 -3.27
CA GLY A 114 0.20 9.85 -1.96
C GLY A 114 -1.29 9.85 -1.72
N ASP A 115 -1.98 8.92 -2.38
CA ASP A 115 -3.42 8.79 -2.26
C ASP A 115 -3.83 8.52 -0.82
N GLU A 116 -5.14 8.50 -0.58
CA GLU A 116 -5.67 8.24 0.75
C GLU A 116 -6.96 7.45 0.68
N ILE A 117 -7.09 6.43 1.53
CA ILE A 117 -8.28 5.61 1.57
C ILE A 117 -9.05 5.85 2.86
N THR A 118 -10.33 6.14 2.74
CA THR A 118 -11.17 6.40 3.91
C THR A 118 -12.06 5.19 4.19
N VAL A 119 -12.24 4.87 5.46
CA VAL A 119 -13.03 3.71 5.85
C VAL A 119 -13.92 3.98 7.06
N GLY A 120 -14.96 3.17 7.21
CA GLY A 120 -15.87 3.32 8.32
C GLY A 120 -16.82 4.48 8.12
N VAL A 121 -17.37 4.59 6.92
CA VAL A 121 -18.28 5.65 6.59
C VAL A 121 -19.71 5.35 7.02
N GLY A 122 -20.36 6.39 7.51
CA GLY A 122 -21.71 6.30 7.99
C GLY A 122 -21.89 7.22 9.18
N VAL A 123 -20.84 7.26 10.00
CA VAL A 123 -20.79 8.11 11.16
C VAL A 123 -19.52 8.96 11.11
N GLU A 124 -19.68 10.28 11.08
CA GLU A 124 -18.54 11.17 11.00
C GLU A 124 -17.48 10.82 12.06
N SER A 125 -17.93 10.24 13.16
CA SER A 125 -17.04 9.86 14.24
C SER A 125 -16.56 8.41 14.14
N ASP A 126 -16.89 7.73 13.04
CA ASP A 126 -16.48 6.34 12.88
C ASP A 126 -15.76 6.06 11.58
N ILE A 127 -15.13 7.10 11.05
CA ILE A 127 -14.36 6.99 9.83
C ILE A 127 -12.87 7.05 10.11
N LEU A 128 -12.13 6.19 9.43
CA LEU A 128 -10.68 6.12 9.55
C LEU A 128 -10.02 6.28 8.19
N SER A 129 -8.98 7.11 8.12
CA SER A 129 -8.29 7.34 6.85
C SER A 129 -6.88 6.79 6.84
N LEU A 130 -6.45 6.41 5.65
CA LEU A 130 -5.12 5.86 5.44
C LEU A 130 -4.49 6.47 4.18
N VAL A 131 -3.18 6.71 4.23
CA VAL A 131 -2.48 7.28 3.08
C VAL A 131 -1.53 6.29 2.45
N ILE A 132 -1.48 6.28 1.12
CA ILE A 132 -0.63 5.38 0.39
C ILE A 132 0.57 6.11 -0.19
N PHE A 133 1.77 5.67 0.19
CA PHE A 133 3.00 6.30 -0.28
C PHE A 133 3.72 5.38 -1.26
N ILE A 134 3.71 5.75 -2.53
CA ILE A 134 4.38 4.96 -3.56
C ILE A 134 5.86 5.31 -3.66
N ASN A 135 6.70 4.28 -3.61
CA ASN A 135 8.14 4.48 -3.69
C ASN A 135 8.57 4.79 -5.12
N ASP A 136 9.34 5.88 -5.28
CA ASP A 136 9.82 6.30 -6.59
C ASP A 136 10.94 5.38 -7.07
N LYS A 137 11.69 4.83 -6.13
CA LYS A 137 12.79 3.93 -6.47
C LYS A 137 12.30 2.75 -7.29
N PHE A 138 11.17 2.19 -6.88
CA PHE A 138 10.58 1.05 -7.57
C PHE A 138 10.28 1.41 -9.03
N LYS A 139 9.72 2.60 -9.23
CA LYS A 139 9.38 3.07 -10.57
C LYS A 139 10.62 3.22 -11.43
N GLN A 140 11.73 3.61 -10.81
CA GLN A 140 12.99 3.80 -11.52
C GLN A 140 13.43 2.51 -12.21
N CYS A 141 13.37 1.41 -11.48
CA CYS A 141 13.75 0.11 -12.02
C CYS A 141 12.76 -0.35 -13.10
N LEU A 142 11.47 -0.19 -12.81
CA LEU A 142 10.43 -0.57 -13.74
C LEU A 142 10.56 0.20 -15.05
N GLU A 143 10.95 1.47 -14.94
CA GLU A 143 11.11 2.32 -16.12
C GLU A 143 12.15 1.73 -17.07
N GLN A 144 13.26 1.27 -16.51
CA GLN A 144 14.33 0.68 -17.32
C GLN A 144 14.01 -0.76 -17.67
N ASN A 145 13.39 -1.48 -16.73
CA ASN A 145 13.01 -2.87 -16.93
C ASN A 145 14.13 -3.66 -17.62
N LYS A 146 15.04 -4.21 -16.83
CA LYS A 146 16.15 -4.98 -17.36
C LYS A 146 16.19 -6.38 -16.74
N VAL A 147 16.21 -7.40 -17.59
CA VAL A 147 16.26 -8.79 -17.12
C VAL A 147 17.68 -9.20 -16.77
N ASP A 148 17.83 -9.76 -15.57
CA ASP A 148 19.14 -10.21 -15.11
C ASP A 148 19.30 -11.72 -15.29
N ARG A 149 19.58 -12.14 -16.52
CA ARG A 149 19.75 -13.55 -16.81
C ARG A 149 20.97 -13.78 -17.69
N ILE A 150 21.98 -14.45 -17.15
CA ILE A 150 23.20 -14.73 -17.88
C ILE A 150 23.13 -16.09 -18.58
N ARG A 151 23.51 -16.12 -19.85
CA ARG A 151 23.49 -17.35 -20.63
C ARG A 151 24.91 -17.84 -20.91
N ALA A 1 31.15 0.63 14.36
CA ALA A 1 31.31 1.66 15.39
C ALA A 1 30.10 2.58 15.45
N THR A 2 30.02 3.39 16.50
CA THR A 2 28.92 4.33 16.68
C THR A 2 27.58 3.66 16.35
N GLN A 3 27.08 2.88 17.30
CA GLN A 3 25.80 2.18 17.12
C GLN A 3 24.66 3.17 16.89
N ARG A 4 24.59 4.20 17.71
CA ARG A 4 23.55 5.21 17.58
C ARG A 4 23.64 5.87 16.21
N PHE A 5 24.87 6.03 15.73
CA PHE A 5 25.11 6.63 14.43
C PHE A 5 24.46 5.82 13.31
N LEU A 6 24.45 4.50 13.49
CA LEU A 6 23.85 3.60 12.50
C LEU A 6 22.38 3.93 12.29
N ILE A 7 21.68 4.22 13.39
CA ILE A 7 20.26 4.55 13.32
C ILE A 7 20.05 5.93 12.68
N GLU A 8 20.98 6.84 12.94
CA GLU A 8 20.89 8.18 12.39
C GLU A 8 20.80 8.13 10.86
N LYS A 9 21.48 7.16 10.27
CA LYS A 9 21.48 6.98 8.83
C LYS A 9 20.09 6.58 8.32
N PHE A 10 19.29 5.99 9.21
CA PHE A 10 17.94 5.57 8.87
C PHE A 10 17.12 6.73 8.33
N SER A 11 17.16 7.85 9.04
CA SER A 11 16.42 9.04 8.63
C SER A 11 17.08 9.70 7.42
N GLN A 12 18.41 9.75 7.43
CA GLN A 12 19.16 10.36 6.32
C GLN A 12 18.92 9.58 5.03
N GLU A 13 19.40 8.34 4.99
CA GLU A 13 19.24 7.49 3.81
C GLU A 13 17.90 6.80 3.82
N GLN A 14 17.25 6.74 2.66
CA GLN A 14 15.95 6.09 2.53
C GLN A 14 16.10 4.61 2.23
N ILE A 15 15.65 3.77 3.15
CA ILE A 15 15.73 2.33 2.98
C ILE A 15 14.61 1.79 2.12
N GLY A 16 14.98 0.87 1.24
CA GLY A 16 14.02 0.26 0.34
C GLY A 16 14.50 -1.07 -0.20
N GLU A 17 14.30 -2.13 0.57
CA GLU A 17 14.72 -3.46 0.16
C GLU A 17 14.04 -3.88 -1.14
N ASN A 18 12.74 -3.57 -1.25
CA ASN A 18 11.98 -3.92 -2.43
C ASN A 18 10.54 -3.53 -2.17
N ILE A 19 10.42 -2.38 -1.53
CA ILE A 19 9.15 -1.85 -1.12
C ILE A 19 8.34 -1.33 -2.30
N VAL A 20 7.06 -1.68 -2.28
CA VAL A 20 6.14 -1.30 -3.31
C VAL A 20 5.45 0.01 -2.94
N CYS A 21 4.77 -0.01 -1.80
CA CYS A 21 4.07 1.16 -1.29
C CYS A 21 4.13 1.22 0.24
N ARG A 22 3.90 2.40 0.80
CA ARG A 22 3.92 2.59 2.24
C ARG A 22 2.59 3.10 2.76
N VAL A 23 2.14 2.55 3.89
CA VAL A 23 0.87 2.95 4.49
C VAL A 23 1.10 3.96 5.61
N ILE A 24 0.48 5.12 5.49
CA ILE A 24 0.61 6.18 6.48
C ILE A 24 -0.76 6.71 6.91
N CYS A 25 -1.06 6.59 8.19
CA CYS A 25 -2.33 7.08 8.72
C CYS A 25 -2.24 8.56 9.07
N THR A 26 -2.91 9.39 8.28
CA THR A 26 -2.90 10.83 8.50
C THR A 26 -3.83 11.23 9.64
N THR A 27 -4.87 10.44 9.87
CA THR A 27 -5.82 10.73 10.93
C THR A 27 -5.29 10.31 12.31
N GLY A 28 -4.11 9.71 12.32
CA GLY A 28 -3.49 9.29 13.57
C GLY A 28 -4.26 8.19 14.29
N GLN A 29 -4.11 6.96 13.83
CA GLN A 29 -4.78 5.81 14.45
C GLN A 29 -3.93 4.56 14.34
N ILE A 30 -3.37 4.32 13.15
CA ILE A 30 -2.54 3.15 12.90
C ILE A 30 -1.11 3.56 12.56
N PRO A 31 -0.11 2.79 13.05
CA PRO A 31 1.29 3.09 12.78
C PRO A 31 1.70 2.72 11.36
N ILE A 32 2.61 3.49 10.79
CA ILE A 32 3.08 3.26 9.43
C ILE A 32 3.56 1.82 9.23
N ARG A 33 3.47 1.36 7.99
CA ARG A 33 3.89 0.00 7.63
C ARG A 33 4.55 0.02 6.26
N ASP A 34 5.31 -1.04 5.95
CA ASP A 34 5.99 -1.11 4.66
C ASP A 34 5.54 -2.32 3.85
N LEU A 35 4.98 -2.06 2.67
CA LEU A 35 4.54 -3.12 1.77
C LEU A 35 5.58 -3.31 0.68
N SER A 36 5.89 -4.55 0.33
CA SER A 36 6.90 -4.78 -0.69
C SER A 36 6.61 -5.98 -1.56
N ALA A 37 7.23 -5.95 -2.73
CA ALA A 37 7.11 -7.02 -3.71
C ALA A 37 8.41 -7.21 -4.47
N ASP A 38 8.73 -8.46 -4.79
CA ASP A 38 9.95 -8.79 -5.52
C ASP A 38 9.85 -8.42 -6.99
N ILE A 39 10.74 -7.53 -7.43
CA ILE A 39 10.76 -7.07 -8.81
C ILE A 39 11.08 -8.20 -9.80
N SER A 40 12.06 -9.03 -9.45
CA SER A 40 12.47 -10.13 -10.30
C SER A 40 11.30 -11.04 -10.60
N GLN A 41 10.50 -11.28 -9.58
CA GLN A 41 9.33 -12.13 -9.69
C GLN A 41 8.27 -11.48 -10.58
N VAL A 42 8.15 -10.16 -10.46
CA VAL A 42 7.18 -9.41 -11.24
C VAL A 42 7.54 -9.45 -12.72
N LEU A 43 8.80 -9.17 -13.03
CA LEU A 43 9.26 -9.17 -14.42
C LEU A 43 9.32 -10.59 -14.98
N LYS A 44 9.57 -11.55 -14.10
CA LYS A 44 9.66 -12.95 -14.49
C LYS A 44 8.28 -13.50 -14.87
N GLU A 45 7.28 -13.15 -14.07
CA GLU A 45 5.91 -13.60 -14.32
C GLU A 45 5.11 -12.53 -15.05
N LYS A 46 4.35 -12.97 -16.06
CA LYS A 46 3.53 -12.05 -16.84
C LYS A 46 2.13 -12.62 -17.06
N ARG A 47 1.37 -12.77 -15.98
CA ARG A 47 0.02 -13.30 -16.05
C ARG A 47 -1.01 -12.20 -15.83
N SER A 48 -1.06 -11.68 -14.62
CA SER A 48 -2.00 -10.63 -14.27
C SER A 48 -1.75 -10.11 -12.86
N ILE A 49 -1.84 -11.00 -11.89
CA ILE A 49 -1.62 -10.64 -10.49
C ILE A 49 -0.26 -11.13 -10.01
N LYS A 50 0.39 -10.33 -9.17
CA LYS A 50 1.70 -10.68 -8.63
C LYS A 50 1.65 -10.85 -7.12
N LYS A 51 1.41 -9.75 -6.42
CA LYS A 51 1.33 -9.78 -4.96
C LYS A 51 0.29 -8.79 -4.44
N VAL A 52 -0.56 -9.26 -3.53
CA VAL A 52 -1.60 -8.42 -2.97
C VAL A 52 -1.59 -8.44 -1.44
N TRP A 53 -1.81 -7.27 -0.86
CA TRP A 53 -1.84 -7.11 0.60
C TRP A 53 -3.26 -7.04 1.13
N THR A 54 -3.49 -7.69 2.27
CA THR A 54 -4.80 -7.64 2.91
C THR A 54 -4.71 -6.80 4.18
N PHE A 55 -5.58 -5.82 4.29
CA PHE A 55 -5.61 -4.92 5.43
C PHE A 55 -6.88 -5.11 6.26
N GLY A 56 -6.76 -4.95 7.56
CA GLY A 56 -7.92 -5.10 8.43
C GLY A 56 -7.54 -5.32 9.89
N ARG A 57 -8.55 -5.59 10.71
CA ARG A 57 -8.35 -5.81 12.13
C ARG A 57 -7.83 -7.23 12.41
N ASN A 58 -7.64 -8.02 11.36
CA ASN A 58 -7.15 -9.38 11.51
C ASN A 58 -5.62 -9.40 11.59
N PRO A 59 -5.05 -10.12 12.57
CA PRO A 59 -3.60 -10.22 12.74
C PRO A 59 -2.95 -11.01 11.60
N ALA A 60 -3.80 -11.60 10.75
CA ALA A 60 -3.32 -12.35 9.62
C ALA A 60 -3.05 -11.41 8.48
N CYS A 61 -3.98 -10.49 8.32
CA CYS A 61 -3.91 -9.48 7.31
C CYS A 61 -2.49 -8.94 7.20
N ASP A 62 -2.06 -8.75 5.97
CA ASP A 62 -0.74 -8.23 5.73
C ASP A 62 -0.55 -6.88 6.44
N TYR A 63 -1.68 -6.25 6.82
CA TYR A 63 -1.61 -4.97 7.52
C TYR A 63 -2.46 -5.00 8.78
N HIS A 64 -1.85 -4.72 9.91
CA HIS A 64 -2.55 -4.72 11.19
C HIS A 64 -2.88 -3.30 11.62
N LEU A 65 -4.17 -3.04 11.85
CA LEU A 65 -4.63 -1.71 12.27
C LEU A 65 -5.08 -1.73 13.72
N GLY A 66 -6.23 -2.34 13.98
CA GLY A 66 -6.74 -2.42 15.33
C GLY A 66 -7.94 -3.35 15.44
N ASN A 67 -9.07 -2.80 15.85
CA ASN A 67 -10.29 -3.60 15.99
C ASN A 67 -11.52 -2.69 16.07
N ILE A 68 -11.83 -2.02 14.97
CA ILE A 68 -12.98 -1.13 14.90
C ILE A 68 -14.20 -1.85 14.36
N SER A 69 -15.35 -1.61 15.00
CA SER A 69 -16.59 -2.25 14.58
C SER A 69 -16.96 -1.84 13.15
N ARG A 70 -16.75 -0.56 12.84
CA ARG A 70 -17.06 -0.05 11.51
C ARG A 70 -16.20 -0.73 10.44
N LEU A 71 -15.01 -1.17 10.84
CA LEU A 71 -14.10 -1.83 9.92
C LEU A 71 -14.22 -3.35 10.03
N SER A 72 -13.92 -4.05 8.93
CA SER A 72 -14.00 -5.51 8.92
C SER A 72 -12.64 -6.15 9.16
N ASN A 73 -12.65 -7.45 9.50
CA ASN A 73 -11.40 -8.20 9.73
C ASN A 73 -10.36 -7.83 8.69
N LYS A 74 -10.78 -7.94 7.43
CA LYS A 74 -9.96 -7.58 6.28
C LYS A 74 -10.72 -6.48 5.54
N HIS A 75 -10.51 -5.26 6.00
CA HIS A 75 -11.21 -4.11 5.45
C HIS A 75 -10.88 -3.83 4.01
N PHE A 76 -9.61 -3.88 3.66
CA PHE A 76 -9.22 -3.60 2.27
C PHE A 76 -7.92 -4.31 1.88
N GLN A 77 -7.67 -4.39 0.57
CA GLN A 77 -6.46 -5.04 0.06
C GLN A 77 -5.81 -4.22 -1.05
N ILE A 78 -4.52 -4.44 -1.25
CA ILE A 78 -3.79 -3.74 -2.31
C ILE A 78 -3.05 -4.75 -3.18
N LEU A 79 -3.15 -4.62 -4.50
CA LEU A 79 -2.49 -5.55 -5.41
C LEU A 79 -1.53 -4.83 -6.34
N LEU A 80 -0.45 -5.53 -6.71
CA LEU A 80 0.56 -4.98 -7.60
C LEU A 80 0.76 -5.90 -8.80
N GLY A 81 0.58 -5.37 -10.00
CA GLY A 81 0.75 -6.16 -11.20
C GLY A 81 2.08 -5.96 -11.87
N GLU A 82 2.27 -6.57 -13.03
CA GLU A 82 3.52 -6.46 -13.77
C GLU A 82 3.33 -5.64 -15.04
N ASP A 83 3.33 -4.32 -14.89
CA ASP A 83 3.16 -3.43 -16.04
C ASP A 83 3.78 -2.06 -15.76
N GLY A 84 3.52 -1.53 -14.57
CA GLY A 84 4.06 -0.23 -14.21
C GLY A 84 3.04 0.64 -13.50
N ASN A 85 2.32 0.05 -12.56
CA ASN A 85 1.31 0.78 -11.79
C ASN A 85 0.79 -0.06 -10.63
N LEU A 86 0.16 0.59 -9.67
CA LEU A 86 -0.39 -0.09 -8.50
C LEU A 86 -1.91 -0.16 -8.57
N LEU A 87 -2.49 -1.13 -7.86
CA LEU A 87 -3.93 -1.30 -7.84
C LEU A 87 -4.42 -1.45 -6.41
N LEU A 88 -5.59 -0.90 -6.13
CA LEU A 88 -6.18 -0.96 -4.79
C LEU A 88 -7.46 -1.78 -4.81
N ASN A 89 -7.53 -2.80 -3.96
CA ASN A 89 -8.73 -3.64 -3.90
C ASN A 89 -9.44 -3.52 -2.56
N ASP A 90 -10.66 -3.01 -2.59
CA ASP A 90 -11.45 -2.86 -1.37
C ASP A 90 -12.08 -4.20 -0.99
N ILE A 91 -12.16 -4.47 0.32
CA ILE A 91 -12.73 -5.72 0.79
C ILE A 91 -13.37 -5.55 2.16
N SER A 92 -14.00 -4.41 2.41
CA SER A 92 -14.62 -4.14 3.68
C SER A 92 -16.11 -4.48 3.66
N THR A 93 -16.62 -4.83 4.82
CA THR A 93 -18.04 -5.14 4.96
C THR A 93 -18.87 -3.87 4.79
N ASN A 94 -18.28 -2.73 5.21
CA ASN A 94 -18.97 -1.46 5.13
C ASN A 94 -18.58 -0.64 3.90
N GLY A 95 -17.43 -0.95 3.29
CA GLY A 95 -17.01 -0.22 2.12
C GLY A 95 -15.69 0.49 2.29
N THR A 96 -15.02 0.72 1.17
CA THR A 96 -13.73 1.41 1.14
C THR A 96 -13.86 2.70 0.34
N TRP A 97 -13.26 3.77 0.84
CA TRP A 97 -13.36 5.06 0.16
C TRP A 97 -12.03 5.59 -0.35
N LEU A 98 -12.11 6.32 -1.45
CA LEU A 98 -10.96 6.95 -2.04
C LEU A 98 -11.23 8.44 -2.17
N ASN A 99 -10.49 9.24 -1.42
CA ASN A 99 -10.65 10.69 -1.44
C ASN A 99 -12.12 11.11 -1.38
N GLY A 100 -12.91 10.45 -0.52
CA GLY A 100 -14.30 10.80 -0.39
C GLY A 100 -15.19 10.09 -1.38
N GLN A 101 -14.60 9.38 -2.34
CA GLN A 101 -15.37 8.67 -3.34
C GLN A 101 -15.36 7.17 -3.07
N LYS A 102 -16.54 6.61 -2.82
CA LYS A 102 -16.69 5.21 -2.54
C LYS A 102 -16.51 4.36 -3.81
N VAL A 103 -15.54 3.46 -3.77
CA VAL A 103 -15.26 2.59 -4.91
C VAL A 103 -15.97 1.25 -4.77
N GLU A 104 -16.07 0.51 -5.86
CA GLU A 104 -16.71 -0.79 -5.85
C GLU A 104 -15.87 -1.80 -5.09
N LYS A 105 -16.50 -2.50 -4.14
CA LYS A 105 -15.79 -3.49 -3.34
C LYS A 105 -15.10 -4.51 -4.24
N ASN A 106 -14.13 -5.22 -3.67
CA ASN A 106 -13.35 -6.23 -4.38
C ASN A 106 -13.10 -5.85 -5.83
N SER A 107 -12.96 -4.55 -6.07
CA SER A 107 -12.71 -4.04 -7.41
C SER A 107 -11.30 -3.45 -7.52
N ASN A 108 -10.68 -3.60 -8.68
CA ASN A 108 -9.34 -3.07 -8.90
C ASN A 108 -9.39 -1.64 -9.40
N GLN A 109 -8.60 -0.77 -8.79
CA GLN A 109 -8.56 0.63 -9.18
C GLN A 109 -7.11 1.08 -9.38
N LEU A 110 -6.90 2.04 -10.27
CA LEU A 110 -5.57 2.55 -10.55
C LEU A 110 -5.07 3.39 -9.38
N LEU A 111 -4.06 2.89 -8.69
CA LEU A 111 -3.49 3.58 -7.54
C LEU A 111 -3.06 5.00 -7.91
N SER A 112 -3.00 5.85 -6.90
CA SER A 112 -2.61 7.24 -7.07
C SER A 112 -1.43 7.59 -6.17
N GLN A 113 -0.64 8.58 -6.58
CA GLN A 113 0.52 9.00 -5.81
C GLN A 113 0.09 9.73 -4.54
N GLY A 114 0.51 9.20 -3.40
CA GLY A 114 0.15 9.80 -2.13
C GLY A 114 -1.34 9.76 -1.87
N ASP A 115 -2.05 8.89 -2.59
CA ASP A 115 -3.49 8.76 -2.45
C ASP A 115 -3.85 8.43 -1.00
N GLU A 116 -5.15 8.42 -0.73
CA GLU A 116 -5.63 8.10 0.61
C GLU A 116 -6.95 7.34 0.56
N ILE A 117 -7.05 6.29 1.37
CA ILE A 117 -8.25 5.48 1.43
C ILE A 117 -9.00 5.73 2.74
N THR A 118 -10.29 6.03 2.64
CA THR A 118 -11.11 6.28 3.81
C THR A 118 -12.00 5.08 4.10
N VAL A 119 -12.19 4.77 5.37
CA VAL A 119 -13.00 3.62 5.75
C VAL A 119 -13.86 3.91 6.98
N GLY A 120 -14.93 3.13 7.14
CA GLY A 120 -15.82 3.29 8.26
C GLY A 120 -16.81 4.41 8.04
N VAL A 121 -17.36 4.48 6.85
CA VAL A 121 -18.31 5.51 6.50
C VAL A 121 -19.73 5.15 6.94
N GLY A 122 -20.42 6.17 7.42
CA GLY A 122 -21.77 6.02 7.90
C GLY A 122 -21.99 6.94 9.08
N VAL A 123 -20.97 7.00 9.92
CA VAL A 123 -20.97 7.85 11.09
C VAL A 123 -19.71 8.73 11.06
N GLU A 124 -19.89 10.04 11.05
CA GLU A 124 -18.77 10.97 10.99
C GLU A 124 -17.72 10.64 12.06
N SER A 125 -18.16 9.99 13.13
CA SER A 125 -17.26 9.63 14.22
C SER A 125 -16.69 8.21 14.06
N ASP A 126 -16.96 7.55 12.94
CA ASP A 126 -16.46 6.20 12.74
C ASP A 126 -15.74 6.01 11.41
N ILE A 127 -15.20 7.09 10.91
CA ILE A 127 -14.45 7.05 9.67
C ILE A 127 -12.95 7.20 9.93
N LEU A 128 -12.18 6.43 9.19
CA LEU A 128 -10.72 6.44 9.31
C LEU A 128 -10.07 6.70 7.95
N SER A 129 -9.08 7.59 7.93
CA SER A 129 -8.39 7.93 6.70
C SER A 129 -6.96 7.40 6.69
N LEU A 130 -6.58 6.77 5.58
CA LEU A 130 -5.25 6.21 5.43
C LEU A 130 -4.60 6.70 4.14
N VAL A 131 -3.33 7.11 4.22
CA VAL A 131 -2.61 7.59 3.04
C VAL A 131 -1.51 6.62 2.63
N ILE A 132 -1.41 6.37 1.32
CA ILE A 132 -0.44 5.46 0.79
C ILE A 132 0.68 6.22 0.09
N PHE A 133 1.92 5.83 0.36
CA PHE A 133 3.09 6.47 -0.26
C PHE A 133 3.84 5.50 -1.16
N ILE A 134 3.93 5.83 -2.43
CA ILE A 134 4.62 4.98 -3.40
C ILE A 134 6.12 5.25 -3.41
N ASN A 135 6.91 4.18 -3.39
CA ASN A 135 8.37 4.30 -3.40
C ASN A 135 8.87 4.67 -4.79
N ASP A 136 9.47 5.85 -4.91
CA ASP A 136 10.00 6.32 -6.18
C ASP A 136 11.02 5.33 -6.75
N LYS A 137 11.75 4.67 -5.86
CA LYS A 137 12.76 3.70 -6.27
C LYS A 137 12.12 2.58 -7.08
N PHE A 138 11.01 2.06 -6.58
CA PHE A 138 10.30 0.98 -7.25
C PHE A 138 9.88 1.40 -8.66
N LYS A 139 9.35 2.61 -8.78
CA LYS A 139 8.90 3.13 -10.07
C LYS A 139 10.09 3.30 -11.03
N GLN A 140 11.21 3.77 -10.50
CA GLN A 140 12.41 3.99 -11.30
C GLN A 140 12.86 2.69 -11.97
N CYS A 141 12.87 1.61 -11.19
CA CYS A 141 13.28 0.30 -11.70
C CYS A 141 12.32 -0.19 -12.77
N LEU A 142 11.03 -0.05 -12.50
CA LEU A 142 10.00 -0.50 -13.44
C LEU A 142 10.05 0.32 -14.72
N GLU A 143 10.36 1.60 -14.59
CA GLU A 143 10.44 2.49 -15.74
C GLU A 143 11.60 2.09 -16.66
N GLN A 144 12.67 1.59 -16.07
CA GLN A 144 13.84 1.17 -16.82
C GLN A 144 13.73 -0.31 -17.22
N ASN A 145 13.15 -1.11 -16.33
CA ASN A 145 12.97 -2.54 -16.58
C ASN A 145 14.22 -3.16 -17.21
N LYS A 146 15.11 -3.66 -16.37
CA LYS A 146 16.35 -4.28 -16.85
C LYS A 146 16.07 -5.67 -17.44
N VAL A 147 16.37 -5.84 -18.72
CA VAL A 147 16.16 -7.11 -19.39
C VAL A 147 17.30 -8.09 -19.11
N ASP A 148 16.95 -9.27 -18.62
CA ASP A 148 17.95 -10.29 -18.32
C ASP A 148 18.63 -10.79 -19.58
N ARG A 149 17.87 -10.86 -20.67
CA ARG A 149 18.40 -11.33 -21.94
C ARG A 149 19.51 -10.40 -22.44
N ILE A 150 20.63 -10.99 -22.85
CA ILE A 150 21.76 -10.22 -23.34
C ILE A 150 21.74 -10.14 -24.87
N ARG A 151 21.58 -8.93 -25.39
CA ARG A 151 21.55 -8.71 -26.83
C ARG A 151 20.39 -9.47 -27.46
N ALA A 1 30.88 8.54 14.63
CA ALA A 1 29.72 7.77 14.20
C ALA A 1 28.75 7.56 15.35
N THR A 2 27.70 6.77 15.09
CA THR A 2 26.69 6.48 16.12
C THR A 2 25.85 7.71 16.41
N GLN A 3 26.48 8.75 16.94
CA GLN A 3 25.78 9.99 17.27
C GLN A 3 25.14 10.61 16.03
N ARG A 4 25.80 10.44 14.89
CA ARG A 4 25.29 10.98 13.63
C ARG A 4 24.03 10.25 13.19
N PHE A 5 24.02 8.94 13.40
CA PHE A 5 22.87 8.12 13.03
C PHE A 5 21.59 8.62 13.71
N LEU A 6 21.73 8.99 14.99
CA LEU A 6 20.60 9.49 15.75
C LEU A 6 20.01 10.72 15.10
N ILE A 7 20.87 11.53 14.47
CA ILE A 7 20.43 12.73 13.79
C ILE A 7 19.69 12.41 12.50
N GLU A 8 20.15 11.35 11.82
CA GLU A 8 19.53 10.93 10.58
C GLU A 8 18.05 10.63 10.78
N LYS A 9 17.72 10.11 11.95
CA LYS A 9 16.34 9.75 12.28
C LYS A 9 15.42 10.98 12.19
N PHE A 10 15.98 12.16 12.37
CA PHE A 10 15.21 13.40 12.30
C PHE A 10 14.49 13.51 10.96
N SER A 11 15.24 13.30 9.89
CA SER A 11 14.71 13.38 8.55
C SER A 11 13.99 12.08 8.16
N GLN A 12 14.32 11.00 8.85
CA GLN A 12 13.71 9.71 8.59
C GLN A 12 14.18 9.14 7.25
N GLU A 13 15.16 8.25 7.30
CA GLU A 13 15.70 7.65 6.08
C GLU A 13 14.63 6.83 5.36
N GLN A 14 14.51 7.06 4.06
CA GLN A 14 13.53 6.35 3.25
C GLN A 14 14.08 5.01 2.78
N ILE A 15 13.50 3.93 3.29
CA ILE A 15 13.94 2.59 2.93
C ILE A 15 13.32 2.14 1.62
N GLY A 16 14.14 1.50 0.82
CA GLY A 16 13.71 1.01 -0.48
C GLY A 16 14.39 -0.29 -0.87
N GLU A 17 14.42 -1.24 0.06
CA GLU A 17 15.05 -2.53 -0.20
C GLU A 17 14.38 -3.22 -1.39
N ASN A 18 13.06 -3.16 -1.42
CA ASN A 18 12.28 -3.78 -2.49
C ASN A 18 10.83 -3.45 -2.24
N ILE A 19 10.63 -2.25 -1.73
CA ILE A 19 9.34 -1.77 -1.36
C ILE A 19 8.51 -1.35 -2.56
N VAL A 20 7.25 -1.74 -2.52
CA VAL A 20 6.31 -1.45 -3.56
C VAL A 20 5.59 -0.13 -3.25
N CYS A 21 4.93 -0.12 -2.10
CA CYS A 21 4.20 1.05 -1.64
C CYS A 21 4.17 1.09 -0.11
N ARG A 22 3.80 2.23 0.45
CA ARG A 22 3.75 2.39 1.90
C ARG A 22 2.40 2.94 2.35
N VAL A 23 1.86 2.40 3.43
CA VAL A 23 0.59 2.84 3.97
C VAL A 23 0.78 3.66 5.25
N ILE A 24 0.29 4.89 5.23
CA ILE A 24 0.42 5.78 6.38
C ILE A 24 -0.94 6.30 6.85
N CYS A 25 -1.26 6.06 8.11
CA CYS A 25 -2.53 6.52 8.68
C CYS A 25 -2.42 7.99 9.06
N THR A 26 -3.08 8.85 8.28
CA THR A 26 -3.05 10.29 8.53
C THR A 26 -3.84 10.68 9.77
N THR A 27 -4.86 9.88 10.11
CA THR A 27 -5.69 10.16 11.27
C THR A 27 -5.01 9.70 12.56
N GLY A 28 -3.85 9.09 12.43
CA GLY A 28 -3.11 8.63 13.59
C GLY A 28 -3.86 7.57 14.38
N GLN A 29 -3.80 6.34 13.90
CA GLN A 29 -4.46 5.22 14.56
C GLN A 29 -3.67 3.93 14.40
N ILE A 30 -3.14 3.72 13.20
CA ILE A 30 -2.36 2.52 12.90
C ILE A 30 -0.93 2.87 12.48
N PRO A 31 0.05 2.05 12.88
CA PRO A 31 1.46 2.29 12.54
C PRO A 31 1.74 2.06 11.06
N ILE A 32 2.65 2.85 10.51
CA ILE A 32 3.00 2.74 9.10
C ILE A 32 3.60 1.39 8.76
N ARG A 33 3.09 0.78 7.70
CA ARG A 33 3.58 -0.52 7.23
C ARG A 33 4.18 -0.39 5.83
N ASP A 34 5.21 -1.17 5.55
CA ASP A 34 5.86 -1.12 4.24
C ASP A 34 5.48 -2.31 3.38
N LEU A 35 4.87 -2.02 2.24
CA LEU A 35 4.47 -3.07 1.30
C LEU A 35 5.60 -3.28 0.29
N SER A 36 6.07 -4.51 0.15
CA SER A 36 7.15 -4.77 -0.78
C SER A 36 6.93 -6.00 -1.62
N ALA A 37 7.61 -5.99 -2.76
CA ALA A 37 7.56 -7.11 -3.70
C ALA A 37 8.86 -7.22 -4.47
N ASP A 38 9.30 -8.45 -4.72
CA ASP A 38 10.54 -8.69 -5.44
C ASP A 38 10.37 -8.43 -6.94
N ILE A 39 11.21 -7.55 -7.47
CA ILE A 39 11.18 -7.19 -8.89
C ILE A 39 11.51 -8.37 -9.80
N SER A 40 12.52 -9.15 -9.41
CA SER A 40 12.95 -10.28 -10.21
C SER A 40 11.82 -11.28 -10.41
N GLN A 41 11.08 -11.52 -9.34
CA GLN A 41 9.96 -12.44 -9.37
C GLN A 41 8.82 -11.88 -10.22
N VAL A 42 8.62 -10.58 -10.15
CA VAL A 42 7.58 -9.91 -10.92
C VAL A 42 7.89 -9.95 -12.41
N LEU A 43 9.17 -9.77 -12.75
CA LEU A 43 9.60 -9.78 -14.14
C LEU A 43 9.52 -11.19 -14.72
N LYS A 44 9.70 -12.19 -13.87
CA LYS A 44 9.64 -13.58 -14.31
C LYS A 44 8.20 -14.08 -14.34
N GLU A 45 7.44 -13.73 -13.31
CA GLU A 45 6.04 -14.15 -13.23
C GLU A 45 5.23 -13.56 -14.38
N LYS A 46 4.49 -14.42 -15.07
CA LYS A 46 3.66 -13.99 -16.19
C LYS A 46 2.18 -14.08 -15.85
N ARG A 47 1.86 -13.90 -14.58
CA ARG A 47 0.48 -13.96 -14.11
C ARG A 47 -0.18 -12.59 -14.16
N SER A 48 -1.43 -12.52 -13.73
CA SER A 48 -2.17 -11.27 -13.73
C SER A 48 -1.77 -10.39 -12.55
N ILE A 49 -1.42 -11.02 -11.43
CA ILE A 49 -1.02 -10.29 -10.24
C ILE A 49 0.24 -10.91 -9.62
N LYS A 50 0.93 -10.13 -8.79
CA LYS A 50 2.16 -10.59 -8.15
C LYS A 50 1.95 -10.84 -6.65
N LYS A 51 1.79 -9.77 -5.88
CA LYS A 51 1.61 -9.89 -4.43
C LYS A 51 0.64 -8.84 -3.90
N VAL A 52 -0.42 -9.30 -3.24
CA VAL A 52 -1.41 -8.40 -2.69
C VAL A 52 -1.41 -8.36 -1.17
N TRP A 53 -1.59 -7.16 -0.67
CA TRP A 53 -1.63 -6.90 0.78
C TRP A 53 -3.05 -6.74 1.29
N THR A 54 -3.32 -7.30 2.48
CA THR A 54 -4.64 -7.17 3.09
C THR A 54 -4.54 -6.30 4.34
N PHE A 55 -5.46 -5.36 4.47
CA PHE A 55 -5.48 -4.44 5.62
C PHE A 55 -6.78 -4.55 6.40
N GLY A 56 -6.67 -4.39 7.72
CA GLY A 56 -7.85 -4.46 8.58
C GLY A 56 -7.49 -4.71 10.03
N ARG A 57 -8.50 -5.01 10.85
CA ARG A 57 -8.27 -5.27 12.27
C ARG A 57 -7.90 -6.73 12.51
N ASN A 58 -7.68 -7.49 11.45
CA ASN A 58 -7.31 -8.89 11.56
C ASN A 58 -5.80 -9.04 11.76
N PRO A 59 -5.37 -9.88 12.72
CA PRO A 59 -3.95 -10.10 12.99
C PRO A 59 -3.25 -10.79 11.81
N ALA A 60 -4.05 -11.32 10.89
CA ALA A 60 -3.52 -11.98 9.72
C ALA A 60 -3.20 -10.95 8.67
N CYS A 61 -4.14 -10.03 8.52
CA CYS A 61 -4.02 -8.96 7.57
C CYS A 61 -2.64 -8.37 7.58
N ASP A 62 -2.14 -8.09 6.40
CA ASP A 62 -0.83 -7.50 6.25
C ASP A 62 -0.76 -6.18 7.02
N TYR A 63 -1.93 -5.61 7.33
CA TYR A 63 -1.99 -4.34 8.06
C TYR A 63 -2.94 -4.45 9.25
N HIS A 64 -2.37 -4.57 10.45
CA HIS A 64 -3.17 -4.69 11.67
C HIS A 64 -3.54 -3.31 12.21
N LEU A 65 -4.84 -3.06 12.34
CA LEU A 65 -5.32 -1.78 12.84
C LEU A 65 -5.80 -1.90 14.30
N GLY A 66 -6.89 -2.63 14.50
CA GLY A 66 -7.41 -2.81 15.84
C GLY A 66 -8.57 -3.79 15.89
N ASN A 67 -9.78 -3.27 15.90
CA ASN A 67 -10.99 -4.11 15.95
C ASN A 67 -12.25 -3.25 15.90
N ILE A 68 -12.26 -2.30 14.97
CA ILE A 68 -13.41 -1.41 14.81
C ILE A 68 -14.56 -2.13 14.10
N SER A 69 -15.77 -1.96 14.63
CA SER A 69 -16.96 -2.59 14.06
C SER A 69 -17.26 -2.06 12.66
N ARG A 70 -17.11 -0.75 12.48
CA ARG A 70 -17.36 -0.12 11.19
C ARG A 70 -16.45 -0.70 10.11
N LEU A 71 -15.30 -1.21 10.54
CA LEU A 71 -14.35 -1.81 9.61
C LEU A 71 -14.34 -3.33 9.74
N SER A 72 -13.99 -4.00 8.65
CA SER A 72 -13.97 -5.47 8.65
C SER A 72 -12.55 -6.01 8.85
N ASN A 73 -12.45 -7.24 9.40
CA ASN A 73 -11.16 -7.89 9.65
C ASN A 73 -10.13 -7.45 8.61
N LYS A 74 -10.51 -7.60 7.36
CA LYS A 74 -9.69 -7.17 6.23
C LYS A 74 -10.49 -6.15 5.46
N HIS A 75 -10.40 -4.91 5.91
CA HIS A 75 -11.15 -3.83 5.32
C HIS A 75 -10.79 -3.59 3.87
N PHE A 76 -9.51 -3.56 3.59
CA PHE A 76 -9.07 -3.32 2.21
C PHE A 76 -7.84 -4.14 1.85
N GLN A 77 -7.62 -4.30 0.55
CA GLN A 77 -6.48 -5.08 0.05
C GLN A 77 -5.79 -4.37 -1.11
N ILE A 78 -4.46 -4.46 -1.19
CA ILE A 78 -3.73 -3.81 -2.28
C ILE A 78 -2.91 -4.83 -3.07
N LEU A 79 -3.00 -4.78 -4.40
CA LEU A 79 -2.26 -5.71 -5.25
C LEU A 79 -1.41 -4.99 -6.28
N LEU A 80 -0.21 -5.53 -6.51
CA LEU A 80 0.70 -4.95 -7.49
C LEU A 80 1.12 -6.02 -8.51
N GLY A 81 1.06 -5.65 -9.79
CA GLY A 81 1.43 -6.59 -10.84
C GLY A 81 1.04 -6.10 -12.22
N GLU A 82 0.52 -7.00 -13.04
CA GLU A 82 0.10 -6.67 -14.40
C GLU A 82 1.30 -6.26 -15.26
N ASP A 83 1.77 -5.04 -15.06
CA ASP A 83 2.91 -4.53 -15.82
C ASP A 83 3.91 -3.85 -14.89
N GLY A 84 3.41 -3.00 -14.00
CA GLY A 84 4.28 -2.30 -13.07
C GLY A 84 3.52 -1.40 -12.12
N ASN A 85 2.45 -0.78 -12.62
CA ASN A 85 1.63 0.11 -11.80
C ASN A 85 1.06 -0.64 -10.60
N LEU A 86 0.46 0.11 -9.68
CA LEU A 86 -0.14 -0.48 -8.48
C LEU A 86 -1.66 -0.44 -8.56
N LEU A 87 -2.30 -1.37 -7.84
CA LEU A 87 -3.75 -1.44 -7.82
C LEU A 87 -4.26 -1.54 -6.38
N LEU A 88 -5.38 -0.89 -6.11
CA LEU A 88 -5.97 -0.90 -4.77
C LEU A 88 -7.30 -1.63 -4.80
N ASN A 89 -7.44 -2.65 -3.97
CA ASN A 89 -8.67 -3.43 -3.92
C ASN A 89 -9.37 -3.30 -2.58
N ASP A 90 -10.60 -2.80 -2.62
CA ASP A 90 -11.40 -2.65 -1.41
C ASP A 90 -12.02 -4.00 -1.03
N ILE A 91 -12.00 -4.34 0.26
CA ILE A 91 -12.56 -5.61 0.71
C ILE A 91 -13.22 -5.50 2.07
N SER A 92 -13.94 -4.40 2.31
CA SER A 92 -14.60 -4.17 3.58
C SER A 92 -16.06 -4.58 3.52
N THR A 93 -16.65 -4.76 4.68
CA THR A 93 -18.06 -5.12 4.79
C THR A 93 -18.94 -3.95 4.36
N ASN A 94 -18.56 -2.73 4.77
CA ASN A 94 -19.34 -1.53 4.44
C ASN A 94 -18.76 -0.76 3.25
N GLY A 95 -17.48 -0.99 2.91
CA GLY A 95 -16.91 -0.30 1.78
C GLY A 95 -15.62 0.45 2.10
N THR A 96 -14.88 0.75 1.04
CA THR A 96 -13.61 1.47 1.14
C THR A 96 -13.73 2.78 0.37
N TRP A 97 -13.20 3.86 0.93
CA TRP A 97 -13.30 5.16 0.29
C TRP A 97 -11.97 5.70 -0.21
N LEU A 98 -12.07 6.46 -1.30
CA LEU A 98 -10.92 7.12 -1.89
C LEU A 98 -11.21 8.61 -1.97
N ASN A 99 -10.47 9.39 -1.20
CA ASN A 99 -10.64 10.84 -1.16
C ASN A 99 -12.12 11.26 -1.10
N GLY A 100 -12.90 10.56 -0.26
CA GLY A 100 -14.29 10.89 -0.11
C GLY A 100 -15.19 10.20 -1.11
N GLN A 101 -14.60 9.56 -2.11
CA GLN A 101 -15.38 8.86 -3.12
C GLN A 101 -15.34 7.36 -2.90
N LYS A 102 -16.50 6.77 -2.64
CA LYS A 102 -16.61 5.35 -2.41
C LYS A 102 -16.45 4.56 -3.70
N VAL A 103 -15.53 3.59 -3.68
CA VAL A 103 -15.27 2.77 -4.85
C VAL A 103 -15.97 1.42 -4.75
N GLU A 104 -16.03 0.69 -5.87
CA GLU A 104 -16.67 -0.61 -5.90
C GLU A 104 -15.85 -1.63 -5.12
N LYS A 105 -16.49 -2.31 -4.17
CA LYS A 105 -15.80 -3.32 -3.37
C LYS A 105 -15.13 -4.35 -4.26
N ASN A 106 -14.19 -5.08 -3.68
CA ASN A 106 -13.42 -6.12 -4.39
C ASN A 106 -13.10 -5.71 -5.83
N SER A 107 -12.94 -4.42 -6.03
CA SER A 107 -12.61 -3.87 -7.34
C SER A 107 -11.20 -3.28 -7.35
N ASN A 108 -10.50 -3.43 -8.47
CA ASN A 108 -9.15 -2.91 -8.59
C ASN A 108 -9.16 -1.52 -9.22
N GLN A 109 -8.37 -0.62 -8.63
CA GLN A 109 -8.28 0.74 -9.14
C GLN A 109 -6.81 1.14 -9.32
N LEU A 110 -6.56 2.05 -10.25
CA LEU A 110 -5.20 2.50 -10.51
C LEU A 110 -4.71 3.39 -9.37
N LEU A 111 -3.65 2.94 -8.71
CA LEU A 111 -3.08 3.68 -7.58
C LEU A 111 -2.80 5.14 -7.94
N SER A 112 -2.78 5.97 -6.91
CA SER A 112 -2.52 7.39 -7.07
C SER A 112 -1.35 7.81 -6.18
N GLN A 113 -0.65 8.87 -6.59
CA GLN A 113 0.50 9.35 -5.82
C GLN A 113 0.03 10.01 -4.52
N GLY A 114 0.56 9.52 -3.40
CA GLY A 114 0.18 10.06 -2.11
C GLY A 114 -1.31 9.98 -1.86
N ASP A 115 -1.97 9.08 -2.59
CA ASP A 115 -3.41 8.91 -2.46
C ASP A 115 -3.79 8.62 -1.01
N GLU A 116 -5.09 8.59 -0.75
CA GLU A 116 -5.59 8.33 0.60
C GLU A 116 -6.87 7.50 0.56
N ILE A 117 -6.95 6.51 1.43
CA ILE A 117 -8.12 5.65 1.50
C ILE A 117 -8.85 5.85 2.83
N THR A 118 -10.15 6.12 2.74
CA THR A 118 -10.97 6.33 3.92
C THR A 118 -11.83 5.09 4.17
N VAL A 119 -11.95 4.69 5.43
CA VAL A 119 -12.71 3.51 5.77
C VAL A 119 -13.53 3.68 7.05
N GLY A 120 -14.57 2.87 7.19
CA GLY A 120 -15.42 2.93 8.36
C GLY A 120 -16.52 3.95 8.20
N VAL A 121 -16.93 4.18 6.97
CA VAL A 121 -17.97 5.15 6.68
C VAL A 121 -19.34 4.68 7.14
N GLY A 122 -20.09 5.64 7.67
CA GLY A 122 -21.41 5.38 8.18
C GLY A 122 -21.73 6.36 9.29
N VAL A 123 -20.71 6.62 10.10
CA VAL A 123 -20.80 7.57 11.19
C VAL A 123 -19.68 8.59 11.06
N GLU A 124 -20.03 9.87 11.13
CA GLU A 124 -19.04 10.94 11.00
C GLU A 124 -17.85 10.72 11.92
N SER A 125 -18.11 10.17 13.11
CA SER A 125 -17.07 9.95 14.08
C SER A 125 -16.49 8.53 14.01
N ASP A 126 -16.89 7.74 13.01
CA ASP A 126 -16.41 6.38 12.90
C ASP A 126 -15.68 6.10 11.59
N ILE A 127 -15.14 7.14 11.03
CA ILE A 127 -14.39 7.04 9.79
C ILE A 127 -12.89 7.22 10.04
N LEU A 128 -12.11 6.40 9.36
CA LEU A 128 -10.66 6.43 9.47
C LEU A 128 -10.02 6.64 8.11
N SER A 129 -9.04 7.53 8.04
CA SER A 129 -8.36 7.81 6.78
C SER A 129 -6.95 7.26 6.74
N LEU A 130 -6.52 6.92 5.55
CA LEU A 130 -5.19 6.37 5.31
C LEU A 130 -4.54 7.02 4.09
N VAL A 131 -3.22 7.01 4.05
CA VAL A 131 -2.48 7.59 2.93
C VAL A 131 -1.55 6.55 2.30
N ILE A 132 -1.47 6.56 0.97
CA ILE A 132 -0.64 5.64 0.25
C ILE A 132 0.61 6.33 -0.30
N PHE A 133 1.77 5.84 0.12
CA PHE A 133 3.04 6.40 -0.33
C PHE A 133 3.71 5.46 -1.32
N ILE A 134 4.06 5.99 -2.49
CA ILE A 134 4.72 5.20 -3.52
C ILE A 134 6.22 5.40 -3.52
N ASN A 135 6.97 4.30 -3.54
CA ASN A 135 8.43 4.38 -3.54
C ASN A 135 8.95 4.77 -4.92
N ASP A 136 9.52 5.97 -5.01
CA ASP A 136 10.06 6.47 -6.27
C ASP A 136 11.14 5.52 -6.81
N LYS A 137 11.89 4.91 -5.90
CA LYS A 137 12.95 3.98 -6.28
C LYS A 137 12.38 2.81 -7.07
N PHE A 138 11.30 2.24 -6.57
CA PHE A 138 10.65 1.11 -7.21
C PHE A 138 10.16 1.48 -8.60
N LYS A 139 9.54 2.65 -8.71
CA LYS A 139 9.02 3.13 -9.99
C LYS A 139 10.15 3.38 -10.97
N GLN A 140 11.28 3.85 -10.47
CA GLN A 140 12.44 4.13 -11.30
C GLN A 140 12.90 2.88 -12.04
N CYS A 141 12.92 1.76 -11.34
CA CYS A 141 13.35 0.49 -11.93
C CYS A 141 12.36 0.04 -13.00
N LEU A 142 11.08 0.11 -12.68
CA LEU A 142 10.03 -0.29 -13.62
C LEU A 142 10.06 0.59 -14.88
N GLU A 143 10.36 1.87 -14.70
CA GLU A 143 10.43 2.80 -15.81
C GLU A 143 11.49 2.36 -16.82
N GLN A 144 12.61 1.87 -16.32
CA GLN A 144 13.70 1.42 -17.18
C GLN A 144 13.50 -0.03 -17.59
N ASN A 145 12.98 -0.84 -16.66
CA ASN A 145 12.73 -2.26 -16.91
C ASN A 145 13.90 -2.92 -17.64
N LYS A 146 13.70 -4.16 -18.06
CA LYS A 146 14.74 -4.90 -18.77
C LYS A 146 14.81 -4.48 -20.23
N VAL A 147 16.03 -4.20 -20.70
CA VAL A 147 16.24 -3.78 -22.09
C VAL A 147 16.52 -4.98 -22.98
N ASP A 148 15.71 -5.14 -24.02
CA ASP A 148 15.88 -6.24 -24.96
C ASP A 148 16.97 -5.93 -25.98
N ARG A 149 17.12 -4.65 -26.31
CA ARG A 149 18.13 -4.21 -27.27
C ARG A 149 18.93 -3.05 -26.73
N ILE A 150 20.26 -3.19 -26.73
CA ILE A 150 21.14 -2.15 -26.23
C ILE A 150 21.46 -1.13 -27.33
N ARG A 151 21.35 0.15 -27.00
CA ARG A 151 21.63 1.22 -27.95
C ARG A 151 20.70 1.13 -29.15
N ALA A 1 29.73 -9.95 22.91
CA ALA A 1 28.64 -10.91 22.99
C ALA A 1 28.01 -11.14 21.61
N THR A 2 27.02 -12.03 21.56
CA THR A 2 26.34 -12.35 20.32
C THR A 2 24.86 -11.96 20.37
N GLN A 3 24.27 -12.13 21.55
CA GLN A 3 22.86 -11.80 21.73
C GLN A 3 22.60 -10.31 21.45
N ARG A 4 23.45 -9.46 21.99
CA ARG A 4 23.30 -8.02 21.81
C ARG A 4 23.59 -7.63 20.35
N PHE A 5 24.54 -8.34 19.74
CA PHE A 5 24.91 -8.07 18.35
C PHE A 5 23.71 -8.24 17.43
N LEU A 6 22.93 -9.29 17.66
CA LEU A 6 21.75 -9.56 16.85
C LEU A 6 20.76 -8.41 16.92
N ILE A 7 20.52 -7.92 18.13
CA ILE A 7 19.59 -6.81 18.34
C ILE A 7 20.12 -5.53 17.72
N GLU A 8 21.44 -5.35 17.76
CA GLU A 8 22.06 -4.15 17.21
C GLU A 8 21.70 -4.00 15.74
N LYS A 9 21.60 -5.13 15.04
CA LYS A 9 21.25 -5.12 13.63
C LYS A 9 19.81 -4.66 13.43
N PHE A 10 19.00 -4.82 14.47
CA PHE A 10 17.59 -4.43 14.42
C PHE A 10 17.44 -2.95 14.05
N SER A 11 18.22 -2.12 14.72
CA SER A 11 18.19 -0.67 14.47
C SER A 11 18.66 -0.36 13.05
N GLN A 12 19.60 -1.15 12.56
CA GLN A 12 20.13 -0.95 11.21
C GLN A 12 19.24 -1.61 10.17
N GLU A 13 18.04 -1.07 9.99
CA GLU A 13 17.10 -1.61 9.02
C GLU A 13 17.35 -1.02 7.62
N GLN A 14 17.44 -1.90 6.63
CA GLN A 14 17.68 -1.47 5.26
C GLN A 14 16.41 -0.95 4.62
N ILE A 15 16.32 0.36 4.45
CA ILE A 15 15.15 0.99 3.85
C ILE A 15 15.21 0.94 2.33
N GLY A 16 14.07 0.64 1.75
CA GLY A 16 13.96 0.54 0.31
C GLY A 16 14.60 -0.72 -0.24
N GLU A 17 14.34 -1.84 0.44
CA GLU A 17 14.90 -3.12 0.03
C GLU A 17 14.22 -3.63 -1.23
N ASN A 18 12.93 -3.38 -1.37
CA ASN A 18 12.17 -3.82 -2.53
C ASN A 18 10.72 -3.43 -2.30
N ILE A 19 10.57 -2.25 -1.73
CA ILE A 19 9.29 -1.72 -1.37
C ILE A 19 8.49 -1.28 -2.58
N VAL A 20 7.21 -1.64 -2.55
CA VAL A 20 6.28 -1.32 -3.58
C VAL A 20 5.58 -0.01 -3.26
N CYS A 21 4.92 -0.02 -2.11
CA CYS A 21 4.19 1.16 -1.63
C CYS A 21 4.22 1.21 -0.10
N ARG A 22 3.87 2.37 0.46
CA ARG A 22 3.86 2.53 1.91
C ARG A 22 2.52 3.07 2.41
N VAL A 23 1.94 2.37 3.37
CA VAL A 23 0.65 2.78 3.94
C VAL A 23 0.85 3.64 5.18
N ILE A 24 0.30 4.85 5.16
CA ILE A 24 0.44 5.77 6.28
C ILE A 24 -0.91 6.33 6.70
N CYS A 25 -1.27 6.12 7.96
CA CYS A 25 -2.54 6.63 8.50
C CYS A 25 -2.39 8.10 8.89
N THR A 26 -3.26 8.94 8.33
CA THR A 26 -3.21 10.37 8.60
C THR A 26 -4.06 10.75 9.81
N THR A 27 -5.07 9.93 10.11
CA THR A 27 -5.95 10.20 11.25
C THR A 27 -5.31 9.76 12.56
N GLY A 28 -4.12 9.17 12.47
CA GLY A 28 -3.42 8.73 13.66
C GLY A 28 -4.16 7.62 14.40
N GLN A 29 -4.12 6.41 13.83
CA GLN A 29 -4.78 5.26 14.43
C GLN A 29 -3.97 3.99 14.21
N ILE A 30 -3.51 3.80 12.98
CA ILE A 30 -2.71 2.64 12.63
C ILE A 30 -1.27 3.04 12.32
N PRO A 31 -0.28 2.23 12.75
CA PRO A 31 1.14 2.52 12.49
C PRO A 31 1.52 2.28 11.04
N ILE A 32 2.41 3.13 10.53
CA ILE A 32 2.86 3.02 9.14
C ILE A 32 3.45 1.63 8.86
N ARG A 33 3.19 1.15 7.65
CA ARG A 33 3.70 -0.16 7.22
C ARG A 33 4.38 -0.05 5.86
N ASP A 34 5.16 -1.05 5.50
CA ASP A 34 5.85 -1.05 4.21
C ASP A 34 5.43 -2.23 3.34
N LEU A 35 4.86 -1.92 2.18
CA LEU A 35 4.44 -2.94 1.23
C LEU A 35 5.56 -3.17 0.23
N SER A 36 6.02 -4.41 0.08
CA SER A 36 7.09 -4.69 -0.86
C SER A 36 6.86 -5.92 -1.68
N ALA A 37 7.51 -5.92 -2.82
CA ALA A 37 7.45 -7.04 -3.76
C ALA A 37 8.73 -7.13 -4.58
N ASP A 38 9.16 -8.36 -4.85
CA ASP A 38 10.38 -8.59 -5.63
C ASP A 38 10.14 -8.31 -7.10
N ILE A 39 11.00 -7.49 -7.69
CA ILE A 39 10.91 -7.13 -9.09
C ILE A 39 11.10 -8.33 -10.02
N SER A 40 12.01 -9.22 -9.63
CA SER A 40 12.32 -10.40 -10.43
C SER A 40 11.06 -11.22 -10.66
N GLN A 41 10.26 -11.36 -9.62
CA GLN A 41 9.03 -12.12 -9.70
C GLN A 41 8.00 -11.42 -10.59
N VAL A 42 7.85 -10.12 -10.37
CA VAL A 42 6.90 -9.33 -11.15
C VAL A 42 7.29 -9.29 -12.63
N LEU A 43 8.60 -9.21 -12.89
CA LEU A 43 9.09 -9.15 -14.25
C LEU A 43 8.93 -10.50 -14.96
N LYS A 44 9.22 -11.59 -14.24
CA LYS A 44 9.10 -12.93 -14.81
C LYS A 44 7.64 -13.37 -14.87
N GLU A 45 6.88 -13.06 -13.83
CA GLU A 45 5.48 -13.43 -13.77
C GLU A 45 4.68 -12.76 -14.89
N LYS A 46 3.90 -13.55 -15.61
CA LYS A 46 3.09 -13.04 -16.71
C LYS A 46 1.61 -13.04 -16.35
N ARG A 47 1.32 -12.72 -15.10
CA ARG A 47 -0.07 -12.67 -14.62
C ARG A 47 -0.52 -11.23 -14.39
N SER A 48 -1.81 -11.06 -14.14
CA SER A 48 -2.37 -9.74 -13.90
C SER A 48 -1.95 -9.19 -12.55
N ILE A 49 -1.88 -10.08 -11.55
CA ILE A 49 -1.48 -9.69 -10.21
C ILE A 49 -0.26 -10.48 -9.76
N LYS A 50 0.61 -9.82 -9.00
CA LYS A 50 1.83 -10.45 -8.51
C LYS A 50 1.76 -10.65 -6.99
N LYS A 51 1.60 -9.55 -6.26
CA LYS A 51 1.52 -9.60 -4.81
C LYS A 51 0.47 -8.62 -4.29
N VAL A 52 -0.41 -9.10 -3.43
CA VAL A 52 -1.46 -8.26 -2.87
C VAL A 52 -1.45 -8.24 -1.36
N TRP A 53 -1.65 -7.05 -0.80
CA TRP A 53 -1.68 -6.86 0.65
C TRP A 53 -3.10 -6.76 1.18
N THR A 54 -3.35 -7.38 2.33
CA THR A 54 -4.66 -7.31 2.96
C THR A 54 -4.59 -6.49 4.24
N PHE A 55 -5.49 -5.53 4.38
CA PHE A 55 -5.53 -4.66 5.55
C PHE A 55 -6.86 -4.79 6.29
N GLY A 56 -6.82 -4.67 7.61
CA GLY A 56 -8.04 -4.77 8.38
C GLY A 56 -7.79 -5.02 9.86
N ARG A 57 -8.86 -5.36 10.58
CA ARG A 57 -8.79 -5.63 12.01
C ARG A 57 -8.26 -7.03 12.31
N ASN A 58 -7.95 -7.79 11.26
CA ASN A 58 -7.44 -9.15 11.43
C ASN A 58 -5.93 -9.14 11.64
N PRO A 59 -5.44 -9.88 12.66
CA PRO A 59 -4.00 -9.96 12.96
C PRO A 59 -3.24 -10.68 11.85
N ALA A 60 -3.97 -11.34 10.97
CA ALA A 60 -3.38 -12.04 9.85
C ALA A 60 -3.11 -11.06 8.74
N CYS A 61 -4.11 -10.20 8.54
CA CYS A 61 -4.04 -9.18 7.53
C CYS A 61 -2.67 -8.55 7.51
N ASP A 62 -2.21 -8.26 6.32
CA ASP A 62 -0.91 -7.64 6.15
C ASP A 62 -0.86 -6.33 6.94
N TYR A 63 -2.03 -5.79 7.30
CA TYR A 63 -2.09 -4.55 8.07
C TYR A 63 -3.00 -4.68 9.28
N HIS A 64 -2.50 -4.31 10.45
CA HIS A 64 -3.29 -4.38 11.67
C HIS A 64 -3.70 -2.98 12.12
N LEU A 65 -4.98 -2.67 11.97
CA LEU A 65 -5.51 -1.36 12.35
C LEU A 65 -5.57 -1.20 13.86
N GLY A 66 -6.49 -1.93 14.51
CA GLY A 66 -6.63 -1.84 15.94
C GLY A 66 -7.87 -2.55 16.45
N ASN A 67 -8.97 -1.83 16.53
CA ASN A 67 -10.23 -2.40 17.00
C ASN A 67 -11.42 -1.51 16.65
N ILE A 68 -11.65 -1.33 15.35
CA ILE A 68 -12.75 -0.51 14.88
C ILE A 68 -13.90 -1.38 14.36
N SER A 69 -15.02 -1.38 15.08
CA SER A 69 -16.18 -2.17 14.70
C SER A 69 -16.63 -1.84 13.28
N ARG A 70 -16.54 -0.56 12.92
CA ARG A 70 -16.93 -0.11 11.59
C ARG A 70 -16.08 -0.76 10.50
N LEU A 71 -14.93 -1.30 10.89
CA LEU A 71 -14.04 -1.95 9.94
C LEU A 71 -14.12 -3.47 10.04
N SER A 72 -13.85 -4.16 8.93
CA SER A 72 -13.90 -5.61 8.90
C SER A 72 -12.51 -6.23 9.11
N ASN A 73 -12.48 -7.54 9.36
CA ASN A 73 -11.21 -8.26 9.54
C ASN A 73 -10.19 -7.79 8.52
N LYS A 74 -10.56 -7.96 7.26
CA LYS A 74 -9.75 -7.53 6.14
C LYS A 74 -10.53 -6.45 5.42
N HIS A 75 -10.43 -5.24 5.94
CA HIS A 75 -11.17 -4.10 5.41
C HIS A 75 -10.85 -3.83 3.97
N PHE A 76 -9.58 -3.81 3.64
CA PHE A 76 -9.17 -3.53 2.25
C PHE A 76 -7.92 -4.31 1.86
N GLN A 77 -7.70 -4.44 0.55
CA GLN A 77 -6.55 -5.17 0.03
C GLN A 77 -5.89 -4.40 -1.11
N ILE A 78 -4.56 -4.47 -1.21
CA ILE A 78 -3.86 -3.77 -2.28
C ILE A 78 -3.10 -4.76 -3.17
N LEU A 79 -3.36 -4.72 -4.48
CA LEU A 79 -2.70 -5.63 -5.41
C LEU A 79 -1.59 -4.92 -6.18
N LEU A 80 -0.59 -5.70 -6.58
CA LEU A 80 0.55 -5.16 -7.33
C LEU A 80 0.73 -5.94 -8.63
N GLY A 81 0.70 -5.24 -9.76
CA GLY A 81 0.87 -5.89 -11.04
C GLY A 81 0.99 -4.89 -12.19
N GLU A 82 0.58 -5.32 -13.38
CA GLU A 82 0.65 -4.46 -14.56
C GLU A 82 2.08 -4.00 -14.83
N ASP A 83 2.24 -3.11 -15.79
CA ASP A 83 3.55 -2.59 -16.15
C ASP A 83 3.94 -1.42 -15.26
N GLY A 84 4.60 -1.72 -14.14
CA GLY A 84 5.01 -0.68 -13.23
C GLY A 84 3.84 0.13 -12.69
N ASN A 85 2.86 -0.57 -12.13
CA ASN A 85 1.69 0.10 -11.58
C ASN A 85 1.09 -0.71 -10.42
N LEU A 86 0.37 -0.03 -9.54
CA LEU A 86 -0.25 -0.67 -8.39
C LEU A 86 -1.76 -0.63 -8.49
N LEU A 87 -2.43 -1.51 -7.75
CA LEU A 87 -3.87 -1.57 -7.76
C LEU A 87 -4.42 -1.61 -6.33
N LEU A 88 -5.57 -0.99 -6.13
CA LEU A 88 -6.19 -0.95 -4.81
C LEU A 88 -7.49 -1.75 -4.83
N ASN A 89 -7.57 -2.77 -3.98
CA ASN A 89 -8.76 -3.60 -3.93
C ASN A 89 -9.47 -3.49 -2.59
N ASP A 90 -10.69 -2.96 -2.62
CA ASP A 90 -11.48 -2.82 -1.40
C ASP A 90 -12.10 -4.16 -1.03
N ILE A 91 -12.13 -4.47 0.27
CA ILE A 91 -12.67 -5.74 0.73
C ILE A 91 -13.31 -5.62 2.12
N SER A 92 -13.98 -4.50 2.38
CA SER A 92 -14.59 -4.28 3.67
C SER A 92 -16.08 -4.62 3.67
N THR A 93 -16.58 -5.00 4.83
CA THR A 93 -17.99 -5.30 4.99
C THR A 93 -18.82 -4.02 4.84
N ASN A 94 -18.23 -2.90 5.25
CA ASN A 94 -18.91 -1.61 5.20
C ASN A 94 -18.53 -0.79 3.97
N GLY A 95 -17.39 -1.10 3.35
CA GLY A 95 -16.97 -0.37 2.18
C GLY A 95 -15.66 0.37 2.35
N THR A 96 -15.01 0.64 1.23
CA THR A 96 -13.73 1.36 1.20
C THR A 96 -13.90 2.66 0.43
N TRP A 97 -13.32 3.74 0.95
CA TRP A 97 -13.47 5.04 0.30
C TRP A 97 -12.16 5.60 -0.22
N LEU A 98 -12.28 6.36 -1.31
CA LEU A 98 -11.16 7.03 -1.91
C LEU A 98 -11.46 8.52 -1.99
N ASN A 99 -10.70 9.32 -1.24
CA ASN A 99 -10.88 10.77 -1.21
C ASN A 99 -12.36 11.17 -1.11
N GLY A 100 -13.12 10.48 -0.25
CA GLY A 100 -14.50 10.81 -0.06
C GLY A 100 -15.42 10.10 -1.04
N GLN A 101 -14.85 9.49 -2.08
CA GLN A 101 -15.66 8.79 -3.06
C GLN A 101 -15.53 7.28 -2.87
N LYS A 102 -16.66 6.65 -2.59
CA LYS A 102 -16.71 5.22 -2.37
C LYS A 102 -16.50 4.46 -3.68
N VAL A 103 -15.61 3.47 -3.64
CA VAL A 103 -15.32 2.65 -4.82
C VAL A 103 -16.03 1.31 -4.73
N GLU A 104 -16.09 0.60 -5.85
CA GLU A 104 -16.73 -0.72 -5.90
C GLU A 104 -15.91 -1.74 -5.12
N LYS A 105 -16.54 -2.42 -4.17
CA LYS A 105 -15.85 -3.42 -3.37
C LYS A 105 -15.16 -4.46 -4.27
N ASN A 106 -14.23 -5.19 -3.69
CA ASN A 106 -13.46 -6.22 -4.40
C ASN A 106 -13.20 -5.83 -5.85
N SER A 107 -13.01 -4.54 -6.08
CA SER A 107 -12.74 -4.02 -7.42
C SER A 107 -11.31 -3.49 -7.52
N ASN A 108 -10.71 -3.66 -8.69
CA ASN A 108 -9.34 -3.19 -8.92
C ASN A 108 -9.34 -1.75 -9.39
N GLN A 109 -8.50 -0.93 -8.78
CA GLN A 109 -8.38 0.48 -9.14
C GLN A 109 -6.92 0.86 -9.38
N LEU A 110 -6.71 1.83 -10.25
CA LEU A 110 -5.35 2.28 -10.56
C LEU A 110 -4.80 3.10 -9.39
N LEU A 111 -3.53 2.83 -9.05
CA LEU A 111 -2.89 3.53 -7.95
C LEU A 111 -2.79 5.03 -8.22
N SER A 112 -2.77 5.79 -7.13
CA SER A 112 -2.66 7.23 -7.20
C SER A 112 -1.49 7.72 -6.36
N GLN A 113 -0.91 8.86 -6.73
CA GLN A 113 0.21 9.42 -5.99
C GLN A 113 -0.26 9.97 -4.65
N GLY A 114 0.33 9.46 -3.57
CA GLY A 114 -0.05 9.91 -2.25
C GLY A 114 -1.54 9.71 -1.98
N ASP A 115 -2.14 8.77 -2.71
CA ASP A 115 -3.56 8.48 -2.58
C ASP A 115 -3.95 8.29 -1.13
N GLU A 116 -5.25 8.26 -0.88
CA GLU A 116 -5.77 8.09 0.48
C GLU A 116 -7.04 7.26 0.47
N ILE A 117 -7.13 6.31 1.40
CA ILE A 117 -8.32 5.46 1.51
C ILE A 117 -9.03 5.70 2.82
N THR A 118 -10.33 5.97 2.74
CA THR A 118 -11.14 6.21 3.93
C THR A 118 -12.01 4.99 4.22
N VAL A 119 -12.13 4.63 5.49
CA VAL A 119 -12.92 3.46 5.86
C VAL A 119 -13.73 3.69 7.12
N GLY A 120 -14.78 2.88 7.30
CA GLY A 120 -15.63 2.99 8.45
C GLY A 120 -16.73 4.02 8.28
N VAL A 121 -17.13 4.22 7.03
CA VAL A 121 -18.17 5.18 6.72
C VAL A 121 -19.54 4.73 7.18
N GLY A 122 -20.29 5.70 7.69
CA GLY A 122 -21.61 5.45 8.20
C GLY A 122 -21.91 6.42 9.32
N VAL A 123 -20.89 6.65 10.14
CA VAL A 123 -20.97 7.57 11.25
C VAL A 123 -19.83 8.58 11.14
N GLU A 124 -20.16 9.86 11.20
CA GLU A 124 -19.16 10.91 11.08
C GLU A 124 -17.98 10.67 12.03
N SER A 125 -18.25 10.11 13.19
CA SER A 125 -17.23 9.85 14.18
C SER A 125 -16.65 8.44 14.08
N ASP A 126 -17.02 7.68 13.05
CA ASP A 126 -16.51 6.32 12.92
C ASP A 126 -15.79 6.06 11.61
N ILE A 127 -15.26 7.12 11.04
CA ILE A 127 -14.51 7.02 9.80
C ILE A 127 -13.02 7.19 10.04
N LEU A 128 -12.25 6.37 9.35
CA LEU A 128 -10.80 6.39 9.45
C LEU A 128 -10.16 6.58 8.07
N SER A 129 -9.17 7.47 7.99
CA SER A 129 -8.51 7.73 6.72
C SER A 129 -7.10 7.17 6.69
N LEU A 130 -6.67 6.81 5.50
CA LEU A 130 -5.35 6.26 5.27
C LEU A 130 -4.69 6.89 4.04
N VAL A 131 -3.37 6.88 4.00
CA VAL A 131 -2.63 7.45 2.89
C VAL A 131 -1.62 6.46 2.32
N ILE A 132 -1.53 6.39 1.00
CA ILE A 132 -0.63 5.49 0.33
C ILE A 132 0.55 6.25 -0.26
N PHE A 133 1.77 5.79 0.04
CA PHE A 133 2.98 6.42 -0.45
C PHE A 133 3.71 5.50 -1.43
N ILE A 134 3.94 5.99 -2.65
CA ILE A 134 4.62 5.22 -3.66
C ILE A 134 6.13 5.46 -3.63
N ASN A 135 6.90 4.37 -3.70
CA ASN A 135 8.35 4.47 -3.69
C ASN A 135 8.88 4.79 -5.08
N ASP A 136 9.44 5.98 -5.25
CA ASP A 136 9.98 6.39 -6.54
C ASP A 136 11.07 5.44 -7.01
N LYS A 137 11.81 4.88 -6.06
CA LYS A 137 12.88 3.95 -6.37
C LYS A 137 12.35 2.76 -7.16
N PHE A 138 11.22 2.22 -6.71
CA PHE A 138 10.60 1.07 -7.36
C PHE A 138 10.26 1.39 -8.80
N LYS A 139 9.70 2.57 -9.03
CA LYS A 139 9.31 3.01 -10.36
C LYS A 139 10.54 3.19 -11.26
N GLN A 140 11.64 3.64 -10.66
CA GLN A 140 12.88 3.86 -11.40
C GLN A 140 13.36 2.57 -12.05
N CYS A 141 13.38 1.48 -11.29
CA CYS A 141 13.82 0.19 -11.80
C CYS A 141 12.94 -0.27 -12.96
N LEU A 142 11.62 -0.15 -12.78
CA LEU A 142 10.68 -0.56 -13.82
C LEU A 142 10.90 0.23 -15.10
N GLU A 143 11.25 1.51 -14.95
CA GLU A 143 11.49 2.38 -16.10
C GLU A 143 12.62 1.83 -16.96
N GLN A 144 13.61 1.23 -16.30
CA GLN A 144 14.76 0.65 -17.00
C GLN A 144 14.50 -0.80 -17.37
N ASN A 145 13.77 -1.50 -16.51
CA ASN A 145 13.44 -2.92 -16.72
C ASN A 145 14.64 -3.69 -17.25
N LYS A 146 15.40 -4.29 -16.35
CA LYS A 146 16.58 -5.07 -16.72
C LYS A 146 16.38 -6.55 -16.37
N VAL A 147 16.76 -7.43 -17.29
CA VAL A 147 16.64 -8.86 -17.07
C VAL A 147 17.54 -9.33 -15.93
N ASP A 148 16.99 -10.15 -15.05
CA ASP A 148 17.73 -10.68 -13.91
C ASP A 148 17.50 -12.17 -13.74
N ARG A 149 18.24 -12.78 -12.83
CA ARG A 149 18.12 -14.22 -12.56
C ARG A 149 18.75 -14.58 -11.23
N ILE A 150 17.92 -14.79 -10.21
CA ILE A 150 18.41 -15.14 -8.89
C ILE A 150 18.30 -16.65 -8.65
N ARG A 151 19.35 -17.23 -8.10
CA ARG A 151 19.37 -18.67 -7.82
C ARG A 151 20.26 -18.97 -6.62
N ALA A 1 24.55 11.83 24.05
CA ALA A 1 24.42 10.69 23.14
C ALA A 1 24.99 11.03 21.77
N THR A 2 25.59 10.02 21.14
CA THR A 2 26.18 10.21 19.81
C THR A 2 26.12 8.92 19.00
N GLN A 3 26.72 7.87 19.52
CA GLN A 3 26.74 6.57 18.85
C GLN A 3 25.36 5.93 18.88
N ARG A 4 24.75 5.93 20.06
CA ARG A 4 23.42 5.33 20.23
C ARG A 4 22.39 6.05 19.36
N PHE A 5 22.45 7.38 19.35
CA PHE A 5 21.52 8.18 18.57
C PHE A 5 21.63 7.86 17.08
N LEU A 6 22.85 7.59 16.64
CA LEU A 6 23.10 7.26 15.23
C LEU A 6 22.39 5.97 14.85
N ILE A 7 22.53 4.94 15.70
CA ILE A 7 21.91 3.65 15.44
C ILE A 7 20.39 3.76 15.41
N GLU A 8 19.84 4.58 16.31
CA GLU A 8 18.40 4.77 16.40
C GLU A 8 17.84 5.29 15.07
N LYS A 9 18.63 6.10 14.37
CA LYS A 9 18.20 6.67 13.10
C LYS A 9 18.02 5.58 12.03
N PHE A 10 18.80 4.52 12.14
CA PHE A 10 18.72 3.41 11.18
C PHE A 10 17.30 2.84 11.12
N SER A 11 16.74 2.59 12.29
CA SER A 11 15.39 2.04 12.39
C SER A 11 14.35 3.08 11.98
N GLN A 12 14.66 4.35 12.18
CA GLN A 12 13.76 5.44 11.83
C GLN A 12 13.65 5.59 10.31
N GLU A 13 14.79 5.53 9.64
CA GLU A 13 14.83 5.65 8.18
C GLU A 13 14.41 4.35 7.51
N GLN A 14 13.58 4.47 6.47
CA GLN A 14 13.11 3.30 5.73
C GLN A 14 13.90 3.13 4.44
N ILE A 15 14.65 2.04 4.37
CA ILE A 15 15.45 1.75 3.18
C ILE A 15 14.66 1.04 2.11
N GLY A 16 14.88 1.45 0.88
CA GLY A 16 14.20 0.87 -0.25
C GLY A 16 14.80 -0.45 -0.66
N GLU A 17 14.68 -1.45 0.21
CA GLU A 17 15.22 -2.77 -0.06
C GLU A 17 14.50 -3.43 -1.23
N ASN A 18 13.18 -3.30 -1.26
CA ASN A 18 12.38 -3.89 -2.32
C ASN A 18 10.95 -3.50 -2.06
N ILE A 19 10.80 -2.26 -1.62
CA ILE A 19 9.54 -1.72 -1.25
C ILE A 19 8.65 -1.45 -2.45
N VAL A 20 7.36 -1.67 -2.25
CA VAL A 20 6.37 -1.49 -3.28
C VAL A 20 5.57 -0.23 -3.01
N CYS A 21 4.98 -0.15 -1.82
CA CYS A 21 4.21 1.01 -1.40
C CYS A 21 4.26 1.17 0.10
N ARG A 22 3.87 2.34 0.60
CA ARG A 22 3.89 2.60 2.04
C ARG A 22 2.53 3.10 2.53
N VAL A 23 2.11 2.60 3.69
CA VAL A 23 0.84 2.99 4.28
C VAL A 23 1.05 3.97 5.43
N ILE A 24 0.45 5.15 5.31
CA ILE A 24 0.59 6.17 6.35
C ILE A 24 -0.78 6.67 6.82
N CYS A 25 -1.08 6.43 8.09
CA CYS A 25 -2.36 6.86 8.66
C CYS A 25 -2.29 8.35 9.02
N THR A 26 -3.25 9.12 8.49
CA THR A 26 -3.29 10.55 8.75
C THR A 26 -4.18 10.88 9.94
N THR A 27 -5.16 10.02 10.21
CA THR A 27 -6.08 10.22 11.32
C THR A 27 -5.45 9.79 12.65
N GLY A 28 -4.23 9.27 12.59
CA GLY A 28 -3.55 8.84 13.80
C GLY A 28 -4.23 7.66 14.48
N GLN A 29 -4.08 6.48 13.91
CA GLN A 29 -4.68 5.27 14.47
C GLN A 29 -3.79 4.06 14.25
N ILE A 30 -3.26 3.93 13.04
CA ILE A 30 -2.40 2.81 12.70
C ILE A 30 -0.96 3.29 12.44
N PRO A 31 0.04 2.52 12.89
CA PRO A 31 1.45 2.89 12.70
C PRO A 31 1.91 2.68 11.27
N ILE A 32 2.74 3.60 10.78
CA ILE A 32 3.26 3.53 9.42
C ILE A 32 3.99 2.21 9.17
N ARG A 33 3.69 1.58 8.03
CA ARG A 33 4.32 0.32 7.66
C ARG A 33 4.83 0.39 6.23
N ASP A 34 5.69 -0.57 5.86
CA ASP A 34 6.25 -0.59 4.52
C ASP A 34 5.83 -1.85 3.76
N LEU A 35 5.15 -1.65 2.64
CA LEU A 35 4.71 -2.75 1.79
C LEU A 35 5.77 -3.01 0.72
N SER A 36 6.07 -4.27 0.45
CA SER A 36 7.09 -4.59 -0.53
C SER A 36 6.75 -5.79 -1.39
N ALA A 37 7.41 -5.81 -2.53
CA ALA A 37 7.26 -6.89 -3.51
C ALA A 37 8.57 -7.14 -4.23
N ASP A 38 8.89 -8.40 -4.50
CA ASP A 38 10.12 -8.76 -5.18
C ASP A 38 10.03 -8.47 -6.67
N ILE A 39 11.06 -7.82 -7.21
CA ILE A 39 11.12 -7.46 -8.62
C ILE A 39 11.18 -8.69 -9.53
N SER A 40 12.01 -9.66 -9.16
CA SER A 40 12.18 -10.85 -9.96
C SER A 40 10.86 -11.60 -10.13
N GLN A 41 10.12 -11.68 -9.05
CA GLN A 41 8.83 -12.35 -9.04
C GLN A 41 7.81 -11.58 -9.86
N VAL A 42 7.87 -10.25 -9.79
CA VAL A 42 6.95 -9.41 -10.52
C VAL A 42 7.21 -9.47 -12.02
N LEU A 43 8.49 -9.41 -12.40
CA LEU A 43 8.87 -9.46 -13.80
C LEU A 43 8.58 -10.84 -14.40
N LYS A 44 8.57 -11.87 -13.55
CA LYS A 44 8.30 -13.22 -14.00
C LYS A 44 6.80 -13.52 -13.99
N GLU A 45 6.16 -13.28 -12.85
CA GLU A 45 4.74 -13.53 -12.71
C GLU A 45 3.93 -12.58 -13.58
N LYS A 46 3.04 -13.13 -14.39
CA LYS A 46 2.20 -12.33 -15.29
C LYS A 46 0.78 -12.89 -15.33
N ARG A 47 0.28 -13.32 -14.18
CA ARG A 47 -1.06 -13.87 -14.09
C ARG A 47 -2.01 -12.91 -13.38
N SER A 48 -2.44 -11.87 -14.09
CA SER A 48 -3.34 -10.87 -13.55
C SER A 48 -2.64 -10.04 -12.47
N ILE A 49 -2.34 -10.68 -11.34
CA ILE A 49 -1.68 -9.99 -10.24
C ILE A 49 -0.51 -10.81 -9.69
N LYS A 50 0.40 -10.15 -9.00
CA LYS A 50 1.56 -10.81 -8.42
C LYS A 50 1.49 -10.85 -6.91
N LYS A 51 1.49 -9.69 -6.27
CA LYS A 51 1.42 -9.61 -4.82
C LYS A 51 0.37 -8.60 -4.35
N VAL A 52 -0.43 -8.99 -3.36
CA VAL A 52 -1.46 -8.13 -2.83
C VAL A 52 -1.48 -8.12 -1.30
N TRP A 53 -1.68 -6.94 -0.74
CA TRP A 53 -1.73 -6.77 0.71
C TRP A 53 -3.16 -6.69 1.23
N THR A 54 -3.42 -7.33 2.37
CA THR A 54 -4.74 -7.29 2.99
C THR A 54 -4.66 -6.47 4.28
N PHE A 55 -5.61 -5.56 4.45
CA PHE A 55 -5.64 -4.69 5.63
C PHE A 55 -6.88 -4.95 6.48
N GLY A 56 -6.74 -4.82 7.79
CA GLY A 56 -7.85 -5.04 8.69
C GLY A 56 -7.47 -4.98 10.15
N ARG A 57 -8.40 -5.37 11.02
CA ARG A 57 -8.16 -5.36 12.46
C ARG A 57 -7.53 -6.66 12.95
N ASN A 58 -7.53 -7.68 12.10
CA ASN A 58 -6.96 -8.98 12.46
C ASN A 58 -5.45 -9.00 12.21
N PRO A 59 -4.70 -9.68 13.10
CA PRO A 59 -3.24 -9.80 12.99
C PRO A 59 -2.84 -10.70 11.83
N ALA A 60 -3.83 -11.21 11.10
CA ALA A 60 -3.57 -12.07 9.96
C ALA A 60 -3.26 -11.21 8.77
N CYS A 61 -4.13 -10.24 8.59
CA CYS A 61 -4.00 -9.31 7.50
C CYS A 61 -2.59 -8.79 7.41
N ASP A 62 -2.13 -8.64 6.19
CA ASP A 62 -0.79 -8.12 5.95
C ASP A 62 -0.62 -6.77 6.62
N TYR A 63 -1.74 -6.10 6.93
CA TYR A 63 -1.68 -4.80 7.59
C TYR A 63 -2.59 -4.77 8.83
N HIS A 64 -1.99 -4.55 9.99
CA HIS A 64 -2.75 -4.50 11.24
C HIS A 64 -3.29 -3.10 11.48
N LEU A 65 -4.62 -2.97 11.48
CA LEU A 65 -5.26 -1.68 11.70
C LEU A 65 -5.55 -1.44 13.18
N GLY A 66 -6.62 -2.05 13.68
CA GLY A 66 -6.98 -1.88 15.08
C GLY A 66 -8.10 -2.82 15.50
N ASN A 67 -9.31 -2.28 15.60
CA ASN A 67 -10.47 -3.07 16.01
C ASN A 67 -11.75 -2.24 15.96
N ILE A 68 -12.09 -1.77 14.77
CA ILE A 68 -13.30 -0.97 14.59
C ILE A 68 -14.44 -1.81 14.04
N SER A 69 -15.57 -1.80 14.73
CA SER A 69 -16.74 -2.57 14.31
C SER A 69 -17.15 -2.22 12.87
N ARG A 70 -17.08 -0.93 12.54
CA ARG A 70 -17.43 -0.47 11.21
C ARG A 70 -16.53 -1.10 10.15
N LEU A 71 -15.35 -1.55 10.57
CA LEU A 71 -14.40 -2.17 9.64
C LEU A 71 -14.48 -3.69 9.72
N SER A 72 -14.14 -4.36 8.62
CA SER A 72 -14.17 -5.82 8.56
C SER A 72 -12.79 -6.43 8.82
N ASN A 73 -12.76 -7.75 9.05
CA ASN A 73 -11.51 -8.47 9.29
C ASN A 73 -10.45 -8.01 8.30
N LYS A 74 -10.81 -8.09 7.03
CA LYS A 74 -9.96 -7.65 5.93
C LYS A 74 -10.71 -6.54 5.22
N HIS A 75 -10.59 -5.34 5.77
CA HIS A 75 -11.29 -4.19 5.25
C HIS A 75 -10.92 -3.85 3.82
N PHE A 76 -9.64 -3.86 3.53
CA PHE A 76 -9.20 -3.52 2.17
C PHE A 76 -7.91 -4.25 1.79
N GLN A 77 -7.64 -4.32 0.48
CA GLN A 77 -6.47 -5.00 -0.03
C GLN A 77 -5.78 -4.16 -1.11
N ILE A 78 -4.45 -4.27 -1.19
CA ILE A 78 -3.72 -3.54 -2.21
C ILE A 78 -2.98 -4.52 -3.12
N LEU A 79 -3.08 -4.34 -4.43
CA LEU A 79 -2.43 -5.24 -5.38
C LEU A 79 -1.45 -4.51 -6.27
N LEU A 80 -0.29 -5.13 -6.48
CA LEU A 80 0.75 -4.56 -7.34
C LEU A 80 1.15 -5.55 -8.43
N GLY A 81 1.18 -5.08 -9.67
CA GLY A 81 1.54 -5.93 -10.77
C GLY A 81 0.95 -5.48 -12.10
N GLU A 82 -0.13 -4.70 -12.02
CA GLU A 82 -0.80 -4.22 -13.23
C GLU A 82 0.17 -3.43 -14.11
N ASP A 83 0.85 -4.13 -15.01
CA ASP A 83 1.81 -3.51 -15.92
C ASP A 83 2.83 -2.66 -15.15
N GLY A 84 3.11 -3.07 -13.92
CA GLY A 84 4.07 -2.34 -13.11
C GLY A 84 3.41 -1.34 -12.18
N ASN A 85 2.32 -0.72 -12.66
CA ASN A 85 1.59 0.26 -11.87
C ASN A 85 1.08 -0.36 -10.57
N LEU A 86 0.24 0.38 -9.86
CA LEU A 86 -0.32 -0.10 -8.60
C LEU A 86 -1.84 -0.08 -8.65
N LEU A 87 -2.45 -1.07 -8.00
CA LEU A 87 -3.90 -1.20 -7.96
C LEU A 87 -4.37 -1.38 -6.52
N LEU A 88 -5.50 -0.78 -6.18
CA LEU A 88 -6.05 -0.89 -4.83
C LEU A 88 -7.36 -1.67 -4.87
N ASN A 89 -7.45 -2.70 -4.03
CA ASN A 89 -8.65 -3.53 -3.99
C ASN A 89 -9.38 -3.43 -2.66
N ASP A 90 -10.61 -2.93 -2.71
CA ASP A 90 -11.41 -2.82 -1.50
C ASP A 90 -12.03 -4.17 -1.16
N ILE A 91 -12.07 -4.51 0.12
CA ILE A 91 -12.63 -5.79 0.56
C ILE A 91 -13.34 -5.67 1.90
N SER A 92 -13.97 -4.53 2.16
CA SER A 92 -14.65 -4.31 3.40
C SER A 92 -16.13 -4.66 3.32
N THR A 93 -16.68 -5.09 4.45
CA THR A 93 -18.09 -5.41 4.52
C THR A 93 -18.92 -4.15 4.37
N ASN A 94 -18.38 -3.03 4.83
CA ASN A 94 -19.08 -1.75 4.77
C ASN A 94 -18.64 -0.89 3.58
N GLY A 95 -17.46 -1.18 3.02
CA GLY A 95 -17.00 -0.41 1.89
C GLY A 95 -15.69 0.31 2.15
N THR A 96 -14.99 0.60 1.06
CA THR A 96 -13.71 1.32 1.10
C THR A 96 -13.85 2.64 0.36
N TRP A 97 -13.29 3.70 0.92
CA TRP A 97 -13.40 5.02 0.30
C TRP A 97 -12.09 5.57 -0.20
N LEU A 98 -12.20 6.35 -1.28
CA LEU A 98 -11.05 7.02 -1.87
C LEU A 98 -11.35 8.51 -1.92
N ASN A 99 -10.60 9.28 -1.15
CA ASN A 99 -10.78 10.73 -1.09
C ASN A 99 -12.26 11.13 -0.99
N GLY A 100 -13.03 10.42 -0.17
CA GLY A 100 -14.41 10.74 0.00
C GLY A 100 -15.33 10.05 -0.98
N GLN A 101 -14.75 9.43 -2.01
CA GLN A 101 -15.54 8.73 -3.01
C GLN A 101 -15.46 7.23 -2.80
N LYS A 102 -16.60 6.62 -2.55
CA LYS A 102 -16.69 5.19 -2.33
C LYS A 102 -16.53 4.42 -3.63
N VAL A 103 -15.61 3.46 -3.63
CA VAL A 103 -15.34 2.63 -4.81
C VAL A 103 -16.04 1.28 -4.71
N GLU A 104 -16.13 0.59 -5.83
CA GLU A 104 -16.77 -0.72 -5.88
C GLU A 104 -15.90 -1.75 -5.16
N LYS A 105 -16.50 -2.47 -4.22
CA LYS A 105 -15.76 -3.49 -3.46
C LYS A 105 -15.08 -4.46 -4.41
N ASN A 106 -14.11 -5.19 -3.88
CA ASN A 106 -13.32 -6.16 -4.66
C ASN A 106 -13.08 -5.70 -6.09
N SER A 107 -12.93 -4.39 -6.25
CA SER A 107 -12.69 -3.80 -7.56
C SER A 107 -11.28 -3.22 -7.64
N ASN A 108 -10.67 -3.30 -8.81
CA ASN A 108 -9.32 -2.78 -9.01
C ASN A 108 -9.36 -1.33 -9.47
N GLN A 109 -8.58 -0.48 -8.81
CA GLN A 109 -8.51 0.94 -9.16
C GLN A 109 -7.06 1.38 -9.33
N LEU A 110 -6.83 2.33 -10.21
CA LEU A 110 -5.48 2.82 -10.45
C LEU A 110 -5.01 3.66 -9.27
N LEU A 111 -3.96 3.19 -8.61
CA LEU A 111 -3.41 3.88 -7.44
C LEU A 111 -3.02 5.31 -7.79
N SER A 112 -2.96 6.14 -6.75
CA SER A 112 -2.61 7.54 -6.89
C SER A 112 -1.42 7.88 -5.99
N GLN A 113 -0.66 8.89 -6.37
CA GLN A 113 0.50 9.29 -5.59
C GLN A 113 0.05 9.97 -4.30
N GLY A 114 0.51 9.44 -3.17
CA GLY A 114 0.12 9.98 -1.89
C GLY A 114 -1.38 9.90 -1.67
N ASP A 115 -2.03 9.01 -2.40
CA ASP A 115 -3.48 8.82 -2.31
C ASP A 115 -3.89 8.52 -0.87
N GLU A 116 -5.19 8.46 -0.65
CA GLU A 116 -5.72 8.18 0.68
C GLU A 116 -7.00 7.35 0.61
N ILE A 117 -7.09 6.33 1.46
CA ILE A 117 -8.27 5.48 1.50
C ILE A 117 -9.01 5.66 2.83
N THR A 118 -10.30 5.92 2.75
CA THR A 118 -11.11 6.11 3.94
C THR A 118 -11.97 4.88 4.19
N VAL A 119 -12.08 4.48 5.46
CA VAL A 119 -12.86 3.30 5.80
C VAL A 119 -13.66 3.49 7.09
N GLY A 120 -14.70 2.68 7.24
CA GLY A 120 -15.54 2.75 8.41
C GLY A 120 -16.59 3.83 8.29
N VAL A 121 -17.07 4.02 7.07
CA VAL A 121 -18.07 5.03 6.78
C VAL A 121 -19.46 4.64 7.26
N GLY A 122 -20.15 5.63 7.80
CA GLY A 122 -21.48 5.43 8.32
C GLY A 122 -21.78 6.49 9.35
N VAL A 123 -20.77 6.80 10.15
CA VAL A 123 -20.86 7.81 11.17
C VAL A 123 -19.71 8.82 10.98
N GLU A 124 -20.04 10.09 11.00
CA GLU A 124 -19.04 11.13 10.81
C GLU A 124 -17.82 10.94 11.72
N SER A 125 -18.08 10.52 12.95
CA SER A 125 -17.02 10.31 13.93
C SER A 125 -16.51 8.87 13.95
N ASP A 126 -16.96 8.02 13.03
CA ASP A 126 -16.53 6.64 13.02
C ASP A 126 -15.83 6.23 11.73
N ILE A 127 -15.23 7.21 11.10
CA ILE A 127 -14.50 6.99 9.86
C ILE A 127 -12.99 7.08 10.10
N LEU A 128 -12.27 6.20 9.45
CA LEU A 128 -10.81 6.14 9.55
C LEU A 128 -10.16 6.29 8.19
N SER A 129 -9.14 7.13 8.09
CA SER A 129 -8.47 7.35 6.82
C SER A 129 -7.03 6.84 6.81
N LEU A 130 -6.58 6.45 5.64
CA LEU A 130 -5.22 5.95 5.44
C LEU A 130 -4.60 6.56 4.19
N VAL A 131 -3.31 6.84 4.25
CA VAL A 131 -2.60 7.42 3.11
C VAL A 131 -1.62 6.42 2.49
N ILE A 132 -1.57 6.42 1.16
CA ILE A 132 -0.70 5.51 0.44
C ILE A 132 0.50 6.26 -0.15
N PHE A 133 1.70 5.79 0.18
CA PHE A 133 2.92 6.40 -0.30
C PHE A 133 3.65 5.48 -1.27
N ILE A 134 3.65 5.85 -2.55
CA ILE A 134 4.30 5.05 -3.58
C ILE A 134 5.78 5.38 -3.69
N ASN A 135 6.62 4.35 -3.75
CA ASN A 135 8.06 4.54 -3.87
C ASN A 135 8.47 4.71 -5.33
N ASP A 136 9.22 5.77 -5.61
CA ASP A 136 9.68 6.04 -6.96
C ASP A 136 10.80 5.10 -7.36
N LYS A 137 11.51 4.57 -6.38
CA LYS A 137 12.61 3.65 -6.63
C LYS A 137 12.13 2.44 -7.42
N PHE A 138 10.99 1.89 -6.99
CA PHE A 138 10.41 0.73 -7.63
C PHE A 138 10.12 1.01 -9.10
N LYS A 139 9.56 2.18 -9.37
CA LYS A 139 9.22 2.58 -10.72
C LYS A 139 10.47 2.75 -11.57
N GLN A 140 11.52 3.30 -10.97
CA GLN A 140 12.77 3.52 -11.66
C GLN A 140 13.36 2.21 -12.18
N CYS A 141 13.29 1.18 -11.35
CA CYS A 141 13.80 -0.14 -11.72
C CYS A 141 13.08 -0.69 -12.94
N LEU A 142 11.75 -0.59 -12.93
CA LEU A 142 10.94 -1.08 -14.03
C LEU A 142 11.16 -0.23 -15.29
N GLU A 143 11.35 1.07 -15.09
CA GLU A 143 11.56 1.99 -16.20
C GLU A 143 12.90 1.70 -16.89
N GLN A 144 13.90 1.36 -16.09
CA GLN A 144 15.23 1.06 -16.62
C GLN A 144 15.35 -0.39 -17.03
N ASN A 145 14.72 -1.27 -16.26
CA ASN A 145 14.73 -2.72 -16.54
C ASN A 145 16.12 -3.18 -16.95
N LYS A 146 17.01 -3.34 -15.96
CA LYS A 146 18.37 -3.78 -16.23
C LYS A 146 18.45 -5.30 -16.30
N VAL A 147 18.90 -5.81 -17.45
CA VAL A 147 19.02 -7.25 -17.64
C VAL A 147 20.26 -7.80 -16.95
N ASP A 148 20.13 -8.98 -16.37
CA ASP A 148 21.24 -9.62 -15.67
C ASP A 148 21.01 -11.12 -15.54
N ARG A 149 21.75 -11.90 -16.32
CA ARG A 149 21.62 -13.36 -16.29
C ARG A 149 22.62 -13.97 -15.31
N ILE A 150 23.76 -13.30 -15.13
CA ILE A 150 24.79 -13.77 -14.22
C ILE A 150 24.42 -13.50 -12.77
N ARG A 151 24.39 -14.55 -11.97
CA ARG A 151 24.05 -14.43 -10.55
C ARG A 151 25.23 -13.89 -9.75
N ALA A 1 33.64 1.38 -6.51
CA ALA A 1 32.83 2.25 -5.64
C ALA A 1 32.93 1.81 -4.18
N THR A 2 33.69 2.55 -3.39
CA THR A 2 33.87 2.24 -1.98
C THR A 2 33.77 3.50 -1.13
N GLN A 3 34.57 4.51 -1.46
CA GLN A 3 34.56 5.76 -0.71
C GLN A 3 33.29 6.55 -1.01
N ARG A 4 32.85 6.52 -2.26
CA ARG A 4 31.64 7.23 -2.67
C ARG A 4 30.43 6.77 -1.87
N PHE A 5 30.29 5.45 -1.73
CA PHE A 5 29.17 4.87 -0.99
C PHE A 5 29.20 5.32 0.46
N LEU A 6 30.41 5.46 1.01
CA LEU A 6 30.58 5.87 2.40
C LEU A 6 29.98 7.25 2.63
N ILE A 7 30.25 8.18 1.72
CA ILE A 7 29.73 9.54 1.83
C ILE A 7 28.21 9.56 1.77
N GLU A 8 27.64 8.65 0.98
CA GLU A 8 26.19 8.58 0.84
C GLU A 8 25.54 8.35 2.20
N LYS A 9 26.12 7.44 2.98
CA LYS A 9 25.61 7.14 4.31
C LYS A 9 25.81 8.34 5.24
N PHE A 10 26.78 9.19 4.89
CA PHE A 10 27.09 10.37 5.68
C PHE A 10 25.87 11.26 5.85
N SER A 11 25.19 11.51 4.74
CA SER A 11 24.00 12.35 4.74
C SER A 11 22.77 11.56 5.20
N GLN A 12 22.60 10.37 4.63
CA GLN A 12 21.48 9.50 4.97
C GLN A 12 21.59 8.16 4.26
N GLU A 13 20.91 7.15 4.81
CA GLU A 13 20.94 5.82 4.23
C GLU A 13 19.85 5.67 3.17
N GLN A 14 20.11 4.83 2.17
CA GLN A 14 19.15 4.60 1.09
C GLN A 14 18.09 3.60 1.52
N ILE A 15 16.91 4.11 1.86
CA ILE A 15 15.80 3.27 2.29
C ILE A 15 15.01 2.74 1.11
N GLY A 16 14.65 1.49 1.21
CA GLY A 16 13.88 0.83 0.16
C GLY A 16 14.51 -0.48 -0.28
N GLU A 17 14.20 -1.55 0.44
CA GLU A 17 14.75 -2.86 0.12
C GLU A 17 14.11 -3.43 -1.14
N ASN A 18 12.79 -3.26 -1.26
CA ASN A 18 12.04 -3.74 -2.42
C ASN A 18 10.59 -3.39 -2.20
N ILE A 19 10.40 -2.22 -1.64
CA ILE A 19 9.12 -1.71 -1.29
C ILE A 19 8.31 -1.28 -2.51
N VAL A 20 7.05 -1.64 -2.49
CA VAL A 20 6.12 -1.32 -3.55
C VAL A 20 5.39 -0.03 -3.22
N CYS A 21 4.69 -0.06 -2.10
CA CYS A 21 3.93 1.09 -1.61
C CYS A 21 3.91 1.11 -0.09
N ARG A 22 3.70 2.29 0.50
CA ARG A 22 3.67 2.43 1.95
C ARG A 22 2.31 2.97 2.41
N VAL A 23 1.80 2.40 3.49
CA VAL A 23 0.51 2.84 4.04
C VAL A 23 0.72 3.68 5.29
N ILE A 24 0.21 4.91 5.27
CA ILE A 24 0.35 5.82 6.40
C ILE A 24 -1.00 6.33 6.88
N CYS A 25 -1.29 6.14 8.16
CA CYS A 25 -2.55 6.59 8.73
C CYS A 25 -2.49 8.09 9.05
N THR A 26 -3.20 8.89 8.26
CA THR A 26 -3.22 10.33 8.46
C THR A 26 -4.05 10.73 9.68
N THR A 27 -5.01 9.89 10.04
CA THR A 27 -5.87 10.19 11.19
C THR A 27 -5.17 9.85 12.51
N GLY A 28 -3.96 9.32 12.41
CA GLY A 28 -3.20 8.98 13.61
C GLY A 28 -3.88 7.91 14.45
N GLN A 29 -3.79 6.67 14.01
CA GLN A 29 -4.39 5.55 14.72
C GLN A 29 -3.56 4.29 14.57
N ILE A 30 -3.10 4.04 13.34
CA ILE A 30 -2.30 2.86 13.05
C ILE A 30 -0.91 3.26 12.55
N PRO A 31 0.14 2.53 12.96
CA PRO A 31 1.51 2.83 12.53
C PRO A 31 1.74 2.46 11.07
N ILE A 32 2.57 3.24 10.39
CA ILE A 32 2.87 3.00 8.98
C ILE A 32 3.36 1.57 8.74
N ARG A 33 2.93 1.01 7.62
CA ARG A 33 3.34 -0.33 7.23
C ARG A 33 3.97 -0.31 5.85
N ASP A 34 5.10 -0.99 5.71
CA ASP A 34 5.80 -1.03 4.43
C ASP A 34 5.37 -2.22 3.58
N LEU A 35 4.84 -1.92 2.40
CA LEU A 35 4.42 -2.95 1.47
C LEU A 35 5.51 -3.16 0.43
N SER A 36 5.87 -4.41 0.17
CA SER A 36 6.93 -4.67 -0.81
C SER A 36 6.70 -5.92 -1.63
N ALA A 37 7.35 -5.92 -2.77
CA ALA A 37 7.27 -7.04 -3.70
C ALA A 37 8.63 -7.31 -4.34
N ASP A 38 8.91 -8.58 -4.61
CA ASP A 38 10.18 -8.98 -5.21
C ASP A 38 10.22 -8.62 -6.69
N ILE A 39 11.11 -7.70 -7.04
CA ILE A 39 11.27 -7.25 -8.42
C ILE A 39 11.75 -8.36 -9.34
N SER A 40 12.72 -9.15 -8.86
CA SER A 40 13.27 -10.24 -9.65
C SER A 40 12.18 -11.20 -10.08
N GLN A 41 11.27 -11.47 -9.15
CA GLN A 41 10.15 -12.36 -9.41
C GLN A 41 9.18 -11.74 -10.41
N VAL A 42 9.00 -10.43 -10.31
CA VAL A 42 8.11 -9.71 -11.20
C VAL A 42 8.65 -9.71 -12.63
N LEU A 43 9.92 -9.36 -12.78
CA LEU A 43 10.55 -9.33 -14.10
C LEU A 43 10.64 -10.72 -14.71
N LYS A 44 10.97 -11.70 -13.87
CA LYS A 44 11.08 -13.08 -14.31
C LYS A 44 9.74 -13.63 -14.78
N GLU A 45 8.70 -13.34 -14.01
CA GLU A 45 7.35 -13.80 -14.34
C GLU A 45 6.49 -12.64 -14.85
N LYS A 46 6.21 -12.65 -16.15
CA LYS A 46 5.39 -11.61 -16.76
C LYS A 46 3.92 -11.93 -16.64
N ARG A 47 3.35 -11.66 -15.46
CA ARG A 47 1.94 -11.93 -15.22
C ARG A 47 1.20 -10.64 -14.90
N SER A 48 -0.13 -10.72 -14.87
CA SER A 48 -0.96 -9.55 -14.57
C SER A 48 -1.00 -9.26 -13.06
N ILE A 49 -0.66 -10.28 -12.27
CA ILE A 49 -0.66 -10.12 -10.81
C ILE A 49 0.61 -10.71 -10.19
N LYS A 50 1.16 -10.00 -9.21
CA LYS A 50 2.38 -10.44 -8.53
C LYS A 50 2.10 -10.75 -7.07
N LYS A 51 1.87 -9.69 -6.28
CA LYS A 51 1.59 -9.84 -4.86
C LYS A 51 0.53 -8.86 -4.40
N VAL A 52 -0.32 -9.30 -3.48
CA VAL A 52 -1.40 -8.45 -2.97
C VAL A 52 -1.40 -8.37 -1.45
N TRP A 53 -1.65 -7.18 -0.95
CA TRP A 53 -1.70 -6.94 0.50
C TRP A 53 -3.12 -6.87 1.02
N THR A 54 -3.35 -7.47 2.18
CA THR A 54 -4.66 -7.43 2.81
C THR A 54 -4.59 -6.63 4.10
N PHE A 55 -5.46 -5.65 4.22
CA PHE A 55 -5.48 -4.78 5.39
C PHE A 55 -6.81 -4.90 6.13
N GLY A 56 -6.77 -4.80 7.46
CA GLY A 56 -7.99 -4.89 8.23
C GLY A 56 -7.75 -5.21 9.71
N ARG A 57 -8.85 -5.46 10.42
CA ARG A 57 -8.79 -5.76 11.86
C ARG A 57 -8.28 -7.18 12.11
N ASN A 58 -7.97 -7.93 11.05
CA ASN A 58 -7.48 -9.29 11.19
C ASN A 58 -5.97 -9.32 11.42
N PRO A 59 -5.52 -10.09 12.43
CA PRO A 59 -4.09 -10.20 12.74
C PRO A 59 -3.34 -10.94 11.63
N ALA A 60 -4.08 -11.56 10.73
CA ALA A 60 -3.50 -12.27 9.61
C ALA A 60 -3.17 -11.29 8.52
N CYS A 61 -4.12 -10.40 8.31
CA CYS A 61 -4.01 -9.37 7.30
C CYS A 61 -2.61 -8.82 7.25
N ASP A 62 -2.14 -8.58 6.06
CA ASP A 62 -0.81 -8.03 5.85
C ASP A 62 -0.68 -6.71 6.62
N TYR A 63 -1.82 -6.10 6.96
CA TYR A 63 -1.80 -4.83 7.69
C TYR A 63 -2.70 -4.91 8.92
N HIS A 64 -2.10 -4.72 10.09
CA HIS A 64 -2.86 -4.76 11.34
C HIS A 64 -3.21 -3.36 11.82
N LEU A 65 -4.51 -3.14 12.03
CA LEU A 65 -4.98 -1.83 12.49
C LEU A 65 -5.73 -1.96 13.81
N GLY A 66 -6.22 -0.83 14.32
CA GLY A 66 -6.94 -0.84 15.59
C GLY A 66 -8.12 -1.80 15.57
N ASN A 67 -8.95 -1.75 16.61
CA ASN A 67 -10.11 -2.61 16.71
C ASN A 67 -11.40 -1.81 16.55
N ILE A 68 -11.76 -1.50 15.31
CA ILE A 68 -12.97 -0.74 15.02
C ILE A 68 -14.02 -1.61 14.33
N SER A 69 -15.18 -1.74 14.96
CA SER A 69 -16.27 -2.53 14.40
C SER A 69 -16.66 -2.05 13.00
N ARG A 70 -16.48 -0.75 12.76
CA ARG A 70 -16.80 -0.16 11.47
C ARG A 70 -15.98 -0.80 10.35
N LEU A 71 -14.83 -1.38 10.70
CA LEU A 71 -13.96 -2.02 9.74
C LEU A 71 -14.02 -3.53 9.86
N SER A 72 -13.75 -4.22 8.76
CA SER A 72 -13.78 -5.69 8.75
C SER A 72 -12.38 -6.28 8.94
N ASN A 73 -12.34 -7.59 9.22
CA ASN A 73 -11.07 -8.30 9.40
C ASN A 73 -10.08 -7.87 8.34
N LYS A 74 -10.51 -7.97 7.09
CA LYS A 74 -9.74 -7.56 5.93
C LYS A 74 -10.50 -6.45 5.24
N HIS A 75 -10.36 -5.25 5.79
CA HIS A 75 -11.06 -4.09 5.28
C HIS A 75 -10.76 -3.81 3.83
N PHE A 76 -9.49 -3.83 3.48
CA PHE A 76 -9.10 -3.55 2.10
C PHE A 76 -7.88 -4.36 1.69
N GLN A 77 -7.70 -4.51 0.37
CA GLN A 77 -6.58 -5.27 -0.18
C GLN A 77 -5.93 -4.53 -1.34
N ILE A 78 -4.60 -4.60 -1.44
CA ILE A 78 -3.90 -3.93 -2.53
C ILE A 78 -3.10 -4.91 -3.37
N LEU A 79 -3.24 -4.84 -4.69
CA LEU A 79 -2.52 -5.75 -5.59
C LEU A 79 -1.61 -4.99 -6.55
N LEU A 80 -0.42 -5.54 -6.77
CA LEU A 80 0.55 -4.93 -7.68
C LEU A 80 0.98 -5.93 -8.74
N GLY A 81 1.02 -5.49 -9.99
CA GLY A 81 1.41 -6.37 -11.07
C GLY A 81 2.48 -5.76 -11.96
N GLU A 82 3.01 -6.56 -12.88
CA GLU A 82 4.06 -6.11 -13.79
C GLU A 82 3.49 -5.18 -14.85
N ASP A 83 3.78 -3.89 -14.72
CA ASP A 83 3.29 -2.90 -15.67
C ASP A 83 3.87 -1.51 -15.35
N GLY A 84 3.91 -1.18 -14.06
CA GLY A 84 4.43 0.11 -13.65
C GLY A 84 3.55 0.78 -12.61
N ASN A 85 2.26 0.45 -12.62
CA ASN A 85 1.32 1.04 -11.69
C ASN A 85 0.87 0.00 -10.65
N LEU A 86 -0.03 0.43 -9.77
CA LEU A 86 -0.54 -0.46 -8.73
C LEU A 86 -2.07 -0.45 -8.73
N LEU A 87 -2.68 -1.49 -8.15
CA LEU A 87 -4.12 -1.60 -8.09
C LEU A 87 -4.60 -1.66 -6.64
N LEU A 88 -5.72 -1.02 -6.37
CA LEU A 88 -6.29 -1.00 -5.02
C LEU A 88 -7.62 -1.76 -5.00
N ASN A 89 -7.72 -2.75 -4.12
CA ASN A 89 -8.93 -3.55 -4.05
C ASN A 89 -9.60 -3.45 -2.67
N ASP A 90 -10.80 -2.90 -2.65
CA ASP A 90 -11.55 -2.78 -1.41
C ASP A 90 -12.17 -4.13 -1.04
N ILE A 91 -12.11 -4.50 0.23
CA ILE A 91 -12.67 -5.77 0.68
C ILE A 91 -13.35 -5.65 2.03
N SER A 92 -13.90 -4.46 2.33
CA SER A 92 -14.55 -4.22 3.59
C SER A 92 -16.04 -4.45 3.53
N THR A 93 -16.60 -4.74 4.69
CA THR A 93 -18.04 -4.98 4.84
C THR A 93 -18.81 -3.67 4.66
N ASN A 94 -18.40 -2.65 5.40
CA ASN A 94 -19.05 -1.35 5.35
C ASN A 94 -18.59 -0.52 4.15
N GLY A 95 -17.69 -1.06 3.34
CA GLY A 95 -17.23 -0.35 2.19
C GLY A 95 -15.90 0.38 2.42
N THR A 96 -15.20 0.61 1.32
CA THR A 96 -13.92 1.31 1.34
C THR A 96 -14.02 2.60 0.55
N TRP A 97 -13.45 3.68 1.06
CA TRP A 97 -13.55 4.96 0.38
C TRP A 97 -12.22 5.48 -0.14
N LEU A 98 -12.31 6.21 -1.24
CA LEU A 98 -11.16 6.83 -1.86
C LEU A 98 -11.42 8.33 -1.98
N ASN A 99 -10.66 9.12 -1.24
CA ASN A 99 -10.80 10.57 -1.24
C ASN A 99 -12.27 11.01 -1.14
N GLY A 100 -13.04 10.35 -0.27
CA GLY A 100 -14.42 10.71 -0.09
C GLY A 100 -15.36 10.04 -1.08
N GLN A 101 -14.79 9.35 -2.06
CA GLN A 101 -15.61 8.66 -3.05
C GLN A 101 -15.62 7.16 -2.79
N LYS A 102 -16.80 6.64 -2.53
CA LYS A 102 -16.98 5.23 -2.26
C LYS A 102 -16.81 4.40 -3.54
N VAL A 103 -15.80 3.53 -3.55
CA VAL A 103 -15.52 2.68 -4.70
C VAL A 103 -16.22 1.33 -4.56
N GLU A 104 -16.34 0.62 -5.67
CA GLU A 104 -16.99 -0.68 -5.67
C GLU A 104 -16.12 -1.71 -4.95
N LYS A 105 -16.71 -2.44 -4.00
CA LYS A 105 -15.96 -3.44 -3.25
C LYS A 105 -15.32 -4.44 -4.20
N ASN A 106 -14.35 -5.19 -3.70
CA ASN A 106 -13.62 -6.18 -4.49
C ASN A 106 -13.39 -5.71 -5.92
N SER A 107 -13.20 -4.41 -6.07
CA SER A 107 -12.96 -3.81 -7.38
C SER A 107 -11.53 -3.27 -7.46
N ASN A 108 -10.92 -3.38 -8.63
CA ASN A 108 -9.56 -2.91 -8.82
C ASN A 108 -9.54 -1.49 -9.37
N GLN A 109 -8.73 -0.64 -8.76
CA GLN A 109 -8.62 0.75 -9.18
C GLN A 109 -7.15 1.13 -9.37
N LEU A 110 -6.89 2.07 -10.26
CA LEU A 110 -5.53 2.52 -10.52
C LEU A 110 -5.00 3.34 -9.36
N LEU A 111 -3.83 2.98 -8.87
CA LEU A 111 -3.22 3.68 -7.75
C LEU A 111 -3.03 5.16 -8.05
N SER A 112 -2.98 5.94 -6.98
CA SER A 112 -2.79 7.38 -7.07
C SER A 112 -1.60 7.81 -6.24
N GLN A 113 -0.97 8.92 -6.62
CA GLN A 113 0.20 9.42 -5.90
C GLN A 113 -0.24 10.00 -4.56
N GLY A 114 0.27 9.41 -3.48
CA GLY A 114 -0.10 9.87 -2.16
C GLY A 114 -1.58 9.74 -1.89
N ASP A 115 -2.22 8.81 -2.60
CA ASP A 115 -3.65 8.56 -2.45
C ASP A 115 -4.03 8.32 -1.00
N GLU A 116 -5.32 8.29 -0.74
CA GLU A 116 -5.82 8.06 0.62
C GLU A 116 -7.11 7.25 0.60
N ILE A 117 -7.20 6.26 1.49
CA ILE A 117 -8.39 5.43 1.58
C ILE A 117 -9.13 5.69 2.89
N THR A 118 -10.42 5.98 2.79
CA THR A 118 -11.23 6.24 3.96
C THR A 118 -12.10 5.03 4.28
N VAL A 119 -12.26 4.73 5.57
CA VAL A 119 -13.05 3.58 5.97
C VAL A 119 -13.89 3.86 7.21
N GLY A 120 -14.94 3.06 7.39
CA GLY A 120 -15.81 3.22 8.54
C GLY A 120 -16.80 4.34 8.36
N VAL A 121 -17.37 4.41 7.16
CA VAL A 121 -18.33 5.44 6.84
C VAL A 121 -19.73 5.11 7.33
N GLY A 122 -20.39 6.15 7.83
CA GLY A 122 -21.72 6.02 8.36
C GLY A 122 -21.91 7.02 9.48
N VAL A 123 -20.88 7.16 10.28
CA VAL A 123 -20.84 8.09 11.37
C VAL A 123 -19.61 8.99 11.23
N GLU A 124 -19.81 10.30 11.22
CA GLU A 124 -18.71 11.24 11.07
C GLU A 124 -17.59 10.94 12.05
N SER A 125 -17.94 10.40 13.21
CA SER A 125 -16.97 10.08 14.24
C SER A 125 -16.48 8.63 14.17
N ASP A 126 -16.87 7.89 13.13
CA ASP A 126 -16.47 6.49 13.03
C ASP A 126 -15.75 6.18 11.73
N ILE A 127 -15.17 7.19 11.14
CA ILE A 127 -14.43 7.04 9.91
C ILE A 127 -12.92 7.16 10.16
N LEU A 128 -12.18 6.30 9.48
CA LEU A 128 -10.72 6.27 9.58
C LEU A 128 -10.09 6.40 8.21
N SER A 129 -9.08 7.26 8.09
CA SER A 129 -8.42 7.48 6.81
C SER A 129 -7.00 6.92 6.79
N LEU A 130 -6.59 6.54 5.60
CA LEU A 130 -5.26 5.99 5.37
C LEU A 130 -4.65 6.61 4.12
N VAL A 131 -3.33 6.74 4.10
CA VAL A 131 -2.63 7.32 2.96
C VAL A 131 -1.66 6.32 2.33
N ILE A 132 -1.60 6.32 1.00
CA ILE A 132 -0.74 5.43 0.28
C ILE A 132 0.46 6.19 -0.31
N PHE A 133 1.66 5.77 0.08
CA PHE A 133 2.88 6.40 -0.40
C PHE A 133 3.62 5.48 -1.36
N ILE A 134 3.77 5.92 -2.60
CA ILE A 134 4.46 5.14 -3.62
C ILE A 134 5.97 5.33 -3.55
N ASN A 135 6.71 4.23 -3.62
CA ASN A 135 8.17 4.28 -3.58
C ASN A 135 8.73 4.60 -4.96
N ASP A 136 9.39 5.76 -5.06
CA ASP A 136 9.98 6.18 -6.32
C ASP A 136 11.08 5.22 -6.77
N LYS A 137 11.77 4.64 -5.80
CA LYS A 137 12.85 3.71 -6.09
C LYS A 137 12.32 2.51 -6.89
N PHE A 138 11.20 1.96 -6.44
CA PHE A 138 10.59 0.82 -7.10
C PHE A 138 10.26 1.14 -8.55
N LYS A 139 9.70 2.32 -8.77
CA LYS A 139 9.32 2.75 -10.12
C LYS A 139 10.55 2.89 -11.00
N GLN A 140 11.65 3.39 -10.43
CA GLN A 140 12.89 3.57 -11.17
C GLN A 140 13.39 2.25 -11.73
N CYS A 141 13.28 1.19 -10.95
CA CYS A 141 13.72 -0.14 -11.37
C CYS A 141 12.83 -0.66 -12.50
N LEU A 142 11.51 -0.50 -12.34
CA LEU A 142 10.56 -0.96 -13.35
C LEU A 142 10.72 -0.18 -14.64
N GLU A 143 10.94 1.12 -14.52
CA GLU A 143 11.11 1.98 -15.69
C GLU A 143 12.31 1.54 -16.52
N GLN A 144 13.41 1.24 -15.85
CA GLN A 144 14.64 0.81 -16.51
C GLN A 144 14.56 -0.66 -16.88
N ASN A 145 13.96 -1.46 -15.99
CA ASN A 145 13.82 -2.90 -16.19
C ASN A 145 15.10 -3.51 -16.76
N LYS A 146 16.24 -2.97 -16.33
CA LYS A 146 17.54 -3.47 -16.79
C LYS A 146 18.28 -4.16 -15.66
N VAL A 147 18.61 -5.43 -15.85
CA VAL A 147 19.33 -6.20 -14.84
C VAL A 147 20.84 -6.08 -15.04
N ASP A 148 21.54 -5.72 -13.97
CA ASP A 148 22.99 -5.57 -14.02
C ASP A 148 23.69 -6.84 -13.56
N ARG A 149 23.60 -7.89 -14.38
CA ARG A 149 24.22 -9.16 -14.06
C ARG A 149 24.92 -9.75 -15.28
N ILE A 150 26.24 -9.56 -15.36
CA ILE A 150 27.02 -10.07 -16.47
C ILE A 150 27.26 -11.58 -16.34
N ARG A 151 27.14 -12.29 -17.45
CA ARG A 151 27.34 -13.73 -17.46
C ARG A 151 26.34 -14.42 -16.53
N ALA A 1 38.90 12.45 1.52
CA ALA A 1 38.55 11.19 2.15
C ALA A 1 37.52 10.43 1.32
N THR A 2 37.56 9.10 1.41
CA THR A 2 36.64 8.25 0.66
C THR A 2 36.00 7.22 1.56
N GLN A 3 36.81 6.57 2.38
CA GLN A 3 36.32 5.55 3.31
C GLN A 3 35.41 6.17 4.36
N ARG A 4 35.76 7.37 4.81
CA ARG A 4 34.98 8.07 5.82
C ARG A 4 33.58 8.41 5.29
N PHE A 5 33.52 8.86 4.04
CA PHE A 5 32.26 9.21 3.41
C PHE A 5 31.30 8.02 3.41
N LEU A 6 31.84 6.83 3.18
CA LEU A 6 31.04 5.62 3.16
C LEU A 6 30.35 5.40 4.50
N ILE A 7 31.00 5.83 5.57
CA ILE A 7 30.45 5.69 6.92
C ILE A 7 29.29 6.66 7.13
N GLU A 8 29.40 7.85 6.56
CA GLU A 8 28.37 8.86 6.69
C GLU A 8 27.03 8.33 6.20
N LYS A 9 27.06 7.61 5.08
CA LYS A 9 25.85 7.03 4.51
C LYS A 9 25.31 5.93 5.42
N PHE A 10 26.19 5.35 6.23
CA PHE A 10 25.81 4.29 7.15
C PHE A 10 24.68 4.74 8.07
N SER A 11 24.84 5.92 8.66
CA SER A 11 23.84 6.47 9.57
C SER A 11 22.60 6.90 8.81
N GLN A 12 22.79 7.61 7.71
CA GLN A 12 21.66 8.08 6.90
C GLN A 12 21.37 7.10 5.77
N GLU A 13 20.96 5.89 6.14
CA GLU A 13 20.64 4.86 5.15
C GLU A 13 19.24 5.07 4.57
N GLN A 14 19.17 5.17 3.25
CA GLN A 14 17.90 5.38 2.57
C GLN A 14 17.11 4.09 2.46
N ILE A 15 15.84 4.13 2.83
CA ILE A 15 14.98 2.95 2.77
C ILE A 15 14.44 2.72 1.37
N GLY A 16 14.44 1.46 1.00
CA GLY A 16 13.95 1.07 -0.31
C GLY A 16 14.54 -0.25 -0.78
N GLU A 17 14.40 -1.28 0.05
CA GLU A 17 14.92 -2.60 -0.28
C GLU A 17 14.21 -3.18 -1.50
N ASN A 18 12.89 -3.00 -1.56
CA ASN A 18 12.10 -3.50 -2.66
C ASN A 18 10.65 -3.17 -2.37
N ILE A 19 10.47 -1.98 -1.81
CA ILE A 19 9.19 -1.50 -1.41
C ILE A 19 8.34 -1.06 -2.58
N VAL A 20 7.08 -1.47 -2.53
CA VAL A 20 6.12 -1.18 -3.55
C VAL A 20 5.35 0.09 -3.19
N CYS A 21 4.66 0.03 -2.06
CA CYS A 21 3.88 1.15 -1.56
C CYS A 21 3.92 1.19 -0.03
N ARG A 22 3.78 2.38 0.53
CA ARG A 22 3.82 2.56 1.99
C ARG A 22 2.49 3.09 2.51
N VAL A 23 1.94 2.41 3.52
CA VAL A 23 0.68 2.84 4.12
C VAL A 23 0.92 3.67 5.38
N ILE A 24 0.39 4.89 5.38
CA ILE A 24 0.57 5.79 6.51
C ILE A 24 -0.77 6.32 7.00
N CYS A 25 -1.02 6.18 8.31
CA CYS A 25 -2.26 6.66 8.91
C CYS A 25 -2.09 8.09 9.41
N THR A 26 -2.69 9.04 8.71
CA THR A 26 -2.60 10.45 9.08
C THR A 26 -3.57 10.80 10.21
N THR A 27 -4.65 10.04 10.32
CA THR A 27 -5.65 10.29 11.35
C THR A 27 -5.22 9.73 12.71
N GLY A 28 -4.06 9.08 12.73
CA GLY A 28 -3.55 8.52 13.97
C GLY A 28 -4.39 7.38 14.51
N GLN A 29 -4.28 6.23 13.89
CA GLN A 29 -5.03 5.04 14.31
C GLN A 29 -4.20 3.78 14.17
N ILE A 30 -3.45 3.69 13.07
CA ILE A 30 -2.62 2.53 12.80
C ILE A 30 -1.17 2.95 12.53
N PRO A 31 -0.19 2.17 13.01
CA PRO A 31 1.23 2.49 12.81
C PRO A 31 1.67 2.28 11.37
N ILE A 32 2.52 3.18 10.88
CA ILE A 32 3.01 3.10 9.51
C ILE A 32 3.70 1.77 9.23
N ARG A 33 3.51 1.26 8.01
CA ARG A 33 4.11 0.00 7.59
C ARG A 33 4.64 0.11 6.17
N ASP A 34 5.53 -0.81 5.80
CA ASP A 34 6.12 -0.78 4.46
C ASP A 34 5.73 -2.01 3.66
N LEU A 35 5.06 -1.79 2.53
CA LEU A 35 4.65 -2.86 1.64
C LEU A 35 5.70 -3.04 0.55
N SER A 36 6.07 -4.29 0.24
CA SER A 36 7.07 -4.52 -0.77
C SER A 36 6.85 -5.77 -1.60
N ALA A 37 7.47 -5.76 -2.76
CA ALA A 37 7.40 -6.87 -3.69
C ALA A 37 8.71 -7.02 -4.46
N ASP A 38 9.07 -8.26 -4.79
CA ASP A 38 10.30 -8.53 -5.53
C ASP A 38 10.17 -8.14 -7.00
N ILE A 39 11.13 -7.35 -7.46
CA ILE A 39 11.15 -6.87 -8.84
C ILE A 39 11.33 -8.02 -9.84
N SER A 40 12.23 -8.94 -9.53
CA SER A 40 12.50 -10.07 -10.39
C SER A 40 11.24 -10.87 -10.64
N GLN A 41 10.44 -10.99 -9.61
CA GLN A 41 9.18 -11.72 -9.68
C GLN A 41 8.18 -10.97 -10.55
N VAL A 42 8.22 -9.64 -10.46
CA VAL A 42 7.31 -8.80 -11.23
C VAL A 42 7.69 -8.82 -12.71
N LEU A 43 8.97 -8.66 -13.01
CA LEU A 43 9.44 -8.66 -14.38
C LEU A 43 9.22 -10.02 -15.04
N LYS A 44 9.22 -11.07 -14.22
CA LYS A 44 9.01 -12.43 -14.71
C LYS A 44 7.53 -12.72 -14.89
N GLU A 45 6.74 -12.42 -13.85
CA GLU A 45 5.31 -12.66 -13.89
C GLU A 45 4.64 -11.81 -14.97
N LYS A 46 3.98 -12.47 -15.91
CA LYS A 46 3.30 -11.78 -16.99
C LYS A 46 1.94 -12.41 -17.28
N ARG A 47 1.27 -12.88 -16.22
CA ARG A 47 -0.03 -13.51 -16.37
C ARG A 47 -0.94 -13.15 -15.19
N SER A 48 -0.63 -13.69 -14.02
CA SER A 48 -1.42 -13.42 -12.82
C SER A 48 -0.82 -12.27 -12.02
N ILE A 49 -1.41 -11.98 -10.86
CA ILE A 49 -0.94 -10.90 -10.01
C ILE A 49 0.37 -11.26 -9.34
N LYS A 50 1.19 -10.25 -9.06
CA LYS A 50 2.49 -10.46 -8.43
C LYS A 50 2.33 -10.65 -6.93
N LYS A 51 1.92 -9.60 -6.24
CA LYS A 51 1.73 -9.66 -4.79
C LYS A 51 0.64 -8.71 -4.33
N VAL A 52 -0.17 -9.15 -3.37
CA VAL A 52 -1.26 -8.34 -2.87
C VAL A 52 -1.28 -8.29 -1.34
N TRP A 53 -1.56 -7.11 -0.82
CA TRP A 53 -1.61 -6.88 0.63
C TRP A 53 -3.04 -6.81 1.13
N THR A 54 -3.29 -7.42 2.29
CA THR A 54 -4.62 -7.36 2.89
C THR A 54 -4.57 -6.54 4.18
N PHE A 55 -5.47 -5.57 4.28
CA PHE A 55 -5.51 -4.69 5.45
C PHE A 55 -6.85 -4.78 6.16
N GLY A 56 -6.83 -4.66 7.48
CA GLY A 56 -8.07 -4.72 8.24
C GLY A 56 -7.87 -5.00 9.72
N ARG A 57 -8.96 -5.28 10.42
CA ARG A 57 -8.94 -5.56 11.85
C ARG A 57 -8.44 -6.97 12.14
N ASN A 58 -8.10 -7.73 11.10
CA ASN A 58 -7.63 -9.10 11.27
C ASN A 58 -6.13 -9.14 11.55
N PRO A 59 -5.70 -9.91 12.58
CA PRO A 59 -4.29 -10.03 12.93
C PRO A 59 -3.50 -10.76 11.84
N ALA A 60 -4.22 -11.39 10.93
CA ALA A 60 -3.60 -12.10 9.82
C ALA A 60 -3.26 -11.11 8.74
N CYS A 61 -4.23 -10.25 8.49
CA CYS A 61 -4.11 -9.23 7.49
C CYS A 61 -2.72 -8.63 7.50
N ASP A 62 -2.23 -8.34 6.32
CA ASP A 62 -0.91 -7.75 6.20
C ASP A 62 -0.85 -6.43 7.00
N TYR A 63 -2.02 -5.88 7.32
CA TYR A 63 -2.09 -4.64 8.09
C TYR A 63 -3.05 -4.79 9.25
N HIS A 64 -2.57 -4.50 10.46
CA HIS A 64 -3.40 -4.61 11.65
C HIS A 64 -3.99 -3.24 12.01
N LEU A 65 -5.29 -3.10 11.79
CA LEU A 65 -5.99 -1.84 12.10
C LEU A 65 -6.57 -1.88 13.50
N GLY A 66 -6.92 -0.70 14.02
CA GLY A 66 -7.50 -0.63 15.36
C GLY A 66 -8.76 -1.46 15.49
N ASN A 67 -9.19 -1.69 16.73
CA ASN A 67 -10.39 -2.47 16.98
C ASN A 67 -11.65 -1.67 16.64
N ILE A 68 -11.89 -1.49 15.34
CA ILE A 68 -13.06 -0.75 14.89
C ILE A 68 -14.10 -1.70 14.28
N SER A 69 -15.29 -1.70 14.87
CA SER A 69 -16.37 -2.55 14.39
C SER A 69 -16.81 -2.16 12.98
N ARG A 70 -16.72 -0.87 12.68
CA ARG A 70 -17.10 -0.36 11.38
C ARG A 70 -16.22 -0.97 10.28
N LEU A 71 -15.04 -1.43 10.66
CA LEU A 71 -14.13 -2.04 9.69
C LEU A 71 -14.16 -3.56 9.79
N SER A 72 -13.88 -4.23 8.68
CA SER A 72 -13.89 -5.69 8.65
C SER A 72 -12.49 -6.27 8.88
N ASN A 73 -12.42 -7.57 9.17
CA ASN A 73 -11.15 -8.25 9.40
C ASN A 73 -10.12 -7.79 8.38
N LYS A 74 -10.52 -7.91 7.12
CA LYS A 74 -9.70 -7.48 5.99
C LYS A 74 -10.49 -6.41 5.25
N HIS A 75 -10.42 -5.20 5.78
CA HIS A 75 -11.16 -4.08 5.24
C HIS A 75 -10.81 -3.80 3.79
N PHE A 76 -9.52 -3.77 3.50
CA PHE A 76 -9.09 -3.49 2.12
C PHE A 76 -7.86 -4.29 1.74
N GLN A 77 -7.64 -4.43 0.44
CA GLN A 77 -6.50 -5.20 -0.07
C GLN A 77 -5.83 -4.45 -1.23
N ILE A 78 -4.50 -4.51 -1.30
CA ILE A 78 -3.78 -3.84 -2.39
C ILE A 78 -3.01 -4.84 -3.23
N LEU A 79 -3.20 -4.79 -4.54
CA LEU A 79 -2.51 -5.70 -5.45
C LEU A 79 -1.51 -4.97 -6.34
N LEU A 80 -0.42 -5.65 -6.67
CA LEU A 80 0.61 -5.07 -7.53
C LEU A 80 0.87 -5.98 -8.73
N GLY A 81 0.90 -5.39 -9.92
CA GLY A 81 1.14 -6.17 -11.12
C GLY A 81 0.76 -5.41 -12.38
N GLU A 82 0.50 -6.15 -13.46
CA GLU A 82 0.13 -5.52 -14.73
C GLU A 82 1.20 -4.54 -15.19
N ASP A 83 2.13 -5.02 -16.00
CA ASP A 83 3.20 -4.18 -16.52
C ASP A 83 4.09 -3.67 -15.39
N GLY A 84 3.63 -2.63 -14.71
CA GLY A 84 4.40 -2.07 -13.61
C GLY A 84 3.64 -0.98 -12.87
N ASN A 85 2.36 -1.22 -12.61
CA ASN A 85 1.52 -0.26 -11.91
C ASN A 85 0.94 -0.87 -10.63
N LEU A 86 0.33 -0.01 -9.81
CA LEU A 86 -0.27 -0.46 -8.56
C LEU A 86 -1.79 -0.47 -8.65
N LEU A 87 -2.43 -1.35 -7.90
CA LEU A 87 -3.89 -1.44 -7.90
C LEU A 87 -4.42 -1.51 -6.47
N LEU A 88 -5.56 -0.90 -6.24
CA LEU A 88 -6.18 -0.90 -4.92
C LEU A 88 -7.47 -1.70 -4.93
N ASN A 89 -7.54 -2.73 -4.08
CA ASN A 89 -8.73 -3.56 -4.03
C ASN A 89 -9.43 -3.46 -2.69
N ASP A 90 -10.65 -2.94 -2.72
CA ASP A 90 -11.44 -2.81 -1.50
C ASP A 90 -12.06 -4.15 -1.13
N ILE A 91 -12.02 -4.50 0.15
CA ILE A 91 -12.56 -5.77 0.61
C ILE A 91 -13.24 -5.66 1.98
N SER A 92 -13.93 -4.55 2.23
CA SER A 92 -14.58 -4.35 3.50
C SER A 92 -16.06 -4.70 3.44
N THR A 93 -16.60 -5.11 4.58
CA THR A 93 -18.00 -5.44 4.67
C THR A 93 -18.85 -4.17 4.54
N ASN A 94 -18.28 -3.04 5.01
CA ASN A 94 -18.99 -1.77 4.98
C ASN A 94 -18.59 -0.89 3.79
N GLY A 95 -17.42 -1.16 3.20
CA GLY A 95 -17.00 -0.38 2.06
C GLY A 95 -15.67 0.34 2.28
N THR A 96 -15.00 0.62 1.17
CA THR A 96 -13.71 1.32 1.16
C THR A 96 -13.85 2.63 0.41
N TRP A 97 -13.25 3.69 0.95
CA TRP A 97 -13.37 5.00 0.31
C TRP A 97 -12.05 5.55 -0.19
N LEU A 98 -12.14 6.32 -1.26
CA LEU A 98 -11.00 6.97 -1.85
C LEU A 98 -11.29 8.47 -1.92
N ASN A 99 -10.54 9.25 -1.15
CA ASN A 99 -10.73 10.70 -1.09
C ASN A 99 -12.21 11.10 -1.00
N GLY A 100 -12.97 10.40 -0.16
CA GLY A 100 -14.36 10.72 0.01
C GLY A 100 -15.27 10.04 -0.99
N GLN A 101 -14.67 9.39 -1.99
CA GLN A 101 -15.47 8.70 -3.00
C GLN A 101 -15.41 7.19 -2.79
N LYS A 102 -16.57 6.60 -2.54
CA LYS A 102 -16.68 5.18 -2.32
C LYS A 102 -16.50 4.39 -3.61
N VAL A 103 -15.49 3.54 -3.64
CA VAL A 103 -15.20 2.73 -4.83
C VAL A 103 -15.91 1.38 -4.75
N GLU A 104 -15.99 0.70 -5.89
CA GLU A 104 -16.64 -0.60 -5.95
C GLU A 104 -15.82 -1.65 -5.22
N LYS A 105 -16.46 -2.35 -4.28
CA LYS A 105 -15.77 -3.39 -3.51
C LYS A 105 -15.07 -4.38 -4.45
N ASN A 106 -14.12 -5.12 -3.88
CA ASN A 106 -13.35 -6.11 -4.63
C ASN A 106 -13.10 -5.70 -6.07
N SER A 107 -12.91 -4.40 -6.27
CA SER A 107 -12.64 -3.86 -7.59
C SER A 107 -11.22 -3.31 -7.69
N ASN A 108 -10.61 -3.46 -8.86
CA ASN A 108 -9.25 -2.97 -9.07
C ASN A 108 -9.25 -1.53 -9.55
N GLN A 109 -8.49 -0.69 -8.86
CA GLN A 109 -8.39 0.72 -9.22
C GLN A 109 -6.95 1.15 -9.33
N LEU A 110 -6.68 2.08 -10.25
CA LEU A 110 -5.33 2.59 -10.44
C LEU A 110 -4.94 3.49 -9.28
N LEU A 111 -3.97 3.07 -8.49
CA LEU A 111 -3.52 3.84 -7.33
C LEU A 111 -3.17 5.27 -7.71
N SER A 112 -3.05 6.09 -6.68
CA SER A 112 -2.69 7.49 -6.83
C SER A 112 -1.47 7.83 -5.99
N GLN A 113 -0.72 8.84 -6.40
CA GLN A 113 0.47 9.25 -5.65
C GLN A 113 0.05 9.93 -4.36
N GLY A 114 0.48 9.35 -3.23
CA GLY A 114 0.14 9.89 -1.94
C GLY A 114 -1.36 9.84 -1.68
N ASP A 115 -2.04 8.96 -2.40
CA ASP A 115 -3.48 8.79 -2.26
C ASP A 115 -3.85 8.45 -0.83
N GLU A 116 -5.15 8.40 -0.56
CA GLU A 116 -5.64 8.08 0.76
C GLU A 116 -6.95 7.29 0.70
N ILE A 117 -7.04 6.23 1.52
CA ILE A 117 -8.23 5.41 1.56
C ILE A 117 -8.96 5.63 2.88
N THR A 118 -10.26 5.91 2.78
CA THR A 118 -11.06 6.13 3.96
C THR A 118 -11.93 4.92 4.24
N VAL A 119 -12.08 4.55 5.50
CA VAL A 119 -12.86 3.37 5.87
C VAL A 119 -13.69 3.60 7.12
N GLY A 120 -14.74 2.79 7.27
CA GLY A 120 -15.60 2.90 8.43
C GLY A 120 -16.58 4.04 8.29
N VAL A 121 -17.17 4.15 7.11
CA VAL A 121 -18.12 5.20 6.82
C VAL A 121 -19.52 4.88 7.29
N GLY A 122 -20.18 5.90 7.83
CA GLY A 122 -21.50 5.78 8.36
C GLY A 122 -21.71 6.78 9.47
N VAL A 123 -20.64 6.97 10.25
CA VAL A 123 -20.63 7.92 11.34
C VAL A 123 -19.43 8.85 11.16
N GLU A 124 -19.70 10.15 11.13
CA GLU A 124 -18.63 11.13 10.94
C GLU A 124 -17.48 10.91 11.91
N SER A 125 -17.81 10.44 13.11
CA SER A 125 -16.80 10.20 14.13
C SER A 125 -16.29 8.75 14.13
N ASP A 126 -16.69 7.95 13.15
CA ASP A 126 -16.26 6.56 13.11
C ASP A 126 -15.61 6.18 11.79
N ILE A 127 -15.02 7.15 11.15
CA ILE A 127 -14.32 6.94 9.90
C ILE A 127 -12.81 7.01 10.10
N LEU A 128 -12.10 6.12 9.43
CA LEU A 128 -10.65 6.05 9.51
C LEU A 128 -10.02 6.37 8.15
N SER A 129 -8.99 7.21 8.17
CA SER A 129 -8.30 7.60 6.94
C SER A 129 -6.89 7.05 6.88
N LEU A 130 -6.51 6.54 5.71
CA LEU A 130 -5.18 5.98 5.50
C LEU A 130 -4.56 6.56 4.23
N VAL A 131 -3.27 6.88 4.28
CA VAL A 131 -2.58 7.43 3.12
C VAL A 131 -1.57 6.46 2.54
N ILE A 132 -1.54 6.36 1.22
CA ILE A 132 -0.65 5.47 0.53
C ILE A 132 0.49 6.24 -0.13
N PHE A 133 1.71 5.82 0.15
CA PHE A 133 2.90 6.46 -0.42
C PHE A 133 3.62 5.52 -1.38
N ILE A 134 3.66 5.88 -2.66
CA ILE A 134 4.31 5.06 -3.66
C ILE A 134 5.81 5.34 -3.72
N ASN A 135 6.61 4.28 -3.66
CA ASN A 135 8.06 4.42 -3.71
C ASN A 135 8.53 4.71 -5.13
N ASP A 136 9.13 5.88 -5.31
CA ASP A 136 9.64 6.28 -6.62
C ASP A 136 10.79 5.37 -7.07
N LYS A 137 11.54 4.87 -6.10
CA LYS A 137 12.66 3.99 -6.40
C LYS A 137 12.19 2.76 -7.15
N PHE A 138 11.08 2.18 -6.69
CA PHE A 138 10.52 1.00 -7.31
C PHE A 138 10.18 1.27 -8.78
N LYS A 139 9.58 2.42 -9.04
CA LYS A 139 9.20 2.81 -10.38
C LYS A 139 10.43 2.98 -11.26
N GLN A 140 11.49 3.56 -10.69
CA GLN A 140 12.73 3.78 -11.43
C GLN A 140 13.31 2.47 -11.93
N CYS A 141 13.29 1.45 -11.07
CA CYS A 141 13.82 0.14 -11.43
C CYS A 141 12.97 -0.53 -12.50
N LEU A 142 11.65 -0.46 -12.33
CA LEU A 142 10.72 -1.06 -13.29
C LEU A 142 10.73 -0.29 -14.61
N GLU A 143 10.88 1.02 -14.51
CA GLU A 143 10.90 1.88 -15.70
C GLU A 143 12.13 1.59 -16.55
N GLN A 144 13.30 1.54 -15.91
CA GLN A 144 14.55 1.28 -16.61
C GLN A 144 14.72 -0.20 -16.87
N ASN A 145 14.30 -1.02 -15.91
CA ASN A 145 14.40 -2.49 -16.02
C ASN A 145 15.77 -2.91 -16.54
N LYS A 146 15.91 -4.20 -16.83
CA LYS A 146 17.17 -4.74 -17.33
C LYS A 146 17.07 -5.07 -18.82
N VAL A 147 18.07 -4.63 -19.58
CA VAL A 147 18.09 -4.88 -21.02
C VAL A 147 18.99 -6.06 -21.36
N ASP A 148 18.51 -6.91 -22.27
CA ASP A 148 19.27 -8.09 -22.68
C ASP A 148 20.59 -7.68 -23.35
N ARG A 149 20.54 -6.60 -24.12
CA ARG A 149 21.73 -6.10 -24.80
C ARG A 149 22.44 -5.03 -23.98
N ILE A 150 23.75 -4.99 -24.07
CA ILE A 150 24.55 -4.02 -23.33
C ILE A 150 24.70 -2.72 -24.13
N ARG A 151 24.12 -1.66 -23.61
CA ARG A 151 24.18 -0.35 -24.27
C ARG A 151 24.02 0.78 -23.26
N ALA A 1 35.95 18.71 7.18
CA ALA A 1 35.96 17.30 7.57
C ALA A 1 34.55 16.80 7.87
N THR A 2 34.00 16.02 6.93
CA THR A 2 32.66 15.48 7.09
C THR A 2 32.72 14.03 7.58
N GLN A 3 33.70 13.74 8.43
CA GLN A 3 33.85 12.40 8.98
C GLN A 3 32.61 11.99 9.76
N ARG A 4 32.14 12.87 10.62
CA ARG A 4 30.96 12.61 11.43
C ARG A 4 29.71 12.61 10.56
N PHE A 5 29.69 13.50 9.56
CA PHE A 5 28.55 13.61 8.66
C PHE A 5 28.30 12.29 7.94
N LEU A 6 29.37 11.62 7.55
CA LEU A 6 29.27 10.35 6.85
C LEU A 6 28.55 9.31 7.71
N ILE A 7 28.86 9.30 9.01
CA ILE A 7 28.24 8.37 9.93
C ILE A 7 26.77 8.72 10.17
N GLU A 8 26.46 10.00 10.17
CA GLU A 8 25.10 10.46 10.39
C GLU A 8 24.16 9.84 9.35
N LYS A 9 24.66 9.72 8.12
CA LYS A 9 23.88 9.13 7.04
C LYS A 9 23.64 7.63 7.29
N PHE A 10 24.51 7.03 8.09
CA PHE A 10 24.40 5.62 8.41
C PHE A 10 23.05 5.29 9.03
N SER A 11 22.66 6.11 10.00
CA SER A 11 21.38 5.92 10.69
C SER A 11 20.22 6.46 9.84
N GLN A 12 20.51 7.48 9.04
CA GLN A 12 19.51 8.08 8.18
C GLN A 12 19.45 7.39 6.83
N GLU A 13 19.31 6.07 6.85
CA GLU A 13 19.26 5.27 5.62
C GLU A 13 17.88 5.41 4.95
N GLN A 14 17.88 5.84 3.70
CA GLN A 14 16.64 6.02 2.95
C GLN A 14 15.97 4.67 2.72
N ILE A 15 14.65 4.65 2.89
CA ILE A 15 13.88 3.42 2.69
C ILE A 15 13.56 3.19 1.24
N GLY A 16 13.69 1.95 0.84
CA GLY A 16 13.42 1.55 -0.53
C GLY A 16 14.12 0.26 -0.91
N GLU A 17 14.08 -0.72 -0.01
CA GLU A 17 14.71 -2.01 -0.26
C GLU A 17 14.08 -2.70 -1.47
N ASN A 18 12.74 -2.64 -1.54
CA ASN A 18 12.00 -3.26 -2.63
C ASN A 18 10.54 -2.97 -2.39
N ILE A 19 10.31 -1.77 -1.90
CA ILE A 19 9.01 -1.32 -1.54
C ILE A 19 8.12 -1.07 -2.75
N VAL A 20 6.86 -1.43 -2.59
CA VAL A 20 5.87 -1.30 -3.63
C VAL A 20 4.96 -0.10 -3.32
N CYS A 21 4.52 -0.04 -2.07
CA CYS A 21 3.66 1.05 -1.60
C CYS A 21 3.66 1.09 -0.08
N ARG A 22 3.57 2.29 0.49
CA ARG A 22 3.59 2.46 1.93
C ARG A 22 2.26 2.99 2.45
N VAL A 23 1.76 2.39 3.52
CA VAL A 23 0.50 2.82 4.14
C VAL A 23 0.77 3.70 5.35
N ILE A 24 0.24 4.92 5.32
CA ILE A 24 0.43 5.87 6.41
C ILE A 24 -0.89 6.43 6.91
N CYS A 25 -1.18 6.22 8.20
CA CYS A 25 -2.41 6.72 8.79
C CYS A 25 -2.25 8.18 9.22
N THR A 26 -3.13 9.04 8.73
CA THR A 26 -3.08 10.47 9.05
C THR A 26 -4.00 10.81 10.21
N THR A 27 -5.03 10.00 10.42
CA THR A 27 -5.99 10.23 11.50
C THR A 27 -5.45 9.74 12.84
N GLY A 28 -4.25 9.15 12.82
CA GLY A 28 -3.65 8.65 14.04
C GLY A 28 -4.44 7.50 14.66
N GLN A 29 -4.35 6.34 14.04
CA GLN A 29 -5.06 5.16 14.52
C GLN A 29 -4.24 3.89 14.29
N ILE A 30 -3.57 3.82 13.14
CA ILE A 30 -2.76 2.65 12.80
C ILE A 30 -1.32 3.06 12.54
N PRO A 31 -0.34 2.25 12.99
CA PRO A 31 1.08 2.55 12.78
C PRO A 31 1.52 2.33 11.33
N ILE A 32 2.34 3.24 10.82
CA ILE A 32 2.83 3.15 9.45
C ILE A 32 3.56 1.84 9.20
N ARG A 33 3.35 1.27 8.01
CA ARG A 33 4.00 0.02 7.63
C ARG A 33 4.53 0.12 6.20
N ASP A 34 5.42 -0.80 5.84
CA ASP A 34 5.99 -0.80 4.49
C ASP A 34 5.61 -2.05 3.71
N LEU A 35 4.94 -1.83 2.58
CA LEU A 35 4.53 -2.91 1.70
C LEU A 35 5.54 -3.03 0.56
N SER A 36 5.92 -4.24 0.20
CA SER A 36 6.91 -4.42 -0.86
C SER A 36 6.69 -5.65 -1.72
N ALA A 37 7.27 -5.57 -2.89
CA ALA A 37 7.20 -6.67 -3.86
C ALA A 37 8.50 -6.76 -4.65
N ASP A 38 8.93 -7.97 -4.94
CA ASP A 38 10.18 -8.19 -5.68
C ASP A 38 9.96 -8.03 -7.19
N ILE A 39 10.89 -7.33 -7.82
CA ILE A 39 10.83 -7.09 -9.26
C ILE A 39 10.95 -8.38 -10.08
N SER A 40 11.89 -9.23 -9.69
CA SER A 40 12.14 -10.48 -10.40
C SER A 40 10.91 -11.37 -10.43
N GLN A 41 10.23 -11.48 -9.30
CA GLN A 41 9.03 -12.31 -9.22
C GLN A 41 7.90 -11.70 -10.04
N VAL A 42 7.82 -10.38 -10.03
CA VAL A 42 6.79 -9.66 -10.78
C VAL A 42 7.01 -9.79 -12.28
N LEU A 43 8.28 -9.68 -12.70
CA LEU A 43 8.63 -9.78 -14.11
C LEU A 43 8.49 -11.23 -14.59
N LYS A 44 8.70 -12.18 -13.69
CA LYS A 44 8.60 -13.59 -14.02
C LYS A 44 7.17 -13.96 -14.41
N GLU A 45 6.21 -13.49 -13.62
CA GLU A 45 4.80 -13.77 -13.89
C GLU A 45 4.12 -12.57 -14.52
N LYS A 46 3.98 -12.61 -15.84
CA LYS A 46 3.34 -11.51 -16.58
C LYS A 46 1.88 -11.84 -16.88
N ARG A 47 1.24 -12.56 -15.96
CA ARG A 47 -0.16 -12.94 -16.13
C ARG A 47 -1.07 -11.74 -15.91
N SER A 48 -1.09 -11.22 -14.68
CA SER A 48 -1.93 -10.08 -14.35
C SER A 48 -1.71 -9.66 -12.89
N ILE A 49 -1.57 -10.64 -12.01
CA ILE A 49 -1.35 -10.36 -10.60
C ILE A 49 0.02 -10.86 -10.14
N LYS A 50 0.60 -10.16 -9.18
CA LYS A 50 1.92 -10.53 -8.65
C LYS A 50 1.87 -10.68 -7.14
N LYS A 51 1.59 -9.58 -6.45
CA LYS A 51 1.53 -9.58 -4.99
C LYS A 51 0.46 -8.61 -4.49
N VAL A 52 -0.40 -9.09 -3.58
CA VAL A 52 -1.46 -8.26 -3.05
C VAL A 52 -1.46 -8.25 -1.52
N TRP A 53 -1.68 -7.08 -0.97
CA TRP A 53 -1.74 -6.89 0.49
C TRP A 53 -3.16 -6.81 1.01
N THR A 54 -3.40 -7.44 2.16
CA THR A 54 -4.70 -7.40 2.79
C THR A 54 -4.62 -6.59 4.08
N PHE A 55 -5.49 -5.61 4.21
CA PHE A 55 -5.50 -4.74 5.38
C PHE A 55 -6.84 -4.84 6.12
N GLY A 56 -6.78 -4.73 7.45
CA GLY A 56 -7.99 -4.81 8.23
C GLY A 56 -7.74 -5.08 9.71
N ARG A 57 -8.82 -5.37 10.44
CA ARG A 57 -8.72 -5.65 11.88
C ARG A 57 -8.22 -7.07 12.15
N ASN A 58 -7.93 -7.82 11.10
CA ASN A 58 -7.45 -9.19 11.26
C ASN A 58 -5.94 -9.24 11.49
N PRO A 59 -5.48 -10.01 12.49
CA PRO A 59 -4.07 -10.13 12.81
C PRO A 59 -3.31 -10.87 11.69
N ALA A 60 -4.07 -11.49 10.79
CA ALA A 60 -3.48 -12.21 9.68
C ALA A 60 -3.17 -11.23 8.58
N CYS A 61 -4.14 -10.35 8.37
CA CYS A 61 -4.04 -9.33 7.36
C CYS A 61 -2.65 -8.74 7.31
N ASP A 62 -2.21 -8.46 6.11
CA ASP A 62 -0.89 -7.88 5.90
C ASP A 62 -0.76 -6.58 6.71
N TYR A 63 -1.90 -6.01 7.10
CA TYR A 63 -1.90 -4.78 7.89
C TYR A 63 -2.78 -4.92 9.13
N HIS A 64 -2.23 -4.60 10.29
CA HIS A 64 -2.98 -4.70 11.54
C HIS A 64 -3.43 -3.32 12.00
N LEU A 65 -4.73 -3.06 11.90
CA LEU A 65 -5.29 -1.78 12.31
C LEU A 65 -5.53 -1.75 13.82
N GLY A 66 -6.15 -0.67 14.28
CA GLY A 66 -6.43 -0.53 15.71
C GLY A 66 -7.47 -1.53 16.18
N ASN A 67 -8.75 -1.12 16.11
CA ASN A 67 -9.84 -1.98 16.53
C ASN A 67 -11.18 -1.27 16.33
N ILE A 68 -11.59 -1.13 15.07
CA ILE A 68 -12.85 -0.48 14.75
C ILE A 68 -13.87 -1.50 14.24
N SER A 69 -15.02 -1.54 14.91
CA SER A 69 -16.08 -2.47 14.53
C SER A 69 -16.58 -2.19 13.12
N ARG A 70 -16.60 -0.92 12.74
CA ARG A 70 -17.05 -0.52 11.41
C ARG A 70 -16.18 -1.14 10.32
N LEU A 71 -14.96 -1.52 10.69
CA LEU A 71 -14.03 -2.12 9.73
C LEU A 71 -14.08 -3.64 9.81
N SER A 72 -13.78 -4.31 8.70
CA SER A 72 -13.79 -5.77 8.65
C SER A 72 -12.39 -6.35 8.86
N ASN A 73 -12.33 -7.66 9.16
CA ASN A 73 -11.05 -8.35 9.36
C ASN A 73 -10.05 -7.89 8.33
N LYS A 74 -10.45 -8.00 7.08
CA LYS A 74 -9.66 -7.55 5.94
C LYS A 74 -10.45 -6.48 5.22
N HIS A 75 -10.35 -5.26 5.73
CA HIS A 75 -11.09 -4.15 5.20
C HIS A 75 -10.77 -3.87 3.75
N PHE A 76 -9.50 -3.85 3.42
CA PHE A 76 -9.10 -3.58 2.03
C PHE A 76 -7.89 -4.40 1.59
N GLN A 77 -7.69 -4.48 0.27
CA GLN A 77 -6.58 -5.24 -0.29
C GLN A 77 -5.90 -4.46 -1.41
N ILE A 78 -4.56 -4.44 -1.41
CA ILE A 78 -3.84 -3.74 -2.46
C ILE A 78 -3.06 -4.72 -3.33
N LEU A 79 -3.22 -4.61 -4.65
CA LEU A 79 -2.53 -5.51 -5.56
C LEU A 79 -1.52 -4.77 -6.42
N LEU A 80 -0.44 -5.46 -6.77
CA LEU A 80 0.62 -4.87 -7.59
C LEU A 80 0.87 -5.74 -8.81
N GLY A 81 0.75 -5.15 -9.99
CA GLY A 81 0.97 -5.88 -11.22
C GLY A 81 1.45 -4.98 -12.35
N GLU A 82 1.41 -5.49 -13.57
CA GLU A 82 1.86 -4.74 -14.74
C GLU A 82 3.33 -4.34 -14.59
N ASP A 83 3.81 -3.51 -15.51
CA ASP A 83 5.19 -3.06 -15.48
C ASP A 83 5.38 -1.93 -14.46
N GLY A 84 5.12 -2.26 -13.19
CA GLY A 84 5.27 -1.27 -12.14
C GLY A 84 3.93 -0.69 -11.69
N ASN A 85 2.91 -0.85 -12.53
CA ASN A 85 1.59 -0.33 -12.21
C ASN A 85 1.07 -0.91 -10.89
N LEU A 86 0.23 -0.14 -10.20
CA LEU A 86 -0.33 -0.58 -8.92
C LEU A 86 -1.85 -0.48 -8.94
N LEU A 87 -2.51 -1.38 -8.22
CA LEU A 87 -3.97 -1.40 -8.16
C LEU A 87 -4.44 -1.52 -6.72
N LEU A 88 -5.56 -0.89 -6.41
CA LEU A 88 -6.12 -0.94 -5.07
C LEU A 88 -7.45 -1.71 -5.09
N ASN A 89 -7.57 -2.70 -4.21
CA ASN A 89 -8.78 -3.50 -4.16
C ASN A 89 -9.48 -3.42 -2.81
N ASP A 90 -10.68 -2.87 -2.81
CA ASP A 90 -11.46 -2.74 -1.58
C ASP A 90 -12.09 -4.10 -1.23
N ILE A 91 -12.02 -4.47 0.04
CA ILE A 91 -12.57 -5.75 0.48
C ILE A 91 -13.20 -5.65 1.88
N SER A 92 -13.90 -4.55 2.15
CA SER A 92 -14.50 -4.34 3.44
C SER A 92 -15.97 -4.71 3.45
N THR A 93 -16.46 -5.12 4.60
CA THR A 93 -17.86 -5.48 4.75
C THR A 93 -18.71 -4.22 4.65
N ASN A 94 -18.16 -3.08 5.09
CA ASN A 94 -18.87 -1.82 5.07
C ASN A 94 -18.48 -0.95 3.86
N GLY A 95 -17.33 -1.22 3.24
CA GLY A 95 -16.92 -0.45 2.10
C GLY A 95 -15.61 0.29 2.30
N THR A 96 -14.96 0.61 1.18
CA THR A 96 -13.69 1.32 1.18
C THR A 96 -13.87 2.66 0.48
N TRP A 97 -13.28 3.71 1.02
CA TRP A 97 -13.43 5.04 0.45
C TRP A 97 -12.14 5.64 -0.08
N LEU A 98 -12.29 6.45 -1.11
CA LEU A 98 -11.17 7.15 -1.71
C LEU A 98 -11.49 8.64 -1.71
N ASN A 99 -10.72 9.39 -0.93
CA ASN A 99 -10.90 10.84 -0.81
C ASN A 99 -12.37 11.24 -0.67
N GLY A 100 -13.12 10.51 0.15
CA GLY A 100 -14.51 10.84 0.37
C GLY A 100 -15.44 10.15 -0.61
N GLN A 101 -14.90 9.66 -1.71
CA GLN A 101 -15.74 8.97 -2.69
C GLN A 101 -15.54 7.47 -2.60
N LYS A 102 -16.62 6.76 -2.30
CA LYS A 102 -16.60 5.34 -2.16
C LYS A 102 -16.41 4.65 -3.51
N VAL A 103 -15.58 3.61 -3.52
CA VAL A 103 -15.31 2.85 -4.73
C VAL A 103 -16.01 1.50 -4.71
N GLU A 104 -16.09 0.85 -5.86
CA GLU A 104 -16.73 -0.44 -5.96
C GLU A 104 -15.91 -1.52 -5.25
N LYS A 105 -16.53 -2.23 -4.31
CA LYS A 105 -15.86 -3.28 -3.57
C LYS A 105 -15.17 -4.26 -4.51
N ASN A 106 -14.25 -5.04 -3.96
CA ASN A 106 -13.48 -6.03 -4.73
C ASN A 106 -13.22 -5.58 -6.16
N SER A 107 -13.02 -4.28 -6.32
CA SER A 107 -12.76 -3.71 -7.64
C SER A 107 -11.33 -3.17 -7.72
N ASN A 108 -10.73 -3.30 -8.90
CA ASN A 108 -9.36 -2.81 -9.12
C ASN A 108 -9.36 -1.34 -9.54
N GLN A 109 -8.54 -0.54 -8.87
CA GLN A 109 -8.45 0.88 -9.19
C GLN A 109 -6.99 1.30 -9.36
N LEU A 110 -6.76 2.27 -10.23
CA LEU A 110 -5.41 2.75 -10.48
C LEU A 110 -4.91 3.56 -9.28
N LEU A 111 -3.79 3.13 -8.72
CA LEU A 111 -3.20 3.80 -7.57
C LEU A 111 -2.88 5.26 -7.87
N SER A 112 -2.84 6.06 -6.82
CA SER A 112 -2.54 7.47 -6.93
C SER A 112 -1.36 7.85 -6.03
N GLN A 113 -0.65 8.91 -6.40
CA GLN A 113 0.50 9.36 -5.63
C GLN A 113 0.03 9.99 -4.32
N GLY A 114 0.50 9.43 -3.21
CA GLY A 114 0.12 9.93 -1.91
C GLY A 114 -1.38 9.86 -1.69
N ASP A 115 -2.05 8.98 -2.43
CA ASP A 115 -3.48 8.80 -2.32
C ASP A 115 -3.88 8.49 -0.89
N GLU A 116 -5.18 8.43 -0.64
CA GLU A 116 -5.69 8.14 0.70
C GLU A 116 -6.97 7.32 0.63
N ILE A 117 -7.05 6.29 1.48
CA ILE A 117 -8.23 5.45 1.53
C ILE A 117 -8.93 5.61 2.88
N THR A 118 -10.23 5.88 2.83
CA THR A 118 -11.01 6.07 4.04
C THR A 118 -11.87 4.84 4.30
N VAL A 119 -11.94 4.43 5.56
CA VAL A 119 -12.70 3.25 5.92
C VAL A 119 -13.47 3.44 7.24
N GLY A 120 -14.52 2.63 7.41
CA GLY A 120 -15.32 2.69 8.61
C GLY A 120 -16.40 3.74 8.50
N VAL A 121 -16.89 3.94 7.28
CA VAL A 121 -17.92 4.92 7.03
C VAL A 121 -19.29 4.48 7.54
N GLY A 122 -20.00 5.46 8.09
CA GLY A 122 -21.31 5.22 8.64
C GLY A 122 -21.66 6.32 9.62
N VAL A 123 -20.66 6.71 10.41
CA VAL A 123 -20.81 7.77 11.38
C VAL A 123 -19.72 8.81 11.14
N GLU A 124 -20.08 10.08 11.22
CA GLU A 124 -19.12 11.16 11.00
C GLU A 124 -17.85 11.00 11.83
N SER A 125 -18.01 10.62 13.09
CA SER A 125 -16.89 10.45 13.99
C SER A 125 -16.36 9.02 14.04
N ASP A 126 -16.88 8.13 13.18
CA ASP A 126 -16.43 6.75 13.19
C ASP A 126 -15.75 6.33 11.91
N ILE A 127 -15.17 7.30 11.24
CA ILE A 127 -14.45 7.07 10.01
C ILE A 127 -12.95 7.19 10.22
N LEU A 128 -12.21 6.30 9.58
CA LEU A 128 -10.76 6.27 9.67
C LEU A 128 -10.14 6.41 8.29
N SER A 129 -9.12 7.26 8.17
CA SER A 129 -8.45 7.49 6.90
C SER A 129 -7.04 6.96 6.88
N LEU A 130 -6.60 6.57 5.68
CA LEU A 130 -5.26 6.05 5.47
C LEU A 130 -4.64 6.68 4.23
N VAL A 131 -3.33 6.86 4.24
CA VAL A 131 -2.61 7.44 3.11
C VAL A 131 -1.69 6.42 2.46
N ILE A 132 -1.68 6.41 1.13
CA ILE A 132 -0.86 5.50 0.38
C ILE A 132 0.33 6.23 -0.25
N PHE A 133 1.53 5.78 0.09
CA PHE A 133 2.75 6.38 -0.44
C PHE A 133 3.45 5.42 -1.39
N ILE A 134 3.53 5.80 -2.67
CA ILE A 134 4.16 4.96 -3.67
C ILE A 134 5.68 5.17 -3.69
N ASN A 135 6.42 4.07 -3.71
CA ASN A 135 7.87 4.13 -3.74
C ASN A 135 8.39 4.32 -5.16
N ASP A 136 8.90 5.51 -5.45
CA ASP A 136 9.42 5.83 -6.77
C ASP A 136 10.56 4.89 -7.15
N LYS A 137 11.23 4.35 -6.13
CA LYS A 137 12.34 3.43 -6.36
C LYS A 137 11.88 2.24 -7.18
N PHE A 138 10.71 1.71 -6.84
CA PHE A 138 10.15 0.57 -7.55
C PHE A 138 9.96 0.88 -9.02
N LYS A 139 9.43 2.07 -9.31
CA LYS A 139 9.20 2.50 -10.68
C LYS A 139 10.51 2.56 -11.46
N GLN A 140 11.59 2.93 -10.77
CA GLN A 140 12.90 3.04 -11.39
C GLN A 140 13.43 1.66 -11.78
N CYS A 141 13.32 0.71 -10.87
CA CYS A 141 13.78 -0.66 -11.12
C CYS A 141 12.91 -1.33 -12.17
N LEU A 142 11.61 -1.12 -12.08
CA LEU A 142 10.67 -1.71 -13.03
C LEU A 142 10.85 -1.11 -14.42
N GLU A 143 11.04 0.21 -14.47
CA GLU A 143 11.23 0.90 -15.74
C GLU A 143 12.44 0.34 -16.50
N GLN A 144 13.55 0.20 -15.79
CA GLN A 144 14.77 -0.32 -16.40
C GLN A 144 14.74 -1.84 -16.48
N ASN A 145 14.08 -2.47 -15.49
CA ASN A 145 13.96 -3.93 -15.44
C ASN A 145 15.28 -4.61 -15.78
N LYS A 146 16.06 -4.90 -14.76
CA LYS A 146 17.36 -5.56 -14.96
C LYS A 146 17.21 -7.07 -14.80
N VAL A 147 17.74 -7.81 -15.78
CA VAL A 147 17.67 -9.27 -15.76
C VAL A 147 18.78 -9.85 -14.89
N ASP A 148 18.40 -10.56 -13.84
CA ASP A 148 19.36 -11.17 -12.93
C ASP A 148 19.39 -12.69 -13.11
N ARG A 149 18.24 -13.25 -13.47
CA ARG A 149 18.13 -14.69 -13.67
C ARG A 149 18.42 -15.45 -12.38
N ILE A 150 17.41 -16.16 -11.88
CA ILE A 150 17.56 -16.93 -10.65
C ILE A 150 18.25 -18.26 -10.91
N ARG A 151 19.16 -18.63 -10.01
CA ARG A 151 19.90 -19.89 -10.14
C ARG A 151 19.00 -21.08 -9.83
N ALA A 1 19.36 19.47 -4.91
CA ALA A 1 19.78 19.08 -3.57
C ALA A 1 21.04 18.23 -3.61
N THR A 2 22.07 18.68 -2.91
CA THR A 2 23.33 17.96 -2.87
C THR A 2 23.84 17.82 -1.43
N GLN A 3 24.16 18.97 -0.81
CA GLN A 3 24.65 18.98 0.56
C GLN A 3 23.54 18.65 1.54
N ARG A 4 22.39 19.29 1.37
CA ARG A 4 21.25 19.07 2.25
C ARG A 4 20.82 17.60 2.22
N PHE A 5 20.73 17.04 1.02
CA PHE A 5 20.33 15.64 0.87
C PHE A 5 21.31 14.71 1.59
N LEU A 6 22.57 15.09 1.59
CA LEU A 6 23.61 14.29 2.25
C LEU A 6 23.38 14.25 3.76
N ILE A 7 23.01 15.39 4.32
CA ILE A 7 22.76 15.50 5.76
C ILE A 7 21.51 14.71 6.16
N GLU A 8 20.43 14.92 5.41
CA GLU A 8 19.17 14.26 5.68
C GLU A 8 19.33 12.73 5.59
N LYS A 9 20.19 12.27 4.69
CA LYS A 9 20.41 10.84 4.50
C LYS A 9 20.87 10.16 5.79
N PHE A 10 21.85 10.75 6.47
CA PHE A 10 22.36 10.15 7.70
C PHE A 10 21.34 10.30 8.83
N SER A 11 20.81 11.50 8.98
CA SER A 11 19.83 11.79 10.02
C SER A 11 18.61 10.89 9.89
N GLN A 12 18.09 10.78 8.67
CA GLN A 12 16.92 9.94 8.41
C GLN A 12 17.24 8.86 7.38
N GLU A 13 17.31 7.61 7.84
CA GLU A 13 17.62 6.49 6.97
C GLU A 13 16.48 6.28 5.96
N GLN A 14 16.85 6.13 4.69
CA GLN A 14 15.87 5.92 3.63
C GLN A 14 15.75 4.44 3.30
N ILE A 15 14.63 3.83 3.71
CA ILE A 15 14.40 2.42 3.45
C ILE A 15 13.85 2.19 2.05
N GLY A 16 14.37 1.15 1.43
CA GLY A 16 13.95 0.81 0.08
C GLY A 16 14.56 -0.49 -0.39
N GLU A 17 14.20 -1.60 0.24
CA GLU A 17 14.72 -2.90 -0.12
C GLU A 17 14.05 -3.43 -1.39
N ASN A 18 12.75 -3.17 -1.50
CA ASN A 18 11.98 -3.61 -2.66
C ASN A 18 10.54 -3.26 -2.40
N ILE A 19 10.37 -2.09 -1.82
CA ILE A 19 9.10 -1.57 -1.43
C ILE A 19 8.25 -1.15 -2.62
N VAL A 20 6.99 -1.53 -2.56
CA VAL A 20 6.03 -1.22 -3.57
C VAL A 20 5.32 0.08 -3.24
N CYS A 21 4.69 0.08 -2.07
CA CYS A 21 3.96 1.26 -1.59
C CYS A 21 3.98 1.30 -0.06
N ARG A 22 3.86 2.51 0.50
CA ARG A 22 3.85 2.69 1.95
C ARG A 22 2.49 3.19 2.43
N VAL A 23 2.03 2.64 3.55
CA VAL A 23 0.75 3.03 4.11
C VAL A 23 0.93 3.96 5.32
N ILE A 24 0.33 5.14 5.25
CA ILE A 24 0.43 6.11 6.32
C ILE A 24 -0.93 6.63 6.76
N CYS A 25 -1.27 6.41 8.03
CA CYS A 25 -2.54 6.86 8.57
C CYS A 25 -2.43 8.31 9.03
N THR A 26 -3.22 9.18 8.42
CA THR A 26 -3.19 10.61 8.76
C THR A 26 -4.10 10.93 9.94
N THR A 27 -5.08 10.08 10.20
CA THR A 27 -6.02 10.29 11.30
C THR A 27 -5.41 9.88 12.64
N GLY A 28 -4.20 9.35 12.60
CA GLY A 28 -3.52 8.93 13.82
C GLY A 28 -4.25 7.80 14.53
N GLN A 29 -4.17 6.61 13.97
CA GLN A 29 -4.82 5.44 14.56
C GLN A 29 -3.98 4.18 14.33
N ILE A 30 -3.46 4.03 13.11
CA ILE A 30 -2.65 2.87 12.76
C ILE A 30 -1.21 3.29 12.44
N PRO A 31 -0.21 2.49 12.87
CA PRO A 31 1.19 2.80 12.61
C PRO A 31 1.60 2.49 11.18
N ILE A 32 2.51 3.29 10.65
CA ILE A 32 2.98 3.12 9.27
C ILE A 32 3.56 1.73 9.06
N ARG A 33 3.42 1.23 7.83
CA ARG A 33 3.94 -0.08 7.47
C ARG A 33 4.53 -0.01 6.06
N ASP A 34 5.37 -0.98 5.71
CA ASP A 34 6.00 -0.97 4.39
C ASP A 34 5.56 -2.17 3.55
N LEU A 35 4.94 -1.88 2.41
CA LEU A 35 4.51 -2.91 1.48
C LEU A 35 5.58 -3.10 0.42
N SER A 36 5.93 -4.34 0.11
CA SER A 36 6.95 -4.58 -0.88
C SER A 36 6.72 -5.82 -1.72
N ALA A 37 7.35 -5.79 -2.87
CA ALA A 37 7.28 -6.90 -3.82
C ALA A 37 8.62 -7.07 -4.54
N ASP A 38 9.00 -8.33 -4.76
CA ASP A 38 10.27 -8.62 -5.43
C ASP A 38 10.20 -8.33 -6.93
N ILE A 39 11.31 -7.81 -7.45
CA ILE A 39 11.40 -7.47 -8.87
C ILE A 39 11.33 -8.71 -9.77
N SER A 40 12.05 -9.75 -9.38
CA SER A 40 12.12 -10.99 -10.15
C SER A 40 10.74 -11.60 -10.33
N GLN A 41 9.95 -11.58 -9.27
CA GLN A 41 8.60 -12.13 -9.32
C GLN A 41 7.71 -11.27 -10.20
N VAL A 42 7.92 -9.96 -10.14
CA VAL A 42 7.14 -9.03 -10.94
C VAL A 42 7.52 -9.12 -12.42
N LEU A 43 8.81 -9.23 -12.69
CA LEU A 43 9.30 -9.33 -14.06
C LEU A 43 8.94 -10.68 -14.66
N LYS A 44 9.02 -11.74 -13.86
CA LYS A 44 8.71 -13.09 -14.32
C LYS A 44 7.21 -13.24 -14.58
N GLU A 45 6.39 -12.72 -13.68
CA GLU A 45 4.95 -12.80 -13.81
C GLU A 45 4.44 -11.74 -14.79
N LYS A 46 3.65 -12.18 -15.77
CA LYS A 46 3.10 -11.27 -16.76
C LYS A 46 1.64 -11.60 -17.06
N ARG A 47 0.94 -12.11 -16.05
CA ARG A 47 -0.47 -12.46 -16.19
C ARG A 47 -1.36 -11.26 -15.89
N SER A 48 -1.31 -10.79 -14.65
CA SER A 48 -2.12 -9.65 -14.22
C SER A 48 -1.80 -9.27 -12.78
N ILE A 49 -1.83 -10.27 -11.90
CA ILE A 49 -1.55 -10.04 -10.48
C ILE A 49 -0.27 -10.75 -10.05
N LYS A 50 0.41 -10.18 -9.07
CA LYS A 50 1.65 -10.77 -8.57
C LYS A 50 1.63 -10.88 -7.04
N LYS A 51 1.46 -9.75 -6.37
CA LYS A 51 1.41 -9.73 -4.91
C LYS A 51 0.36 -8.74 -4.42
N VAL A 52 -0.49 -9.19 -3.50
CA VAL A 52 -1.54 -8.36 -2.96
C VAL A 52 -1.53 -8.31 -1.44
N TRP A 53 -1.75 -7.12 -0.90
CA TRP A 53 -1.79 -6.90 0.55
C TRP A 53 -3.22 -6.83 1.07
N THR A 54 -3.47 -7.44 2.22
CA THR A 54 -4.79 -7.39 2.85
C THR A 54 -4.70 -6.59 4.15
N PHE A 55 -5.62 -5.66 4.32
CA PHE A 55 -5.65 -4.80 5.50
C PHE A 55 -6.93 -4.97 6.30
N GLY A 56 -6.81 -4.86 7.62
CA GLY A 56 -7.99 -4.98 8.47
C GLY A 56 -7.67 -5.32 9.92
N ARG A 57 -8.73 -5.60 10.69
CA ARG A 57 -8.59 -5.92 12.11
C ARG A 57 -7.99 -7.31 12.34
N ASN A 58 -7.74 -8.04 11.26
CA ASN A 58 -7.19 -9.39 11.38
C ASN A 58 -5.67 -9.34 11.48
N PRO A 59 -5.07 -10.01 12.49
CA PRO A 59 -3.62 -10.03 12.67
C PRO A 59 -2.93 -10.80 11.55
N ALA A 60 -3.73 -11.47 10.72
CA ALA A 60 -3.22 -12.21 9.59
C ALA A 60 -3.00 -11.27 8.45
N CYS A 61 -3.98 -10.39 8.28
CA CYS A 61 -3.94 -9.39 7.25
C CYS A 61 -2.55 -8.81 7.12
N ASP A 62 -2.13 -8.62 5.90
CA ASP A 62 -0.82 -8.06 5.65
C ASP A 62 -0.68 -6.71 6.36
N TYR A 63 -1.82 -6.10 6.73
CA TYR A 63 -1.81 -4.83 7.42
C TYR A 63 -2.69 -4.88 8.67
N HIS A 64 -2.12 -4.50 9.81
CA HIS A 64 -2.87 -4.50 11.07
C HIS A 64 -3.31 -3.09 11.43
N LEU A 65 -4.62 -2.90 11.56
CA LEU A 65 -5.17 -1.59 11.89
C LEU A 65 -5.41 -1.45 13.39
N GLY A 66 -6.54 -1.96 13.87
CA GLY A 66 -6.86 -1.87 15.28
C GLY A 66 -8.03 -2.76 15.68
N ASN A 67 -8.93 -2.22 16.49
CA ASN A 67 -10.09 -2.97 16.95
C ASN A 67 -11.37 -2.15 16.80
N ILE A 68 -11.65 -1.70 15.58
CA ILE A 68 -12.85 -0.91 15.31
C ILE A 68 -13.88 -1.73 14.55
N SER A 69 -15.07 -1.85 15.14
CA SER A 69 -16.17 -2.62 14.53
C SER A 69 -16.59 -2.06 13.18
N ARG A 70 -16.35 -0.77 12.94
CA ARG A 70 -16.72 -0.14 11.68
C ARG A 70 -16.03 -0.80 10.50
N LEU A 71 -14.86 -1.38 10.76
CA LEU A 71 -14.11 -2.05 9.70
C LEU A 71 -14.17 -3.57 9.84
N SER A 72 -14.01 -4.26 8.73
CA SER A 72 -14.05 -5.73 8.73
C SER A 72 -12.67 -6.33 8.98
N ASN A 73 -12.64 -7.64 9.24
CA ASN A 73 -11.37 -8.35 9.48
C ASN A 73 -10.33 -7.90 8.46
N LYS A 74 -10.70 -8.02 7.20
CA LYS A 74 -9.87 -7.58 6.08
C LYS A 74 -10.66 -6.50 5.35
N HIS A 75 -10.54 -5.29 5.86
CA HIS A 75 -11.27 -4.16 5.33
C HIS A 75 -10.95 -3.88 3.87
N PHE A 76 -9.67 -3.88 3.55
CA PHE A 76 -9.27 -3.61 2.17
C PHE A 76 -8.01 -4.38 1.77
N GLN A 77 -7.81 -4.52 0.45
CA GLN A 77 -6.66 -5.24 -0.08
C GLN A 77 -6.01 -4.48 -1.24
N ILE A 78 -4.69 -4.52 -1.33
CA ILE A 78 -3.98 -3.84 -2.42
C ILE A 78 -3.22 -4.82 -3.28
N LEU A 79 -3.39 -4.74 -4.60
CA LEU A 79 -2.71 -5.65 -5.51
C LEU A 79 -1.65 -4.93 -6.34
N LEU A 80 -0.61 -5.66 -6.70
CA LEU A 80 0.48 -5.12 -7.52
C LEU A 80 0.69 -5.98 -8.76
N GLY A 81 0.60 -5.36 -9.94
CA GLY A 81 0.78 -6.08 -11.18
C GLY A 81 2.07 -5.73 -11.88
N GLU A 82 2.13 -6.02 -13.17
CA GLU A 82 3.33 -5.73 -13.96
C GLU A 82 3.51 -4.23 -14.16
N ASP A 83 4.64 -3.84 -14.74
CA ASP A 83 4.94 -2.44 -14.98
C ASP A 83 4.91 -1.65 -13.67
N GLY A 84 5.05 -0.32 -13.79
CA GLY A 84 5.04 0.53 -12.62
C GLY A 84 3.66 1.02 -12.27
N ASN A 85 2.69 0.10 -12.24
CA ASN A 85 1.31 0.45 -11.93
C ASN A 85 0.78 -0.42 -10.80
N LEU A 86 0.09 0.20 -9.84
CA LEU A 86 -0.47 -0.52 -8.72
C LEU A 86 -2.00 -0.47 -8.74
N LEU A 87 -2.64 -1.39 -8.04
CA LEU A 87 -4.10 -1.44 -7.98
C LEU A 87 -4.57 -1.60 -6.55
N LEU A 88 -5.69 -0.96 -6.23
CA LEU A 88 -6.26 -1.04 -4.88
C LEU A 88 -7.58 -1.79 -4.91
N ASN A 89 -7.72 -2.80 -4.06
CA ASN A 89 -8.94 -3.58 -4.01
C ASN A 89 -9.63 -3.48 -2.66
N ASP A 90 -10.83 -2.92 -2.66
CA ASP A 90 -11.60 -2.79 -1.42
C ASP A 90 -12.23 -4.13 -1.08
N ILE A 91 -12.24 -4.48 0.20
CA ILE A 91 -12.80 -5.75 0.64
C ILE A 91 -13.43 -5.64 2.03
N SER A 92 -14.10 -4.52 2.31
CA SER A 92 -14.70 -4.31 3.60
C SER A 92 -16.18 -4.62 3.60
N THR A 93 -16.69 -5.03 4.75
CA THR A 93 -18.10 -5.31 4.91
C THR A 93 -18.89 -4.02 4.82
N ASN A 94 -18.27 -2.92 5.26
CA ASN A 94 -18.93 -1.61 5.27
C ASN A 94 -18.54 -0.77 4.05
N GLY A 95 -17.43 -1.10 3.39
CA GLY A 95 -17.01 -0.35 2.23
C GLY A 95 -15.69 0.38 2.41
N THR A 96 -15.04 0.66 1.29
CA THR A 96 -13.77 1.37 1.27
C THR A 96 -13.94 2.68 0.51
N TRP A 97 -13.35 3.75 1.02
CA TRP A 97 -13.50 5.05 0.39
C TRP A 97 -12.20 5.61 -0.16
N LEU A 98 -12.33 6.37 -1.24
CA LEU A 98 -11.21 7.03 -1.86
C LEU A 98 -11.50 8.53 -1.93
N ASN A 99 -10.73 9.31 -1.19
CA ASN A 99 -10.90 10.75 -1.14
C ASN A 99 -12.37 11.17 -1.02
N GLY A 100 -13.12 10.47 -0.15
CA GLY A 100 -14.50 10.81 0.05
C GLY A 100 -15.44 10.12 -0.92
N GLN A 101 -14.88 9.48 -1.95
CA GLN A 101 -15.70 8.78 -2.92
C GLN A 101 -15.63 7.28 -2.70
N LYS A 102 -16.77 6.68 -2.42
CA LYS A 102 -16.86 5.25 -2.18
C LYS A 102 -16.72 4.47 -3.48
N VAL A 103 -15.73 3.58 -3.52
CA VAL A 103 -15.50 2.77 -4.71
C VAL A 103 -16.20 1.41 -4.61
N GLU A 104 -16.29 0.72 -5.73
CA GLU A 104 -16.94 -0.59 -5.76
C GLU A 104 -16.09 -1.63 -5.03
N LYS A 105 -16.70 -2.35 -4.09
CA LYS A 105 -15.97 -3.37 -3.35
C LYS A 105 -15.30 -4.35 -4.31
N ASN A 106 -14.36 -5.11 -3.77
CA ASN A 106 -13.60 -6.10 -4.57
C ASN A 106 -13.37 -5.62 -6.00
N SER A 107 -13.15 -4.32 -6.14
CA SER A 107 -12.91 -3.71 -7.45
C SER A 107 -11.47 -3.21 -7.56
N ASN A 108 -10.90 -3.31 -8.75
CA ASN A 108 -9.54 -2.86 -8.99
C ASN A 108 -9.52 -1.43 -9.51
N GLN A 109 -8.70 -0.58 -8.89
CA GLN A 109 -8.59 0.81 -9.31
C GLN A 109 -7.13 1.18 -9.49
N LEU A 110 -6.86 2.10 -10.40
CA LEU A 110 -5.50 2.54 -10.65
C LEU A 110 -5.00 3.41 -9.51
N LEU A 111 -3.90 2.98 -8.89
CA LEU A 111 -3.34 3.72 -7.76
C LEU A 111 -3.08 5.18 -8.10
N SER A 112 -3.04 6.00 -7.06
CA SER A 112 -2.81 7.42 -7.20
C SER A 112 -1.63 7.87 -6.35
N GLN A 113 -0.97 8.94 -6.75
CA GLN A 113 0.19 9.45 -6.00
C GLN A 113 -0.28 10.06 -4.69
N GLY A 114 0.24 9.55 -3.58
CA GLY A 114 -0.14 10.04 -2.28
C GLY A 114 -1.63 9.90 -2.03
N ASP A 115 -2.25 8.96 -2.75
CA ASP A 115 -3.68 8.70 -2.62
C ASP A 115 -4.06 8.47 -1.17
N GLU A 116 -5.36 8.42 -0.91
CA GLU A 116 -5.86 8.20 0.45
C GLU A 116 -7.13 7.37 0.44
N ILE A 117 -7.21 6.40 1.34
CA ILE A 117 -8.37 5.54 1.45
C ILE A 117 -9.05 5.73 2.79
N THR A 118 -10.36 6.00 2.76
CA THR A 118 -11.13 6.20 3.98
C THR A 118 -11.98 4.97 4.27
N VAL A 119 -12.09 4.60 5.53
CA VAL A 119 -12.85 3.42 5.92
C VAL A 119 -13.64 3.64 7.20
N GLY A 120 -14.68 2.83 7.38
CA GLY A 120 -15.51 2.94 8.56
C GLY A 120 -16.53 4.05 8.44
N VAL A 121 -17.15 4.14 7.26
CA VAL A 121 -18.12 5.15 6.98
C VAL A 121 -19.51 4.78 7.46
N GLY A 122 -20.21 5.77 8.00
CA GLY A 122 -21.53 5.59 8.52
C GLY A 122 -21.78 6.60 9.63
N VAL A 123 -20.74 6.83 10.41
CA VAL A 123 -20.76 7.79 11.49
C VAL A 123 -19.59 8.75 11.31
N GLU A 124 -19.89 10.03 11.19
CA GLU A 124 -18.85 11.05 10.98
C GLU A 124 -17.74 10.92 12.02
N SER A 125 -18.09 10.42 13.19
CA SER A 125 -17.13 10.26 14.27
C SER A 125 -16.50 8.86 14.29
N ASP A 126 -16.78 8.03 13.29
CA ASP A 126 -16.23 6.68 13.26
C ASP A 126 -15.60 6.32 11.92
N ILE A 127 -15.06 7.32 11.26
CA ILE A 127 -14.39 7.12 9.99
C ILE A 127 -12.88 7.26 10.16
N LEU A 128 -12.15 6.40 9.48
CA LEU A 128 -10.69 6.40 9.54
C LEU A 128 -10.09 6.54 8.14
N SER A 129 -9.09 7.40 8.00
CA SER A 129 -8.45 7.62 6.72
C SER A 129 -7.04 7.08 6.68
N LEU A 130 -6.63 6.68 5.49
CA LEU A 130 -5.30 6.12 5.26
C LEU A 130 -4.68 6.72 4.00
N VAL A 131 -3.39 7.01 4.05
CA VAL A 131 -2.69 7.58 2.89
C VAL A 131 -1.66 6.59 2.34
N ILE A 132 -1.58 6.51 1.02
CA ILE A 132 -0.67 5.62 0.36
C ILE A 132 0.50 6.39 -0.25
N PHE A 133 1.71 5.93 0.04
CA PHE A 133 2.92 6.56 -0.48
C PHE A 133 3.65 5.63 -1.46
N ILE A 134 3.74 6.05 -2.72
CA ILE A 134 4.40 5.25 -3.73
C ILE A 134 5.90 5.49 -3.75
N ASN A 135 6.67 4.41 -3.81
CA ASN A 135 8.12 4.50 -3.84
C ASN A 135 8.63 4.64 -5.28
N ASP A 136 9.14 5.82 -5.61
CA ASP A 136 9.66 6.08 -6.95
C ASP A 136 10.83 5.17 -7.27
N LYS A 137 11.60 4.81 -6.24
CA LYS A 137 12.76 3.95 -6.42
C LYS A 137 12.35 2.63 -7.07
N PHE A 138 11.24 2.08 -6.61
CA PHE A 138 10.73 0.82 -7.14
C PHE A 138 10.43 0.93 -8.62
N LYS A 139 9.79 2.04 -9.00
CA LYS A 139 9.43 2.28 -10.40
C LYS A 139 10.69 2.42 -11.27
N GLN A 140 11.74 2.98 -10.68
CA GLN A 140 13.00 3.18 -11.41
C GLN A 140 13.56 1.85 -11.91
N CYS A 141 13.52 0.84 -11.06
CA CYS A 141 14.03 -0.48 -11.42
C CYS A 141 13.22 -1.09 -12.55
N LEU A 142 11.90 -1.01 -12.43
CA LEU A 142 11.01 -1.56 -13.45
C LEU A 142 11.13 -0.78 -14.75
N GLU A 143 11.34 0.52 -14.64
CA GLU A 143 11.48 1.37 -15.83
C GLU A 143 12.68 0.94 -16.66
N GLN A 144 13.78 0.58 -15.99
CA GLN A 144 14.99 0.15 -16.68
C GLN A 144 14.95 -1.36 -16.94
N ASN A 145 14.29 -2.09 -16.05
CA ASN A 145 14.17 -3.55 -16.16
C ASN A 145 15.51 -4.20 -16.56
N LYS A 146 15.75 -4.35 -17.86
CA LYS A 146 16.98 -4.95 -18.34
C LYS A 146 17.92 -3.90 -18.90
N VAL A 147 19.16 -3.88 -18.41
CA VAL A 147 20.16 -2.92 -18.87
C VAL A 147 20.72 -3.32 -20.23
N ASP A 148 20.51 -2.45 -21.22
CA ASP A 148 21.00 -2.71 -22.57
C ASP A 148 21.96 -1.61 -23.02
N ARG A 149 23.17 -2.01 -23.43
CA ARG A 149 24.17 -1.06 -23.88
C ARG A 149 24.39 -1.17 -25.38
N ILE A 150 23.49 -0.57 -26.15
CA ILE A 150 23.58 -0.61 -27.61
C ILE A 150 24.44 0.54 -28.14
N ARG A 151 25.26 0.25 -29.14
CA ARG A 151 26.14 1.25 -29.73
C ARG A 151 25.74 1.55 -31.17
N ALA A 1 22.02 25.50 -11.44
CA ALA A 1 21.05 24.60 -10.83
C ALA A 1 20.79 24.96 -9.38
N THR A 2 19.93 25.96 -9.18
CA THR A 2 19.59 26.41 -7.83
C THR A 2 18.14 26.06 -7.48
N GLN A 3 17.22 26.46 -8.36
CA GLN A 3 15.81 26.19 -8.14
C GLN A 3 15.53 24.69 -8.18
N ARG A 4 16.17 24.00 -9.12
CA ARG A 4 15.99 22.56 -9.26
C ARG A 4 16.65 21.82 -8.11
N PHE A 5 17.80 22.32 -7.67
CA PHE A 5 18.54 21.69 -6.56
C PHE A 5 17.67 21.62 -5.31
N LEU A 6 16.91 22.68 -5.06
CA LEU A 6 16.03 22.74 -3.90
C LEU A 6 14.98 21.64 -3.96
N ILE A 7 14.56 21.31 -5.18
CA ILE A 7 13.56 20.26 -5.37
C ILE A 7 14.14 18.88 -5.11
N GLU A 8 15.41 18.70 -5.48
CA GLU A 8 16.08 17.43 -5.28
C GLU A 8 16.04 17.01 -3.82
N LYS A 9 16.30 17.97 -2.94
CA LYS A 9 16.27 17.72 -1.50
C LYS A 9 14.86 17.40 -1.03
N PHE A 10 13.87 17.88 -1.79
CA PHE A 10 12.47 17.66 -1.46
C PHE A 10 12.16 16.16 -1.36
N SER A 11 12.62 15.41 -2.35
CA SER A 11 12.40 13.98 -2.39
C SER A 11 13.41 13.24 -1.51
N GLN A 12 14.67 13.67 -1.57
CA GLN A 12 15.73 13.06 -0.79
C GLN A 12 15.98 11.63 -1.26
N GLU A 13 16.85 10.92 -0.54
CA GLU A 13 17.17 9.53 -0.89
C GLU A 13 15.93 8.64 -0.79
N GLN A 14 15.66 7.90 -1.86
CA GLN A 14 14.51 7.01 -1.89
C GLN A 14 14.77 5.75 -1.08
N ILE A 15 14.17 5.68 0.10
CA ILE A 15 14.34 4.53 0.98
C ILE A 15 13.43 3.39 0.59
N GLY A 16 13.98 2.20 0.63
CA GLY A 16 13.23 1.01 0.28
C GLY A 16 14.10 -0.06 -0.35
N GLU A 17 14.15 -1.23 0.29
CA GLU A 17 14.95 -2.34 -0.21
C GLU A 17 14.26 -3.01 -1.40
N ASN A 18 12.94 -2.94 -1.43
CA ASN A 18 12.16 -3.54 -2.52
C ASN A 18 10.70 -3.24 -2.24
N ILE A 19 10.49 -2.05 -1.72
CA ILE A 19 9.19 -1.59 -1.33
C ILE A 19 8.34 -1.18 -2.53
N VAL A 20 7.09 -1.59 -2.46
CA VAL A 20 6.13 -1.31 -3.48
C VAL A 20 5.39 -0.03 -3.15
N CYS A 21 4.75 -0.03 -1.99
CA CYS A 21 4.00 1.13 -1.50
C CYS A 21 4.10 1.22 0.02
N ARG A 22 3.73 2.38 0.57
CA ARG A 22 3.78 2.58 2.02
C ARG A 22 2.46 3.15 2.54
N VAL A 23 1.87 2.48 3.52
CA VAL A 23 0.61 2.92 4.10
C VAL A 23 0.85 3.75 5.36
N ILE A 24 0.35 4.98 5.36
CA ILE A 24 0.50 5.88 6.48
C ILE A 24 -0.86 6.38 6.98
N CYS A 25 -1.14 6.15 8.25
CA CYS A 25 -2.40 6.59 8.83
C CYS A 25 -2.34 8.08 9.18
N THR A 26 -3.13 8.88 8.48
CA THR A 26 -3.15 10.32 8.71
C THR A 26 -4.02 10.69 9.91
N THR A 27 -5.00 9.83 10.22
CA THR A 27 -5.89 10.08 11.35
C THR A 27 -5.23 9.70 12.68
N GLY A 28 -4.01 9.18 12.61
CA GLY A 28 -3.30 8.79 13.81
C GLY A 28 -3.99 7.71 14.60
N GLN A 29 -3.90 6.48 14.12
CA GLN A 29 -4.52 5.33 14.78
C GLN A 29 -3.69 4.07 14.60
N ILE A 30 -3.22 3.86 13.38
CA ILE A 30 -2.42 2.68 13.06
C ILE A 30 -1.00 3.09 12.67
N PRO A 31 0.02 2.30 13.08
CA PRO A 31 1.41 2.61 12.76
C PRO A 31 1.73 2.37 11.29
N ILE A 32 2.61 3.21 10.74
CA ILE A 32 3.01 3.11 9.34
C ILE A 32 3.64 1.76 9.02
N ARG A 33 3.28 1.20 7.87
CA ARG A 33 3.81 -0.08 7.44
C ARG A 33 4.43 0.05 6.04
N ASP A 34 5.22 -0.94 5.66
CA ASP A 34 5.87 -0.91 4.34
C ASP A 34 5.48 -2.12 3.49
N LEU A 35 4.87 -1.84 2.35
CA LEU A 35 4.48 -2.89 1.42
C LEU A 35 5.60 -3.11 0.42
N SER A 36 6.01 -4.36 0.21
CA SER A 36 7.08 -4.62 -0.73
C SER A 36 6.88 -5.86 -1.55
N ALA A 37 7.52 -5.86 -2.70
CA ALA A 37 7.47 -6.98 -3.62
C ALA A 37 8.80 -7.15 -4.34
N ASP A 38 9.20 -8.40 -4.56
CA ASP A 38 10.46 -8.70 -5.23
C ASP A 38 10.34 -8.46 -6.73
N ILE A 39 11.28 -7.67 -7.26
CA ILE A 39 11.31 -7.33 -8.68
C ILE A 39 11.56 -8.57 -9.55
N SER A 40 12.49 -9.41 -9.13
CA SER A 40 12.82 -10.60 -9.89
C SER A 40 11.63 -11.52 -10.01
N GLN A 41 10.87 -11.61 -8.93
CA GLN A 41 9.68 -12.45 -8.89
C GLN A 41 8.59 -11.87 -9.79
N VAL A 42 8.50 -10.55 -9.83
CA VAL A 42 7.51 -9.86 -10.64
C VAL A 42 7.86 -9.97 -12.13
N LEU A 43 9.13 -9.79 -12.45
CA LEU A 43 9.59 -9.86 -13.83
C LEU A 43 9.57 -11.29 -14.34
N LYS A 44 9.99 -12.23 -13.50
CA LYS A 44 10.01 -13.64 -13.86
C LYS A 44 8.60 -14.17 -14.09
N GLU A 45 7.66 -13.71 -13.25
CA GLU A 45 6.27 -14.14 -13.37
C GLU A 45 5.60 -13.49 -14.58
N LYS A 46 4.91 -14.31 -15.37
CA LYS A 46 4.23 -13.82 -16.56
C LYS A 46 2.72 -13.77 -16.33
N ARG A 47 2.32 -13.49 -15.10
CA ARG A 47 0.90 -13.41 -14.75
C ARG A 47 0.47 -11.95 -14.55
N SER A 48 -0.81 -11.76 -14.27
CA SER A 48 -1.35 -10.42 -14.06
C SER A 48 -1.19 -10.00 -12.60
N ILE A 49 -1.21 -10.97 -11.70
CA ILE A 49 -1.07 -10.69 -10.27
C ILE A 49 0.28 -11.18 -9.75
N LYS A 50 0.82 -10.46 -8.77
CA LYS A 50 2.10 -10.81 -8.18
C LYS A 50 1.98 -10.95 -6.67
N LYS A 51 1.86 -9.82 -5.99
CA LYS A 51 1.74 -9.81 -4.53
C LYS A 51 0.65 -8.85 -4.09
N VAL A 52 -0.28 -9.34 -3.27
CA VAL A 52 -1.38 -8.51 -2.79
C VAL A 52 -1.40 -8.44 -1.27
N TRP A 53 -1.64 -7.24 -0.77
CA TRP A 53 -1.71 -7.00 0.67
C TRP A 53 -3.14 -6.87 1.16
N THR A 54 -3.43 -7.44 2.33
CA THR A 54 -4.75 -7.34 2.91
C THR A 54 -4.68 -6.53 4.20
N PHE A 55 -5.56 -5.55 4.32
CA PHE A 55 -5.59 -4.68 5.49
C PHE A 55 -6.90 -4.81 6.26
N GLY A 56 -6.84 -4.69 7.58
CA GLY A 56 -8.04 -4.79 8.39
C GLY A 56 -7.73 -5.09 9.85
N ARG A 57 -8.77 -5.42 10.61
CA ARG A 57 -8.61 -5.74 12.03
C ARG A 57 -8.15 -7.18 12.25
N ASN A 58 -7.89 -7.89 11.16
CA ASN A 58 -7.46 -9.29 11.27
C ASN A 58 -5.94 -9.37 11.47
N PRO A 59 -5.49 -10.19 12.45
CA PRO A 59 -4.07 -10.36 12.74
C PRO A 59 -3.35 -11.05 11.58
N ALA A 60 -4.12 -11.62 10.66
CA ALA A 60 -3.58 -12.29 9.50
C ALA A 60 -3.29 -11.26 8.45
N CYS A 61 -4.23 -10.35 8.31
CA CYS A 61 -4.13 -9.28 7.36
C CYS A 61 -2.74 -8.71 7.32
N ASP A 62 -2.27 -8.42 6.13
CA ASP A 62 -0.96 -7.84 5.94
C ASP A 62 -0.84 -6.54 6.73
N TYR A 63 -1.99 -5.97 7.12
CA TYR A 63 -2.00 -4.73 7.89
C TYR A 63 -2.88 -4.86 9.13
N HIS A 64 -2.28 -4.71 10.29
CA HIS A 64 -3.03 -4.80 11.55
C HIS A 64 -3.40 -3.41 12.05
N LEU A 65 -4.68 -3.08 11.97
CA LEU A 65 -5.17 -1.78 12.42
C LEU A 65 -6.08 -1.94 13.64
N GLY A 66 -6.54 -0.81 14.18
CA GLY A 66 -7.41 -0.85 15.34
C GLY A 66 -8.66 -1.68 15.11
N ASN A 67 -9.13 -2.34 16.17
CA ASN A 67 -10.32 -3.17 16.07
C ASN A 67 -11.58 -2.32 16.10
N ILE A 68 -12.01 -1.86 14.93
CA ILE A 68 -13.21 -1.05 14.81
C ILE A 68 -14.35 -1.83 14.19
N SER A 69 -15.49 -1.85 14.87
CA SER A 69 -16.66 -2.58 14.38
C SER A 69 -17.05 -2.11 12.98
N ARG A 70 -16.84 -0.83 12.71
CA ARG A 70 -17.16 -0.26 11.41
C ARG A 70 -16.30 -0.88 10.32
N LEU A 71 -15.10 -1.33 10.68
CA LEU A 71 -14.20 -1.94 9.72
C LEU A 71 -14.23 -3.46 9.84
N SER A 72 -13.94 -4.15 8.73
CA SER A 72 -13.95 -5.61 8.72
C SER A 72 -12.56 -6.19 8.96
N ASN A 73 -12.49 -7.49 9.25
CA ASN A 73 -11.21 -8.18 9.50
C ASN A 73 -10.20 -7.73 8.45
N LYS A 74 -10.61 -7.86 7.20
CA LYS A 74 -9.80 -7.45 6.06
C LYS A 74 -10.58 -6.37 5.33
N HIS A 75 -10.47 -5.16 5.84
CA HIS A 75 -11.21 -4.03 5.30
C HIS A 75 -10.88 -3.77 3.84
N PHE A 76 -9.60 -3.76 3.52
CA PHE A 76 -9.19 -3.51 2.14
C PHE A 76 -7.95 -4.30 1.76
N GLN A 77 -7.73 -4.48 0.46
CA GLN A 77 -6.60 -5.24 -0.03
C GLN A 77 -5.91 -4.52 -1.21
N ILE A 78 -4.58 -4.56 -1.25
CA ILE A 78 -3.85 -3.92 -2.35
C ILE A 78 -3.11 -4.95 -3.19
N LEU A 79 -3.26 -4.88 -4.51
CA LEU A 79 -2.60 -5.83 -5.41
C LEU A 79 -1.53 -5.16 -6.26
N LEU A 80 -0.48 -5.92 -6.56
CA LEU A 80 0.62 -5.42 -7.38
C LEU A 80 0.86 -6.34 -8.56
N GLY A 81 0.79 -5.79 -9.77
CA GLY A 81 1.00 -6.58 -10.97
C GLY A 81 0.69 -5.82 -12.24
N GLU A 82 0.81 -6.50 -13.37
CA GLU A 82 0.53 -5.88 -14.67
C GLU A 82 1.44 -4.68 -14.90
N ASP A 83 2.67 -4.94 -15.34
CA ASP A 83 3.63 -3.88 -15.62
C ASP A 83 3.92 -3.08 -14.35
N GLY A 84 4.74 -2.05 -14.48
CA GLY A 84 5.09 -1.22 -13.33
C GLY A 84 3.93 -0.37 -12.87
N ASN A 85 2.87 -1.02 -12.38
CA ASN A 85 1.68 -0.32 -11.90
C ASN A 85 1.10 -1.00 -10.67
N LEU A 86 0.42 -0.23 -9.84
CA LEU A 86 -0.20 -0.77 -8.62
C LEU A 86 -1.71 -0.65 -8.68
N LEU A 87 -2.40 -1.53 -7.96
CA LEU A 87 -3.85 -1.53 -7.93
C LEU A 87 -4.37 -1.63 -6.50
N LEU A 88 -5.48 -0.97 -6.22
CA LEU A 88 -6.08 -1.00 -4.89
C LEU A 88 -7.40 -1.74 -4.92
N ASN A 89 -7.56 -2.73 -4.05
CA ASN A 89 -8.78 -3.50 -4.02
C ASN A 89 -9.49 -3.40 -2.68
N ASP A 90 -10.69 -2.82 -2.69
CA ASP A 90 -11.47 -2.69 -1.47
C ASP A 90 -12.10 -4.04 -1.12
N ILE A 91 -12.15 -4.37 0.17
CA ILE A 91 -12.72 -5.65 0.61
C ILE A 91 -13.35 -5.55 2.00
N SER A 92 -14.03 -4.44 2.27
CA SER A 92 -14.65 -4.24 3.55
C SER A 92 -16.14 -4.56 3.52
N THR A 93 -16.67 -4.94 4.67
CA THR A 93 -18.09 -5.24 4.79
C THR A 93 -18.90 -3.97 4.65
N ASN A 94 -18.32 -2.85 5.09
CA ASN A 94 -19.01 -1.56 5.04
C ASN A 94 -18.60 -0.71 3.84
N GLY A 95 -17.44 -1.01 3.23
CA GLY A 95 -17.01 -0.25 2.07
C GLY A 95 -15.69 0.47 2.28
N THR A 96 -15.03 0.76 1.17
CA THR A 96 -13.75 1.46 1.17
C THR A 96 -13.89 2.79 0.43
N TRP A 97 -13.30 3.85 0.97
CA TRP A 97 -13.43 5.17 0.37
C TRP A 97 -12.12 5.72 -0.15
N LEU A 98 -12.22 6.51 -1.21
CA LEU A 98 -11.08 7.18 -1.80
C LEU A 98 -11.37 8.68 -1.84
N ASN A 99 -10.60 9.44 -1.07
CA ASN A 99 -10.75 10.89 -1.00
C ASN A 99 -12.22 11.31 -0.91
N GLY A 100 -13.01 10.62 -0.08
CA GLY A 100 -14.39 10.97 0.08
C GLY A 100 -15.31 10.28 -0.91
N GLN A 101 -14.74 9.68 -1.95
CA GLN A 101 -15.53 9.00 -2.95
C GLN A 101 -15.44 7.49 -2.76
N LYS A 102 -16.57 6.87 -2.49
CA LYS A 102 -16.64 5.44 -2.28
C LYS A 102 -16.47 4.68 -3.59
N VAL A 103 -15.49 3.77 -3.60
CA VAL A 103 -15.21 2.97 -4.79
C VAL A 103 -16.01 1.67 -4.77
N GLU A 104 -15.88 0.89 -5.84
CA GLU A 104 -16.59 -0.38 -5.93
C GLU A 104 -15.82 -1.48 -5.20
N LYS A 105 -16.48 -2.15 -4.26
CA LYS A 105 -15.85 -3.21 -3.48
C LYS A 105 -15.17 -4.22 -4.40
N ASN A 106 -14.25 -4.97 -3.82
CA ASN A 106 -13.49 -5.99 -4.53
C ASN A 106 -13.20 -5.62 -5.98
N SER A 107 -13.01 -4.32 -6.20
CA SER A 107 -12.70 -3.81 -7.53
C SER A 107 -11.29 -3.26 -7.61
N ASN A 108 -10.65 -3.43 -8.76
CA ASN A 108 -9.28 -2.95 -8.95
C ASN A 108 -9.27 -1.50 -9.41
N GLN A 109 -8.44 -0.69 -8.77
CA GLN A 109 -8.32 0.72 -9.12
C GLN A 109 -6.86 1.11 -9.33
N LEU A 110 -6.63 2.05 -10.22
CA LEU A 110 -5.27 2.51 -10.49
C LEU A 110 -4.77 3.35 -9.34
N LEU A 111 -3.69 2.89 -8.70
CA LEU A 111 -3.12 3.59 -7.56
C LEU A 111 -2.83 5.06 -7.89
N SER A 112 -2.80 5.86 -6.84
CA SER A 112 -2.54 7.29 -6.97
C SER A 112 -1.35 7.70 -6.10
N GLN A 113 -0.67 8.77 -6.49
CA GLN A 113 0.48 9.25 -5.73
C GLN A 113 0.03 9.89 -4.43
N GLY A 114 0.51 9.35 -3.30
CA GLY A 114 0.12 9.86 -2.01
C GLY A 114 -1.37 9.83 -1.78
N ASP A 115 -2.05 8.93 -2.49
CA ASP A 115 -3.49 8.79 -2.37
C ASP A 115 -3.90 8.52 -0.94
N GLU A 116 -5.21 8.49 -0.69
CA GLU A 116 -5.72 8.24 0.65
C GLU A 116 -7.02 7.43 0.60
N ILE A 117 -7.13 6.43 1.46
CA ILE A 117 -8.32 5.60 1.53
C ILE A 117 -9.03 5.77 2.86
N THR A 118 -10.32 6.06 2.80
CA THR A 118 -11.11 6.26 4.00
C THR A 118 -11.98 5.03 4.26
N VAL A 119 -12.11 4.64 5.52
CA VAL A 119 -12.89 3.46 5.88
C VAL A 119 -13.71 3.66 7.15
N GLY A 120 -14.75 2.86 7.29
CA GLY A 120 -15.61 2.94 8.46
C GLY A 120 -16.64 4.03 8.33
N VAL A 121 -17.12 4.23 7.12
CA VAL A 121 -18.10 5.25 6.85
C VAL A 121 -19.50 4.88 7.33
N GLY A 122 -20.18 5.87 7.87
CA GLY A 122 -21.50 5.69 8.39
C GLY A 122 -21.76 6.69 9.50
N VAL A 123 -20.73 6.92 10.29
CA VAL A 123 -20.78 7.86 11.38
C VAL A 123 -19.62 8.84 11.24
N GLU A 124 -19.89 10.13 11.37
CA GLU A 124 -18.88 11.16 11.23
C GLU A 124 -17.64 10.87 12.09
N SER A 125 -17.87 10.37 13.30
CA SER A 125 -16.78 10.08 14.21
C SER A 125 -16.31 8.63 14.14
N ASP A 126 -16.83 7.85 13.20
CA ASP A 126 -16.43 6.45 13.09
C ASP A 126 -15.74 6.12 11.79
N ILE A 127 -15.13 7.13 11.21
CA ILE A 127 -14.39 6.97 9.97
C ILE A 127 -12.88 7.05 10.21
N LEU A 128 -12.15 6.19 9.53
CA LEU A 128 -10.70 6.13 9.63
C LEU A 128 -10.07 6.29 8.26
N SER A 129 -9.03 7.13 8.16
CA SER A 129 -8.37 7.35 6.88
C SER A 129 -6.95 6.82 6.86
N LEU A 130 -6.53 6.43 5.66
CA LEU A 130 -5.18 5.91 5.44
C LEU A 130 -4.57 6.51 4.17
N VAL A 131 -3.27 6.79 4.21
CA VAL A 131 -2.59 7.37 3.06
C VAL A 131 -1.56 6.40 2.47
N ILE A 132 -1.55 6.28 1.15
CA ILE A 132 -0.65 5.39 0.47
C ILE A 132 0.49 6.15 -0.20
N PHE A 133 1.72 5.74 0.08
CA PHE A 133 2.90 6.38 -0.49
C PHE A 133 3.61 5.42 -1.45
N ILE A 134 3.73 5.83 -2.70
CA ILE A 134 4.38 5.01 -3.72
C ILE A 134 5.89 5.22 -3.70
N ASN A 135 6.64 4.12 -3.75
CA ASN A 135 8.09 4.18 -3.75
C ASN A 135 8.63 4.48 -5.16
N ASP A 136 9.10 5.71 -5.35
CA ASP A 136 9.63 6.12 -6.65
C ASP A 136 10.79 5.21 -7.07
N LYS A 137 11.55 4.72 -6.10
CA LYS A 137 12.68 3.85 -6.37
C LYS A 137 12.22 2.60 -7.11
N PHE A 138 11.13 2.01 -6.63
CA PHE A 138 10.59 0.81 -7.25
C PHE A 138 10.24 1.05 -8.71
N LYS A 139 9.59 2.19 -8.97
CA LYS A 139 9.19 2.55 -10.33
C LYS A 139 10.42 2.78 -11.22
N GLN A 140 11.47 3.35 -10.63
CA GLN A 140 12.70 3.62 -11.38
C GLN A 140 13.29 2.34 -11.96
N CYS A 141 13.37 1.30 -11.13
CA CYS A 141 13.92 0.02 -11.57
C CYS A 141 13.12 -0.54 -12.74
N LEU A 142 11.80 -0.48 -12.65
CA LEU A 142 10.94 -0.98 -13.71
C LEU A 142 11.04 -0.11 -14.96
N GLU A 143 11.19 1.19 -14.75
CA GLU A 143 11.29 2.14 -15.86
C GLU A 143 12.62 1.96 -16.60
N GLN A 144 13.71 1.91 -15.85
CA GLN A 144 15.04 1.75 -16.43
C GLN A 144 15.30 0.31 -16.83
N ASN A 145 14.79 -0.62 -16.01
CA ASN A 145 14.95 -2.06 -16.26
C ASN A 145 16.38 -2.38 -16.71
N LYS A 146 17.27 -2.59 -15.75
CA LYS A 146 18.65 -2.91 -16.03
C LYS A 146 18.97 -4.36 -15.67
N VAL A 147 19.29 -5.16 -16.68
CA VAL A 147 19.62 -6.56 -16.45
C VAL A 147 21.13 -6.79 -16.45
N ASP A 148 21.64 -7.30 -15.32
CA ASP A 148 23.07 -7.55 -15.19
C ASP A 148 23.88 -6.27 -15.35
N ARG A 149 24.44 -5.79 -14.26
CA ARG A 149 25.23 -4.56 -14.29
C ARG A 149 26.71 -4.88 -14.53
N ILE A 150 27.12 -4.82 -15.79
CA ILE A 150 28.51 -5.10 -16.15
C ILE A 150 29.40 -3.91 -15.86
N ARG A 151 30.38 -4.11 -14.98
CA ARG A 151 31.31 -3.05 -14.61
C ARG A 151 32.45 -2.94 -15.62
N ALA A 1 17.87 25.36 -6.84
CA ALA A 1 17.74 23.97 -6.46
C ALA A 1 17.89 23.05 -7.67
N THR A 2 19.11 22.56 -7.90
CA THR A 2 19.38 21.67 -9.02
C THR A 2 20.65 20.86 -8.78
N GLN A 3 21.80 21.52 -8.91
CA GLN A 3 23.08 20.86 -8.71
C GLN A 3 23.28 20.50 -7.24
N ARG A 4 23.00 21.46 -6.36
CA ARG A 4 23.15 21.24 -4.93
C ARG A 4 22.19 20.16 -4.43
N PHE A 5 21.00 20.13 -5.02
CA PHE A 5 19.98 19.15 -4.64
C PHE A 5 20.52 17.73 -4.79
N LEU A 6 21.24 17.49 -5.89
CA LEU A 6 21.81 16.18 -6.16
C LEU A 6 22.75 15.76 -5.04
N ILE A 7 23.41 16.74 -4.43
CA ILE A 7 24.34 16.47 -3.33
C ILE A 7 23.58 16.11 -2.06
N GLU A 8 22.42 16.73 -1.86
CA GLU A 8 21.61 16.46 -0.68
C GLU A 8 21.27 14.98 -0.59
N LYS A 9 20.98 14.38 -1.74
CA LYS A 9 20.65 12.96 -1.79
C LYS A 9 21.87 12.10 -1.43
N PHE A 10 23.05 12.67 -1.63
CA PHE A 10 24.30 11.98 -1.35
C PHE A 10 24.37 11.53 0.11
N SER A 11 24.04 12.44 1.01
CA SER A 11 24.09 12.16 2.45
C SER A 11 22.86 11.36 2.88
N GLN A 12 21.68 11.79 2.45
CA GLN A 12 20.44 11.11 2.80
C GLN A 12 20.16 9.95 1.85
N GLU A 13 20.19 8.74 2.38
CA GLU A 13 19.94 7.55 1.58
C GLU A 13 18.44 7.24 1.52
N GLN A 14 17.99 6.77 0.36
CA GLN A 14 16.58 6.44 0.16
C GLN A 14 16.26 5.08 0.79
N ILE A 15 15.28 5.07 1.69
CA ILE A 15 14.88 3.84 2.36
C ILE A 15 13.93 3.02 1.51
N GLY A 16 14.17 1.73 1.53
CA GLY A 16 13.36 0.80 0.76
C GLY A 16 14.19 -0.30 0.12
N GLU A 17 14.03 -1.52 0.61
CA GLU A 17 14.77 -2.66 0.09
C GLU A 17 14.10 -3.20 -1.18
N ASN A 18 12.79 -3.02 -1.28
CA ASN A 18 12.03 -3.49 -2.43
C ASN A 18 10.57 -3.15 -2.19
N ILE A 19 10.40 -1.98 -1.60
CA ILE A 19 9.11 -1.48 -1.23
C ILE A 19 8.29 -1.03 -2.42
N VAL A 20 7.04 -1.44 -2.41
CA VAL A 20 6.11 -1.13 -3.46
C VAL A 20 5.39 0.17 -3.12
N CYS A 21 4.70 0.16 -2.00
CA CYS A 21 3.96 1.32 -1.51
C CYS A 21 3.91 1.32 0.01
N ARG A 22 3.83 2.51 0.61
CA ARG A 22 3.79 2.63 2.06
C ARG A 22 2.45 3.18 2.52
N VAL A 23 1.91 2.62 3.61
CA VAL A 23 0.64 3.06 4.15
C VAL A 23 0.84 3.88 5.42
N ILE A 24 0.34 5.11 5.40
CA ILE A 24 0.47 6.01 6.53
C ILE A 24 -0.89 6.54 6.99
N CYS A 25 -1.20 6.36 8.27
CA CYS A 25 -2.47 6.84 8.82
C CYS A 25 -2.38 8.32 9.17
N THR A 26 -3.24 9.12 8.54
CA THR A 26 -3.25 10.56 8.77
C THR A 26 -4.12 10.92 9.97
N THR A 27 -5.12 10.10 10.26
CA THR A 27 -6.01 10.35 11.38
C THR A 27 -5.39 9.92 12.71
N GLY A 28 -4.17 9.36 12.64
CA GLY A 28 -3.49 8.93 13.84
C GLY A 28 -4.23 7.83 14.58
N GLN A 29 -4.12 6.61 14.08
CA GLN A 29 -4.78 5.46 14.70
C GLN A 29 -3.95 4.20 14.53
N ILE A 30 -3.44 3.99 13.32
CA ILE A 30 -2.63 2.82 13.02
C ILE A 30 -1.19 3.22 12.70
N PRO A 31 -0.19 2.42 13.15
CA PRO A 31 1.21 2.71 12.91
C PRO A 31 1.62 2.44 11.46
N ILE A 32 2.45 3.32 10.91
CA ILE A 32 2.91 3.19 9.53
C ILE A 32 3.54 1.82 9.27
N ARG A 33 3.28 1.26 8.09
CA ARG A 33 3.83 -0.02 7.70
C ARG A 33 4.44 0.06 6.31
N ASP A 34 5.26 -0.92 5.94
CA ASP A 34 5.90 -0.93 4.63
C ASP A 34 5.50 -2.15 3.82
N LEU A 35 4.89 -1.90 2.66
CA LEU A 35 4.48 -2.96 1.75
C LEU A 35 5.53 -3.10 0.66
N SER A 36 5.92 -4.33 0.33
CA SER A 36 6.94 -4.52 -0.69
C SER A 36 6.74 -5.75 -1.54
N ALA A 37 7.38 -5.71 -2.69
CA ALA A 37 7.33 -6.82 -3.63
C ALA A 37 8.69 -7.00 -4.31
N ASP A 38 9.07 -8.26 -4.52
CA ASP A 38 10.35 -8.56 -5.15
C ASP A 38 10.30 -8.39 -6.66
N ILE A 39 11.29 -7.68 -7.20
CA ILE A 39 11.38 -7.42 -8.63
C ILE A 39 11.58 -8.71 -9.43
N SER A 40 12.48 -9.56 -8.96
CA SER A 40 12.78 -10.80 -9.64
C SER A 40 11.53 -11.67 -9.76
N GLN A 41 10.76 -11.69 -8.69
CA GLN A 41 9.53 -12.47 -8.65
C GLN A 41 8.48 -11.88 -9.59
N VAL A 42 8.45 -10.56 -9.68
CA VAL A 42 7.51 -9.87 -10.55
C VAL A 42 7.85 -10.10 -12.01
N LEU A 43 9.14 -10.05 -12.33
CA LEU A 43 9.60 -10.24 -13.70
C LEU A 43 9.45 -11.71 -14.12
N LYS A 44 9.64 -12.62 -13.17
CA LYS A 44 9.52 -14.05 -13.44
C LYS A 44 8.06 -14.49 -13.47
N GLU A 45 7.29 -14.01 -12.50
CA GLU A 45 5.88 -14.36 -12.41
C GLU A 45 5.11 -13.85 -13.62
N LYS A 46 4.54 -14.79 -14.39
CA LYS A 46 3.79 -14.43 -15.59
C LYS A 46 2.29 -14.42 -15.30
N ARG A 47 1.88 -15.20 -14.31
CA ARG A 47 0.47 -15.28 -13.94
C ARG A 47 -0.09 -13.89 -13.62
N SER A 48 -1.39 -13.83 -13.37
CA SER A 48 -2.05 -12.57 -13.05
C SER A 48 -1.61 -12.06 -11.67
N ILE A 49 -1.27 -10.76 -11.62
CA ILE A 49 -0.84 -10.12 -10.38
C ILE A 49 0.34 -10.87 -9.73
N LYS A 50 1.12 -10.15 -8.93
CA LYS A 50 2.27 -10.74 -8.26
C LYS A 50 1.98 -10.96 -6.78
N LYS A 51 1.90 -9.87 -6.02
CA LYS A 51 1.63 -9.95 -4.59
C LYS A 51 0.57 -8.93 -4.17
N VAL A 52 -0.32 -9.35 -3.29
CA VAL A 52 -1.39 -8.48 -2.81
C VAL A 52 -1.44 -8.43 -1.29
N TRP A 53 -1.67 -7.23 -0.78
CA TRP A 53 -1.75 -7.01 0.67
C TRP A 53 -3.18 -6.91 1.16
N THR A 54 -3.47 -7.53 2.30
CA THR A 54 -4.79 -7.46 2.89
C THR A 54 -4.72 -6.68 4.21
N PHE A 55 -5.56 -5.68 4.33
CA PHE A 55 -5.57 -4.82 5.52
C PHE A 55 -6.81 -5.07 6.37
N GLY A 56 -6.64 -4.96 7.69
CA GLY A 56 -7.76 -5.16 8.59
C GLY A 56 -7.36 -5.16 10.05
N ARG A 57 -8.32 -5.45 10.91
CA ARG A 57 -8.07 -5.49 12.35
C ARG A 57 -7.50 -6.84 12.79
N ASN A 58 -7.39 -7.78 11.84
CA ASN A 58 -6.86 -9.10 12.14
C ASN A 58 -5.35 -9.13 11.98
N PRO A 59 -4.65 -9.82 12.90
CA PRO A 59 -3.19 -9.96 12.86
C PRO A 59 -2.74 -10.83 11.68
N ALA A 60 -3.70 -11.40 10.97
CA ALA A 60 -3.42 -12.24 9.82
C ALA A 60 -3.18 -11.37 8.63
N CYS A 61 -4.08 -10.41 8.49
CA CYS A 61 -4.03 -9.47 7.42
C CYS A 61 -2.61 -8.97 7.21
N ASP A 62 -2.23 -8.84 5.97
CA ASP A 62 -0.90 -8.37 5.63
C ASP A 62 -0.64 -7.02 6.31
N TYR A 63 -1.73 -6.33 6.69
CA TYR A 63 -1.60 -5.03 7.36
C TYR A 63 -2.45 -4.99 8.63
N HIS A 64 -1.79 -4.74 9.76
CA HIS A 64 -2.49 -4.67 11.04
C HIS A 64 -2.99 -3.26 11.30
N LEU A 65 -4.32 -3.11 11.38
CA LEU A 65 -4.93 -1.81 11.62
C LEU A 65 -5.16 -1.58 13.11
N GLY A 66 -6.27 -2.10 13.62
CA GLY A 66 -6.59 -1.93 15.03
C GLY A 66 -7.75 -2.79 15.47
N ASN A 67 -8.93 -2.19 15.58
CA ASN A 67 -10.12 -2.92 16.00
C ASN A 67 -11.36 -2.03 15.96
N ILE A 68 -11.82 -1.70 14.76
CA ILE A 68 -13.00 -0.87 14.58
C ILE A 68 -14.16 -1.68 14.02
N SER A 69 -15.27 -1.71 14.76
CA SER A 69 -16.45 -2.46 14.34
C SER A 69 -16.90 -2.05 12.94
N ARG A 70 -16.81 -0.76 12.64
CA ARG A 70 -17.22 -0.26 11.32
C ARG A 70 -16.39 -0.91 10.21
N LEU A 71 -15.23 -1.45 10.58
CA LEU A 71 -14.35 -2.10 9.61
C LEU A 71 -14.47 -3.61 9.69
N SER A 72 -14.21 -4.30 8.58
CA SER A 72 -14.30 -5.76 8.56
C SER A 72 -12.93 -6.38 8.73
N ASN A 73 -12.88 -7.70 8.92
CA ASN A 73 -11.60 -8.40 9.07
C ASN A 73 -10.60 -7.82 8.08
N LYS A 74 -10.68 -8.26 6.84
CA LYS A 74 -9.84 -7.73 5.78
C LYS A 74 -10.62 -6.60 5.12
N HIS A 75 -10.55 -5.43 5.73
CA HIS A 75 -11.28 -4.27 5.24
C HIS A 75 -10.93 -3.94 3.81
N PHE A 76 -9.66 -3.92 3.51
CA PHE A 76 -9.21 -3.60 2.15
C PHE A 76 -7.95 -4.38 1.76
N GLN A 77 -7.73 -4.51 0.45
CA GLN A 77 -6.58 -5.25 -0.06
C GLN A 77 -5.90 -4.50 -1.20
N ILE A 78 -4.57 -4.54 -1.25
CA ILE A 78 -3.83 -3.87 -2.32
C ILE A 78 -3.05 -4.88 -3.17
N LEU A 79 -3.17 -4.77 -4.50
CA LEU A 79 -2.49 -5.70 -5.38
C LEU A 79 -1.42 -5.00 -6.22
N LEU A 80 -0.31 -5.70 -6.45
CA LEU A 80 0.78 -5.16 -7.25
C LEU A 80 1.12 -6.12 -8.40
N GLY A 81 1.13 -5.58 -9.62
CA GLY A 81 1.44 -6.40 -10.78
C GLY A 81 1.16 -5.67 -12.08
N GLU A 82 0.73 -6.41 -13.09
CA GLU A 82 0.44 -5.83 -14.39
C GLU A 82 1.66 -5.10 -14.95
N ASP A 83 1.47 -4.39 -16.06
CA ASP A 83 2.56 -3.65 -16.68
C ASP A 83 2.94 -2.44 -15.83
N GLY A 84 3.48 -2.72 -14.64
CA GLY A 84 3.88 -1.64 -13.74
C GLY A 84 2.70 -1.05 -12.99
N ASN A 85 2.96 0.00 -12.23
CA ASN A 85 1.93 0.67 -11.46
C ASN A 85 1.40 -0.22 -10.34
N LEU A 86 0.41 0.28 -9.60
CA LEU A 86 -0.18 -0.48 -8.51
C LEU A 86 -1.71 -0.47 -8.60
N LEU A 87 -2.35 -1.42 -7.93
CA LEU A 87 -3.80 -1.51 -7.93
C LEU A 87 -4.33 -1.64 -6.51
N LEU A 88 -5.45 -1.00 -6.24
CA LEU A 88 -6.06 -1.05 -4.92
C LEU A 88 -7.38 -1.80 -4.97
N ASN A 89 -7.54 -2.78 -4.08
CA ASN A 89 -8.76 -3.57 -4.05
C ASN A 89 -9.48 -3.45 -2.72
N ASP A 90 -10.67 -2.88 -2.75
CA ASP A 90 -11.48 -2.74 -1.55
C ASP A 90 -12.14 -4.06 -1.22
N ILE A 91 -12.14 -4.43 0.07
CA ILE A 91 -12.73 -5.70 0.49
C ILE A 91 -13.38 -5.60 1.86
N SER A 92 -14.05 -4.49 2.14
CA SER A 92 -14.69 -4.29 3.42
C SER A 92 -16.18 -4.60 3.37
N THR A 93 -16.72 -4.99 4.51
CA THR A 93 -18.14 -5.26 4.61
C THR A 93 -18.94 -3.97 4.49
N ASN A 94 -18.33 -2.87 4.94
CA ASN A 94 -18.99 -1.57 4.89
C ASN A 94 -18.55 -0.72 3.70
N GLY A 95 -17.39 -1.05 3.11
CA GLY A 95 -16.93 -0.29 1.97
C GLY A 95 -15.60 0.42 2.20
N THR A 96 -14.93 0.72 1.10
CA THR A 96 -13.64 1.41 1.13
C THR A 96 -13.77 2.74 0.41
N TRP A 97 -13.18 3.79 0.97
CA TRP A 97 -13.30 5.12 0.38
C TRP A 97 -11.99 5.68 -0.11
N LEU A 98 -12.09 6.48 -1.17
CA LEU A 98 -10.94 7.15 -1.74
C LEU A 98 -11.23 8.65 -1.77
N ASN A 99 -10.48 9.40 -0.99
CA ASN A 99 -10.64 10.84 -0.90
C ASN A 99 -12.12 11.27 -0.83
N GLY A 100 -12.90 10.56 -0.01
CA GLY A 100 -14.29 10.89 0.15
C GLY A 100 -15.20 10.21 -0.87
N GLN A 101 -14.60 9.59 -1.88
CA GLN A 101 -15.38 8.92 -2.91
C GLN A 101 -15.31 7.41 -2.72
N LYS A 102 -16.47 6.80 -2.48
CA LYS A 102 -16.56 5.37 -2.27
C LYS A 102 -16.38 4.61 -3.58
N VAL A 103 -15.37 3.73 -3.61
CA VAL A 103 -15.08 2.94 -4.80
C VAL A 103 -15.83 1.62 -4.77
N GLU A 104 -15.90 0.96 -5.93
CA GLU A 104 -16.59 -0.33 -6.04
C GLU A 104 -15.80 -1.41 -5.31
N LYS A 105 -16.46 -2.10 -4.39
CA LYS A 105 -15.81 -3.17 -3.62
C LYS A 105 -15.14 -4.16 -4.55
N ASN A 106 -14.21 -4.94 -4.00
CA ASN A 106 -13.47 -5.94 -4.73
C ASN A 106 -13.18 -5.51 -6.17
N SER A 107 -12.95 -4.22 -6.34
CA SER A 107 -12.66 -3.65 -7.66
C SER A 107 -11.22 -3.14 -7.72
N ASN A 108 -10.59 -3.28 -8.90
CA ASN A 108 -9.23 -2.83 -9.09
C ASN A 108 -9.18 -1.37 -9.54
N GLN A 109 -8.39 -0.57 -8.85
CA GLN A 109 -8.25 0.84 -9.18
C GLN A 109 -6.78 1.22 -9.31
N LEU A 110 -6.49 2.16 -10.19
CA LEU A 110 -5.11 2.61 -10.40
C LEU A 110 -4.66 3.46 -9.21
N LEU A 111 -3.47 3.17 -8.71
CA LEU A 111 -2.93 3.90 -7.57
C LEU A 111 -2.74 5.38 -7.90
N SER A 112 -2.72 6.18 -6.85
CA SER A 112 -2.54 7.63 -6.97
C SER A 112 -1.36 8.07 -6.11
N GLN A 113 -0.72 9.17 -6.48
CA GLN A 113 0.42 9.67 -5.73
C GLN A 113 -0.03 10.25 -4.40
N GLY A 114 0.44 9.64 -3.31
CA GLY A 114 0.06 10.09 -1.99
C GLY A 114 -1.43 9.95 -1.75
N ASP A 115 -2.05 9.04 -2.49
CA ASP A 115 -3.48 8.80 -2.37
C ASP A 115 -3.87 8.52 -0.92
N GLU A 116 -5.16 8.45 -0.67
CA GLU A 116 -5.66 8.18 0.68
C GLU A 116 -6.93 7.34 0.63
N ILE A 117 -7.01 6.34 1.49
CA ILE A 117 -8.18 5.48 1.56
C ILE A 117 -8.89 5.64 2.89
N THR A 118 -10.18 5.93 2.84
CA THR A 118 -10.97 6.12 4.05
C THR A 118 -11.85 4.90 4.29
N VAL A 119 -11.96 4.49 5.54
CA VAL A 119 -12.75 3.31 5.88
C VAL A 119 -13.54 3.50 7.17
N GLY A 120 -14.60 2.71 7.32
CA GLY A 120 -15.43 2.78 8.49
C GLY A 120 -16.49 3.85 8.35
N VAL A 121 -16.97 4.03 7.13
CA VAL A 121 -17.97 5.03 6.83
C VAL A 121 -19.36 4.60 7.29
N GLY A 122 -20.09 5.56 7.81
CA GLY A 122 -21.42 5.34 8.31
C GLY A 122 -21.76 6.36 9.37
N VAL A 123 -20.74 6.65 10.19
CA VAL A 123 -20.86 7.63 11.24
C VAL A 123 -19.73 8.65 11.08
N GLU A 124 -20.10 9.93 11.00
CA GLU A 124 -19.11 10.99 10.83
C GLU A 124 -17.98 10.87 11.85
N SER A 125 -18.32 10.40 13.04
CA SER A 125 -17.34 10.24 14.10
C SER A 125 -16.71 8.85 14.14
N ASP A 126 -17.02 8.01 13.15
CA ASP A 126 -16.47 6.66 13.13
C ASP A 126 -15.79 6.30 11.82
N ILE A 127 -15.24 7.31 11.18
CA ILE A 127 -14.52 7.13 9.94
C ILE A 127 -13.01 7.27 10.15
N LEU A 128 -12.27 6.41 9.49
CA LEU A 128 -10.81 6.40 9.59
C LEU A 128 -10.18 6.58 8.21
N SER A 129 -9.18 7.46 8.12
CA SER A 129 -8.50 7.70 6.86
C SER A 129 -7.09 7.18 6.85
N LEU A 130 -6.64 6.81 5.67
CA LEU A 130 -5.29 6.30 5.47
C LEU A 130 -4.64 6.92 4.24
N VAL A 131 -3.32 7.06 4.26
CA VAL A 131 -2.60 7.64 3.13
C VAL A 131 -1.63 6.64 2.53
N ILE A 132 -1.61 6.55 1.20
CA ILE A 132 -0.75 5.64 0.51
C ILE A 132 0.42 6.38 -0.15
N PHE A 133 1.63 5.95 0.18
CA PHE A 133 2.83 6.55 -0.38
C PHE A 133 3.48 5.60 -1.38
N ILE A 134 3.97 6.16 -2.49
CA ILE A 134 4.61 5.35 -3.52
C ILE A 134 6.13 5.52 -3.51
N ASN A 135 6.84 4.40 -3.60
CA ASN A 135 8.30 4.43 -3.61
C ASN A 135 8.83 4.64 -5.02
N ASP A 136 9.44 5.79 -5.26
CA ASP A 136 9.99 6.12 -6.56
C ASP A 136 11.01 5.07 -7.00
N LYS A 137 11.66 4.43 -6.03
CA LYS A 137 12.65 3.42 -6.33
C LYS A 137 12.04 2.26 -7.10
N PHE A 138 10.88 1.80 -6.65
CA PHE A 138 10.18 0.70 -7.29
C PHE A 138 9.83 1.03 -8.73
N LYS A 139 9.34 2.25 -8.95
CA LYS A 139 8.97 2.71 -10.28
C LYS A 139 10.19 2.78 -11.19
N GLN A 140 11.30 3.28 -10.65
CA GLN A 140 12.54 3.40 -11.41
C GLN A 140 13.00 2.04 -11.92
N CYS A 141 12.80 1.01 -11.11
CA CYS A 141 13.20 -0.35 -11.48
C CYS A 141 12.36 -0.86 -12.64
N LEU A 142 11.05 -0.63 -12.56
CA LEU A 142 10.13 -1.08 -13.60
C LEU A 142 10.42 -0.37 -14.93
N GLU A 143 10.78 0.91 -14.84
CA GLU A 143 11.08 1.70 -16.03
C GLU A 143 12.29 1.13 -16.77
N GLN A 144 13.28 0.68 -16.01
CA GLN A 144 14.49 0.11 -16.59
C GLN A 144 14.32 -1.37 -16.87
N ASN A 145 13.58 -2.06 -15.99
CA ASN A 145 13.33 -3.49 -16.14
C ASN A 145 14.59 -4.24 -16.55
N LYS A 146 15.71 -3.90 -15.93
CA LYS A 146 16.98 -4.55 -16.23
C LYS A 146 17.61 -5.13 -14.97
N VAL A 147 17.71 -6.46 -14.92
CA VAL A 147 18.30 -7.14 -13.77
C VAL A 147 19.80 -7.25 -13.91
N ASP A 148 20.52 -7.02 -12.81
CA ASP A 148 21.97 -7.10 -12.81
C ASP A 148 22.52 -7.05 -11.39
N ARG A 149 22.79 -8.22 -10.81
CA ARG A 149 23.32 -8.31 -9.46
C ARG A 149 24.39 -9.39 -9.36
N ILE A 150 24.05 -10.59 -9.81
CA ILE A 150 24.99 -11.71 -9.78
C ILE A 150 25.67 -11.90 -11.12
N ARG A 151 26.99 -12.06 -11.10
CA ARG A 151 27.76 -12.26 -12.32
C ARG A 151 27.71 -13.71 -12.77
N ALA A 1 11.63 28.86 5.84
CA ALA A 1 10.69 28.35 6.84
C ALA A 1 11.41 27.50 7.87
N THR A 2 12.26 26.60 7.41
CA THR A 2 13.00 25.72 8.29
C THR A 2 14.34 25.31 7.67
N GLN A 3 15.37 26.11 7.92
CA GLN A 3 16.70 25.84 7.38
C GLN A 3 17.34 24.64 8.07
N ARG A 4 17.27 24.64 9.41
CA ARG A 4 17.84 23.55 10.19
C ARG A 4 17.09 22.24 9.95
N PHE A 5 15.77 22.34 9.86
CA PHE A 5 14.93 21.16 9.63
C PHE A 5 15.34 20.45 8.36
N LEU A 6 15.64 21.22 7.32
CA LEU A 6 16.06 20.67 6.04
C LEU A 6 17.29 19.78 6.21
N ILE A 7 18.15 20.16 7.14
CA ILE A 7 19.37 19.39 7.40
C ILE A 7 19.04 18.10 8.13
N GLU A 8 18.04 18.14 9.01
CA GLU A 8 17.63 16.97 9.77
C GLU A 8 17.25 15.83 8.83
N LYS A 9 16.67 16.18 7.69
CA LYS A 9 16.27 15.19 6.70
C LYS A 9 17.50 14.53 6.08
N PHE A 10 18.63 15.24 6.12
CA PHE A 10 19.88 14.74 5.57
C PHE A 10 20.34 13.48 6.27
N SER A 11 20.32 13.50 7.59
CA SER A 11 20.76 12.37 8.41
C SER A 11 19.83 11.17 8.23
N GLN A 12 18.53 11.40 8.31
CA GLN A 12 17.55 10.32 8.16
C GLN A 12 17.53 9.79 6.73
N GLU A 13 17.83 8.50 6.59
CA GLU A 13 17.84 7.86 5.28
C GLU A 13 16.56 7.06 5.06
N GLN A 14 15.84 7.40 3.99
CA GLN A 14 14.60 6.71 3.66
C GLN A 14 14.86 5.24 3.31
N ILE A 15 14.05 4.36 3.87
CA ILE A 15 14.19 2.92 3.62
C ILE A 15 13.54 2.51 2.31
N GLY A 16 14.23 1.66 1.60
CA GLY A 16 13.74 1.17 0.32
C GLY A 16 14.47 -0.09 -0.12
N GLU A 17 14.19 -1.20 0.54
CA GLU A 17 14.81 -2.47 0.20
C GLU A 17 14.18 -3.07 -1.06
N ASN A 18 12.87 -2.91 -1.18
CA ASN A 18 12.13 -3.43 -2.33
C ASN A 18 10.67 -3.11 -2.11
N ILE A 19 10.46 -1.93 -1.56
CA ILE A 19 9.15 -1.46 -1.22
C ILE A 19 8.34 -1.05 -2.44
N VAL A 20 7.10 -1.47 -2.44
CA VAL A 20 6.18 -1.18 -3.50
C VAL A 20 5.43 0.11 -3.19
N CYS A 21 4.75 0.10 -2.05
CA CYS A 21 3.99 1.25 -1.58
C CYS A 21 4.04 1.32 -0.05
N ARG A 22 3.79 2.50 0.50
CA ARG A 22 3.81 2.68 1.96
C ARG A 22 2.52 3.29 2.47
N VAL A 23 1.89 2.62 3.42
CA VAL A 23 0.64 3.11 4.00
C VAL A 23 0.91 3.91 5.28
N ILE A 24 0.47 5.16 5.29
CA ILE A 24 0.66 6.03 6.45
C ILE A 24 -0.66 6.60 6.95
N CYS A 25 -1.00 6.31 8.19
CA CYS A 25 -2.24 6.81 8.78
C CYS A 25 -2.05 8.20 9.35
N THR A 26 -2.47 9.21 8.60
CA THR A 26 -2.33 10.60 9.01
C THR A 26 -3.38 11.02 10.03
N THR A 27 -4.49 10.27 10.08
CA THR A 27 -5.56 10.59 11.01
C THR A 27 -5.25 10.10 12.43
N GLY A 28 -4.10 9.43 12.57
CA GLY A 28 -3.70 8.94 13.88
C GLY A 28 -4.61 7.85 14.40
N GLN A 29 -4.53 6.67 13.79
CA GLN A 29 -5.35 5.54 14.21
C GLN A 29 -4.56 4.24 14.16
N ILE A 30 -3.74 4.09 13.12
CA ILE A 30 -2.94 2.88 12.95
C ILE A 30 -1.49 3.25 12.60
N PRO A 31 -0.51 2.45 13.07
CA PRO A 31 0.91 2.71 12.79
C PRO A 31 1.27 2.46 11.34
N ILE A 32 2.21 3.25 10.83
CA ILE A 32 2.65 3.13 9.44
C ILE A 32 3.12 1.71 9.11
N ARG A 33 3.09 1.39 7.83
CA ARG A 33 3.51 0.06 7.37
C ARG A 33 4.19 0.17 6.00
N ASP A 34 4.90 -0.88 5.61
CA ASP A 34 5.59 -0.87 4.32
C ASP A 34 5.25 -2.09 3.48
N LEU A 35 4.68 -1.83 2.30
CA LEU A 35 4.33 -2.90 1.36
C LEU A 35 5.47 -3.08 0.36
N SER A 36 5.94 -4.30 0.18
CA SER A 36 7.03 -4.52 -0.75
C SER A 36 6.88 -5.76 -1.60
N ALA A 37 7.56 -5.72 -2.72
CA ALA A 37 7.56 -6.81 -3.68
C ALA A 37 8.91 -6.92 -4.38
N ASP A 38 9.37 -8.14 -4.62
CA ASP A 38 10.65 -8.37 -5.28
C ASP A 38 10.56 -8.08 -6.77
N ILE A 39 11.61 -7.49 -7.31
CA ILE A 39 11.68 -7.13 -8.72
C ILE A 39 11.65 -8.36 -9.62
N SER A 40 12.42 -9.39 -9.24
CA SER A 40 12.51 -10.61 -10.02
C SER A 40 11.13 -11.23 -10.22
N GLN A 41 10.33 -11.22 -9.17
CA GLN A 41 9.00 -11.79 -9.22
C GLN A 41 8.09 -10.93 -10.11
N VAL A 42 8.29 -9.62 -10.05
CA VAL A 42 7.49 -8.69 -10.83
C VAL A 42 7.86 -8.75 -12.32
N LEU A 43 9.16 -8.75 -12.58
CA LEU A 43 9.66 -8.80 -13.95
C LEU A 43 9.42 -10.17 -14.58
N LYS A 44 9.43 -11.20 -13.75
CA LYS A 44 9.21 -12.57 -14.23
C LYS A 44 7.72 -12.86 -14.39
N GLU A 45 6.93 -12.48 -13.41
CA GLU A 45 5.49 -12.70 -13.44
C GLU A 45 4.77 -11.57 -14.18
N LYS A 46 3.96 -11.94 -15.17
CA LYS A 46 3.23 -10.95 -15.96
C LYS A 46 1.91 -11.54 -16.46
N ARG A 47 1.35 -12.45 -15.68
CA ARG A 47 0.09 -13.09 -16.05
C ARG A 47 -1.10 -12.19 -15.73
N SER A 48 -1.25 -11.86 -14.45
CA SER A 48 -2.36 -11.00 -14.01
C SER A 48 -2.01 -10.28 -12.71
N ILE A 49 -1.46 -11.02 -11.76
CA ILE A 49 -1.08 -10.44 -10.48
C ILE A 49 0.24 -11.01 -9.98
N LYS A 50 0.94 -10.23 -9.15
CA LYS A 50 2.22 -10.65 -8.60
C LYS A 50 2.14 -10.77 -7.08
N LYS A 51 1.82 -9.67 -6.42
CA LYS A 51 1.72 -9.65 -4.96
C LYS A 51 0.61 -8.71 -4.49
N VAL A 52 -0.18 -9.15 -3.52
CA VAL A 52 -1.27 -8.36 -3.01
C VAL A 52 -1.32 -8.36 -1.48
N TRP A 53 -1.59 -7.20 -0.92
CA TRP A 53 -1.68 -7.04 0.54
C TRP A 53 -3.12 -6.95 1.03
N THR A 54 -3.41 -7.60 2.14
CA THR A 54 -4.75 -7.53 2.73
C THR A 54 -4.70 -6.75 4.04
N PHE A 55 -5.56 -5.74 4.13
CA PHE A 55 -5.63 -4.87 5.31
C PHE A 55 -6.94 -5.08 6.07
N GLY A 56 -6.88 -4.97 7.39
CA GLY A 56 -8.08 -5.13 8.18
C GLY A 56 -7.81 -5.34 9.66
N ARG A 57 -8.87 -5.56 10.43
CA ARG A 57 -8.77 -5.77 11.87
C ARG A 57 -8.20 -7.15 12.21
N ASN A 58 -8.02 -7.99 11.20
CA ASN A 58 -7.49 -9.33 11.42
C ASN A 58 -5.96 -9.33 11.45
N PRO A 59 -5.36 -10.04 12.42
CA PRO A 59 -3.91 -10.13 12.56
C PRO A 59 -3.26 -10.94 11.44
N ALA A 60 -4.10 -11.55 10.61
CA ALA A 60 -3.63 -12.34 9.49
C ALA A 60 -3.32 -11.42 8.35
N CYS A 61 -4.25 -10.50 8.16
CA CYS A 61 -4.14 -9.51 7.13
C CYS A 61 -2.72 -8.98 7.05
N ASP A 62 -2.24 -8.79 5.85
CA ASP A 62 -0.90 -8.28 5.65
C ASP A 62 -0.74 -6.93 6.37
N TYR A 63 -1.87 -6.29 6.68
CA TYR A 63 -1.84 -5.02 7.38
C TYR A 63 -2.79 -5.03 8.57
N HIS A 64 -2.25 -4.78 9.76
CA HIS A 64 -3.06 -4.77 10.98
C HIS A 64 -3.62 -3.37 11.26
N LEU A 65 -4.86 -3.32 11.72
CA LEU A 65 -5.51 -2.04 12.02
C LEU A 65 -5.48 -1.75 13.53
N GLY A 66 -6.50 -2.20 14.25
CA GLY A 66 -6.56 -1.98 15.68
C GLY A 66 -7.74 -2.66 16.33
N ASN A 67 -8.90 -2.04 16.25
CA ASN A 67 -10.11 -2.59 16.85
C ASN A 67 -11.33 -1.74 16.54
N ILE A 68 -11.60 -1.51 15.26
CA ILE A 68 -12.74 -0.71 14.85
C ILE A 68 -13.85 -1.59 14.29
N SER A 69 -14.97 -1.68 15.02
CA SER A 69 -16.09 -2.50 14.60
C SER A 69 -16.56 -2.13 13.20
N ARG A 70 -16.51 -0.84 12.88
CA ARG A 70 -16.94 -0.37 11.57
C ARG A 70 -16.10 -0.99 10.46
N LEU A 71 -14.93 -1.50 10.82
CA LEU A 71 -14.04 -2.12 9.83
C LEU A 71 -14.11 -3.64 9.90
N SER A 72 -13.90 -4.30 8.76
CA SER A 72 -13.97 -5.76 8.70
C SER A 72 -12.59 -6.38 8.92
N ASN A 73 -12.57 -7.71 9.15
CA ASN A 73 -11.32 -8.45 9.36
C ASN A 73 -10.28 -8.00 8.33
N LYS A 74 -10.68 -8.06 7.07
CA LYS A 74 -9.86 -7.62 5.96
C LYS A 74 -10.64 -6.52 5.25
N HIS A 75 -10.52 -5.33 5.79
CA HIS A 75 -11.24 -4.17 5.28
C HIS A 75 -10.91 -3.87 3.83
N PHE A 76 -9.64 -3.86 3.51
CA PHE A 76 -9.23 -3.56 2.14
C PHE A 76 -7.98 -4.33 1.75
N GLN A 77 -7.75 -4.47 0.45
CA GLN A 77 -6.59 -5.21 -0.05
C GLN A 77 -5.92 -4.46 -1.20
N ILE A 78 -4.59 -4.48 -1.24
CA ILE A 78 -3.86 -3.79 -2.31
C ILE A 78 -3.12 -4.79 -3.19
N LEU A 79 -3.27 -4.67 -4.50
CA LEU A 79 -2.61 -5.58 -5.43
C LEU A 79 -1.55 -4.86 -6.25
N LEU A 80 -0.51 -5.60 -6.62
CA LEU A 80 0.58 -5.05 -7.42
C LEU A 80 0.80 -5.88 -8.69
N GLY A 81 0.71 -5.22 -9.84
CA GLY A 81 0.89 -5.90 -11.10
C GLY A 81 1.14 -4.95 -12.25
N GLU A 82 1.00 -5.44 -13.47
CA GLU A 82 1.21 -4.63 -14.67
C GLU A 82 2.63 -4.07 -14.71
N ASP A 83 3.54 -4.70 -13.96
CA ASP A 83 4.93 -4.27 -13.92
C ASP A 83 5.04 -2.81 -13.52
N GLY A 84 5.31 -2.57 -12.23
CA GLY A 84 5.45 -1.20 -11.74
C GLY A 84 4.12 -0.62 -11.26
N ASN A 85 3.12 -0.65 -12.14
CA ASN A 85 1.80 -0.12 -11.79
C ASN A 85 1.24 -0.80 -10.54
N LEU A 86 0.37 -0.09 -9.84
CA LEU A 86 -0.25 -0.62 -8.63
C LEU A 86 -1.76 -0.48 -8.68
N LEU A 87 -2.46 -1.40 -8.01
CA LEU A 87 -3.92 -1.39 -7.98
C LEU A 87 -4.41 -1.58 -6.55
N LEU A 88 -5.53 -0.94 -6.23
CA LEU A 88 -6.11 -1.03 -4.89
C LEU A 88 -7.43 -1.79 -4.93
N ASN A 89 -7.57 -2.79 -4.07
CA ASN A 89 -8.78 -3.59 -4.05
C ASN A 89 -9.50 -3.47 -2.71
N ASP A 90 -10.70 -2.92 -2.74
CA ASP A 90 -11.50 -2.77 -1.53
C ASP A 90 -12.13 -4.11 -1.17
N ILE A 91 -12.18 -4.44 0.12
CA ILE A 91 -12.74 -5.72 0.57
C ILE A 91 -13.37 -5.61 1.95
N SER A 92 -14.04 -4.49 2.23
CA SER A 92 -14.65 -4.28 3.51
C SER A 92 -16.14 -4.59 3.50
N THR A 93 -16.66 -4.98 4.65
CA THR A 93 -18.07 -5.25 4.80
C THR A 93 -18.88 -3.96 4.68
N ASN A 94 -18.27 -2.85 5.11
CA ASN A 94 -18.92 -1.55 5.09
C ASN A 94 -18.51 -0.72 3.87
N GLY A 95 -17.38 -1.04 3.24
CA GLY A 95 -16.95 -0.30 2.08
C GLY A 95 -15.62 0.41 2.27
N THR A 96 -14.97 0.69 1.15
CA THR A 96 -13.68 1.38 1.13
C THR A 96 -13.83 2.70 0.38
N TRP A 97 -13.22 3.76 0.91
CA TRP A 97 -13.35 5.07 0.30
C TRP A 97 -12.04 5.63 -0.22
N LEU A 98 -12.15 6.41 -1.28
CA LEU A 98 -11.01 7.08 -1.88
C LEU A 98 -11.28 8.58 -1.94
N ASN A 99 -10.53 9.34 -1.18
CA ASN A 99 -10.68 10.78 -1.12
C ASN A 99 -12.14 11.20 -0.95
N GLY A 100 -12.90 10.41 -0.18
CA GLY A 100 -14.28 10.72 0.06
C GLY A 100 -15.24 10.07 -0.91
N GLN A 101 -14.70 9.42 -1.95
CA GLN A 101 -15.54 8.77 -2.93
C GLN A 101 -15.47 7.25 -2.77
N LYS A 102 -16.62 6.66 -2.48
CA LYS A 102 -16.73 5.24 -2.29
C LYS A 102 -16.58 4.49 -3.62
N VAL A 103 -15.67 3.51 -3.64
CA VAL A 103 -15.43 2.73 -4.84
C VAL A 103 -16.11 1.36 -4.77
N GLU A 104 -16.17 0.66 -5.91
CA GLU A 104 -16.79 -0.65 -5.97
C GLU A 104 -15.94 -1.67 -5.22
N LYS A 105 -16.56 -2.38 -4.28
CA LYS A 105 -15.85 -3.40 -3.51
C LYS A 105 -15.16 -4.39 -4.43
N ASN A 106 -14.21 -5.14 -3.88
CA ASN A 106 -13.44 -6.14 -4.62
C ASN A 106 -13.17 -5.71 -6.06
N SER A 107 -13.00 -4.41 -6.25
CA SER A 107 -12.74 -3.85 -7.57
C SER A 107 -11.32 -3.29 -7.65
N ASN A 108 -10.69 -3.42 -8.82
CA ASN A 108 -9.34 -2.92 -9.03
C ASN A 108 -9.36 -1.45 -9.42
N GLN A 109 -8.52 -0.65 -8.75
CA GLN A 109 -8.43 0.78 -9.05
C GLN A 109 -6.98 1.20 -9.27
N LEU A 110 -6.79 2.16 -10.15
CA LEU A 110 -5.45 2.65 -10.44
C LEU A 110 -4.92 3.49 -9.28
N LEU A 111 -3.79 3.11 -8.73
CA LEU A 111 -3.21 3.83 -7.60
C LEU A 111 -2.91 5.27 -7.96
N SER A 112 -2.87 6.10 -6.93
CA SER A 112 -2.59 7.53 -7.08
C SER A 112 -1.42 7.94 -6.20
N GLN A 113 -0.70 8.99 -6.60
CA GLN A 113 0.44 9.45 -5.84
C GLN A 113 -0.02 10.12 -4.55
N GLY A 114 0.44 9.57 -3.42
CA GLY A 114 0.06 10.10 -2.13
C GLY A 114 -1.43 9.96 -1.86
N ASP A 115 -2.08 9.06 -2.61
CA ASP A 115 -3.50 8.81 -2.46
C ASP A 115 -3.85 8.47 -1.01
N GLU A 116 -5.15 8.42 -0.73
CA GLU A 116 -5.63 8.12 0.61
C GLU A 116 -6.93 7.32 0.56
N ILE A 117 -7.01 6.27 1.38
CA ILE A 117 -8.20 5.44 1.44
C ILE A 117 -8.90 5.63 2.77
N THR A 118 -10.20 5.92 2.72
CA THR A 118 -10.99 6.12 3.92
C THR A 118 -11.86 4.90 4.21
N VAL A 119 -11.96 4.53 5.47
CA VAL A 119 -12.74 3.35 5.84
C VAL A 119 -13.53 3.57 7.12
N GLY A 120 -14.59 2.79 7.31
CA GLY A 120 -15.42 2.89 8.48
C GLY A 120 -16.44 4.00 8.35
N VAL A 121 -16.98 4.15 7.15
CA VAL A 121 -17.95 5.16 6.87
C VAL A 121 -19.34 4.80 7.37
N GLY A 122 -20.03 5.80 7.91
CA GLY A 122 -21.35 5.63 8.44
C GLY A 122 -21.59 6.62 9.56
N VAL A 123 -20.52 6.85 10.32
CA VAL A 123 -20.53 7.79 11.41
C VAL A 123 -19.39 8.78 11.23
N GLU A 124 -19.71 10.06 11.20
CA GLU A 124 -18.69 11.10 11.00
C GLU A 124 -17.52 10.92 11.97
N SER A 125 -17.80 10.44 13.17
CA SER A 125 -16.79 10.24 14.17
C SER A 125 -16.21 8.83 14.16
N ASP A 126 -16.58 8.00 13.18
CA ASP A 126 -16.08 6.65 13.13
C ASP A 126 -15.46 6.28 11.79
N ILE A 127 -14.91 7.27 11.14
CA ILE A 127 -14.24 7.08 9.87
C ILE A 127 -12.72 7.17 10.03
N LEU A 128 -12.03 6.30 9.33
CA LEU A 128 -10.57 6.25 9.37
C LEU A 128 -9.98 6.59 8.01
N SER A 129 -8.95 7.43 8.00
CA SER A 129 -8.31 7.83 6.75
C SER A 129 -6.85 7.37 6.69
N LEU A 130 -6.51 6.67 5.62
CA LEU A 130 -5.16 6.16 5.42
C LEU A 130 -4.56 6.72 4.13
N VAL A 131 -3.29 7.11 4.18
CA VAL A 131 -2.62 7.64 3.00
C VAL A 131 -1.56 6.67 2.48
N ILE A 132 -1.47 6.55 1.16
CA ILE A 132 -0.54 5.67 0.54
C ILE A 132 0.61 6.44 -0.11
N PHE A 133 1.82 5.93 0.06
CA PHE A 133 3.01 6.56 -0.49
C PHE A 133 3.72 5.61 -1.46
N ILE A 134 3.77 6.01 -2.73
CA ILE A 134 4.40 5.20 -3.76
C ILE A 134 5.91 5.42 -3.81
N ASN A 135 6.66 4.33 -3.87
CA ASN A 135 8.12 4.42 -3.94
C ASN A 135 8.59 4.63 -5.37
N ASP A 136 9.02 5.86 -5.67
CA ASP A 136 9.50 6.20 -7.00
C ASP A 136 10.65 5.31 -7.42
N LYS A 137 11.47 4.92 -6.44
CA LYS A 137 12.62 4.06 -6.71
C LYS A 137 12.18 2.74 -7.31
N PHE A 138 11.15 2.14 -6.72
CA PHE A 138 10.63 0.87 -7.19
C PHE A 138 10.14 0.97 -8.64
N LYS A 139 9.43 2.05 -8.92
CA LYS A 139 8.89 2.28 -10.27
C LYS A 139 10.02 2.48 -11.27
N GLN A 140 11.09 3.15 -10.83
CA GLN A 140 12.23 3.41 -11.70
C GLN A 140 12.84 2.12 -12.22
N CYS A 141 12.92 1.11 -11.35
CA CYS A 141 13.48 -0.17 -11.72
C CYS A 141 12.58 -0.90 -12.72
N LEU A 142 11.28 -0.87 -12.46
CA LEU A 142 10.31 -1.53 -13.33
C LEU A 142 10.20 -0.82 -14.68
N GLU A 143 10.02 0.49 -14.64
CA GLU A 143 9.89 1.27 -15.87
C GLU A 143 11.14 1.14 -16.74
N GLN A 144 12.30 1.01 -16.09
CA GLN A 144 13.56 0.87 -16.81
C GLN A 144 13.83 -0.59 -17.15
N ASN A 145 13.48 -1.49 -16.24
CA ASN A 145 13.67 -2.93 -16.42
C ASN A 145 15.04 -3.23 -17.05
N LYS A 146 16.03 -2.41 -16.72
CA LYS A 146 17.37 -2.59 -17.26
C LYS A 146 18.33 -3.07 -16.17
N VAL A 147 19.15 -4.06 -16.51
CA VAL A 147 20.12 -4.60 -15.57
C VAL A 147 21.43 -3.83 -15.60
N ASP A 148 21.96 -3.53 -14.43
CA ASP A 148 23.21 -2.78 -14.33
C ASP A 148 24.12 -3.37 -13.26
N ARG A 149 25.43 -3.21 -13.43
CA ARG A 149 26.39 -3.73 -12.47
C ARG A 149 27.50 -2.72 -12.21
N ILE A 150 27.60 -2.27 -10.96
CA ILE A 150 28.62 -1.28 -10.59
C ILE A 150 29.99 -1.94 -10.45
N ARG A 151 31.01 -1.26 -10.93
CA ARG A 151 32.38 -1.78 -10.86
C ARG A 151 33.39 -0.68 -11.14
N ALA A 1 6.24 21.85 12.47
CA ALA A 1 7.62 21.77 12.03
C ALA A 1 7.74 22.11 10.54
N THR A 2 8.62 23.05 10.22
CA THR A 2 8.83 23.46 8.84
C THR A 2 10.32 23.63 8.53
N GLN A 3 11.02 24.31 9.43
CA GLN A 3 12.45 24.53 9.26
C GLN A 3 13.22 23.22 9.24
N ARG A 4 12.79 22.28 10.07
CA ARG A 4 13.43 20.98 10.14
C ARG A 4 13.17 20.17 8.87
N PHE A 5 11.97 20.31 8.32
CA PHE A 5 11.60 19.59 7.10
C PHE A 5 12.55 19.94 5.96
N LEU A 6 12.93 21.22 5.87
CA LEU A 6 13.83 21.69 4.84
C LEU A 6 15.16 20.95 4.92
N ILE A 7 15.56 20.59 6.14
CA ILE A 7 16.82 19.89 6.36
C ILE A 7 16.72 18.44 5.88
N GLU A 8 15.55 17.84 6.05
CA GLU A 8 15.33 16.47 5.64
C GLU A 8 15.61 16.31 4.15
N LYS A 9 15.22 17.31 3.36
CA LYS A 9 15.44 17.29 1.93
C LYS A 9 16.93 17.40 1.61
N PHE A 10 17.69 17.96 2.55
CA PHE A 10 19.12 18.13 2.38
C PHE A 10 19.81 16.80 2.11
N SER A 11 19.48 15.79 2.91
CA SER A 11 20.04 14.46 2.76
C SER A 11 19.51 13.78 1.50
N GLN A 12 18.22 13.95 1.25
CA GLN A 12 17.58 13.35 0.09
C GLN A 12 17.73 11.84 0.10
N GLU A 13 17.80 11.26 1.30
CA GLU A 13 17.94 9.81 1.44
C GLU A 13 16.59 9.12 1.40
N GLN A 14 16.43 8.22 0.44
CA GLN A 14 15.17 7.49 0.29
C GLN A 14 15.34 6.02 0.69
N ILE A 15 14.71 5.64 1.79
CA ILE A 15 14.80 4.26 2.28
C ILE A 15 13.84 3.36 1.56
N GLY A 16 14.33 2.18 1.25
CA GLY A 16 13.53 1.19 0.56
C GLY A 16 14.37 0.07 -0.03
N GLU A 17 14.23 -1.13 0.53
CA GLU A 17 14.99 -2.28 0.06
C GLU A 17 14.31 -2.91 -1.16
N ASN A 18 12.99 -2.74 -1.26
CA ASN A 18 12.23 -3.30 -2.37
C ASN A 18 10.77 -3.00 -2.11
N ILE A 19 10.56 -1.80 -1.60
CA ILE A 19 9.26 -1.34 -1.23
C ILE A 19 8.40 -0.97 -2.42
N VAL A 20 7.16 -1.42 -2.37
CA VAL A 20 6.20 -1.18 -3.40
C VAL A 20 5.40 0.07 -3.08
N CYS A 21 4.71 0.02 -1.95
CA CYS A 21 3.90 1.14 -1.47
C CYS A 21 4.04 1.29 0.04
N ARG A 22 3.61 2.43 0.58
CA ARG A 22 3.70 2.68 2.01
C ARG A 22 2.40 3.28 2.55
N VAL A 23 1.79 2.60 3.52
CA VAL A 23 0.55 3.08 4.12
C VAL A 23 0.83 3.92 5.37
N ILE A 24 0.35 5.16 5.36
CA ILE A 24 0.56 6.07 6.47
C ILE A 24 -0.76 6.63 7.00
N CYS A 25 -1.09 6.33 8.25
CA CYS A 25 -2.32 6.82 8.86
C CYS A 25 -2.13 8.26 9.34
N THR A 26 -2.81 9.19 8.68
CA THR A 26 -2.70 10.61 9.03
C THR A 26 -3.70 11.00 10.12
N THR A 27 -4.77 10.21 10.26
CA THR A 27 -5.79 10.50 11.26
C THR A 27 -5.35 10.04 12.66
N GLY A 28 -4.18 9.40 12.72
CA GLY A 28 -3.66 8.92 13.99
C GLY A 28 -4.51 7.80 14.58
N GLN A 29 -4.36 6.61 14.02
CA GLN A 29 -5.12 5.45 14.50
C GLN A 29 -4.30 4.17 14.34
N ILE A 30 -3.59 4.05 13.22
CA ILE A 30 -2.77 2.88 12.95
C ILE A 30 -1.33 3.27 12.63
N PRO A 31 -0.34 2.48 13.10
CA PRO A 31 1.08 2.77 12.85
C PRO A 31 1.47 2.56 11.39
N ILE A 32 2.39 3.38 10.91
CA ILE A 32 2.84 3.28 9.53
C ILE A 32 3.43 1.91 9.21
N ARG A 33 3.29 1.50 7.96
CA ARG A 33 3.81 0.21 7.50
C ARG A 33 4.39 0.35 6.10
N ASP A 34 5.18 -0.63 5.67
CA ASP A 34 5.79 -0.57 4.34
C ASP A 34 5.50 -1.84 3.53
N LEU A 35 4.84 -1.65 2.40
CA LEU A 35 4.52 -2.75 1.50
C LEU A 35 5.65 -2.95 0.51
N SER A 36 6.13 -4.18 0.34
CA SER A 36 7.22 -4.43 -0.58
C SER A 36 7.07 -5.70 -1.38
N ALA A 37 7.74 -5.68 -2.51
CA ALA A 37 7.76 -6.83 -3.42
C ALA A 37 9.11 -6.93 -4.12
N ASP A 38 9.58 -8.16 -4.31
CA ASP A 38 10.86 -8.39 -4.95
C ASP A 38 10.76 -8.22 -6.46
N ILE A 39 11.69 -7.47 -7.03
CA ILE A 39 11.72 -7.20 -8.45
C ILE A 39 11.96 -8.47 -9.27
N SER A 40 12.85 -9.32 -8.78
CA SER A 40 13.19 -10.55 -9.47
C SER A 40 11.94 -11.40 -9.71
N GLN A 41 11.09 -11.46 -8.71
CA GLN A 41 9.86 -12.24 -8.80
C GLN A 41 8.90 -11.60 -9.80
N VAL A 42 8.88 -10.26 -9.82
CA VAL A 42 8.00 -9.53 -10.72
C VAL A 42 8.41 -9.71 -12.18
N LEU A 43 9.69 -9.51 -12.46
CA LEU A 43 10.21 -9.64 -13.82
C LEU A 43 10.10 -11.10 -14.30
N LYS A 44 10.10 -12.04 -13.36
CA LYS A 44 9.98 -13.45 -13.70
C LYS A 44 8.55 -13.83 -14.02
N GLU A 45 7.64 -13.52 -13.11
CA GLU A 45 6.22 -13.82 -13.30
C GLU A 45 5.61 -12.92 -14.37
N LYS A 46 5.13 -13.53 -15.45
CA LYS A 46 4.51 -12.78 -16.53
C LYS A 46 2.99 -12.79 -16.41
N ARG A 47 2.50 -12.90 -15.18
CA ARG A 47 1.07 -12.91 -14.92
C ARG A 47 0.54 -11.50 -14.69
N SER A 48 -0.74 -11.40 -14.36
CA SER A 48 -1.36 -10.09 -14.11
C SER A 48 -1.39 -9.78 -12.62
N ILE A 49 -0.38 -10.27 -11.89
CA ILE A 49 -0.30 -10.04 -10.46
C ILE A 49 0.96 -10.64 -9.87
N LYS A 50 1.52 -9.97 -8.87
CA LYS A 50 2.74 -10.44 -8.21
C LYS A 50 2.49 -10.71 -6.73
N LYS A 51 2.31 -9.64 -5.96
CA LYS A 51 2.06 -9.77 -4.52
C LYS A 51 0.96 -8.81 -4.09
N VAL A 52 0.06 -9.30 -3.24
CA VAL A 52 -1.05 -8.50 -2.77
C VAL A 52 -1.09 -8.44 -1.24
N TRP A 53 -1.38 -7.26 -0.72
CA TRP A 53 -1.48 -7.06 0.73
C TRP A 53 -2.92 -6.98 1.21
N THR A 54 -3.22 -7.60 2.33
CA THR A 54 -4.56 -7.55 2.90
C THR A 54 -4.53 -6.75 4.21
N PHE A 55 -5.40 -5.76 4.29
CA PHE A 55 -5.48 -4.88 5.46
C PHE A 55 -6.79 -5.07 6.21
N GLY A 56 -6.73 -4.94 7.53
CA GLY A 56 -7.92 -5.08 8.35
C GLY A 56 -7.59 -5.28 9.82
N ARG A 57 -8.62 -5.54 10.62
CA ARG A 57 -8.45 -5.73 12.06
C ARG A 57 -7.97 -7.14 12.39
N ASN A 58 -7.84 -7.99 11.36
CA ASN A 58 -7.38 -9.35 11.57
C ASN A 58 -5.86 -9.44 11.61
N PRO A 59 -5.30 -10.20 12.57
CA PRO A 59 -3.86 -10.38 12.70
C PRO A 59 -3.27 -11.18 11.54
N ALA A 60 -4.15 -11.71 10.69
CA ALA A 60 -3.72 -12.48 9.54
C ALA A 60 -3.38 -11.52 8.44
N CYS A 61 -4.26 -10.56 8.28
CA CYS A 61 -4.10 -9.53 7.30
C CYS A 61 -2.68 -9.01 7.30
N ASP A 62 -2.14 -8.83 6.13
CA ASP A 62 -0.77 -8.33 6.02
C ASP A 62 -0.65 -6.99 6.75
N TYR A 63 -1.80 -6.34 6.99
CA TYR A 63 -1.81 -5.06 7.70
C TYR A 63 -2.84 -5.08 8.83
N HIS A 64 -2.41 -4.67 10.02
CA HIS A 64 -3.30 -4.64 11.18
C HIS A 64 -3.69 -3.21 11.54
N LEU A 65 -4.97 -3.01 11.84
CA LEU A 65 -5.48 -1.69 12.19
C LEU A 65 -6.48 -1.76 13.33
N GLY A 66 -5.98 -1.91 14.56
CA GLY A 66 -6.84 -1.98 15.72
C GLY A 66 -8.01 -2.95 15.53
N ASN A 67 -9.19 -2.54 15.98
CA ASN A 67 -10.38 -3.37 15.85
C ASN A 67 -11.65 -2.53 15.90
N ILE A 68 -12.11 -2.10 14.73
CA ILE A 68 -13.32 -1.28 14.64
C ILE A 68 -14.47 -2.08 14.04
N SER A 69 -15.63 -2.00 14.68
CA SER A 69 -16.81 -2.72 14.19
C SER A 69 -17.16 -2.31 12.77
N ARG A 70 -17.05 -1.01 12.48
CA ARG A 70 -17.37 -0.49 11.16
C ARG A 70 -16.46 -1.11 10.10
N LEU A 71 -15.24 -1.47 10.49
CA LEU A 71 -14.29 -2.07 9.58
C LEU A 71 -14.35 -3.59 9.65
N SER A 72 -14.00 -4.26 8.55
CA SER A 72 -14.03 -5.73 8.50
C SER A 72 -12.65 -6.32 8.80
N ASN A 73 -12.62 -7.63 9.08
CA ASN A 73 -11.37 -8.35 9.37
C ASN A 73 -10.29 -7.90 8.40
N LYS A 74 -10.63 -7.97 7.12
CA LYS A 74 -9.76 -7.54 6.04
C LYS A 74 -10.51 -6.46 5.28
N HIS A 75 -10.41 -5.25 5.78
CA HIS A 75 -11.12 -4.11 5.22
C HIS A 75 -10.73 -3.82 3.79
N PHE A 76 -9.44 -3.81 3.53
CA PHE A 76 -8.97 -3.52 2.17
C PHE A 76 -7.72 -4.32 1.81
N GLN A 77 -7.49 -4.48 0.51
CA GLN A 77 -6.34 -5.24 0.02
C GLN A 77 -5.64 -4.51 -1.14
N ILE A 78 -4.31 -4.54 -1.16
CA ILE A 78 -3.56 -3.88 -2.23
C ILE A 78 -2.83 -4.90 -3.09
N LEU A 79 -2.95 -4.78 -4.42
CA LEU A 79 -2.30 -5.73 -5.33
C LEU A 79 -1.21 -5.06 -6.16
N LEU A 80 -0.17 -5.84 -6.46
CA LEU A 80 0.95 -5.35 -7.25
C LEU A 80 1.18 -6.26 -8.45
N GLY A 81 1.13 -5.67 -9.65
CA GLY A 81 1.35 -6.45 -10.86
C GLY A 81 0.24 -6.25 -11.87
N GLU A 82 0.62 -5.92 -13.10
CA GLU A 82 -0.34 -5.71 -14.18
C GLU A 82 0.36 -5.30 -15.46
N ASP A 83 0.96 -4.12 -15.46
CA ASP A 83 1.67 -3.60 -16.62
C ASP A 83 2.87 -2.75 -16.20
N GLY A 84 2.64 -1.85 -15.25
CA GLY A 84 3.70 -0.98 -14.77
C GLY A 84 3.21 -0.01 -13.70
N ASN A 85 2.29 -0.47 -12.86
CA ASN A 85 1.75 0.37 -11.80
C ASN A 85 1.19 -0.49 -10.67
N LEU A 86 0.52 0.16 -9.72
CA LEU A 86 -0.06 -0.54 -8.58
C LEU A 86 -1.56 -0.31 -8.52
N LEU A 87 -2.28 -1.25 -7.90
CA LEU A 87 -3.72 -1.14 -7.78
C LEU A 87 -4.17 -1.42 -6.34
N LEU A 88 -5.24 -0.77 -5.93
CA LEU A 88 -5.78 -0.95 -4.58
C LEU A 88 -7.13 -1.64 -4.67
N ASN A 89 -7.25 -2.76 -3.96
CA ASN A 89 -8.51 -3.52 -3.97
C ASN A 89 -9.25 -3.41 -2.66
N ASP A 90 -10.42 -2.81 -2.70
CA ASP A 90 -11.24 -2.66 -1.51
C ASP A 90 -11.92 -4.00 -1.19
N ILE A 91 -11.85 -4.42 0.07
CA ILE A 91 -12.44 -5.69 0.48
C ILE A 91 -13.12 -5.57 1.84
N SER A 92 -13.83 -4.47 2.08
CA SER A 92 -14.50 -4.26 3.33
C SER A 92 -15.98 -4.58 3.24
N THR A 93 -16.55 -4.98 4.36
CA THR A 93 -17.97 -5.28 4.43
C THR A 93 -18.78 -4.00 4.26
N ASN A 94 -18.21 -2.89 4.73
CA ASN A 94 -18.88 -1.60 4.65
C ASN A 94 -18.41 -0.75 3.46
N GLY A 95 -17.23 -1.06 2.92
CA GLY A 95 -16.73 -0.31 1.80
C GLY A 95 -15.43 0.43 2.09
N THR A 96 -14.71 0.72 1.02
CA THR A 96 -13.44 1.44 1.11
C THR A 96 -13.56 2.78 0.37
N TRP A 97 -13.02 3.83 0.94
CA TRP A 97 -13.12 5.15 0.34
C TRP A 97 -11.79 5.72 -0.12
N LEU A 98 -11.86 6.51 -1.18
CA LEU A 98 -10.70 7.18 -1.72
C LEU A 98 -10.99 8.68 -1.76
N ASN A 99 -10.27 9.43 -0.95
CA ASN A 99 -10.44 10.89 -0.87
C ASN A 99 -11.91 11.29 -0.83
N GLY A 100 -12.72 10.57 -0.03
CA GLY A 100 -14.11 10.89 0.10
C GLY A 100 -14.98 10.23 -0.94
N GLN A 101 -14.36 9.60 -1.94
CA GLN A 101 -15.12 8.94 -2.99
C GLN A 101 -15.09 7.43 -2.80
N LYS A 102 -16.26 6.84 -2.59
CA LYS A 102 -16.38 5.42 -2.39
C LYS A 102 -16.19 4.66 -3.71
N VAL A 103 -15.21 3.75 -3.71
CA VAL A 103 -14.92 2.95 -4.90
C VAL A 103 -15.65 1.61 -4.87
N GLU A 104 -15.70 0.93 -6.00
CA GLU A 104 -16.36 -0.36 -6.09
C GLU A 104 -15.57 -1.42 -5.33
N LYS A 105 -16.24 -2.12 -4.42
CA LYS A 105 -15.58 -3.16 -3.63
C LYS A 105 -14.91 -4.18 -4.54
N ASN A 106 -14.01 -4.95 -3.96
CA ASN A 106 -13.25 -5.97 -4.69
C ASN A 106 -12.88 -5.53 -6.10
N SER A 107 -12.69 -4.22 -6.26
CA SER A 107 -12.33 -3.65 -7.54
C SER A 107 -10.91 -3.08 -7.50
N ASN A 108 -10.19 -3.20 -8.61
CA ASN A 108 -8.82 -2.69 -8.68
C ASN A 108 -8.83 -1.27 -9.27
N GLN A 109 -8.15 -0.35 -8.58
CA GLN A 109 -8.08 1.03 -9.03
C GLN A 109 -6.64 1.51 -9.09
N LEU A 110 -6.36 2.43 -10.00
CA LEU A 110 -5.02 2.99 -10.14
C LEU A 110 -4.74 3.93 -8.97
N LEU A 111 -3.82 3.52 -8.09
CA LEU A 111 -3.48 4.32 -6.93
C LEU A 111 -2.96 5.70 -7.32
N SER A 112 -2.85 6.57 -6.32
CA SER A 112 -2.37 7.93 -6.52
C SER A 112 -1.19 8.20 -5.59
N GLN A 113 -0.32 9.13 -5.98
CA GLN A 113 0.85 9.45 -5.18
C GLN A 113 0.43 10.20 -3.92
N GLY A 114 0.69 9.59 -2.77
CA GLY A 114 0.32 10.19 -1.51
C GLY A 114 -1.17 10.22 -1.30
N ASP A 115 -1.90 9.40 -2.05
CA ASP A 115 -3.34 9.32 -1.94
C ASP A 115 -3.75 8.91 -0.53
N GLU A 116 -5.06 8.80 -0.31
CA GLU A 116 -5.57 8.41 1.01
C GLU A 116 -6.81 7.55 0.89
N ILE A 117 -6.87 6.48 1.69
CA ILE A 117 -8.02 5.60 1.70
C ILE A 117 -8.79 5.75 3.01
N THR A 118 -10.08 6.03 2.90
CA THR A 118 -10.92 6.20 4.07
C THR A 118 -11.79 4.97 4.29
N VAL A 119 -11.94 4.55 5.55
CA VAL A 119 -12.73 3.37 5.85
C VAL A 119 -13.57 3.55 7.12
N GLY A 120 -14.63 2.74 7.22
CA GLY A 120 -15.49 2.80 8.38
C GLY A 120 -16.58 3.84 8.22
N VAL A 121 -16.95 4.11 6.98
CA VAL A 121 -17.97 5.10 6.68
C VAL A 121 -19.35 4.65 7.12
N GLY A 122 -20.10 5.60 7.64
CA GLY A 122 -21.42 5.37 8.12
C GLY A 122 -21.77 6.34 9.22
N VAL A 123 -20.78 6.63 10.05
CA VAL A 123 -20.91 7.57 11.13
C VAL A 123 -19.79 8.61 11.03
N GLU A 124 -20.15 9.88 11.15
CA GLU A 124 -19.18 10.97 11.05
C GLU A 124 -17.97 10.73 11.94
N SER A 125 -18.20 10.22 13.15
CA SER A 125 -17.13 9.98 14.09
C SER A 125 -16.58 8.55 14.03
N ASP A 126 -17.02 7.76 13.04
CA ASP A 126 -16.55 6.38 12.93
C ASP A 126 -15.82 6.11 11.63
N ILE A 127 -15.25 7.15 11.07
CA ILE A 127 -14.50 7.04 9.84
C ILE A 127 -13.01 7.16 10.10
N LEU A 128 -12.24 6.34 9.40
CA LEU A 128 -10.79 6.33 9.53
C LEU A 128 -10.13 6.66 8.20
N SER A 129 -9.13 7.53 8.23
CA SER A 129 -8.43 7.93 7.01
C SER A 129 -7.00 7.41 6.99
N LEU A 130 -6.59 6.87 5.84
CA LEU A 130 -5.25 6.34 5.66
C LEU A 130 -4.59 6.97 4.44
N VAL A 131 -3.26 7.05 4.44
CA VAL A 131 -2.53 7.64 3.33
C VAL A 131 -1.66 6.61 2.61
N ILE A 132 -1.62 6.69 1.29
CA ILE A 132 -0.86 5.79 0.49
C ILE A 132 0.38 6.49 -0.08
N PHE A 133 1.55 5.96 0.24
CA PHE A 133 2.81 6.52 -0.23
C PHE A 133 3.48 5.57 -1.23
N ILE A 134 3.39 5.91 -2.50
CA ILE A 134 3.98 5.09 -3.55
C ILE A 134 5.45 5.41 -3.76
N ASN A 135 6.27 4.37 -3.85
CA ASN A 135 7.71 4.53 -4.05
C ASN A 135 8.04 4.60 -5.54
N ASP A 136 8.49 5.78 -5.98
CA ASP A 136 8.84 5.97 -7.38
C ASP A 136 10.03 5.11 -7.77
N LYS A 137 10.87 4.76 -6.80
CA LYS A 137 12.04 3.93 -7.04
C LYS A 137 11.63 2.60 -7.64
N PHE A 138 10.60 1.99 -7.07
CA PHE A 138 10.10 0.70 -7.53
C PHE A 138 9.68 0.78 -8.99
N LYS A 139 8.97 1.85 -9.35
CA LYS A 139 8.51 2.05 -10.71
C LYS A 139 9.69 2.16 -11.68
N GLN A 140 10.73 2.88 -11.25
CA GLN A 140 11.91 3.07 -12.09
C GLN A 140 12.62 1.74 -12.33
N CYS A 141 12.71 0.92 -11.28
CA CYS A 141 13.37 -0.37 -11.38
C CYS A 141 12.61 -1.30 -12.33
N LEU A 142 11.29 -1.34 -12.17
CA LEU A 142 10.45 -2.18 -13.02
C LEU A 142 10.45 -1.70 -14.47
N GLU A 143 10.51 -0.38 -14.64
CA GLU A 143 10.52 0.21 -15.97
C GLU A 143 11.77 -0.20 -16.73
N GLN A 144 12.91 -0.17 -16.05
CA GLN A 144 14.18 -0.54 -16.66
C GLN A 144 14.39 -2.05 -16.62
N ASN A 145 13.86 -2.68 -15.56
CA ASN A 145 13.98 -4.13 -15.37
C ASN A 145 15.39 -4.63 -15.70
N LYS A 146 15.62 -5.02 -16.95
CA LYS A 146 16.93 -5.51 -17.37
C LYS A 146 17.94 -4.37 -17.46
N VAL A 147 18.94 -4.41 -16.59
CA VAL A 147 19.98 -3.39 -16.57
C VAL A 147 21.11 -3.73 -17.53
N ASP A 148 21.64 -2.71 -18.21
CA ASP A 148 22.73 -2.91 -19.16
C ASP A 148 23.62 -1.67 -19.21
N ARG A 149 23.00 -0.51 -19.34
CA ARG A 149 23.73 0.76 -19.40
C ARG A 149 24.59 0.95 -18.16
N ILE A 150 23.96 0.93 -16.99
CA ILE A 150 24.67 1.12 -15.74
C ILE A 150 25.06 -0.23 -15.14
N ARG A 151 26.28 -0.30 -14.62
CA ARG A 151 26.78 -1.53 -14.00
C ARG A 151 26.59 -1.50 -12.49
N ALA A 1 21.01 21.82 -3.20
CA ALA A 1 21.30 21.20 -1.91
C ALA A 1 21.76 19.76 -2.08
N THR A 2 22.70 19.34 -1.24
CA THR A 2 23.23 17.98 -1.30
C THR A 2 23.45 17.42 0.11
N GLN A 3 24.13 18.18 0.95
CA GLN A 3 24.41 17.77 2.32
C GLN A 3 23.14 17.83 3.17
N ARG A 4 22.26 18.76 2.85
CA ARG A 4 21.02 18.92 3.58
C ARG A 4 20.15 17.68 3.46
N PHE A 5 20.18 17.04 2.29
CA PHE A 5 19.40 15.84 2.04
C PHE A 5 19.76 14.74 3.04
N LEU A 6 21.06 14.63 3.33
CA LEU A 6 21.54 13.64 4.27
C LEU A 6 20.91 13.82 5.64
N ILE A 7 20.60 15.06 5.99
CA ILE A 7 19.98 15.38 7.27
C ILE A 7 18.52 14.94 7.29
N GLU A 8 17.85 15.06 6.14
CA GLU A 8 16.45 14.67 6.04
C GLU A 8 16.27 13.21 6.43
N LYS A 9 17.19 12.36 5.96
CA LYS A 9 17.15 10.93 6.28
C LYS A 9 17.42 10.71 7.76
N PHE A 10 18.10 11.66 8.40
CA PHE A 10 18.43 11.57 9.81
C PHE A 10 17.17 11.39 10.66
N SER A 11 16.17 12.21 10.39
CA SER A 11 14.91 12.15 11.12
C SER A 11 14.16 10.86 10.81
N GLN A 12 14.21 10.44 9.55
CA GLN A 12 13.54 9.22 9.12
C GLN A 12 13.99 8.81 7.72
N GLU A 13 14.91 7.86 7.64
CA GLU A 13 15.42 7.38 6.37
C GLU A 13 14.39 6.53 5.65
N GLN A 14 14.10 6.87 4.40
CA GLN A 14 13.13 6.12 3.61
C GLN A 14 13.77 4.88 3.00
N ILE A 15 13.31 3.71 3.44
CA ILE A 15 13.83 2.45 2.93
C ILE A 15 13.20 2.05 1.61
N GLY A 16 14.03 1.57 0.72
CA GLY A 16 13.59 1.14 -0.58
C GLY A 16 14.26 -0.13 -1.04
N GLU A 17 14.27 -1.15 -0.18
CA GLU A 17 14.89 -2.42 -0.50
C GLU A 17 14.18 -3.10 -1.67
N ASN A 18 12.85 -3.01 -1.68
CA ASN A 18 12.04 -3.61 -2.72
C ASN A 18 10.59 -3.28 -2.44
N ILE A 19 10.42 -2.07 -1.94
CA ILE A 19 9.14 -1.57 -1.55
C ILE A 19 8.29 -1.16 -2.73
N VAL A 20 7.03 -1.56 -2.67
CA VAL A 20 6.06 -1.27 -3.69
C VAL A 20 5.36 0.04 -3.37
N CYS A 21 4.72 0.07 -2.20
CA CYS A 21 4.02 1.25 -1.73
C CYS A 21 4.03 1.29 -0.21
N ARG A 22 3.78 2.46 0.37
CA ARG A 22 3.77 2.60 1.83
C ARG A 22 2.42 3.10 2.34
N VAL A 23 1.98 2.52 3.45
CA VAL A 23 0.70 2.91 4.05
C VAL A 23 0.93 3.71 5.33
N ILE A 24 0.39 4.93 5.35
CA ILE A 24 0.54 5.81 6.50
C ILE A 24 -0.81 6.34 6.97
N CYS A 25 -1.09 6.17 8.27
CA CYS A 25 -2.34 6.65 8.84
C CYS A 25 -2.24 8.13 9.19
N THR A 26 -2.79 8.98 8.32
CA THR A 26 -2.74 10.43 8.53
C THR A 26 -3.62 10.85 9.69
N THR A 27 -4.68 10.09 9.96
CA THR A 27 -5.59 10.42 11.05
C THR A 27 -5.03 9.98 12.41
N GLY A 28 -3.87 9.33 12.38
CA GLY A 28 -3.24 8.88 13.61
C GLY A 28 -4.04 7.82 14.34
N GLN A 29 -3.93 6.58 13.87
CA GLN A 29 -4.63 5.46 14.47
C GLN A 29 -3.81 4.18 14.37
N ILE A 30 -3.16 3.98 13.23
CA ILE A 30 -2.36 2.79 12.98
C ILE A 30 -0.92 3.18 12.61
N PRO A 31 0.07 2.40 13.08
CA PRO A 31 1.48 2.68 12.78
C PRO A 31 1.81 2.44 11.30
N ILE A 32 2.73 3.27 10.78
CA ILE A 32 3.13 3.15 9.38
C ILE A 32 3.67 1.77 9.05
N ARG A 33 3.45 1.35 7.80
CA ARG A 33 3.92 0.05 7.33
C ARG A 33 4.45 0.16 5.91
N ASP A 34 5.20 -0.83 5.46
CA ASP A 34 5.76 -0.81 4.12
C ASP A 34 5.36 -2.04 3.30
N LEU A 35 4.69 -1.80 2.19
CA LEU A 35 4.28 -2.88 1.29
C LEU A 35 5.37 -3.10 0.26
N SER A 36 5.86 -4.33 0.12
CA SER A 36 6.92 -4.59 -0.84
C SER A 36 6.71 -5.84 -1.66
N ALA A 37 7.34 -5.84 -2.81
CA ALA A 37 7.29 -6.95 -3.74
C ALA A 37 8.59 -7.07 -4.53
N ASP A 38 9.03 -8.30 -4.77
CA ASP A 38 10.26 -8.54 -5.50
C ASP A 38 10.06 -8.34 -7.00
N ILE A 39 10.88 -7.47 -7.57
CA ILE A 39 10.83 -7.14 -8.98
C ILE A 39 11.16 -8.33 -9.88
N SER A 40 12.17 -9.09 -9.50
CA SER A 40 12.62 -10.24 -10.28
C SER A 40 11.50 -11.23 -10.48
N GLN A 41 10.74 -11.45 -9.43
CA GLN A 41 9.62 -12.39 -9.46
C GLN A 41 8.50 -11.83 -10.34
N VAL A 42 8.29 -10.52 -10.28
CA VAL A 42 7.25 -9.87 -11.06
C VAL A 42 7.55 -9.97 -12.55
N LEU A 43 8.80 -9.71 -12.92
CA LEU A 43 9.21 -9.76 -14.32
C LEU A 43 9.25 -11.21 -14.83
N LYS A 44 9.53 -12.13 -13.92
CA LYS A 44 9.60 -13.55 -14.28
C LYS A 44 8.20 -14.11 -14.50
N GLU A 45 7.29 -13.81 -13.59
CA GLU A 45 5.92 -14.30 -13.69
C GLU A 45 5.16 -13.56 -14.79
N LYS A 46 4.48 -14.32 -15.65
CA LYS A 46 3.72 -13.74 -16.75
C LYS A 46 2.25 -13.61 -16.39
N ARG A 47 1.96 -13.56 -15.09
CA ARG A 47 0.58 -13.44 -14.62
C ARG A 47 0.21 -11.97 -14.43
N SER A 48 -1.07 -11.73 -14.18
CA SER A 48 -1.56 -10.37 -13.98
C SER A 48 -1.18 -9.85 -12.60
N ILE A 49 -1.52 -10.61 -11.57
CA ILE A 49 -1.21 -10.23 -10.20
C ILE A 49 0.10 -10.85 -9.73
N LYS A 50 0.79 -10.16 -8.84
CA LYS A 50 2.06 -10.65 -8.32
C LYS A 50 1.99 -10.80 -6.80
N LYS A 51 1.61 -9.73 -6.11
CA LYS A 51 1.50 -9.75 -4.66
C LYS A 51 0.45 -8.77 -4.17
N VAL A 52 -0.46 -9.24 -3.31
CA VAL A 52 -1.51 -8.41 -2.79
C VAL A 52 -1.52 -8.37 -1.27
N TRP A 53 -1.74 -7.19 -0.73
CA TRP A 53 -1.78 -6.98 0.73
C TRP A 53 -3.20 -6.88 1.23
N THR A 54 -3.47 -7.48 2.38
CA THR A 54 -4.79 -7.42 3.00
C THR A 54 -4.73 -6.62 4.29
N PHE A 55 -5.61 -5.62 4.40
CA PHE A 55 -5.64 -4.75 5.57
C PHE A 55 -6.94 -4.94 6.35
N GLY A 56 -6.85 -4.81 7.67
CA GLY A 56 -8.03 -4.97 8.50
C GLY A 56 -7.70 -5.22 9.96
N ARG A 57 -8.72 -5.47 10.76
CA ARG A 57 -8.53 -5.72 12.20
C ARG A 57 -8.06 -7.15 12.46
N ASN A 58 -7.88 -7.94 11.40
CA ASN A 58 -7.45 -9.32 11.54
C ASN A 58 -5.92 -9.40 11.62
N PRO A 59 -5.40 -10.19 12.58
CA PRO A 59 -3.95 -10.37 12.75
C PRO A 59 -3.32 -11.13 11.60
N ALA A 60 -4.18 -11.67 10.72
CA ALA A 60 -3.71 -12.40 9.56
C ALA A 60 -3.38 -11.42 8.47
N CYS A 61 -4.27 -10.46 8.34
CA CYS A 61 -4.14 -9.42 7.36
C CYS A 61 -2.71 -8.91 7.31
N ASP A 62 -2.23 -8.70 6.11
CA ASP A 62 -0.88 -8.19 5.92
C ASP A 62 -0.72 -6.87 6.66
N TYR A 63 -1.84 -6.22 7.00
CA TYR A 63 -1.81 -4.95 7.72
C TYR A 63 -2.74 -5.00 8.93
N HIS A 64 -2.19 -4.74 10.10
CA HIS A 64 -2.98 -4.75 11.34
C HIS A 64 -3.32 -3.34 11.77
N LEU A 65 -4.62 -3.07 11.95
CA LEU A 65 -5.09 -1.76 12.37
C LEU A 65 -5.95 -1.85 13.61
N GLY A 66 -6.47 -0.72 14.06
CA GLY A 66 -7.31 -0.70 15.25
C GLY A 66 -8.57 -1.52 15.07
N ASN A 67 -9.07 -2.09 16.16
CA ASN A 67 -10.28 -2.90 16.13
C ASN A 67 -11.52 -2.02 16.07
N ILE A 68 -12.01 -1.75 14.86
CA ILE A 68 -13.19 -0.94 14.67
C ILE A 68 -14.34 -1.76 14.13
N SER A 69 -15.46 -1.78 14.86
CA SER A 69 -16.64 -2.54 14.45
C SER A 69 -17.07 -2.15 13.04
N ARG A 70 -16.83 -0.89 12.68
CA ARG A 70 -17.20 -0.39 11.36
C ARG A 70 -16.33 -1.03 10.28
N LEU A 71 -15.13 -1.45 10.65
CA LEU A 71 -14.21 -2.08 9.71
C LEU A 71 -14.27 -3.60 9.82
N SER A 72 -13.97 -4.28 8.72
CA SER A 72 -14.01 -5.75 8.70
C SER A 72 -12.62 -6.35 8.95
N ASN A 73 -12.59 -7.66 9.24
CA ASN A 73 -11.32 -8.37 9.48
C ASN A 73 -10.28 -7.93 8.46
N LYS A 74 -10.68 -8.03 7.19
CA LYS A 74 -9.86 -7.60 6.07
C LYS A 74 -10.64 -6.52 5.35
N HIS A 75 -10.48 -5.30 5.84
CA HIS A 75 -11.20 -4.17 5.30
C HIS A 75 -10.87 -3.89 3.86
N PHE A 76 -9.60 -3.91 3.52
CA PHE A 76 -9.19 -3.64 2.14
C PHE A 76 -7.96 -4.45 1.73
N GLN A 77 -7.74 -4.52 0.41
CA GLN A 77 -6.62 -5.29 -0.14
C GLN A 77 -5.90 -4.51 -1.24
N ILE A 78 -4.58 -4.52 -1.23
CA ILE A 78 -3.82 -3.83 -2.27
C ILE A 78 -3.06 -4.84 -3.13
N LEU A 79 -3.22 -4.75 -4.46
CA LEU A 79 -2.55 -5.67 -5.36
C LEU A 79 -1.51 -4.97 -6.24
N LEU A 80 -0.45 -5.69 -6.57
CA LEU A 80 0.61 -5.17 -7.41
C LEU A 80 0.84 -6.06 -8.62
N GLY A 81 0.72 -5.49 -9.82
CA GLY A 81 0.90 -6.26 -11.04
C GLY A 81 2.18 -5.89 -11.76
N GLU A 82 2.22 -6.17 -13.06
CA GLU A 82 3.39 -5.87 -13.88
C GLU A 82 3.66 -4.36 -13.92
N ASP A 83 4.82 -4.00 -14.43
CA ASP A 83 5.20 -2.59 -14.53
C ASP A 83 5.23 -1.94 -13.15
N GLY A 84 5.32 -0.61 -13.13
CA GLY A 84 5.34 0.12 -11.87
C GLY A 84 3.98 0.66 -11.49
N ASN A 85 2.93 -0.02 -11.93
CA ASN A 85 1.57 0.39 -11.63
C ASN A 85 0.96 -0.49 -10.55
N LEU A 86 0.40 0.15 -9.52
CA LEU A 86 -0.22 -0.58 -8.42
C LEU A 86 -1.74 -0.46 -8.48
N LEU A 87 -2.42 -1.44 -7.90
CA LEU A 87 -3.88 -1.45 -7.89
C LEU A 87 -4.39 -1.56 -6.46
N LEU A 88 -5.53 -0.92 -6.19
CA LEU A 88 -6.12 -0.95 -4.86
C LEU A 88 -7.44 -1.72 -4.90
N ASN A 89 -7.56 -2.74 -4.05
CA ASN A 89 -8.77 -3.54 -4.03
C ASN A 89 -9.47 -3.45 -2.69
N ASP A 90 -10.68 -2.90 -2.70
CA ASP A 90 -11.46 -2.78 -1.47
C ASP A 90 -12.09 -4.12 -1.12
N ILE A 91 -12.13 -4.46 0.16
CA ILE A 91 -12.70 -5.73 0.60
C ILE A 91 -13.35 -5.63 1.98
N SER A 92 -14.02 -4.51 2.26
CA SER A 92 -14.65 -4.31 3.54
C SER A 92 -16.13 -4.63 3.49
N THR A 93 -16.67 -5.03 4.64
CA THR A 93 -18.09 -5.33 4.74
C THR A 93 -18.90 -4.04 4.62
N ASN A 94 -18.32 -2.93 5.08
CA ASN A 94 -19.02 -1.64 5.04
C ASN A 94 -18.61 -0.78 3.84
N GLY A 95 -17.45 -1.07 3.23
CA GLY A 95 -17.02 -0.30 2.09
C GLY A 95 -15.71 0.41 2.29
N THR A 96 -15.03 0.69 1.18
CA THR A 96 -13.75 1.39 1.17
C THR A 96 -13.89 2.71 0.43
N TRP A 97 -13.30 3.77 0.96
CA TRP A 97 -13.41 5.08 0.33
C TRP A 97 -12.10 5.64 -0.16
N LEU A 98 -12.18 6.41 -1.24
CA LEU A 98 -11.04 7.06 -1.82
C LEU A 98 -11.31 8.56 -1.89
N ASN A 99 -10.56 9.32 -1.11
CA ASN A 99 -10.72 10.77 -1.05
C ASN A 99 -12.20 11.20 -0.98
N GLY A 100 -12.98 10.51 -0.15
CA GLY A 100 -14.37 10.85 0.00
C GLY A 100 -15.27 10.16 -1.01
N GLN A 101 -14.67 9.54 -2.02
CA GLN A 101 -15.46 8.84 -3.02
C GLN A 101 -15.40 7.34 -2.81
N LYS A 102 -16.56 6.73 -2.57
CA LYS A 102 -16.66 5.32 -2.34
C LYS A 102 -16.47 4.54 -3.64
N VAL A 103 -15.47 3.64 -3.64
CA VAL A 103 -15.18 2.82 -4.81
C VAL A 103 -15.90 1.49 -4.75
N GLU A 104 -15.97 0.79 -5.88
CA GLU A 104 -16.63 -0.50 -5.95
C GLU A 104 -15.83 -1.55 -5.20
N LYS A 105 -16.49 -2.25 -4.27
CA LYS A 105 -15.82 -3.27 -3.48
C LYS A 105 -15.14 -4.29 -4.39
N ASN A 106 -14.20 -5.03 -3.82
CA ASN A 106 -13.44 -6.05 -4.53
C ASN A 106 -13.16 -5.67 -5.98
N SER A 107 -12.97 -4.38 -6.20
CA SER A 107 -12.68 -3.86 -7.53
C SER A 107 -11.27 -3.31 -7.61
N ASN A 108 -10.63 -3.48 -8.77
CA ASN A 108 -9.27 -3.00 -8.97
C ASN A 108 -9.28 -1.53 -9.42
N GLN A 109 -8.47 -0.71 -8.76
CA GLN A 109 -8.38 0.70 -9.09
C GLN A 109 -6.93 1.13 -9.27
N LEU A 110 -6.71 2.07 -10.18
CA LEU A 110 -5.35 2.57 -10.44
C LEU A 110 -4.89 3.44 -9.28
N LEU A 111 -3.76 3.10 -8.70
CA LEU A 111 -3.21 3.84 -7.58
C LEU A 111 -3.02 5.31 -7.92
N SER A 112 -3.00 6.14 -6.88
CA SER A 112 -2.81 7.58 -7.02
C SER A 112 -1.62 8.05 -6.19
N GLN A 113 -1.01 9.14 -6.59
CA GLN A 113 0.15 9.67 -5.88
C GLN A 113 -0.28 10.26 -4.54
N GLY A 114 0.25 9.69 -3.46
CA GLY A 114 -0.10 10.15 -2.14
C GLY A 114 -1.57 9.99 -1.84
N ASP A 115 -2.22 9.06 -2.55
CA ASP A 115 -3.63 8.81 -2.37
C ASP A 115 -3.96 8.48 -0.93
N GLU A 116 -5.25 8.43 -0.63
CA GLU A 116 -5.71 8.12 0.72
C GLU A 116 -7.01 7.33 0.69
N ILE A 117 -7.08 6.28 1.50
CA ILE A 117 -8.28 5.45 1.57
C ILE A 117 -9.00 5.67 2.89
N THR A 118 -10.29 5.96 2.80
CA THR A 118 -11.11 6.19 3.99
C THR A 118 -11.99 4.98 4.26
N VAL A 119 -12.15 4.62 5.53
CA VAL A 119 -12.95 3.45 5.88
C VAL A 119 -13.78 3.68 7.13
N GLY A 120 -14.85 2.88 7.28
CA GLY A 120 -15.70 2.99 8.43
C GLY A 120 -16.74 4.09 8.27
N VAL A 121 -17.18 4.29 7.05
CA VAL A 121 -18.15 5.32 6.75
C VAL A 121 -19.54 4.96 7.24
N GLY A 122 -20.21 5.97 7.76
CA GLY A 122 -21.54 5.82 8.30
C GLY A 122 -21.76 6.81 9.42
N VAL A 123 -20.73 6.94 10.26
CA VAL A 123 -20.74 7.87 11.36
C VAL A 123 -19.51 8.76 11.26
N GLU A 124 -19.71 10.07 11.37
CA GLU A 124 -18.61 11.02 11.27
C GLU A 124 -17.45 10.64 12.19
N SER A 125 -17.77 10.07 13.34
CA SER A 125 -16.76 9.68 14.31
C SER A 125 -16.31 8.23 14.17
N ASP A 126 -16.78 7.54 13.12
CA ASP A 126 -16.40 6.14 12.93
C ASP A 126 -15.68 5.89 11.62
N ILE A 127 -15.10 6.93 11.09
CA ILE A 127 -14.34 6.85 9.86
C ILE A 127 -12.84 6.96 10.12
N LEU A 128 -12.08 6.14 9.41
CA LEU A 128 -10.63 6.13 9.52
C LEU A 128 -9.99 6.41 8.17
N SER A 129 -8.98 7.28 8.16
CA SER A 129 -8.30 7.65 6.94
C SER A 129 -6.89 7.08 6.87
N LEU A 130 -6.50 6.63 5.69
CA LEU A 130 -5.17 6.06 5.47
C LEU A 130 -4.56 6.63 4.18
N VAL A 131 -3.29 6.99 4.23
CA VAL A 131 -2.61 7.55 3.06
C VAL A 131 -1.56 6.58 2.52
N ILE A 132 -1.48 6.50 1.20
CA ILE A 132 -0.55 5.62 0.54
C ILE A 132 0.62 6.41 -0.06
N PHE A 133 1.83 5.92 0.15
CA PHE A 133 3.03 6.57 -0.36
C PHE A 133 3.73 5.67 -1.37
N ILE A 134 3.81 6.12 -2.62
CA ILE A 134 4.45 5.36 -3.68
C ILE A 134 5.95 5.62 -3.72
N ASN A 135 6.72 4.54 -3.83
CA ASN A 135 8.18 4.63 -3.89
C ASN A 135 8.64 4.89 -5.32
N ASP A 136 9.24 6.06 -5.53
CA ASP A 136 9.73 6.44 -6.86
C ASP A 136 10.81 5.47 -7.33
N LYS A 137 11.57 4.94 -6.39
CA LYS A 137 12.64 4.00 -6.71
C LYS A 137 12.08 2.78 -7.41
N PHE A 138 10.98 2.24 -6.88
CA PHE A 138 10.34 1.07 -7.45
C PHE A 138 9.93 1.32 -8.90
N LYS A 139 9.35 2.49 -9.14
CA LYS A 139 8.89 2.86 -10.48
C LYS A 139 10.06 2.92 -11.45
N GLN A 140 11.20 3.41 -10.97
CA GLN A 140 12.40 3.54 -11.79
C GLN A 140 12.90 2.16 -12.24
N CYS A 141 12.99 1.23 -11.29
CA CYS A 141 13.46 -0.12 -11.58
C CYS A 141 12.52 -0.83 -12.55
N LEU A 142 11.21 -0.72 -12.29
CA LEU A 142 10.21 -1.35 -13.13
C LEU A 142 10.28 -0.81 -14.56
N GLU A 143 10.57 0.48 -14.67
CA GLU A 143 10.66 1.13 -15.98
C GLU A 143 11.77 0.50 -16.81
N GLN A 144 12.85 0.08 -16.15
CA GLN A 144 13.98 -0.53 -16.83
C GLN A 144 13.82 -2.05 -16.87
N ASN A 145 13.29 -2.61 -15.80
CA ASN A 145 13.07 -4.06 -15.69
C ASN A 145 14.30 -4.84 -16.19
N LYS A 146 14.15 -6.15 -16.28
CA LYS A 146 15.24 -7.01 -16.74
C LYS A 146 15.16 -7.26 -18.24
N VAL A 147 16.32 -7.29 -18.89
CA VAL A 147 16.38 -7.50 -20.33
C VAL A 147 16.80 -8.93 -20.65
N ASP A 148 16.06 -9.59 -21.54
CA ASP A 148 16.36 -10.96 -21.93
C ASP A 148 17.06 -10.99 -23.29
N ARG A 149 18.31 -11.46 -23.30
CA ARG A 149 19.09 -11.56 -24.53
C ARG A 149 19.82 -12.89 -24.60
N ILE A 150 20.26 -13.25 -25.81
CA ILE A 150 20.99 -14.50 -26.02
C ILE A 150 22.49 -14.26 -25.99
N ARG A 151 23.18 -14.98 -25.12
CA ARG A 151 24.63 -14.85 -25.00
C ARG A 151 25.31 -16.22 -25.06
N ALA A 1 9.91 19.11 25.19
CA ALA A 1 9.32 18.35 24.10
C ALA A 1 9.69 18.95 22.74
N THR A 2 9.14 18.37 21.68
CA THR A 2 9.41 18.84 20.32
C THR A 2 10.74 18.30 19.78
N GLN A 3 11.79 18.40 20.60
CA GLN A 3 13.11 17.92 20.21
C GLN A 3 13.07 16.43 19.88
N ARG A 4 12.19 15.70 20.54
CA ARG A 4 12.06 14.27 20.32
C ARG A 4 11.54 13.99 18.91
N PHE A 5 10.65 14.84 18.43
CA PHE A 5 10.07 14.70 17.10
C PHE A 5 11.17 14.73 16.04
N LEU A 6 12.11 15.66 16.19
CA LEU A 6 13.21 15.79 15.25
C LEU A 6 14.00 14.50 15.16
N ILE A 7 14.09 13.78 16.27
CA ILE A 7 14.81 12.52 16.33
C ILE A 7 14.04 11.42 15.60
N GLU A 8 12.73 11.46 15.69
CA GLU A 8 11.88 10.47 15.05
C GLU A 8 12.17 10.43 13.55
N LYS A 9 12.38 11.60 12.96
CA LYS A 9 12.68 11.70 11.54
C LYS A 9 14.04 11.08 11.23
N PHE A 10 14.92 11.07 12.23
CA PHE A 10 16.25 10.51 12.09
C PHE A 10 16.19 9.05 11.65
N SER A 11 15.34 8.28 12.34
CA SER A 11 15.18 6.86 12.03
C SER A 11 14.33 6.67 10.79
N GLN A 12 13.47 7.64 10.50
CA GLN A 12 12.59 7.57 9.33
C GLN A 12 13.39 7.70 8.04
N GLU A 13 14.17 6.66 7.73
CA GLU A 13 14.99 6.67 6.53
C GLU A 13 14.25 6.01 5.36
N GLN A 14 14.36 6.61 4.18
CA GLN A 14 13.69 6.08 3.00
C GLN A 14 14.27 4.72 2.62
N ILE A 15 13.52 3.66 2.91
CA ILE A 15 13.95 2.31 2.60
C ILE A 15 13.67 1.94 1.15
N GLY A 16 14.64 1.29 0.56
CA GLY A 16 14.52 0.87 -0.82
C GLY A 16 15.06 -0.53 -1.06
N GLU A 17 14.62 -1.48 -0.26
CA GLU A 17 15.06 -2.86 -0.39
C GLU A 17 14.31 -3.56 -1.52
N ASN A 18 13.01 -3.35 -1.58
CA ASN A 18 12.17 -3.96 -2.61
C ASN A 18 10.75 -3.52 -2.34
N ILE A 19 10.65 -2.27 -1.94
CA ILE A 19 9.40 -1.69 -1.58
C ILE A 19 8.49 -1.45 -2.77
N VAL A 20 7.21 -1.68 -2.53
CA VAL A 20 6.19 -1.53 -3.54
C VAL A 20 5.36 -0.27 -3.27
N CYS A 21 4.92 -0.15 -2.02
CA CYS A 21 4.14 1.01 -1.59
C CYS A 21 4.29 1.21 -0.08
N ARG A 22 3.87 2.38 0.40
CA ARG A 22 3.97 2.70 1.83
C ARG A 22 2.65 3.24 2.36
N VAL A 23 2.09 2.56 3.35
CA VAL A 23 0.82 2.98 3.94
C VAL A 23 1.05 3.84 5.18
N ILE A 24 0.51 5.05 5.16
CA ILE A 24 0.66 5.98 6.26
C ILE A 24 -0.70 6.46 6.78
N CYS A 25 -0.95 6.23 8.06
CA CYS A 25 -2.22 6.65 8.66
C CYS A 25 -2.18 8.14 8.98
N THR A 26 -3.19 8.88 8.50
CA THR A 26 -3.26 10.32 8.73
C THR A 26 -4.10 10.66 9.96
N THR A 27 -5.08 9.82 10.27
CA THR A 27 -5.95 10.05 11.42
C THR A 27 -5.29 9.63 12.72
N GLY A 28 -4.08 9.09 12.63
CA GLY A 28 -3.35 8.67 13.82
C GLY A 28 -4.00 7.49 14.50
N GLN A 29 -3.73 6.29 13.98
CA GLN A 29 -4.27 5.06 14.55
C GLN A 29 -3.29 3.90 14.39
N ILE A 30 -2.70 3.80 13.20
CA ILE A 30 -1.75 2.73 12.90
C ILE A 30 -0.38 3.30 12.52
N PRO A 31 0.71 2.65 12.96
CA PRO A 31 2.06 3.11 12.64
C PRO A 31 2.42 2.85 11.18
N ILE A 32 3.22 3.76 10.61
CA ILE A 32 3.64 3.65 9.21
C ILE A 32 4.27 2.30 8.92
N ARG A 33 3.86 1.70 7.80
CA ARG A 33 4.39 0.41 7.38
C ARG A 33 4.85 0.47 5.92
N ASP A 34 5.64 -0.50 5.50
CA ASP A 34 6.15 -0.52 4.13
C ASP A 34 5.72 -1.77 3.38
N LEU A 35 4.98 -1.54 2.29
CA LEU A 35 4.53 -2.64 1.44
C LEU A 35 5.60 -2.94 0.40
N SER A 36 5.95 -4.21 0.22
CA SER A 36 6.99 -4.56 -0.73
C SER A 36 6.67 -5.80 -1.54
N ALA A 37 7.30 -5.85 -2.70
CA ALA A 37 7.17 -6.96 -3.62
C ALA A 37 8.50 -7.27 -4.30
N ASP A 38 8.74 -8.55 -4.55
CA ASP A 38 9.98 -8.99 -5.19
C ASP A 38 9.96 -8.68 -6.68
N ILE A 39 10.92 -7.86 -7.11
CA ILE A 39 11.04 -7.45 -8.50
C ILE A 39 11.35 -8.64 -9.42
N SER A 40 12.27 -9.48 -8.98
CA SER A 40 12.68 -10.64 -9.78
C SER A 40 11.50 -11.56 -10.04
N GLN A 41 10.67 -11.72 -9.01
CA GLN A 41 9.50 -12.57 -9.11
C GLN A 41 8.46 -11.94 -10.04
N VAL A 42 8.36 -10.61 -10.00
CA VAL A 42 7.41 -9.89 -10.83
C VAL A 42 7.82 -9.96 -12.30
N LEU A 43 9.12 -9.79 -12.56
CA LEU A 43 9.64 -9.82 -13.92
C LEU A 43 9.62 -11.26 -14.47
N LYS A 44 9.79 -12.22 -13.58
CA LYS A 44 9.79 -13.63 -13.96
C LYS A 44 8.38 -14.11 -14.28
N GLU A 45 7.45 -13.81 -13.37
CA GLU A 45 6.06 -14.21 -13.55
C GLU A 45 5.40 -13.43 -14.69
N LYS A 46 4.67 -14.14 -15.55
CA LYS A 46 4.00 -13.50 -16.67
C LYS A 46 2.48 -13.54 -16.48
N ARG A 47 2.05 -13.51 -15.23
CA ARG A 47 0.62 -13.53 -14.91
C ARG A 47 0.08 -12.12 -14.77
N SER A 48 -1.18 -12.01 -14.33
CA SER A 48 -1.81 -10.71 -14.15
C SER A 48 -1.50 -10.13 -12.78
N ILE A 49 -1.80 -10.89 -11.73
CA ILE A 49 -1.54 -10.45 -10.37
C ILE A 49 -0.18 -10.94 -9.88
N LYS A 50 0.46 -10.14 -9.04
CA LYS A 50 1.77 -10.50 -8.50
C LYS A 50 1.71 -10.65 -6.98
N LYS A 51 1.50 -9.55 -6.28
CA LYS A 51 1.43 -9.57 -4.82
C LYS A 51 0.39 -8.58 -4.30
N VAL A 52 -0.49 -9.05 -3.42
CA VAL A 52 -1.53 -8.20 -2.87
C VAL A 52 -1.52 -8.22 -1.35
N TRP A 53 -1.72 -7.06 -0.76
CA TRP A 53 -1.76 -6.90 0.69
C TRP A 53 -3.18 -6.82 1.23
N THR A 54 -3.43 -7.47 2.37
CA THR A 54 -4.73 -7.42 3.01
C THR A 54 -4.65 -6.57 4.28
N PHE A 55 -5.53 -5.58 4.36
CA PHE A 55 -5.57 -4.67 5.51
C PHE A 55 -6.87 -4.84 6.28
N GLY A 56 -6.81 -4.68 7.60
CA GLY A 56 -8.00 -4.80 8.42
C GLY A 56 -7.70 -5.09 9.88
N ARG A 57 -8.76 -5.34 10.66
CA ARG A 57 -8.63 -5.62 12.08
C ARG A 57 -8.12 -7.03 12.34
N ASN A 58 -7.86 -7.79 11.27
CA ASN A 58 -7.37 -9.16 11.41
C ASN A 58 -5.86 -9.20 11.59
N PRO A 59 -5.37 -9.99 12.56
CA PRO A 59 -3.93 -10.13 12.82
C PRO A 59 -3.23 -10.87 11.69
N ALA A 60 -4.02 -11.45 10.79
CA ALA A 60 -3.48 -12.17 9.66
C ALA A 60 -3.17 -11.19 8.57
N CYS A 61 -4.10 -10.27 8.39
CA CYS A 61 -3.99 -9.23 7.41
C CYS A 61 -2.58 -8.67 7.38
N ASP A 62 -2.10 -8.45 6.18
CA ASP A 62 -0.77 -7.90 6.00
C ASP A 62 -0.63 -6.57 6.73
N TYR A 63 -1.78 -5.96 7.09
CA TYR A 63 -1.77 -4.70 7.81
C TYR A 63 -2.63 -4.78 9.05
N HIS A 64 -2.00 -4.65 10.22
CA HIS A 64 -2.71 -4.72 11.48
C HIS A 64 -3.12 -3.33 11.97
N LEU A 65 -4.43 -3.12 12.10
CA LEU A 65 -4.96 -1.84 12.55
C LEU A 65 -5.88 -2.05 13.75
N GLY A 66 -6.46 -0.96 14.24
CA GLY A 66 -7.36 -1.04 15.37
C GLY A 66 -8.48 -2.04 15.15
N ASN A 67 -9.41 -2.12 16.10
CA ASN A 67 -10.53 -3.05 16.00
C ASN A 67 -11.85 -2.28 16.02
N ILE A 68 -12.34 -1.90 14.84
CA ILE A 68 -13.58 -1.17 14.72
C ILE A 68 -14.70 -2.04 14.17
N SER A 69 -15.89 -1.93 14.76
CA SER A 69 -17.04 -2.72 14.32
C SER A 69 -17.40 -2.38 12.89
N ARG A 70 -17.31 -1.10 12.54
CA ARG A 70 -17.63 -0.63 11.19
C ARG A 70 -16.70 -1.27 10.16
N LEU A 71 -15.45 -1.51 10.56
CA LEU A 71 -14.47 -2.10 9.67
C LEU A 71 -14.46 -3.62 9.80
N SER A 72 -14.08 -4.31 8.71
CA SER A 72 -14.05 -5.77 8.70
C SER A 72 -12.64 -6.29 8.99
N ASN A 73 -12.54 -7.60 9.30
CA ASN A 73 -11.25 -8.24 9.59
C ASN A 73 -10.21 -7.76 8.58
N LYS A 74 -10.55 -7.92 7.31
CA LYS A 74 -9.72 -7.48 6.20
C LYS A 74 -10.53 -6.44 5.43
N HIS A 75 -10.46 -5.21 5.93
CA HIS A 75 -11.22 -4.11 5.37
C HIS A 75 -10.87 -3.83 3.93
N PHE A 76 -9.60 -3.79 3.62
CA PHE A 76 -9.18 -3.49 2.25
C PHE A 76 -7.91 -4.24 1.84
N GLN A 77 -7.66 -4.31 0.53
CA GLN A 77 -6.50 -5.02 0.00
C GLN A 77 -5.80 -4.19 -1.08
N ILE A 78 -4.47 -4.28 -1.15
CA ILE A 78 -3.73 -3.57 -2.18
C ILE A 78 -2.98 -4.55 -3.07
N LEU A 79 -3.08 -4.38 -4.39
CA LEU A 79 -2.41 -5.29 -5.31
C LEU A 79 -1.38 -4.58 -6.18
N LEU A 80 -0.33 -5.31 -6.54
CA LEU A 80 0.74 -4.77 -7.38
C LEU A 80 0.93 -5.66 -8.60
N GLY A 81 0.81 -5.06 -9.78
CA GLY A 81 0.97 -5.82 -11.02
C GLY A 81 2.29 -5.56 -11.70
N GLU A 82 2.56 -6.30 -12.77
CA GLU A 82 3.79 -6.14 -13.52
C GLU A 82 3.62 -5.13 -14.65
N ASP A 83 4.00 -3.89 -14.39
CA ASP A 83 3.88 -2.82 -15.38
C ASP A 83 4.55 -1.55 -14.90
N GLY A 84 4.36 -1.22 -13.62
CA GLY A 84 4.96 -0.03 -13.05
C GLY A 84 3.99 0.74 -12.17
N ASN A 85 2.70 0.47 -12.34
CA ASN A 85 1.68 1.15 -11.54
C ASN A 85 1.16 0.24 -10.43
N LEU A 86 0.29 0.79 -9.58
CA LEU A 86 -0.27 0.03 -8.47
C LEU A 86 -1.79 -0.01 -8.55
N LEU A 87 -2.40 -0.97 -7.88
CA LEU A 87 -3.85 -1.11 -7.87
C LEU A 87 -4.36 -1.31 -6.44
N LEU A 88 -5.51 -0.73 -6.14
CA LEU A 88 -6.08 -0.84 -4.80
C LEU A 88 -7.36 -1.65 -4.86
N ASN A 89 -7.47 -2.65 -3.98
CA ASN A 89 -8.65 -3.50 -3.95
C ASN A 89 -9.38 -3.41 -2.62
N ASP A 90 -10.60 -2.90 -2.65
CA ASP A 90 -11.41 -2.78 -1.44
C ASP A 90 -12.00 -4.15 -1.08
N ILE A 91 -12.06 -4.46 0.20
CA ILE A 91 -12.60 -5.75 0.65
C ILE A 91 -13.27 -5.64 2.02
N SER A 92 -13.98 -4.55 2.27
CA SER A 92 -14.64 -4.35 3.54
C SER A 92 -16.11 -4.70 3.46
N THR A 93 -16.67 -5.08 4.61
CA THR A 93 -18.08 -5.40 4.68
C THR A 93 -18.92 -4.14 4.51
N ASN A 94 -18.37 -3.01 4.97
CA ASN A 94 -19.08 -1.73 4.88
C ASN A 94 -18.64 -0.88 3.68
N GLY A 95 -17.46 -1.17 3.12
CA GLY A 95 -17.00 -0.40 1.98
C GLY A 95 -15.69 0.33 2.23
N THR A 96 -15.01 0.63 1.13
CA THR A 96 -13.73 1.34 1.16
C THR A 96 -13.87 2.67 0.42
N TRP A 97 -13.30 3.72 0.97
CA TRP A 97 -13.43 5.04 0.35
C TRP A 97 -12.11 5.62 -0.14
N LEU A 98 -12.22 6.40 -1.20
CA LEU A 98 -11.09 7.07 -1.79
C LEU A 98 -11.39 8.57 -1.84
N ASN A 99 -10.65 9.34 -1.05
CA ASN A 99 -10.84 10.79 -0.99
C ASN A 99 -12.32 11.18 -0.90
N GLY A 100 -13.08 10.46 -0.08
CA GLY A 100 -14.48 10.78 0.09
C GLY A 100 -15.37 10.08 -0.92
N GLN A 101 -14.78 9.46 -1.93
CA GLN A 101 -15.56 8.77 -2.94
C GLN A 101 -15.47 7.25 -2.75
N LYS A 102 -16.62 6.64 -2.50
CA LYS A 102 -16.70 5.21 -2.29
C LYS A 102 -16.52 4.46 -3.61
N VAL A 103 -15.63 3.46 -3.59
CA VAL A 103 -15.36 2.66 -4.78
C VAL A 103 -16.03 1.30 -4.69
N GLU A 104 -16.11 0.60 -5.82
CA GLU A 104 -16.71 -0.72 -5.87
C GLU A 104 -15.86 -1.74 -5.13
N LYS A 105 -16.47 -2.47 -4.20
CA LYS A 105 -15.73 -3.47 -3.43
C LYS A 105 -15.01 -4.43 -4.37
N ASN A 106 -14.03 -5.15 -3.83
CA ASN A 106 -13.24 -6.10 -4.58
C ASN A 106 -13.00 -5.66 -6.02
N SER A 107 -12.85 -4.35 -6.19
CA SER A 107 -12.60 -3.76 -7.50
C SER A 107 -11.19 -3.20 -7.59
N ASN A 108 -10.58 -3.29 -8.77
CA ASN A 108 -9.23 -2.79 -8.97
C ASN A 108 -9.26 -1.36 -9.50
N GLN A 109 -8.49 -0.48 -8.85
CA GLN A 109 -8.42 0.91 -9.26
C GLN A 109 -6.98 1.35 -9.40
N LEU A 110 -6.74 2.33 -10.27
CA LEU A 110 -5.40 2.83 -10.49
C LEU A 110 -4.94 3.66 -9.30
N LEU A 111 -3.96 3.16 -8.57
CA LEU A 111 -3.45 3.85 -7.39
C LEU A 111 -3.05 5.28 -7.71
N SER A 112 -3.00 6.10 -6.67
CA SER A 112 -2.64 7.51 -6.80
C SER A 112 -1.46 7.84 -5.91
N GLN A 113 -0.69 8.87 -6.29
CA GLN A 113 0.48 9.27 -5.51
C GLN A 113 0.03 9.94 -4.21
N GLY A 114 0.49 9.38 -3.08
CA GLY A 114 0.12 9.93 -1.79
C GLY A 114 -1.38 9.89 -1.56
N ASP A 115 -2.08 9.03 -2.31
CA ASP A 115 -3.52 8.90 -2.19
C ASP A 115 -3.92 8.57 -0.76
N GLU A 116 -5.22 8.51 -0.52
CA GLU A 116 -5.73 8.20 0.81
C GLU A 116 -7.02 7.38 0.73
N ILE A 117 -7.11 6.35 1.56
CA ILE A 117 -8.29 5.51 1.61
C ILE A 117 -9.03 5.68 2.92
N THR A 118 -10.32 5.95 2.83
CA THR A 118 -11.15 6.14 4.02
C THR A 118 -12.00 4.91 4.27
N VAL A 119 -12.14 4.54 5.53
CA VAL A 119 -12.93 3.35 5.88
C VAL A 119 -13.76 3.56 7.14
N GLY A 120 -14.81 2.75 7.28
CA GLY A 120 -15.68 2.85 8.43
C GLY A 120 -16.67 3.97 8.28
N VAL A 121 -17.27 4.06 7.10
CA VAL A 121 -18.23 5.11 6.81
C VAL A 121 -19.63 4.76 7.26
N GLY A 122 -20.30 5.77 7.80
CA GLY A 122 -21.63 5.63 8.30
C GLY A 122 -21.91 6.70 9.33
N VAL A 123 -20.90 6.94 10.17
CA VAL A 123 -20.95 7.96 11.19
C VAL A 123 -19.74 8.86 11.04
N GLU A 124 -19.98 10.17 10.93
CA GLU A 124 -18.90 11.13 10.76
C GLU A 124 -17.80 10.92 11.81
N SER A 125 -18.20 10.45 12.98
CA SER A 125 -17.27 10.22 14.07
C SER A 125 -16.74 8.79 14.10
N ASP A 126 -17.07 7.98 13.09
CA ASP A 126 -16.62 6.59 13.08
C ASP A 126 -15.91 6.21 11.79
N ILE A 127 -15.31 7.19 11.17
CA ILE A 127 -14.56 6.98 9.94
C ILE A 127 -13.06 7.08 10.19
N LEU A 128 -12.32 6.20 9.54
CA LEU A 128 -10.87 6.15 9.66
C LEU A 128 -10.23 6.33 8.28
N SER A 129 -9.20 7.17 8.22
CA SER A 129 -8.52 7.44 6.96
C SER A 129 -7.09 6.92 6.95
N LEU A 130 -6.64 6.57 5.76
CA LEU A 130 -5.29 6.07 5.54
C LEU A 130 -4.67 6.71 4.30
N VAL A 131 -3.34 6.84 4.30
CA VAL A 131 -2.65 7.44 3.17
C VAL A 131 -1.72 6.44 2.49
N ILE A 132 -1.75 6.42 1.16
CA ILE A 132 -0.95 5.52 0.39
C ILE A 132 0.22 6.26 -0.28
N PHE A 133 1.43 5.83 0.01
CA PHE A 133 2.63 6.44 -0.56
C PHE A 133 3.32 5.48 -1.51
N ILE A 134 3.41 5.85 -2.78
CA ILE A 134 4.04 5.01 -3.79
C ILE A 134 5.55 5.24 -3.83
N ASN A 135 6.30 4.15 -3.87
CA ASN A 135 7.75 4.23 -3.92
C ASN A 135 8.24 4.47 -5.35
N ASP A 136 8.85 5.63 -5.56
CA ASP A 136 9.36 5.99 -6.89
C ASP A 136 10.51 5.08 -7.30
N LYS A 137 11.25 4.57 -6.31
CA LYS A 137 12.38 3.69 -6.58
C LYS A 137 11.92 2.45 -7.32
N PHE A 138 10.82 1.86 -6.86
CA PHE A 138 10.28 0.65 -7.46
C PHE A 138 9.93 0.91 -8.92
N LYS A 139 9.29 2.04 -9.19
CA LYS A 139 8.89 2.40 -10.54
C LYS A 139 10.11 2.60 -11.44
N GLN A 140 11.18 3.13 -10.86
CA GLN A 140 12.41 3.38 -11.60
C GLN A 140 13.03 2.07 -12.09
N CYS A 141 13.07 1.08 -11.20
CA CYS A 141 13.64 -0.22 -11.53
C CYS A 141 12.78 -0.95 -12.56
N LEU A 142 11.47 -0.88 -12.37
CA LEU A 142 10.53 -1.54 -13.28
C LEU A 142 10.59 -0.91 -14.67
N GLU A 143 10.76 0.41 -14.71
CA GLU A 143 10.83 1.12 -15.99
C GLU A 143 12.01 0.63 -16.82
N GLN A 144 13.14 0.38 -16.16
CA GLN A 144 14.33 -0.09 -16.85
C GLN A 144 14.34 -1.61 -16.96
N ASN A 145 13.84 -2.28 -15.91
CA ASN A 145 13.76 -3.74 -15.88
C ASN A 145 15.07 -4.38 -16.36
N LYS A 146 15.06 -5.70 -16.51
CA LYS A 146 16.24 -6.42 -16.97
C LYS A 146 16.49 -6.20 -18.46
N VAL A 147 17.75 -6.10 -18.83
CA VAL A 147 18.12 -5.90 -20.23
C VAL A 147 18.56 -7.20 -20.90
N ASP A 148 18.05 -7.44 -22.09
CA ASP A 148 18.38 -8.66 -22.84
C ASP A 148 19.22 -8.33 -24.07
N ARG A 149 20.05 -7.30 -23.96
CA ARG A 149 20.90 -6.89 -25.06
C ARG A 149 22.29 -7.51 -24.94
N ILE A 150 22.97 -7.65 -26.07
CA ILE A 150 24.31 -8.23 -26.08
C ILE A 150 25.35 -7.22 -25.63
N ARG A 151 26.30 -7.69 -24.81
CA ARG A 151 27.35 -6.81 -24.31
C ARG A 151 28.49 -6.69 -25.32
N ALA A 1 9.08 0.55 23.77
CA ALA A 1 10.47 1.01 23.67
C ALA A 1 10.54 2.54 23.68
N THR A 2 11.71 3.07 24.02
CA THR A 2 11.91 4.51 24.07
C THR A 2 13.37 4.87 23.84
N GLN A 3 14.24 4.37 24.71
CA GLN A 3 15.67 4.64 24.59
C GLN A 3 16.27 3.90 23.40
N ARG A 4 15.90 2.63 23.25
CA ARG A 4 16.40 1.81 22.15
C ARG A 4 15.99 2.41 20.80
N PHE A 5 14.75 2.87 20.71
CA PHE A 5 14.25 3.47 19.48
C PHE A 5 15.07 4.70 19.09
N LEU A 6 15.46 5.49 20.10
CA LEU A 6 16.24 6.69 19.86
C LEU A 6 17.57 6.35 19.19
N ILE A 7 18.24 5.30 19.69
CA ILE A 7 19.51 4.87 19.15
C ILE A 7 19.36 4.40 17.70
N GLU A 8 18.28 3.69 17.43
CA GLU A 8 18.02 3.19 16.09
C GLU A 8 17.97 4.32 15.07
N LYS A 9 17.47 5.47 15.51
CA LYS A 9 17.35 6.63 14.62
C LYS A 9 18.73 7.14 14.20
N PHE A 10 19.71 7.02 15.10
CA PHE A 10 21.07 7.47 14.80
C PHE A 10 21.62 6.79 13.55
N SER A 11 21.45 5.49 13.49
CA SER A 11 21.92 4.70 12.35
C SER A 11 21.18 5.10 11.09
N GLN A 12 19.87 5.27 11.19
CA GLN A 12 19.04 5.66 10.06
C GLN A 12 19.14 4.62 8.94
N GLU A 13 18.14 3.75 8.86
CA GLU A 13 18.11 2.71 7.82
C GLU A 13 17.60 3.27 6.50
N GLN A 14 18.20 2.81 5.41
CA GLN A 14 17.82 3.26 4.08
C GLN A 14 16.64 2.45 3.54
N ILE A 15 15.47 3.05 3.52
CA ILE A 15 14.26 2.38 3.03
C ILE A 15 14.17 2.42 1.53
N GLY A 16 13.77 1.29 0.97
CA GLY A 16 13.63 1.17 -0.47
C GLY A 16 14.35 -0.05 -1.01
N GLU A 17 14.21 -1.17 -0.32
CA GLU A 17 14.86 -2.41 -0.74
C GLU A 17 14.09 -3.07 -1.88
N ASN A 18 12.77 -3.06 -1.78
CA ASN A 18 11.91 -3.67 -2.78
C ASN A 18 10.48 -3.29 -2.46
N ILE A 19 10.35 -2.08 -1.94
CA ILE A 19 9.11 -1.56 -1.51
C ILE A 19 8.22 -1.12 -2.68
N VAL A 20 6.96 -1.51 -2.58
CA VAL A 20 5.98 -1.21 -3.59
C VAL A 20 5.24 0.06 -3.24
N CYS A 21 4.57 0.03 -2.09
CA CYS A 21 3.80 1.18 -1.60
C CYS A 21 3.89 1.28 -0.09
N ARG A 22 3.73 2.48 0.45
CA ARG A 22 3.80 2.71 1.88
C ARG A 22 2.45 3.18 2.43
N VAL A 23 2.06 2.64 3.58
CA VAL A 23 0.79 3.01 4.21
C VAL A 23 1.02 3.92 5.41
N ILE A 24 0.41 5.10 5.37
CA ILE A 24 0.56 6.07 6.44
C ILE A 24 -0.80 6.57 6.93
N CYS A 25 -1.10 6.32 8.21
CA CYS A 25 -2.36 6.76 8.79
C CYS A 25 -2.29 8.23 9.17
N THR A 26 -3.21 9.04 8.63
CA THR A 26 -3.24 10.47 8.90
C THR A 26 -4.13 10.80 10.10
N THR A 27 -5.11 9.94 10.37
CA THR A 27 -6.02 10.16 11.49
C THR A 27 -5.39 9.74 12.82
N GLY A 28 -4.17 9.21 12.76
CA GLY A 28 -3.48 8.80 13.96
C GLY A 28 -4.17 7.63 14.66
N GLN A 29 -4.02 6.44 14.10
CA GLN A 29 -4.62 5.24 14.67
C GLN A 29 -3.74 4.02 14.44
N ILE A 30 -3.22 3.89 13.22
CA ILE A 30 -2.36 2.78 12.87
C ILE A 30 -0.94 3.26 12.55
N PRO A 31 0.09 2.49 12.98
CA PRO A 31 1.48 2.87 12.73
C PRO A 31 1.88 2.66 11.27
N ILE A 32 2.75 3.54 10.78
CA ILE A 32 3.23 3.47 9.39
C ILE A 32 3.87 2.11 9.10
N ARG A 33 3.62 1.61 7.90
CA ARG A 33 4.18 0.33 7.46
C ARG A 33 4.67 0.43 6.02
N ASP A 34 5.49 -0.53 5.61
CA ASP A 34 6.02 -0.52 4.25
C ASP A 34 5.65 -1.79 3.49
N LEU A 35 4.94 -1.62 2.39
CA LEU A 35 4.53 -2.74 1.55
C LEU A 35 5.58 -2.98 0.47
N SER A 36 5.93 -4.23 0.21
CA SER A 36 6.94 -4.52 -0.79
C SER A 36 6.68 -5.77 -1.59
N ALA A 37 7.29 -5.79 -2.76
CA ALA A 37 7.20 -6.93 -3.68
C ALA A 37 8.45 -7.04 -4.53
N ASP A 38 8.81 -8.26 -4.90
CA ASP A 38 10.00 -8.50 -5.72
C ASP A 38 9.74 -8.10 -7.17
N ILE A 39 10.61 -7.24 -7.69
CA ILE A 39 10.51 -6.74 -9.06
C ILE A 39 10.69 -7.85 -10.10
N SER A 40 11.65 -8.73 -9.86
CA SER A 40 11.95 -9.81 -10.79
C SER A 40 10.72 -10.66 -11.06
N GLN A 41 9.99 -10.93 -9.99
CA GLN A 41 8.77 -11.74 -10.07
C GLN A 41 7.67 -11.00 -10.81
N VAL A 42 7.61 -9.68 -10.60
CA VAL A 42 6.60 -8.85 -11.24
C VAL A 42 6.90 -8.67 -12.72
N LEU A 43 8.18 -8.54 -13.06
CA LEU A 43 8.60 -8.35 -14.45
C LEU A 43 8.41 -9.64 -15.25
N LYS A 44 8.77 -10.77 -14.65
CA LYS A 44 8.64 -12.06 -15.33
C LYS A 44 7.18 -12.48 -15.43
N GLU A 45 6.36 -12.02 -14.50
CA GLU A 45 4.94 -12.36 -14.49
C GLU A 45 4.13 -11.27 -15.19
N LYS A 46 3.43 -11.65 -16.26
CA LYS A 46 2.62 -10.72 -17.01
C LYS A 46 1.13 -10.99 -16.80
N ARG A 47 0.80 -12.24 -16.49
CA ARG A 47 -0.58 -12.63 -16.26
C ARG A 47 -0.86 -12.82 -14.77
N SER A 48 -2.14 -12.75 -14.39
CA SER A 48 -2.54 -12.91 -13.01
C SER A 48 -1.86 -11.87 -12.12
N ILE A 49 -2.10 -11.96 -10.81
CA ILE A 49 -1.51 -11.02 -9.86
C ILE A 49 -0.23 -11.59 -9.27
N LYS A 50 0.63 -10.71 -8.76
CA LYS A 50 1.89 -11.13 -8.17
C LYS A 50 1.80 -11.15 -6.64
N LYS A 51 1.60 -9.99 -6.03
CA LYS A 51 1.51 -9.89 -4.59
C LYS A 51 0.43 -8.88 -4.16
N VAL A 52 -0.41 -9.29 -3.22
CA VAL A 52 -1.48 -8.43 -2.73
C VAL A 52 -1.48 -8.35 -1.22
N TRP A 53 -1.73 -7.14 -0.72
CA TRP A 53 -1.79 -6.87 0.71
C TRP A 53 -3.22 -6.79 1.22
N THR A 54 -3.48 -7.35 2.39
CA THR A 54 -4.80 -7.31 2.99
C THR A 54 -4.74 -6.49 4.29
N PHE A 55 -5.61 -5.50 4.39
CA PHE A 55 -5.66 -4.63 5.55
C PHE A 55 -6.92 -4.86 6.38
N GLY A 56 -6.80 -4.72 7.69
CA GLY A 56 -7.95 -4.91 8.56
C GLY A 56 -7.57 -5.09 10.01
N ARG A 57 -8.57 -5.32 10.86
CA ARG A 57 -8.34 -5.49 12.30
C ARG A 57 -7.80 -6.90 12.60
N ASN A 58 -7.68 -7.74 11.57
CA ASN A 58 -7.19 -9.09 11.76
C ASN A 58 -5.67 -9.14 11.74
N PRO A 59 -5.06 -9.88 12.68
CA PRO A 59 -3.60 -10.01 12.77
C PRO A 59 -3.04 -10.83 11.60
N ALA A 60 -3.94 -11.39 10.80
CA ALA A 60 -3.54 -12.15 9.64
C ALA A 60 -3.25 -11.21 8.51
N CYS A 61 -4.15 -10.26 8.38
CA CYS A 61 -4.05 -9.25 7.37
C CYS A 61 -2.63 -8.72 7.26
N ASP A 62 -2.19 -8.55 6.04
CA ASP A 62 -0.85 -8.04 5.81
C ASP A 62 -0.67 -6.70 6.52
N TYR A 63 -1.79 -6.04 6.86
CA TYR A 63 -1.74 -4.77 7.55
C TYR A 63 -2.64 -4.77 8.77
N HIS A 64 -2.05 -4.62 9.96
CA HIS A 64 -2.81 -4.60 11.20
C HIS A 64 -3.31 -3.19 11.48
N LEU A 65 -4.62 -2.98 11.32
CA LEU A 65 -5.22 -1.67 11.55
C LEU A 65 -5.41 -1.42 13.04
N GLY A 66 -6.50 -1.93 13.59
CA GLY A 66 -6.79 -1.72 15.00
C GLY A 66 -7.85 -2.67 15.53
N ASN A 67 -9.06 -2.15 15.70
CA ASN A 67 -10.18 -2.95 16.18
C ASN A 67 -11.48 -2.16 16.21
N ILE A 68 -11.95 -1.77 15.02
CA ILE A 68 -13.18 -1.02 14.91
C ILE A 68 -14.27 -1.85 14.24
N SER A 69 -15.42 -1.96 14.91
CA SER A 69 -16.54 -2.74 14.39
C SER A 69 -16.93 -2.27 12.99
N ARG A 70 -16.76 -0.98 12.73
CA ARG A 70 -17.10 -0.41 11.43
C ARG A 70 -16.29 -1.07 10.31
N LEU A 71 -15.06 -1.44 10.62
CA LEU A 71 -14.18 -2.07 9.64
C LEU A 71 -14.24 -3.58 9.76
N SER A 72 -13.96 -4.26 8.65
CA SER A 72 -13.99 -5.72 8.63
C SER A 72 -12.61 -6.33 8.88
N ASN A 73 -12.57 -7.63 9.15
CA ASN A 73 -11.30 -8.35 9.39
C ASN A 73 -10.26 -7.89 8.38
N LYS A 74 -10.66 -7.97 7.13
CA LYS A 74 -9.83 -7.53 6.01
C LYS A 74 -10.61 -6.46 5.28
N HIS A 75 -10.48 -5.24 5.78
CA HIS A 75 -11.20 -4.11 5.25
C HIS A 75 -10.87 -3.83 3.79
N PHE A 76 -9.59 -3.84 3.46
CA PHE A 76 -9.19 -3.57 2.08
C PHE A 76 -7.96 -4.38 1.67
N GLN A 77 -7.75 -4.47 0.36
CA GLN A 77 -6.64 -5.24 -0.19
C GLN A 77 -5.93 -4.49 -1.31
N ILE A 78 -4.60 -4.49 -1.30
CA ILE A 78 -3.84 -3.83 -2.35
C ILE A 78 -3.08 -4.85 -3.19
N LEU A 79 -3.21 -4.78 -4.51
CA LEU A 79 -2.53 -5.74 -5.38
C LEU A 79 -1.45 -5.07 -6.23
N LEU A 80 -0.40 -5.82 -6.53
CA LEU A 80 0.71 -5.32 -7.33
C LEU A 80 0.95 -6.23 -8.53
N GLY A 81 0.94 -5.64 -9.71
CA GLY A 81 1.15 -6.41 -10.94
C GLY A 81 0.79 -5.63 -12.19
N GLU A 82 0.71 -6.34 -13.32
CA GLU A 82 0.38 -5.71 -14.58
C GLU A 82 1.41 -4.66 -14.96
N ASP A 83 2.38 -5.06 -15.78
CA ASP A 83 3.44 -4.15 -16.23
C ASP A 83 4.27 -3.68 -15.05
N GLY A 84 3.77 -2.69 -14.33
CA GLY A 84 4.49 -2.15 -13.18
C GLY A 84 3.72 -1.06 -12.47
N ASN A 85 2.40 -1.22 -12.41
CA ASN A 85 1.55 -0.23 -11.75
C ASN A 85 0.96 -0.80 -10.46
N LEU A 86 0.35 0.07 -9.66
CA LEU A 86 -0.26 -0.35 -8.40
C LEU A 86 -1.78 -0.34 -8.50
N LEU A 87 -2.42 -1.28 -7.81
CA LEU A 87 -3.87 -1.37 -7.82
C LEU A 87 -4.41 -1.46 -6.40
N LEU A 88 -5.55 -0.82 -6.16
CA LEU A 88 -6.17 -0.83 -4.84
C LEU A 88 -7.48 -1.59 -4.89
N ASN A 89 -7.59 -2.65 -4.09
CA ASN A 89 -8.80 -3.46 -4.08
C ASN A 89 -9.51 -3.38 -2.73
N ASP A 90 -10.70 -2.83 -2.74
CA ASP A 90 -11.50 -2.71 -1.52
C ASP A 90 -12.13 -4.06 -1.18
N ILE A 91 -12.13 -4.42 0.10
CA ILE A 91 -12.69 -5.69 0.54
C ILE A 91 -13.34 -5.59 1.93
N SER A 92 -14.01 -4.47 2.19
CA SER A 92 -14.64 -4.25 3.48
C SER A 92 -16.12 -4.57 3.44
N THR A 93 -16.64 -4.97 4.59
CA THR A 93 -18.05 -5.27 4.72
C THR A 93 -18.87 -3.98 4.60
N ASN A 94 -18.27 -2.88 5.05
CA ASN A 94 -18.95 -1.58 5.01
C ASN A 94 -18.54 -0.74 3.80
N GLY A 95 -17.40 -1.04 3.19
CA GLY A 95 -16.96 -0.28 2.04
C GLY A 95 -15.64 0.44 2.25
N THR A 96 -14.98 0.73 1.14
CA THR A 96 -13.70 1.43 1.14
C THR A 96 -13.85 2.75 0.40
N TRP A 97 -13.26 3.81 0.94
CA TRP A 97 -13.38 5.13 0.32
C TRP A 97 -12.07 5.70 -0.18
N LEU A 98 -12.17 6.47 -1.25
CA LEU A 98 -11.02 7.15 -1.82
C LEU A 98 -11.31 8.64 -1.88
N ASN A 99 -10.56 9.41 -1.11
CA ASN A 99 -10.74 10.86 -1.06
C ASN A 99 -12.21 11.25 -0.93
N GLY A 100 -12.97 10.46 -0.18
CA GLY A 100 -14.36 10.75 0.03
C GLY A 100 -15.28 10.11 -0.99
N GLN A 101 -14.69 9.41 -1.97
CA GLN A 101 -15.50 8.76 -2.99
C GLN A 101 -15.49 7.25 -2.78
N LYS A 102 -16.69 6.71 -2.54
CA LYS A 102 -16.85 5.28 -2.33
C LYS A 102 -16.69 4.50 -3.63
N VAL A 103 -15.71 3.61 -3.65
CA VAL A 103 -15.45 2.79 -4.83
C VAL A 103 -16.12 1.43 -4.74
N GLU A 104 -16.19 0.74 -5.87
CA GLU A 104 -16.82 -0.58 -5.93
C GLU A 104 -15.97 -1.61 -5.19
N LYS A 105 -16.58 -2.32 -4.25
CA LYS A 105 -15.86 -3.33 -3.48
C LYS A 105 -15.16 -4.31 -4.42
N ASN A 106 -14.21 -5.05 -3.88
CA ASN A 106 -13.43 -6.03 -4.63
C ASN A 106 -13.19 -5.58 -6.07
N SER A 107 -13.00 -4.28 -6.24
CA SER A 107 -12.75 -3.71 -7.56
C SER A 107 -11.32 -3.16 -7.65
N ASN A 108 -10.66 -3.41 -8.76
CA ASN A 108 -9.29 -2.93 -8.97
C ASN A 108 -9.29 -1.49 -9.44
N GLN A 109 -8.50 -0.65 -8.77
CA GLN A 109 -8.41 0.76 -9.12
C GLN A 109 -6.95 1.19 -9.27
N LEU A 110 -6.70 2.14 -10.16
CA LEU A 110 -5.35 2.63 -10.37
C LEU A 110 -4.93 3.51 -9.19
N LEU A 111 -3.87 3.10 -8.50
CA LEU A 111 -3.38 3.84 -7.35
C LEU A 111 -3.04 5.28 -7.70
N SER A 112 -2.89 6.07 -6.66
CA SER A 112 -2.55 7.47 -6.78
C SER A 112 -1.32 7.80 -5.94
N GLN A 113 -0.56 8.81 -6.34
CA GLN A 113 0.63 9.20 -5.60
C GLN A 113 0.24 9.85 -4.27
N GLY A 114 0.64 9.23 -3.18
CA GLY A 114 0.30 9.74 -1.87
C GLY A 114 -1.19 9.75 -1.64
N ASP A 115 -1.90 8.86 -2.33
CA ASP A 115 -3.35 8.76 -2.22
C ASP A 115 -3.77 8.48 -0.79
N GLU A 116 -5.07 8.47 -0.56
CA GLU A 116 -5.61 8.21 0.77
C GLU A 116 -6.92 7.42 0.68
N ILE A 117 -7.05 6.40 1.53
CA ILE A 117 -8.24 5.58 1.56
C ILE A 117 -8.99 5.76 2.89
N THR A 118 -10.28 6.05 2.80
CA THR A 118 -11.09 6.24 3.98
C THR A 118 -11.97 5.01 4.23
N VAL A 119 -12.09 4.62 5.50
CA VAL A 119 -12.88 3.45 5.83
C VAL A 119 -13.69 3.65 7.11
N GLY A 120 -14.75 2.85 7.25
CA GLY A 120 -15.60 2.92 8.41
C GLY A 120 -16.64 4.01 8.27
N VAL A 121 -17.13 4.20 7.06
CA VAL A 121 -18.11 5.22 6.77
C VAL A 121 -19.50 4.83 7.25
N GLY A 122 -20.19 5.83 7.78
CA GLY A 122 -21.52 5.65 8.30
C GLY A 122 -21.82 6.69 9.35
N VAL A 123 -20.81 6.93 10.19
CA VAL A 123 -20.88 7.92 11.23
C VAL A 123 -19.70 8.88 11.10
N GLU A 124 -19.98 10.17 11.16
CA GLU A 124 -18.93 11.18 11.03
C GLU A 124 -17.75 10.90 11.96
N SER A 125 -18.04 10.40 13.15
CA SER A 125 -17.02 10.11 14.14
C SER A 125 -16.52 8.67 14.09
N ASP A 126 -16.97 7.88 13.11
CA ASP A 126 -16.54 6.49 13.02
C ASP A 126 -15.82 6.16 11.73
N ILE A 127 -15.23 7.16 11.14
CA ILE A 127 -14.48 7.01 9.92
C ILE A 127 -12.98 7.11 10.18
N LEU A 128 -12.24 6.24 9.51
CA LEU A 128 -10.78 6.20 9.63
C LEU A 128 -10.13 6.36 8.27
N SER A 129 -9.11 7.22 8.19
CA SER A 129 -8.42 7.46 6.92
C SER A 129 -7.00 6.93 6.91
N LEU A 130 -6.56 6.57 5.73
CA LEU A 130 -5.22 6.04 5.52
C LEU A 130 -4.60 6.68 4.27
N VAL A 131 -3.27 6.84 4.28
CA VAL A 131 -2.58 7.44 3.14
C VAL A 131 -1.60 6.44 2.52
N ILE A 132 -1.66 6.31 1.20
CA ILE A 132 -0.81 5.40 0.48
C ILE A 132 0.27 6.17 -0.29
N PHE A 133 1.53 5.86 0.01
CA PHE A 133 2.66 6.52 -0.64
C PHE A 133 3.42 5.55 -1.53
N ILE A 134 3.49 5.86 -2.82
CA ILE A 134 4.20 5.02 -3.77
C ILE A 134 5.69 5.34 -3.80
N ASN A 135 6.52 4.31 -3.67
CA ASN A 135 7.96 4.49 -3.68
C ASN A 135 8.48 4.72 -5.09
N ASP A 136 9.04 5.91 -5.32
CA ASP A 136 9.56 6.27 -6.63
C ASP A 136 10.72 5.35 -7.02
N LYS A 137 11.45 4.85 -6.03
CA LYS A 137 12.57 3.97 -6.26
C LYS A 137 12.12 2.72 -7.03
N PHE A 138 10.98 2.17 -6.62
CA PHE A 138 10.42 0.99 -7.25
C PHE A 138 10.16 1.25 -8.73
N LYS A 139 9.58 2.41 -9.03
CA LYS A 139 9.27 2.78 -10.40
C LYS A 139 10.55 2.96 -11.22
N GLN A 140 11.56 3.56 -10.61
CA GLN A 140 12.83 3.79 -11.29
C GLN A 140 13.45 2.46 -11.73
N CYS A 141 13.44 1.48 -10.84
CA CYS A 141 14.00 0.17 -11.13
C CYS A 141 13.30 -0.46 -12.33
N LEU A 142 11.97 -0.41 -12.31
CA LEU A 142 11.17 -0.98 -13.40
C LEU A 142 11.35 -0.18 -14.68
N GLU A 143 11.48 1.13 -14.54
CA GLU A 143 11.65 2.00 -15.69
C GLU A 143 12.91 1.64 -16.48
N GLN A 144 13.95 1.22 -15.77
CA GLN A 144 15.20 0.84 -16.39
C GLN A 144 15.22 -0.66 -16.68
N ASN A 145 14.59 -1.44 -15.81
CA ASN A 145 14.53 -2.89 -15.96
C ASN A 145 15.87 -3.47 -16.38
N LYS A 146 16.76 -3.67 -15.41
CA LYS A 146 18.08 -4.22 -15.68
C LYS A 146 18.26 -5.58 -15.01
N VAL A 147 18.86 -6.51 -15.72
CA VAL A 147 19.09 -7.85 -15.18
C VAL A 147 20.05 -7.82 -14.00
N ASP A 148 19.68 -8.50 -12.93
CA ASP A 148 20.51 -8.55 -11.73
C ASP A 148 20.70 -7.16 -11.14
N ARG A 149 21.09 -7.10 -9.88
CA ARG A 149 21.30 -5.83 -9.20
C ARG A 149 22.76 -5.41 -9.27
N ILE A 150 23.35 -5.52 -10.46
CA ILE A 150 24.75 -5.15 -10.66
C ILE A 150 24.86 -3.70 -11.11
N ARG A 151 25.64 -2.91 -10.37
CA ARG A 151 25.84 -1.51 -10.69
C ARG A 151 27.24 -1.05 -10.30
N ALA A 1 23.82 -0.85 15.48
CA ALA A 1 22.37 -0.79 15.37
C ALA A 1 21.82 0.46 16.05
N THR A 2 20.60 0.85 15.67
CA THR A 2 19.95 2.02 16.25
C THR A 2 20.64 3.30 15.79
N GLN A 3 21.90 3.46 16.17
CA GLN A 3 22.67 4.65 15.80
C GLN A 3 22.78 4.77 14.29
N ARG A 4 22.79 3.63 13.59
CA ARG A 4 22.89 3.62 12.14
C ARG A 4 21.70 4.33 11.51
N PHE A 5 20.53 4.17 12.13
CA PHE A 5 19.31 4.80 11.63
C PHE A 5 19.46 6.32 11.58
N LEU A 6 20.09 6.87 12.62
CA LEU A 6 20.31 8.32 12.69
C LEU A 6 21.17 8.80 11.54
N ILE A 7 22.09 7.94 11.10
CA ILE A 7 22.98 8.28 9.99
C ILE A 7 22.23 8.27 8.67
N GLU A 8 21.27 7.36 8.54
CA GLU A 8 20.49 7.24 7.32
C GLU A 8 19.80 8.56 7.01
N LYS A 9 19.26 9.20 8.05
CA LYS A 9 18.57 10.48 7.90
C LYS A 9 19.56 11.57 7.51
N PHE A 10 20.84 11.36 7.84
CA PHE A 10 21.89 12.32 7.53
C PHE A 10 21.94 12.60 6.03
N SER A 11 21.92 11.54 5.23
CA SER A 11 21.97 11.66 3.78
C SER A 11 20.59 11.98 3.22
N GLN A 12 19.55 11.56 3.94
CA GLN A 12 18.18 11.81 3.51
C GLN A 12 17.87 11.06 2.22
N GLU A 13 18.53 9.92 2.02
CA GLU A 13 18.33 9.11 0.83
C GLU A 13 17.01 8.36 0.90
N GLN A 14 16.31 8.29 -0.23
CA GLN A 14 15.04 7.60 -0.30
C GLN A 14 15.21 6.11 -0.06
N ILE A 15 14.68 5.62 1.05
CA ILE A 15 14.78 4.21 1.40
C ILE A 15 13.73 3.37 0.68
N GLY A 16 14.18 2.23 0.21
CA GLY A 16 13.31 1.33 -0.51
C GLY A 16 14.05 0.12 -1.06
N GLU A 17 14.10 -0.94 -0.27
CA GLU A 17 14.79 -2.16 -0.68
C GLU A 17 14.02 -2.87 -1.79
N ASN A 18 12.70 -2.88 -1.68
CA ASN A 18 11.84 -3.52 -2.66
C ASN A 18 10.42 -3.13 -2.36
N ILE A 19 10.30 -1.90 -1.87
CA ILE A 19 9.05 -1.36 -1.46
C ILE A 19 8.17 -0.94 -2.63
N VAL A 20 6.92 -1.36 -2.58
CA VAL A 20 5.95 -1.08 -3.58
C VAL A 20 5.21 0.21 -3.24
N CYS A 21 4.54 0.19 -2.10
CA CYS A 21 3.79 1.35 -1.62
C CYS A 21 3.79 1.40 -0.10
N ARG A 22 3.68 2.60 0.46
CA ARG A 22 3.69 2.77 1.91
C ARG A 22 2.34 3.28 2.41
N VAL A 23 1.88 2.72 3.53
CA VAL A 23 0.61 3.13 4.12
C VAL A 23 0.84 4.00 5.35
N ILE A 24 0.28 5.21 5.33
CA ILE A 24 0.43 6.15 6.43
C ILE A 24 -0.92 6.62 6.94
N CYS A 25 -1.18 6.37 8.22
CA CYS A 25 -2.44 6.79 8.84
C CYS A 25 -2.37 8.26 9.22
N THR A 26 -3.17 9.09 8.54
CA THR A 26 -3.19 10.53 8.79
C THR A 26 -4.09 10.87 9.97
N THR A 27 -5.07 10.02 10.26
CA THR A 27 -5.99 10.25 11.36
C THR A 27 -5.37 9.84 12.69
N GLY A 28 -4.15 9.31 12.66
CA GLY A 28 -3.47 8.90 13.87
C GLY A 28 -4.15 7.72 14.55
N GLN A 29 -3.92 6.53 14.02
CA GLN A 29 -4.50 5.32 14.57
C GLN A 29 -3.57 4.13 14.42
N ILE A 30 -2.97 4.00 13.24
CA ILE A 30 -2.05 2.91 12.95
C ILE A 30 -0.66 3.44 12.58
N PRO A 31 0.41 2.77 13.03
CA PRO A 31 1.78 3.19 12.74
C PRO A 31 2.16 2.94 11.28
N ILE A 32 2.98 3.82 10.73
CA ILE A 32 3.42 3.71 9.34
C ILE A 32 4.07 2.36 9.06
N ARG A 33 3.60 1.69 8.01
CA ARG A 33 4.14 0.40 7.62
C ARG A 33 4.63 0.45 6.17
N ASP A 34 5.43 -0.52 5.77
CA ASP A 34 5.97 -0.54 4.41
C ASP A 34 5.57 -1.81 3.65
N LEU A 35 4.86 -1.61 2.54
CA LEU A 35 4.44 -2.71 1.69
C LEU A 35 5.49 -2.91 0.60
N SER A 36 5.85 -4.15 0.30
CA SER A 36 6.86 -4.38 -0.71
C SER A 36 6.68 -5.66 -1.49
N ALA A 37 7.29 -5.64 -2.66
CA ALA A 37 7.27 -6.79 -3.56
C ALA A 37 8.64 -6.97 -4.23
N ASP A 38 9.05 -8.22 -4.39
CA ASP A 38 10.35 -8.52 -5.00
C ASP A 38 10.28 -8.46 -6.52
N ILE A 39 11.24 -7.75 -7.11
CA ILE A 39 11.32 -7.59 -8.55
C ILE A 39 11.57 -8.91 -9.27
N SER A 40 12.50 -9.69 -8.75
CA SER A 40 12.85 -10.97 -9.35
C SER A 40 11.63 -11.86 -9.46
N GLN A 41 10.79 -11.80 -8.45
CA GLN A 41 9.56 -12.59 -8.41
C GLN A 41 8.58 -12.09 -9.46
N VAL A 42 8.56 -10.77 -9.65
CA VAL A 42 7.68 -10.15 -10.64
C VAL A 42 8.11 -10.52 -12.06
N LEU A 43 9.41 -10.53 -12.29
CA LEU A 43 9.96 -10.86 -13.60
C LEU A 43 9.77 -12.34 -13.90
N LYS A 44 9.94 -13.18 -12.87
CA LYS A 44 9.78 -14.62 -13.02
C LYS A 44 8.32 -14.99 -13.20
N GLU A 45 7.45 -14.36 -12.43
CA GLU A 45 6.02 -14.64 -12.50
C GLU A 45 5.46 -14.25 -13.86
N LYS A 46 4.83 -15.21 -14.53
CA LYS A 46 4.25 -14.98 -15.84
C LYS A 46 2.74 -14.80 -15.75
N ARG A 47 2.29 -14.21 -14.64
CA ARG A 47 0.87 -13.98 -14.42
C ARG A 47 0.55 -12.48 -14.39
N SER A 48 -0.73 -12.15 -14.27
CA SER A 48 -1.15 -10.76 -14.23
C SER A 48 -0.95 -10.16 -12.83
N ILE A 49 -1.11 -11.00 -11.81
CA ILE A 49 -0.94 -10.56 -10.43
C ILE A 49 0.42 -10.98 -9.88
N LYS A 50 0.99 -10.14 -9.02
CA LYS A 50 2.29 -10.42 -8.43
C LYS A 50 2.18 -10.60 -6.91
N LYS A 51 1.75 -9.55 -6.23
CA LYS A 51 1.61 -9.58 -4.78
C LYS A 51 0.50 -8.64 -4.32
N VAL A 52 -0.33 -9.11 -3.39
CA VAL A 52 -1.43 -8.32 -2.89
C VAL A 52 -1.45 -8.26 -1.37
N TRP A 53 -1.74 -7.08 -0.84
CA TRP A 53 -1.82 -6.86 0.61
C TRP A 53 -3.25 -6.79 1.09
N THR A 54 -3.53 -7.39 2.25
CA THR A 54 -4.86 -7.33 2.84
C THR A 54 -4.80 -6.57 4.15
N PHE A 55 -5.63 -5.54 4.26
CA PHE A 55 -5.69 -4.70 5.45
C PHE A 55 -6.95 -4.94 6.25
N GLY A 56 -6.83 -4.83 7.58
CA GLY A 56 -7.98 -5.03 8.44
C GLY A 56 -7.60 -5.23 9.89
N ARG A 57 -8.59 -5.46 10.74
CA ARG A 57 -8.36 -5.67 12.17
C ARG A 57 -7.83 -7.07 12.47
N ASN A 58 -7.73 -7.91 11.43
CA ASN A 58 -7.25 -9.26 11.60
C ASN A 58 -5.73 -9.32 11.55
N PRO A 59 -5.11 -10.08 12.49
CA PRO A 59 -3.66 -10.23 12.55
C PRO A 59 -3.12 -11.03 11.37
N ALA A 60 -4.02 -11.57 10.56
CA ALA A 60 -3.64 -12.33 9.39
C ALA A 60 -3.36 -11.38 8.26
N CYS A 61 -4.25 -10.41 8.15
CA CYS A 61 -4.15 -9.38 7.16
C CYS A 61 -2.73 -8.87 7.05
N ASP A 62 -2.29 -8.66 5.84
CA ASP A 62 -0.94 -8.16 5.62
C ASP A 62 -0.74 -6.85 6.37
N TYR A 63 -1.84 -6.20 6.75
CA TYR A 63 -1.77 -4.95 7.49
C TYR A 63 -2.66 -5.00 8.73
N HIS A 64 -2.05 -4.83 9.90
CA HIS A 64 -2.80 -4.86 11.15
C HIS A 64 -3.31 -3.46 11.50
N LEU A 65 -4.63 -3.27 11.35
CA LEU A 65 -5.24 -1.99 11.64
C LEU A 65 -5.47 -1.80 13.14
N GLY A 66 -6.56 -2.37 13.65
CA GLY A 66 -6.86 -2.25 15.07
C GLY A 66 -7.95 -3.20 15.50
N ASN A 67 -9.15 -2.67 15.76
CA ASN A 67 -10.27 -3.49 16.20
C ASN A 67 -11.55 -2.67 16.26
N ILE A 68 -11.93 -2.08 15.12
CA ILE A 68 -13.14 -1.28 15.05
C ILE A 68 -14.26 -2.05 14.34
N SER A 69 -15.41 -2.17 15.02
CA SER A 69 -16.55 -2.89 14.46
C SER A 69 -16.92 -2.35 13.09
N ARG A 70 -16.74 -1.04 12.89
CA ARG A 70 -17.06 -0.40 11.63
C ARG A 70 -16.23 -0.99 10.49
N LEU A 71 -15.08 -1.57 10.83
CA LEU A 71 -14.20 -2.16 9.84
C LEU A 71 -14.26 -3.69 9.90
N SER A 72 -14.00 -4.33 8.75
CA SER A 72 -14.05 -5.80 8.69
C SER A 72 -12.67 -6.42 8.89
N ASN A 73 -12.63 -7.74 9.14
CA ASN A 73 -11.37 -8.46 9.34
C ASN A 73 -10.35 -8.00 8.30
N LYS A 74 -10.76 -8.08 7.05
CA LYS A 74 -9.94 -7.63 5.92
C LYS A 74 -10.71 -6.52 5.24
N HIS A 75 -10.58 -5.32 5.79
CA HIS A 75 -11.30 -4.17 5.29
C HIS A 75 -10.99 -3.85 3.85
N PHE A 76 -9.72 -3.86 3.52
CA PHE A 76 -9.31 -3.56 2.14
C PHE A 76 -8.07 -4.33 1.73
N GLN A 77 -7.86 -4.47 0.43
CA GLN A 77 -6.70 -5.20 -0.09
C GLN A 77 -6.05 -4.45 -1.25
N ILE A 78 -4.71 -4.49 -1.30
CA ILE A 78 -3.99 -3.81 -2.39
C ILE A 78 -3.23 -4.82 -3.25
N LEU A 79 -3.47 -4.80 -4.56
CA LEU A 79 -2.80 -5.73 -5.47
C LEU A 79 -1.68 -5.06 -6.26
N LEU A 80 -0.69 -5.86 -6.63
CA LEU A 80 0.46 -5.36 -7.40
C LEU A 80 0.59 -6.15 -8.70
N GLY A 81 0.57 -5.44 -9.82
CA GLY A 81 0.70 -6.10 -11.12
C GLY A 81 1.18 -5.15 -12.20
N GLU A 82 1.23 -5.65 -13.44
CA GLU A 82 1.66 -4.85 -14.57
C GLU A 82 3.11 -4.38 -14.38
N ASP A 83 3.54 -3.44 -15.21
CA ASP A 83 4.89 -2.91 -15.13
C ASP A 83 4.91 -1.50 -14.55
N GLY A 84 5.19 -1.41 -13.25
CA GLY A 84 5.23 -0.12 -12.59
C GLY A 84 3.85 0.45 -12.34
N ASN A 85 2.90 -0.43 -12.00
CA ASN A 85 1.53 -0.01 -11.73
C ASN A 85 0.96 -0.77 -10.55
N LEU A 86 0.28 -0.05 -9.65
CA LEU A 86 -0.33 -0.66 -8.48
C LEU A 86 -1.84 -0.63 -8.57
N LEU A 87 -2.49 -1.51 -7.80
CA LEU A 87 -3.95 -1.59 -7.81
C LEU A 87 -4.49 -1.63 -6.39
N LEU A 88 -5.61 -0.97 -6.16
CA LEU A 88 -6.23 -0.93 -4.85
C LEU A 88 -7.57 -1.67 -4.89
N ASN A 89 -7.70 -2.70 -4.07
CA ASN A 89 -8.93 -3.48 -4.03
C ASN A 89 -9.63 -3.39 -2.68
N ASP A 90 -10.82 -2.82 -2.69
CA ASP A 90 -11.60 -2.69 -1.47
C ASP A 90 -12.26 -4.04 -1.13
N ILE A 91 -12.28 -4.38 0.15
CA ILE A 91 -12.86 -5.66 0.58
C ILE A 91 -13.48 -5.55 1.96
N SER A 92 -14.14 -4.43 2.25
CA SER A 92 -14.74 -4.22 3.55
C SER A 92 -16.23 -4.54 3.54
N THR A 93 -16.74 -4.95 4.69
CA THR A 93 -18.15 -5.24 4.84
C THR A 93 -18.96 -3.96 4.74
N ASN A 94 -18.36 -2.86 5.18
CA ASN A 94 -19.04 -1.56 5.16
C ASN A 94 -18.64 -0.70 3.96
N GLY A 95 -17.49 -1.01 3.33
CA GLY A 95 -17.07 -0.26 2.18
C GLY A 95 -15.75 0.46 2.38
N THR A 96 -15.08 0.73 1.27
CA THR A 96 -13.80 1.43 1.27
C THR A 96 -13.93 2.74 0.51
N TRP A 97 -13.34 3.80 1.05
CA TRP A 97 -13.45 5.11 0.42
C TRP A 97 -12.13 5.65 -0.10
N LEU A 98 -12.23 6.43 -1.17
CA LEU A 98 -11.08 7.07 -1.77
C LEU A 98 -11.35 8.56 -1.83
N ASN A 99 -10.59 9.33 -1.06
CA ASN A 99 -10.73 10.78 -1.01
C ASN A 99 -12.20 11.21 -0.90
N GLY A 100 -12.98 10.52 -0.07
CA GLY A 100 -14.36 10.87 0.12
C GLY A 100 -15.29 10.20 -0.88
N GLN A 101 -14.72 9.56 -1.89
CA GLN A 101 -15.54 8.88 -2.89
C GLN A 101 -15.50 7.38 -2.69
N LYS A 102 -16.66 6.80 -2.42
CA LYS A 102 -16.78 5.38 -2.20
C LYS A 102 -16.63 4.59 -3.51
N VAL A 103 -15.61 3.75 -3.57
CA VAL A 103 -15.34 2.94 -4.75
C VAL A 103 -16.07 1.61 -4.69
N GLU A 104 -16.14 0.93 -5.82
CA GLU A 104 -16.82 -0.37 -5.89
C GLU A 104 -16.01 -1.43 -5.16
N LYS A 105 -16.66 -2.13 -4.23
CA LYS A 105 -15.98 -3.17 -3.46
C LYS A 105 -15.31 -4.17 -4.39
N ASN A 106 -14.40 -4.96 -3.83
CA ASN A 106 -13.64 -5.97 -4.59
C ASN A 106 -13.38 -5.51 -6.02
N SER A 107 -13.12 -4.23 -6.19
CA SER A 107 -12.84 -3.65 -7.50
C SER A 107 -11.39 -3.19 -7.59
N ASN A 108 -10.80 -3.33 -8.77
CA ASN A 108 -9.41 -2.94 -8.99
C ASN A 108 -9.34 -1.49 -9.48
N GLN A 109 -8.53 -0.68 -8.81
CA GLN A 109 -8.38 0.71 -9.18
C GLN A 109 -6.90 1.08 -9.32
N LEU A 110 -6.61 2.00 -10.21
CA LEU A 110 -5.24 2.44 -10.43
C LEU A 110 -4.76 3.29 -9.26
N LEU A 111 -3.60 2.94 -8.71
CA LEU A 111 -3.05 3.66 -7.57
C LEU A 111 -2.85 5.14 -7.89
N SER A 112 -2.84 5.94 -6.84
CA SER A 112 -2.66 7.39 -6.96
C SER A 112 -1.49 7.85 -6.10
N GLN A 113 -0.86 8.96 -6.49
CA GLN A 113 0.26 9.49 -5.74
C GLN A 113 -0.22 10.11 -4.43
N GLY A 114 0.33 9.62 -3.32
CA GLY A 114 -0.07 10.12 -2.02
C GLY A 114 -1.56 9.95 -1.78
N ASP A 115 -2.17 9.00 -2.50
CA ASP A 115 -3.59 8.73 -2.39
C ASP A 115 -3.99 8.49 -0.93
N GLU A 116 -5.30 8.44 -0.69
CA GLU A 116 -5.81 8.21 0.66
C GLU A 116 -7.09 7.38 0.61
N ILE A 117 -7.18 6.39 1.50
CA ILE A 117 -8.36 5.55 1.57
C ILE A 117 -9.06 5.72 2.91
N THR A 118 -10.36 6.00 2.85
CA THR A 118 -11.14 6.19 4.07
C THR A 118 -12.02 4.97 4.32
N VAL A 119 -12.15 4.59 5.59
CA VAL A 119 -12.95 3.42 5.94
C VAL A 119 -13.76 3.64 7.21
N GLY A 120 -14.82 2.84 7.35
CA GLY A 120 -15.68 2.95 8.51
C GLY A 120 -16.66 4.08 8.38
N VAL A 121 -17.25 4.19 7.20
CA VAL A 121 -18.20 5.25 6.92
C VAL A 121 -19.61 4.91 7.38
N GLY A 122 -20.28 5.92 7.91
CA GLY A 122 -21.62 5.78 8.41
C GLY A 122 -21.86 6.81 9.50
N VAL A 123 -20.85 6.96 10.35
CA VAL A 123 -20.86 7.92 11.41
C VAL A 123 -19.62 8.80 11.32
N GLU A 124 -19.82 10.11 11.21
CA GLU A 124 -18.70 11.04 11.07
C GLU A 124 -17.64 10.80 12.16
N SER A 125 -18.07 10.25 13.28
CA SER A 125 -17.17 9.99 14.39
C SER A 125 -16.60 8.57 14.36
N ASP A 126 -16.88 7.81 13.29
CA ASP A 126 -16.38 6.44 13.22
C ASP A 126 -15.70 6.12 11.90
N ILE A 127 -15.13 7.14 11.29
CA ILE A 127 -14.41 6.98 10.04
C ILE A 127 -12.91 7.08 10.25
N LEU A 128 -12.18 6.22 9.55
CA LEU A 128 -10.73 6.18 9.64
C LEU A 128 -10.11 6.35 8.25
N SER A 129 -9.09 7.19 8.14
CA SER A 129 -8.44 7.43 6.86
C SER A 129 -7.00 6.92 6.84
N LEU A 130 -6.57 6.53 5.66
CA LEU A 130 -5.21 6.03 5.44
C LEU A 130 -4.61 6.65 4.18
N VAL A 131 -3.33 6.97 4.21
CA VAL A 131 -2.66 7.56 3.06
C VAL A 131 -1.66 6.59 2.44
N ILE A 132 -1.64 6.54 1.11
CA ILE A 132 -0.76 5.66 0.39
C ILE A 132 0.39 6.44 -0.26
N PHE A 133 1.61 5.99 -0.01
CA PHE A 133 2.79 6.63 -0.56
C PHE A 133 3.51 5.69 -1.53
N ILE A 134 3.63 6.12 -2.78
CA ILE A 134 4.27 5.31 -3.81
C ILE A 134 5.79 5.51 -3.79
N ASN A 135 6.52 4.39 -3.86
CA ASN A 135 7.98 4.45 -3.86
C ASN A 135 8.51 4.53 -5.29
N ASP A 136 8.98 5.71 -5.66
CA ASP A 136 9.52 5.94 -7.01
C ASP A 136 10.69 4.99 -7.30
N LYS A 137 11.37 4.56 -6.25
CA LYS A 137 12.51 3.66 -6.39
C LYS A 137 12.09 2.37 -7.10
N PHE A 138 10.92 1.86 -6.73
CA PHE A 138 10.40 0.65 -7.33
C PHE A 138 10.18 0.82 -8.83
N LYS A 139 9.62 1.96 -9.20
CA LYS A 139 9.35 2.26 -10.61
C LYS A 139 10.64 2.30 -11.41
N GLN A 140 11.72 2.77 -10.77
CA GLN A 140 13.02 2.87 -11.42
C GLN A 140 13.59 1.49 -11.72
N CYS A 141 13.46 0.57 -10.76
CA CYS A 141 13.96 -0.78 -10.92
C CYS A 141 13.22 -1.51 -12.05
N LEU A 142 11.92 -1.33 -12.11
CA LEU A 142 11.10 -1.95 -13.14
C LEU A 142 11.41 -1.37 -14.52
N GLU A 143 11.68 -0.08 -14.55
CA GLU A 143 11.99 0.60 -15.81
C GLU A 143 13.24 -0.01 -16.45
N GLN A 144 14.29 -0.17 -15.65
CA GLN A 144 15.54 -0.74 -16.13
C GLN A 144 15.45 -2.25 -16.28
N ASN A 145 14.43 -2.84 -15.67
CA ASN A 145 14.23 -4.29 -15.73
C ASN A 145 12.80 -4.63 -16.11
N LYS A 146 12.50 -4.55 -17.41
CA LYS A 146 11.16 -4.84 -17.91
C LYS A 146 11.01 -6.33 -18.20
N VAL A 147 9.78 -6.81 -18.17
CA VAL A 147 9.49 -8.22 -18.42
C VAL A 147 9.72 -8.57 -19.89
N ASP A 148 10.54 -9.59 -20.12
CA ASP A 148 10.85 -10.02 -21.49
C ASP A 148 11.25 -11.49 -21.50
N ARG A 149 11.46 -12.01 -22.71
CA ARG A 149 11.85 -13.41 -22.87
C ARG A 149 13.27 -13.64 -22.37
N ILE A 150 13.40 -14.50 -21.37
CA ILE A 150 14.71 -14.82 -20.80
C ILE A 150 15.29 -16.10 -21.41
N ARG A 151 16.56 -16.04 -21.77
CA ARG A 151 17.23 -17.19 -22.37
C ARG A 151 16.55 -17.61 -23.67
N ALA A 1 15.08 5.80 29.75
CA ALA A 1 15.23 6.31 28.40
C ALA A 1 14.29 5.62 27.43
N THR A 2 13.63 6.40 26.59
CA THR A 2 12.69 5.86 25.60
C THR A 2 12.46 6.85 24.47
N GLN A 3 12.26 8.11 24.81
CA GLN A 3 12.02 9.15 23.82
C GLN A 3 13.24 9.31 22.90
N ARG A 4 14.42 9.17 23.47
CA ARG A 4 15.66 9.30 22.71
C ARG A 4 15.73 8.24 21.61
N PHE A 5 15.36 7.01 21.96
CA PHE A 5 15.37 5.91 21.00
C PHE A 5 14.51 6.23 19.79
N LEU A 6 13.37 6.88 20.03
CA LEU A 6 12.46 7.25 18.97
C LEU A 6 13.15 8.16 17.95
N ILE A 7 14.10 8.95 18.43
CA ILE A 7 14.85 9.86 17.57
C ILE A 7 15.83 9.10 16.69
N GLU A 8 16.41 8.03 17.25
CA GLU A 8 17.36 7.21 16.52
C GLU A 8 16.74 6.68 15.24
N LYS A 9 15.47 6.28 15.33
CA LYS A 9 14.74 5.75 14.19
C LYS A 9 14.52 6.85 13.14
N PHE A 10 14.54 8.11 13.59
CA PHE A 10 14.34 9.24 12.71
C PHE A 10 15.35 9.25 11.57
N SER A 11 16.61 9.04 11.92
CA SER A 11 17.69 9.02 10.93
C SER A 11 17.69 7.70 10.17
N GLN A 12 17.27 6.63 10.84
CA GLN A 12 17.22 5.31 10.23
C GLN A 12 15.96 5.14 9.38
N GLU A 13 16.04 5.57 8.13
CA GLU A 13 14.91 5.47 7.21
C GLU A 13 14.97 4.19 6.39
N GLN A 14 13.82 3.71 5.96
CA GLN A 14 13.75 2.49 5.15
C GLN A 14 14.18 2.75 3.72
N ILE A 15 15.13 1.95 3.25
CA ILE A 15 15.64 2.08 1.88
C ILE A 15 14.75 1.39 0.87
N GLY A 16 14.55 2.06 -0.24
CA GLY A 16 13.73 1.53 -1.30
C GLY A 16 14.40 0.39 -2.04
N GLU A 17 14.64 -0.70 -1.32
CA GLU A 17 15.29 -1.87 -1.90
C GLU A 17 14.29 -2.70 -2.72
N ASN A 18 13.00 -2.58 -2.39
CA ASN A 18 11.96 -3.32 -3.09
C ASN A 18 10.63 -2.98 -2.46
N ILE A 19 10.54 -1.73 -2.05
CA ILE A 19 9.39 -1.21 -1.37
C ILE A 19 8.38 -0.64 -2.36
N VAL A 20 7.40 -1.47 -2.68
CA VAL A 20 6.34 -1.12 -3.59
C VAL A 20 5.63 0.15 -3.14
N CYS A 21 4.94 0.08 -2.00
CA CYS A 21 4.22 1.22 -1.45
C CYS A 21 4.25 1.21 0.07
N ARG A 22 3.89 2.34 0.67
CA ARG A 22 3.89 2.48 2.13
C ARG A 22 2.55 3.05 2.62
N VAL A 23 1.94 2.38 3.58
CA VAL A 23 0.66 2.83 4.12
C VAL A 23 0.87 3.68 5.36
N ILE A 24 0.36 4.91 5.33
CA ILE A 24 0.49 5.84 6.43
C ILE A 24 -0.86 6.36 6.89
N CYS A 25 -1.23 6.07 8.13
CA CYS A 25 -2.51 6.52 8.68
C CYS A 25 -2.41 7.97 9.13
N THR A 26 -3.21 8.84 8.50
CA THR A 26 -3.19 10.27 8.82
C THR A 26 -4.03 10.58 10.06
N THR A 27 -5.03 9.74 10.33
CA THR A 27 -5.90 9.96 11.49
C THR A 27 -5.25 9.47 12.77
N GLY A 28 -4.05 8.90 12.66
CA GLY A 28 -3.34 8.41 13.83
C GLY A 28 -4.09 7.32 14.56
N GLN A 29 -4.57 6.33 13.81
CA GLN A 29 -5.30 5.22 14.40
C GLN A 29 -4.52 3.91 14.23
N ILE A 30 -3.74 3.83 13.17
CA ILE A 30 -2.95 2.63 12.89
C ILE A 30 -1.49 3.00 12.64
N PRO A 31 -0.54 2.18 13.14
CA PRO A 31 0.89 2.45 12.96
C PRO A 31 1.33 2.25 11.52
N ILE A 32 2.11 3.21 11.01
CA ILE A 32 2.60 3.15 9.64
C ILE A 32 3.35 1.84 9.37
N ARG A 33 2.98 1.18 8.27
CA ARG A 33 3.62 -0.06 7.88
C ARG A 33 4.26 0.08 6.51
N ASP A 34 5.16 -0.85 6.17
CA ASP A 34 5.84 -0.81 4.89
C ASP A 34 5.50 -2.04 4.04
N LEU A 35 4.93 -1.80 2.88
CA LEU A 35 4.56 -2.87 1.96
C LEU A 35 5.64 -2.98 0.88
N SER A 36 6.04 -4.21 0.55
CA SER A 36 7.08 -4.38 -0.45
C SER A 36 6.95 -5.66 -1.25
N ALA A 37 7.55 -5.61 -2.42
CA ALA A 37 7.56 -6.75 -3.33
C ALA A 37 8.89 -6.85 -4.08
N ASP A 38 9.37 -8.08 -4.29
CA ASP A 38 10.64 -8.29 -4.98
C ASP A 38 10.46 -8.14 -6.49
N ILE A 39 11.37 -7.40 -7.10
CA ILE A 39 11.35 -7.15 -8.53
C ILE A 39 11.54 -8.42 -9.34
N SER A 40 12.44 -9.27 -8.87
CA SER A 40 12.76 -10.52 -9.54
C SER A 40 11.50 -11.36 -9.72
N GLN A 41 10.66 -11.40 -8.70
CA GLN A 41 9.42 -12.16 -8.74
C GLN A 41 8.45 -11.53 -9.73
N VAL A 42 8.41 -10.21 -9.75
CA VAL A 42 7.51 -9.49 -10.64
C VAL A 42 7.92 -9.68 -12.10
N LEU A 43 9.22 -9.65 -12.35
CA LEU A 43 9.73 -9.82 -13.72
C LEU A 43 9.57 -11.26 -14.17
N LYS A 44 9.71 -12.20 -13.24
CA LYS A 44 9.58 -13.61 -13.55
C LYS A 44 8.11 -14.00 -13.75
N GLU A 45 7.27 -13.57 -12.83
CA GLU A 45 5.84 -13.87 -12.90
C GLU A 45 5.13 -12.93 -13.88
N LYS A 46 4.60 -13.50 -14.95
CA LYS A 46 3.91 -12.72 -15.97
C LYS A 46 2.46 -13.17 -16.10
N ARG A 47 1.89 -13.66 -15.00
CA ARG A 47 0.51 -14.13 -14.98
C ARG A 47 -0.39 -13.12 -14.26
N SER A 48 0.00 -11.86 -14.27
CA SER A 48 -0.78 -10.80 -13.63
C SER A 48 -0.85 -11.04 -12.12
N ILE A 49 -0.78 -9.95 -11.35
CA ILE A 49 -0.84 -10.04 -9.90
C ILE A 49 0.35 -10.80 -9.34
N LYS A 50 1.34 -10.06 -8.84
CA LYS A 50 2.53 -10.67 -8.27
C LYS A 50 2.41 -10.82 -6.76
N LYS A 51 2.17 -9.71 -6.07
CA LYS A 51 2.02 -9.71 -4.62
C LYS A 51 0.91 -8.76 -4.19
N VAL A 52 0.01 -9.25 -3.33
CA VAL A 52 -1.10 -8.44 -2.86
C VAL A 52 -1.17 -8.38 -1.35
N TRP A 53 -1.45 -7.20 -0.84
CA TRP A 53 -1.58 -6.96 0.60
C TRP A 53 -3.02 -6.91 1.05
N THR A 54 -3.31 -7.50 2.20
CA THR A 54 -4.64 -7.47 2.77
C THR A 54 -4.60 -6.68 4.07
N PHE A 55 -5.45 -5.67 4.18
CA PHE A 55 -5.49 -4.83 5.36
C PHE A 55 -6.84 -4.94 6.08
N GLY A 56 -6.79 -4.85 7.41
CA GLY A 56 -8.03 -4.94 8.18
C GLY A 56 -7.78 -5.18 9.66
N ARG A 57 -8.87 -5.33 10.41
CA ARG A 57 -8.80 -5.56 11.86
C ARG A 57 -8.31 -6.97 12.20
N ASN A 58 -8.08 -7.80 11.19
CA ASN A 58 -7.61 -9.16 11.42
C ASN A 58 -6.10 -9.23 11.58
N PRO A 59 -5.62 -9.98 12.59
CA PRO A 59 -4.18 -10.14 12.85
C PRO A 59 -3.48 -10.91 11.74
N ALA A 60 -4.27 -11.53 10.87
CA ALA A 60 -3.73 -12.28 9.76
C ALA A 60 -3.40 -11.34 8.65
N CYS A 61 -4.33 -10.43 8.41
CA CYS A 61 -4.19 -9.43 7.40
C CYS A 61 -2.79 -8.89 7.38
N ASP A 62 -2.32 -8.62 6.18
CA ASP A 62 -0.99 -8.07 6.00
C ASP A 62 -0.84 -6.77 6.80
N TYR A 63 -1.99 -6.16 7.17
CA TYR A 63 -1.97 -4.93 7.94
C TYR A 63 -2.88 -5.05 9.17
N HIS A 64 -2.34 -4.66 10.32
CA HIS A 64 -3.10 -4.73 11.56
C HIS A 64 -3.57 -3.34 11.99
N LEU A 65 -4.88 -3.15 12.00
CA LEU A 65 -5.46 -1.87 12.40
C LEU A 65 -5.76 -1.85 13.89
N GLY A 66 -6.24 -0.71 14.38
CA GLY A 66 -6.56 -0.59 15.79
C GLY A 66 -7.59 -1.60 16.23
N ASN A 67 -8.86 -1.21 16.18
CA ASN A 67 -9.96 -2.09 16.58
C ASN A 67 -11.30 -1.39 16.40
N ILE A 68 -11.68 -1.16 15.16
CA ILE A 68 -12.95 -0.50 14.86
C ILE A 68 -13.92 -1.46 14.18
N SER A 69 -15.04 -1.74 14.86
CA SER A 69 -16.05 -2.64 14.33
C SER A 69 -16.53 -2.20 12.95
N ARG A 70 -16.41 -0.91 12.67
CA ARG A 70 -16.84 -0.36 11.39
C ARG A 70 -16.05 -0.99 10.24
N LEU A 71 -14.89 -1.55 10.55
CA LEU A 71 -14.05 -2.18 9.55
C LEU A 71 -14.12 -3.70 9.64
N SER A 72 -13.90 -4.36 8.51
CA SER A 72 -13.96 -5.82 8.46
C SER A 72 -12.58 -6.44 8.68
N ASN A 73 -12.56 -7.77 8.90
CA ASN A 73 -11.31 -8.52 9.10
C ASN A 73 -10.25 -8.01 8.13
N LYS A 74 -10.57 -8.13 6.85
CA LYS A 74 -9.72 -7.64 5.78
C LYS A 74 -10.47 -6.54 5.07
N HIS A 75 -10.39 -5.33 5.63
CA HIS A 75 -11.11 -4.19 5.12
C HIS A 75 -10.76 -3.89 3.68
N PHE A 76 -9.47 -3.89 3.37
CA PHE A 76 -9.04 -3.59 2.00
C PHE A 76 -7.82 -4.39 1.62
N GLN A 77 -7.60 -4.52 0.30
CA GLN A 77 -6.46 -5.28 -0.21
C GLN A 77 -5.76 -4.54 -1.36
N ILE A 78 -4.44 -4.59 -1.39
CA ILE A 78 -3.68 -3.93 -2.47
C ILE A 78 -2.92 -4.95 -3.30
N LEU A 79 -3.11 -4.91 -4.62
CA LEU A 79 -2.43 -5.86 -5.51
C LEU A 79 -1.42 -5.15 -6.41
N LEU A 80 -0.31 -5.84 -6.69
CA LEU A 80 0.73 -5.29 -7.54
C LEU A 80 1.04 -6.25 -8.70
N GLY A 81 0.91 -5.75 -9.92
CA GLY A 81 1.17 -6.57 -11.09
C GLY A 81 1.10 -5.79 -12.38
N GLU A 82 0.51 -6.40 -13.40
CA GLU A 82 0.38 -5.76 -14.71
C GLU A 82 1.75 -5.58 -15.36
N ASP A 83 2.51 -4.61 -14.85
CA ASP A 83 3.84 -4.32 -15.38
C ASP A 83 4.70 -3.64 -14.33
N GLY A 84 4.13 -2.65 -13.64
CA GLY A 84 4.87 -1.95 -12.62
C GLY A 84 3.95 -1.16 -11.69
N ASN A 85 2.93 -0.54 -12.26
CA ASN A 85 1.98 0.24 -11.48
C ASN A 85 1.33 -0.60 -10.40
N LEU A 86 0.76 0.07 -9.40
CA LEU A 86 0.09 -0.62 -8.28
C LEU A 86 -1.42 -0.48 -8.39
N LEU A 87 -2.13 -1.45 -7.82
CA LEU A 87 -3.59 -1.44 -7.84
C LEU A 87 -4.15 -1.54 -6.43
N LEU A 88 -5.27 -0.86 -6.19
CA LEU A 88 -5.91 -0.89 -4.88
C LEU A 88 -7.23 -1.60 -4.95
N ASN A 89 -7.39 -2.65 -4.15
CA ASN A 89 -8.61 -3.44 -4.15
C ASN A 89 -9.33 -3.36 -2.81
N ASP A 90 -10.53 -2.78 -2.82
CA ASP A 90 -11.32 -2.68 -1.61
C ASP A 90 -11.97 -4.03 -1.29
N ILE A 91 -11.98 -4.41 -0.03
CA ILE A 91 -12.56 -5.70 0.38
C ILE A 91 -13.20 -5.61 1.76
N SER A 92 -13.88 -4.50 2.04
CA SER A 92 -14.50 -4.31 3.33
C SER A 92 -15.98 -4.66 3.31
N THR A 93 -16.49 -5.09 4.44
CA THR A 93 -17.90 -5.41 4.58
C THR A 93 -18.73 -4.13 4.50
N ASN A 94 -18.15 -3.03 4.96
CA ASN A 94 -18.83 -1.74 4.98
C ASN A 94 -18.44 -0.86 3.78
N GLY A 95 -17.31 -1.15 3.14
CA GLY A 95 -16.89 -0.36 2.01
C GLY A 95 -15.58 0.39 2.22
N THR A 96 -14.91 0.68 1.12
CA THR A 96 -13.65 1.40 1.14
C THR A 96 -13.81 2.72 0.40
N TRP A 97 -13.24 3.79 0.94
CA TRP A 97 -13.38 5.10 0.32
C TRP A 97 -12.08 5.69 -0.17
N LEU A 98 -12.19 6.48 -1.24
CA LEU A 98 -11.05 7.16 -1.82
C LEU A 98 -11.37 8.65 -1.86
N ASN A 99 -10.63 9.43 -1.08
CA ASN A 99 -10.82 10.88 -1.01
C ASN A 99 -12.29 11.27 -0.93
N GLY A 100 -13.06 10.56 -0.11
CA GLY A 100 -14.46 10.87 0.05
C GLY A 100 -15.36 10.17 -0.96
N GLN A 101 -14.76 9.57 -1.98
CA GLN A 101 -15.53 8.87 -2.99
C GLN A 101 -15.43 7.36 -2.79
N LYS A 102 -16.57 6.74 -2.54
CA LYS A 102 -16.64 5.31 -2.33
C LYS A 102 -16.42 4.55 -3.63
N VAL A 103 -15.33 3.78 -3.68
CA VAL A 103 -15.00 2.99 -4.86
C VAL A 103 -15.74 1.65 -4.86
N GLU A 104 -15.77 0.99 -6.00
CA GLU A 104 -16.44 -0.30 -6.12
C GLU A 104 -15.66 -1.38 -5.37
N LYS A 105 -16.33 -2.07 -4.46
CA LYS A 105 -15.68 -3.12 -3.68
C LYS A 105 -15.00 -4.13 -4.60
N ASN A 106 -14.09 -4.90 -4.03
CA ASN A 106 -13.33 -5.91 -4.75
C ASN A 106 -13.02 -5.50 -6.19
N SER A 107 -12.80 -4.21 -6.36
CA SER A 107 -12.47 -3.65 -7.67
C SER A 107 -11.03 -3.15 -7.72
N ASN A 108 -10.39 -3.30 -8.87
CA ASN A 108 -9.01 -2.85 -9.05
C ASN A 108 -8.97 -1.39 -9.50
N GLN A 109 -8.15 -0.60 -8.80
CA GLN A 109 -8.03 0.82 -9.14
C GLN A 109 -6.56 1.22 -9.27
N LEU A 110 -6.29 2.17 -10.15
CA LEU A 110 -4.93 2.65 -10.35
C LEU A 110 -4.49 3.50 -9.17
N LEU A 111 -3.33 3.19 -8.61
CA LEU A 111 -2.83 3.93 -7.45
C LEU A 111 -2.68 5.41 -7.74
N SER A 112 -2.65 6.20 -6.67
CA SER A 112 -2.51 7.64 -6.76
C SER A 112 -1.31 8.10 -5.93
N GLN A 113 -0.72 9.23 -6.31
CA GLN A 113 0.42 9.75 -5.58
C GLN A 113 -0.03 10.30 -4.23
N GLY A 114 0.46 9.68 -3.16
CA GLY A 114 0.08 10.09 -1.83
C GLY A 114 -1.42 9.89 -1.60
N ASP A 115 -2.00 8.95 -2.34
CA ASP A 115 -3.42 8.64 -2.24
C ASP A 115 -3.83 8.42 -0.80
N GLU A 116 -5.14 8.36 -0.58
CA GLU A 116 -5.69 8.15 0.75
C GLU A 116 -6.96 7.32 0.69
N ILE A 117 -7.07 6.34 1.59
CA ILE A 117 -8.24 5.48 1.64
C ILE A 117 -9.00 5.70 2.94
N THR A 118 -10.29 5.96 2.84
CA THR A 118 -11.13 6.18 4.01
C THR A 118 -12.00 4.95 4.26
N VAL A 119 -12.14 4.58 5.52
CA VAL A 119 -12.92 3.40 5.88
C VAL A 119 -13.75 3.61 7.14
N GLY A 120 -14.80 2.81 7.28
CA GLY A 120 -15.66 2.92 8.43
C GLY A 120 -16.68 4.02 8.28
N VAL A 121 -17.21 4.15 7.08
CA VAL A 121 -18.19 5.18 6.79
C VAL A 121 -19.58 4.82 7.28
N GLY A 122 -20.26 5.83 7.79
CA GLY A 122 -21.59 5.68 8.32
C GLY A 122 -21.88 6.76 9.33
N VAL A 123 -20.87 7.03 10.16
CA VAL A 123 -20.94 8.06 11.17
C VAL A 123 -19.75 8.99 11.01
N GLU A 124 -20.01 10.30 10.99
CA GLU A 124 -18.95 11.29 10.82
C GLU A 124 -17.78 11.04 11.80
N SER A 125 -18.11 10.58 13.00
CA SER A 125 -17.11 10.33 14.01
C SER A 125 -16.62 8.88 14.02
N ASP A 126 -17.05 8.07 13.06
CA ASP A 126 -16.63 6.67 13.03
C ASP A 126 -15.91 6.28 11.75
N ILE A 127 -15.29 7.26 11.14
CA ILE A 127 -14.55 7.05 9.91
C ILE A 127 -13.04 7.13 10.17
N LEU A 128 -12.32 6.23 9.52
CA LEU A 128 -10.87 6.16 9.64
C LEU A 128 -10.21 6.35 8.27
N SER A 129 -9.18 7.18 8.21
CA SER A 129 -8.49 7.44 6.95
C SER A 129 -7.07 6.90 6.94
N LEU A 130 -6.63 6.56 5.74
CA LEU A 130 -5.30 6.02 5.51
C LEU A 130 -4.66 6.67 4.28
N VAL A 131 -3.34 6.78 4.29
CA VAL A 131 -2.63 7.39 3.17
C VAL A 131 -1.63 6.41 2.55
N ILE A 132 -1.53 6.42 1.22
CA ILE A 132 -0.65 5.54 0.51
C ILE A 132 0.55 6.32 -0.03
N PHE A 133 1.75 5.80 0.21
CA PHE A 133 2.98 6.44 -0.26
C PHE A 133 3.71 5.57 -1.27
N ILE A 134 3.79 6.04 -2.51
CA ILE A 134 4.46 5.30 -3.57
C ILE A 134 5.96 5.57 -3.57
N ASN A 135 6.75 4.51 -3.68
CA ASN A 135 8.20 4.64 -3.70
C ASN A 135 8.69 5.00 -5.10
N ASP A 136 9.58 5.98 -5.18
CA ASP A 136 10.12 6.43 -6.45
C ASP A 136 11.12 5.42 -7.00
N LYS A 137 11.91 4.83 -6.11
CA LYS A 137 12.91 3.85 -6.52
C LYS A 137 12.26 2.66 -7.19
N PHE A 138 11.20 2.15 -6.59
CA PHE A 138 10.48 1.01 -7.13
C PHE A 138 9.92 1.32 -8.52
N LYS A 139 9.33 2.51 -8.66
CA LYS A 139 8.75 2.92 -9.93
C LYS A 139 9.82 3.02 -11.03
N GLN A 140 10.99 3.54 -10.65
CA GLN A 140 12.08 3.69 -11.60
C GLN A 140 12.50 2.36 -12.20
N CYS A 141 12.65 1.35 -11.34
CA CYS A 141 13.05 0.02 -11.79
C CYS A 141 11.93 -0.64 -12.61
N LEU A 142 10.70 -0.55 -12.10
CA LEU A 142 9.56 -1.13 -12.78
C LEU A 142 9.36 -0.52 -14.17
N GLU A 143 9.56 0.79 -14.26
CA GLU A 143 9.41 1.50 -15.52
C GLU A 143 10.37 0.96 -16.57
N GLN A 144 11.57 0.59 -16.13
CA GLN A 144 12.58 0.05 -17.04
C GLN A 144 12.44 -1.46 -17.18
N ASN A 145 12.09 -2.12 -16.07
CA ASN A 145 11.92 -3.57 -16.07
C ASN A 145 13.03 -4.27 -16.84
N LYS A 146 14.27 -4.11 -16.38
CA LYS A 146 15.41 -4.72 -17.03
C LYS A 146 15.95 -5.90 -16.20
N VAL A 147 16.45 -6.91 -16.88
CA VAL A 147 16.99 -8.10 -16.21
C VAL A 147 18.36 -7.79 -15.60
N ASP A 148 18.48 -8.00 -14.30
CA ASP A 148 19.73 -7.76 -13.60
C ASP A 148 20.18 -8.99 -12.82
N ARG A 149 21.23 -9.65 -13.31
CA ARG A 149 21.75 -10.85 -12.65
C ARG A 149 22.82 -10.48 -11.64
N ILE A 150 23.84 -9.75 -12.09
CA ILE A 150 24.93 -9.33 -11.21
C ILE A 150 24.51 -8.16 -10.33
N ARG A 151 24.80 -8.26 -9.04
CA ARG A 151 24.45 -7.21 -8.09
C ARG A 151 22.95 -6.95 -8.08
#